data_7MTU
#
_entry.id   7MTU
#
_cell.length_a   83.270
_cell.length_b   89.334
_cell.length_c   104.334
_cell.angle_alpha   98.891
_cell.angle_beta   90.402
_cell.angle_gamma   96.011
#
_symmetry.space_group_name_H-M   'P 1'
#
loop_
_entity.id
_entity.type
_entity.pdbx_description
1 polymer "Inosine-5'-monophosphate dehydrogenase"
2 non-polymer 'INOSINIC ACID'
3 non-polymer GLYCEROL
4 non-polymer N-{2-chloro-5-[({2-[3-(prop-1-en-2-yl)phenyl]propan-2-yl}carbamoyl)amino]phenyl}-beta-D-arabinopyranosylamine
5 non-polymer 'POTASSIUM ION'
6 non-polymer 1,2-ETHANEDIOL
7 water water
#
_entity_poly.entity_id   1
_entity_poly.type   'polypeptide(L)'
_entity_poly.pdbx_seq_one_letter_code
;MHHHHHHSSGVDLGTENLYFQSNAMWESKFVKEGLTFDDVLLVPAKSDVLPREVSVKTVLSESLQLNIPLISAGMDTVTE
ADMAIAMARQGGLGIIHKNMSIEQQAEQVDKVKRSGGLLVGAAVGVTADAMTRIDALVKASVDAIVLDTAHGHSQGVIDK
VKEVRAKYPSLNIIAGNVATAEATKALIEAGANVVKVGIGPGSICTTRVVAGVGVPQLTAVYDCATEARKHGIPVIADGG
IKYSGDMVKALAAGAHVVMLGSMFAGVAESPGETEIYQGRQFKVYRGMGSVGAMEKGSKDRYFQEGNKKLVPEGIEGRVP
YKGPLADTVHQLVGGLRAGMGYCGAQDLEFLRENAQFIRMSGAGLLESHPHHVQITKEAPNYSL
;
_entity_poly.pdbx_strand_id   A,B,C,D,E,F,G,H
#
# COMPACT_ATOMS: atom_id res chain seq x y z
N SER A 22 -21.69 26.07 -24.56
CA SER A 22 -21.33 25.11 -23.52
C SER A 22 -21.20 25.79 -22.16
N ASN A 23 -21.90 25.26 -21.17
CA ASN A 23 -21.85 25.77 -19.80
C ASN A 23 -21.26 24.74 -18.83
N ALA A 24 -20.41 23.84 -19.35
CA ALA A 24 -19.82 22.83 -18.50
C ALA A 24 -18.88 23.45 -17.46
N MET A 25 -18.08 24.45 -17.88
CA MET A 25 -17.15 25.09 -16.96
C MET A 25 -17.85 26.01 -15.97
N TRP A 26 -19.04 26.51 -16.32
CA TRP A 26 -19.73 27.43 -15.42
C TRP A 26 -20.43 26.69 -14.28
N GLU A 27 -20.92 25.48 -14.53
CA GLU A 27 -21.67 24.74 -13.52
C GLU A 27 -20.78 23.83 -12.67
N SER A 28 -19.50 23.71 -12.97
CA SER A 28 -18.58 22.87 -12.21
C SER A 28 -17.68 23.70 -11.29
N LYS A 29 -18.00 24.97 -11.07
CA LYS A 29 -17.10 25.83 -10.30
C LYS A 29 -16.95 25.35 -8.86
N PHE A 30 -18.05 24.95 -8.21
CA PHE A 30 -18.05 24.60 -6.80
C PHE A 30 -18.35 23.12 -6.58
N VAL A 31 -17.76 22.25 -7.40
CA VAL A 31 -17.97 20.81 -7.28
C VAL A 31 -16.88 20.15 -6.44
N LYS A 32 -15.63 20.56 -6.62
CA LYS A 32 -14.50 19.90 -5.96
C LYS A 32 -14.49 20.16 -4.46
N GLU A 33 -14.05 19.17 -3.71
CA GLU A 33 -13.82 19.27 -2.28
C GLU A 33 -12.36 19.01 -1.97
N GLY A 34 -11.86 19.65 -0.93
CA GLY A 34 -10.47 19.50 -0.53
C GLY A 34 -10.34 19.22 0.96
N LEU A 35 -9.28 18.52 1.31
CA LEU A 35 -8.99 18.14 2.68
C LEU A 35 -7.55 18.47 3.02
N THR A 36 -7.33 18.92 4.26
CA THR A 36 -6.00 19.21 4.77
C THR A 36 -5.67 18.22 5.88
N PHE A 37 -4.49 18.41 6.48
CA PHE A 37 -4.01 17.46 7.48
C PHE A 37 -4.95 17.40 8.69
N ASP A 38 -5.46 18.54 9.14
CA ASP A 38 -6.32 18.61 10.31
C ASP A 38 -7.75 18.16 10.03
N ASP A 39 -8.05 17.67 8.83
CA ASP A 39 -9.38 17.21 8.49
C ASP A 39 -9.56 15.70 8.60
N VAL A 40 -8.47 14.95 8.79
CA VAL A 40 -8.52 13.49 8.72
C VAL A 40 -7.66 12.90 9.83
N LEU A 41 -7.77 11.58 9.98
CA LEU A 41 -6.93 10.79 10.86
C LEU A 41 -6.62 9.46 10.17
N LEU A 42 -5.42 8.95 10.42
CA LEU A 42 -5.04 7.65 9.88
C LEU A 42 -5.64 6.54 10.73
N VAL A 43 -6.31 5.59 10.08
CA VAL A 43 -6.97 4.50 10.77
C VAL A 43 -5.94 3.44 11.15
N PRO A 44 -5.81 3.09 12.43
CA PRO A 44 -4.88 2.02 12.81
C PRO A 44 -5.35 0.68 12.26
N ALA A 45 -4.40 -0.14 11.85
CA ALA A 45 -4.69 -1.43 11.23
C ALA A 45 -3.88 -2.52 11.93
N LYS A 46 -4.07 -3.75 11.47
CA LYS A 46 -3.32 -4.89 12.00
C LYS A 46 -1.83 -4.69 11.74
N SER A 47 -1.03 -4.90 12.78
CA SER A 47 0.40 -4.62 12.72
C SER A 47 1.18 -5.79 13.30
N ASP A 48 2.24 -6.19 12.60
CA ASP A 48 3.19 -7.17 13.10
C ASP A 48 4.55 -6.58 13.42
N VAL A 49 4.84 -5.37 12.93
CA VAL A 49 6.14 -4.73 13.09
C VAL A 49 6.05 -3.66 14.16
N LEU A 50 7.10 -3.54 14.97
CA LEU A 50 7.20 -2.50 15.98
C LEU A 50 7.85 -1.25 15.41
N PRO A 51 7.54 -0.08 15.95
CA PRO A 51 8.16 1.16 15.44
C PRO A 51 9.67 1.13 15.39
N ARG A 52 10.30 0.37 16.29
CA ARG A 52 11.76 0.29 16.34
C ARG A 52 12.35 -0.39 15.10
N GLU A 53 11.62 -1.33 14.50
CA GLU A 53 12.15 -2.14 13.41
C GLU A 53 11.49 -1.84 12.06
N VAL A 54 10.85 -0.68 11.94
CA VAL A 54 10.23 -0.28 10.67
C VAL A 54 11.25 0.50 9.84
N SER A 55 11.25 0.26 8.54
CA SER A 55 12.15 0.95 7.62
C SER A 55 11.53 2.27 7.17
N VAL A 56 12.33 3.33 7.21
CA VAL A 56 11.89 4.66 6.81
C VAL A 56 12.59 5.17 5.56
N LYS A 57 13.34 4.29 4.88
CA LYS A 57 14.08 4.71 3.70
C LYS A 57 13.14 4.94 2.52
N THR A 58 13.54 5.83 1.62
CA THR A 58 12.79 6.10 0.40
C THR A 58 13.74 6.36 -0.74
N VAL A 59 13.28 6.07 -1.95
CA VAL A 59 14.07 6.22 -3.17
C VAL A 59 13.36 7.23 -4.07
N LEU A 60 13.89 8.43 -4.15
CA LEU A 60 13.36 9.41 -5.09
C LEU A 60 13.81 9.12 -6.52
N SER A 61 15.06 8.68 -6.67
CA SER A 61 15.58 8.20 -7.94
C SER A 61 16.72 7.26 -7.63
N GLU A 62 17.23 6.61 -8.68
CA GLU A 62 18.36 5.70 -8.49
C GLU A 62 19.56 6.43 -7.89
N SER A 63 19.71 7.72 -8.18
CA SER A 63 20.83 8.49 -7.67
C SER A 63 20.50 9.23 -6.38
N LEU A 64 19.23 9.33 -6.02
CA LEU A 64 18.79 10.08 -4.84
C LEU A 64 18.00 9.15 -3.95
N GLN A 65 18.68 8.52 -2.99
CA GLN A 65 18.08 7.62 -2.03
C GLN A 65 18.34 8.15 -0.62
N LEU A 66 17.28 8.35 0.15
CA LEU A 66 17.35 8.94 1.47
C LEU A 66 17.12 7.89 2.54
N ASN A 67 17.82 8.04 3.68
CA ASN A 67 17.59 7.17 4.81
C ASN A 67 16.32 7.57 5.58
N ILE A 68 16.06 8.86 5.67
CA ILE A 68 14.82 9.37 6.29
C ILE A 68 14.09 10.23 5.26
N PRO A 69 12.76 10.25 5.27
CA PRO A 69 12.00 11.04 4.28
C PRO A 69 11.82 12.49 4.73
N LEU A 70 12.92 13.22 4.83
CA LEU A 70 12.90 14.62 5.26
C LEU A 70 13.80 15.44 4.35
N ILE A 71 13.28 16.56 3.85
CA ILE A 71 14.03 17.51 3.05
C ILE A 71 13.80 18.90 3.61
N SER A 72 14.90 19.61 3.89
CA SER A 72 14.80 20.98 4.37
C SER A 72 14.53 21.92 3.20
N ALA A 73 13.65 22.89 3.42
CA ALA A 73 13.19 23.76 2.35
C ALA A 73 14.32 24.61 1.80
N GLY A 74 14.25 24.89 0.50
CA GLY A 74 15.22 25.76 -0.14
C GLY A 74 14.91 27.22 0.05
N MET A 75 15.07 27.71 1.28
CA MET A 75 14.74 29.09 1.63
C MET A 75 15.96 29.74 2.28
N ASP A 76 16.03 31.06 2.16
CA ASP A 76 17.18 31.82 2.66
C ASP A 76 17.27 31.84 4.18
N THR A 77 16.25 31.35 4.87
CA THR A 77 16.24 31.34 6.33
C THR A 77 16.22 29.93 6.91
N VAL A 78 16.33 28.89 6.08
CA VAL A 78 16.21 27.52 6.54
C VAL A 78 17.45 26.70 6.21
N THR A 79 17.90 26.73 4.95
CA THR A 79 18.89 25.79 4.47
C THR A 79 20.02 26.52 3.74
N GLU A 80 21.23 26.43 4.28
CA GLU A 80 22.44 26.69 3.51
C GLU A 80 23.35 25.48 3.65
N ALA A 81 24.67 25.70 3.64
CA ALA A 81 25.60 24.59 3.68
C ALA A 81 25.54 23.85 5.00
N ASP A 82 25.56 24.60 6.11
CA ASP A 82 25.56 23.97 7.43
C ASP A 82 24.29 23.15 7.67
N MET A 83 23.15 23.60 7.13
CA MET A 83 21.92 22.84 7.27
C MET A 83 21.92 21.63 6.34
N ALA A 84 22.43 21.79 5.11
CA ALA A 84 22.46 20.68 4.17
C ALA A 84 23.42 19.59 4.64
N ILE A 85 24.57 19.97 5.18
CA ILE A 85 25.51 18.98 5.70
C ILE A 85 24.87 18.20 6.85
N ALA A 86 24.20 18.90 7.77
CA ALA A 86 23.55 18.24 8.89
C ALA A 86 22.39 17.38 8.42
N MET A 87 21.60 17.87 7.47
CA MET A 87 20.46 17.11 6.97
C MET A 87 20.89 15.80 6.33
N ALA A 88 21.92 15.87 5.48
CA ALA A 88 22.39 14.66 4.79
C ALA A 88 23.00 13.66 5.77
N ARG A 89 23.68 14.16 6.81
CA ARG A 89 24.26 13.27 7.81
C ARG A 89 23.20 12.64 8.69
N GLN A 90 22.00 13.22 8.77
CA GLN A 90 20.87 12.60 9.44
C GLN A 90 20.12 11.64 8.53
N GLY A 91 20.52 11.51 7.28
CA GLY A 91 19.85 10.65 6.32
C GLY A 91 18.88 11.36 5.40
N GLY A 92 18.79 12.69 5.49
CA GLY A 92 17.87 13.48 4.69
C GLY A 92 18.56 14.19 3.55
N LEU A 93 17.98 15.32 3.14
CA LEU A 93 18.49 16.10 2.02
C LEU A 93 18.24 17.58 2.28
N GLY A 94 19.22 18.40 1.91
CA GLY A 94 19.11 19.85 2.03
C GLY A 94 19.06 20.49 0.65
N ILE A 95 18.30 21.58 0.55
CA ILE A 95 18.14 22.33 -0.69
C ILE A 95 18.72 23.71 -0.48
N ILE A 96 19.86 23.99 -1.12
CA ILE A 96 20.49 25.30 -0.99
C ILE A 96 19.65 26.34 -1.70
N HIS A 97 19.29 27.39 -0.98
CA HIS A 97 18.44 28.43 -1.55
C HIS A 97 19.20 29.23 -2.62
N LYS A 98 18.43 29.93 -3.45
CA LYS A 98 18.96 30.62 -4.63
C LYS A 98 19.11 32.11 -4.42
N ASN A 99 18.89 32.62 -3.21
CA ASN A 99 19.05 34.05 -2.97
C ASN A 99 20.52 34.40 -2.73
N MET A 100 21.38 33.94 -3.63
CA MET A 100 22.80 34.24 -3.58
C MET A 100 23.35 34.18 -5.01
N SER A 101 24.59 34.61 -5.17
CA SER A 101 25.20 34.61 -6.49
C SER A 101 25.40 33.18 -6.99
N ILE A 102 25.65 33.05 -8.29
CA ILE A 102 25.85 31.74 -8.89
C ILE A 102 27.09 31.08 -8.31
N GLU A 103 28.19 31.84 -8.19
CA GLU A 103 29.41 31.28 -7.62
C GLU A 103 29.25 30.99 -6.13
N GLN A 104 28.40 31.75 -5.43
CA GLN A 104 28.17 31.49 -4.02
C GLN A 104 27.43 30.18 -3.81
N GLN A 105 26.32 29.98 -4.52
CA GLN A 105 25.55 28.75 -4.37
C GLN A 105 26.36 27.53 -4.81
N ALA A 106 27.14 27.67 -5.89
CA ALA A 106 27.99 26.57 -6.33
C ALA A 106 29.07 26.27 -5.31
N GLU A 107 29.57 27.29 -4.61
CA GLU A 107 30.60 27.06 -3.59
C GLU A 107 30.04 26.33 -2.38
N GLN A 108 28.75 26.50 -2.10
CA GLN A 108 28.14 25.80 -0.97
C GLN A 108 27.81 24.35 -1.33
N VAL A 109 27.28 24.13 -2.54
CA VAL A 109 27.05 22.76 -2.99
C VAL A 109 28.36 21.97 -3.01
N ASP A 110 29.42 22.58 -3.52
CA ASP A 110 30.74 21.94 -3.48
C ASP A 110 31.20 21.72 -2.04
N LYS A 111 30.84 22.63 -1.13
CA LYS A 111 31.24 22.48 0.27
C LYS A 111 30.54 21.29 0.91
N VAL A 112 29.27 21.07 0.58
CA VAL A 112 28.52 19.98 1.20
C VAL A 112 29.05 18.64 0.74
N LYS A 113 29.15 18.43 -0.58
CA LYS A 113 29.61 17.16 -1.10
C LYS A 113 31.06 16.88 -0.75
N ARG A 114 31.84 17.94 -0.47
N ARG A 114 31.85 17.92 -0.45
CA ARG A 114 33.21 17.75 0.00
CA ARG A 114 33.22 17.70 0.00
C ARG A 114 33.23 17.16 1.41
C ARG A 114 33.27 17.21 1.43
N SER A 115 32.29 17.59 2.25
CA SER A 115 32.28 17.21 3.66
C SER A 115 31.81 15.77 3.89
N GLY A 116 32.35 14.82 3.14
CA GLY A 116 32.06 13.42 3.37
C GLY A 116 31.28 12.73 2.28
N GLY A 117 31.15 13.36 1.13
CA GLY A 117 30.38 12.78 0.04
C GLY A 117 28.90 12.69 0.36
N LEU A 118 28.30 13.83 0.67
CA LEU A 118 26.91 13.89 1.11
C LEU A 118 26.01 14.34 -0.04
N LEU A 119 24.74 13.95 0.03
CA LEU A 119 23.76 14.43 -0.91
C LEU A 119 23.42 15.88 -0.64
N VAL A 120 23.13 16.63 -1.71
CA VAL A 120 22.76 18.03 -1.59
C VAL A 120 21.94 18.42 -2.81
N GLY A 121 20.99 19.33 -2.60
CA GLY A 121 20.25 19.94 -3.68
C GLY A 121 20.53 21.43 -3.76
N ALA A 122 19.92 22.07 -4.75
CA ALA A 122 20.09 23.49 -4.95
C ALA A 122 18.89 24.05 -5.69
N ALA A 123 18.40 25.19 -5.22
CA ALA A 123 17.24 25.84 -5.81
C ALA A 123 17.63 26.62 -7.05
N VAL A 124 16.79 26.54 -8.08
CA VAL A 124 16.98 27.28 -9.32
C VAL A 124 15.64 27.86 -9.74
N GLY A 125 15.63 29.17 -9.99
CA GLY A 125 14.43 29.83 -10.49
C GLY A 125 14.39 29.82 -12.01
N VAL A 126 13.16 29.89 -12.55
CA VAL A 126 12.95 29.90 -13.99
C VAL A 126 13.23 31.32 -14.49
N THR A 127 14.47 31.56 -14.94
CA THR A 127 14.89 32.86 -15.41
C THR A 127 15.82 32.68 -16.62
N ALA A 128 16.37 33.79 -17.11
CA ALA A 128 17.30 33.72 -18.23
C ALA A 128 18.64 33.14 -17.80
N ASP A 129 19.10 33.48 -16.60
CA ASP A 129 20.35 32.96 -16.07
C ASP A 129 20.18 31.60 -15.42
N ALA A 130 19.04 30.94 -15.60
CA ALA A 130 18.80 29.65 -14.96
C ALA A 130 19.80 28.61 -15.45
N MET A 131 20.03 28.55 -16.76
CA MET A 131 20.96 27.57 -17.29
C MET A 131 22.39 27.81 -16.80
N THR A 132 22.80 29.09 -16.75
CA THR A 132 24.14 29.40 -16.26
C THR A 132 24.32 28.98 -14.80
N ARG A 133 23.28 29.21 -13.98
CA ARG A 133 23.35 28.79 -12.59
C ARG A 133 23.40 27.26 -12.48
N ILE A 134 22.62 26.56 -13.31
CA ILE A 134 22.64 25.11 -13.28
C ILE A 134 23.98 24.57 -13.77
N ASP A 135 24.61 25.25 -14.73
CA ASP A 135 25.91 24.81 -15.22
C ASP A 135 26.95 24.79 -14.09
N ALA A 136 26.97 25.85 -13.27
CA ALA A 136 27.92 25.90 -12.16
C ALA A 136 27.61 24.85 -11.11
N LEU A 137 26.33 24.52 -10.91
CA LEU A 137 25.97 23.53 -9.90
C LEU A 137 26.33 22.12 -10.36
N VAL A 138 26.17 21.83 -11.65
CA VAL A 138 26.57 20.54 -12.18
C VAL A 138 28.09 20.37 -12.07
N LYS A 139 28.84 21.44 -12.33
CA LYS A 139 30.28 21.40 -12.11
C LYS A 139 30.61 21.15 -10.64
N ALA A 140 29.78 21.65 -9.73
CA ALA A 140 29.92 21.37 -8.31
C ALA A 140 29.35 20.01 -7.92
N SER A 141 28.94 19.21 -8.91
CA SER A 141 28.43 17.86 -8.69
C SER A 141 27.17 17.87 -7.83
N VAL A 142 26.24 18.77 -8.14
CA VAL A 142 24.97 18.81 -7.43
C VAL A 142 24.18 17.55 -7.75
N ASP A 143 23.48 17.02 -6.75
CA ASP A 143 22.75 15.77 -6.91
C ASP A 143 21.36 15.96 -7.47
N ALA A 144 20.75 17.13 -7.23
CA ALA A 144 19.43 17.41 -7.74
C ALA A 144 19.22 18.92 -7.76
N ILE A 145 18.79 19.45 -8.90
CA ILE A 145 18.40 20.85 -9.02
C ILE A 145 16.90 20.95 -8.80
N VAL A 146 16.48 22.00 -8.11
CA VAL A 146 15.08 22.22 -7.76
C VAL A 146 14.61 23.44 -8.53
N LEU A 147 13.88 23.20 -9.63
CA LEU A 147 13.27 24.29 -10.40
C LEU A 147 12.03 24.75 -9.63
N ASP A 148 12.28 25.57 -8.61
CA ASP A 148 11.23 26.03 -7.70
C ASP A 148 10.63 27.33 -8.22
N THR A 149 9.30 27.38 -8.25
CA THR A 149 8.59 28.56 -8.72
C THR A 149 7.22 28.61 -8.06
N ALA A 150 6.57 29.77 -8.17
CA ALA A 150 5.27 29.94 -7.53
C ALA A 150 4.18 29.16 -8.23
N HIS A 151 4.29 28.99 -9.55
CA HIS A 151 3.26 28.29 -10.34
C HIS A 151 3.97 27.33 -11.29
N GLY A 152 4.08 26.06 -10.88
CA GLY A 152 4.77 25.07 -11.68
C GLY A 152 4.02 24.65 -12.94
N HIS A 153 2.73 24.98 -13.02
CA HIS A 153 1.91 24.61 -14.17
C HIS A 153 1.89 25.70 -15.24
N SER A 154 2.97 26.45 -15.38
CA SER A 154 3.08 27.44 -16.44
C SER A 154 3.96 26.92 -17.56
N GLN A 155 3.77 27.50 -18.75
CA GLN A 155 4.51 27.03 -19.92
C GLN A 155 5.99 27.35 -19.80
N GLY A 156 6.34 28.46 -19.14
CA GLY A 156 7.74 28.80 -18.98
C GLY A 156 8.49 27.75 -18.18
N VAL A 157 7.87 27.21 -17.14
CA VAL A 157 8.50 26.14 -16.37
C VAL A 157 8.58 24.87 -17.19
N ILE A 158 7.50 24.52 -17.88
CA ILE A 158 7.48 23.33 -18.71
C ILE A 158 8.61 23.36 -19.73
N ASP A 159 8.80 24.51 -20.36
CA ASP A 159 9.86 24.66 -21.35
C ASP A 159 11.24 24.56 -20.71
N LYS A 160 11.41 25.18 -19.53
CA LYS A 160 12.72 25.20 -18.90
C LYS A 160 13.08 23.86 -18.29
N VAL A 161 12.09 23.09 -17.84
CA VAL A 161 12.35 21.73 -17.38
C VAL A 161 12.85 20.87 -18.54
N LYS A 162 12.27 21.06 -19.73
CA LYS A 162 12.68 20.30 -20.89
C LYS A 162 14.09 20.68 -21.35
N GLU A 163 14.49 21.95 -21.16
CA GLU A 163 15.82 22.37 -21.56
C GLU A 163 16.89 21.74 -20.67
N VAL A 164 16.60 21.63 -19.36
CA VAL A 164 17.56 21.03 -18.44
C VAL A 164 17.72 19.54 -18.72
N ARG A 165 16.61 18.86 -19.02
CA ARG A 165 16.68 17.45 -19.39
C ARG A 165 17.43 17.26 -20.70
N ALA A 166 17.31 18.21 -21.64
CA ALA A 166 17.99 18.07 -22.92
C ALA A 166 19.50 18.18 -22.76
N LYS A 167 19.98 19.08 -21.91
CA LYS A 167 21.41 19.26 -21.72
C LYS A 167 22.00 18.30 -20.70
N TYR A 168 21.25 17.97 -19.64
CA TYR A 168 21.69 17.06 -18.59
C TYR A 168 20.72 15.89 -18.52
N PRO A 169 20.94 14.84 -19.32
CA PRO A 169 19.97 13.73 -19.36
C PRO A 169 19.92 12.91 -18.07
N SER A 170 20.97 12.94 -17.25
CA SER A 170 21.02 12.12 -16.04
C SER A 170 20.87 12.95 -14.77
N LEU A 171 20.56 14.24 -14.89
CA LEU A 171 20.44 15.11 -13.73
C LEU A 171 19.06 14.97 -13.10
N ASN A 172 19.01 14.83 -11.78
CA ASN A 172 17.75 14.79 -11.07
C ASN A 172 17.09 16.16 -11.11
N ILE A 173 15.89 16.23 -11.69
CA ILE A 173 15.14 17.47 -11.81
C ILE A 173 13.92 17.38 -10.90
N ILE A 174 13.86 18.27 -9.91
CA ILE A 174 12.73 18.38 -8.99
C ILE A 174 11.98 19.65 -9.37
N ALA A 175 10.79 19.48 -9.94
CA ALA A 175 10.01 20.60 -10.44
C ALA A 175 8.82 20.88 -9.52
N GLY A 176 8.56 22.16 -9.30
CA GLY A 176 7.44 22.57 -8.46
C GLY A 176 7.25 24.06 -8.57
N ASN A 177 6.17 24.54 -7.95
CA ASN A 177 5.24 23.68 -7.24
C ASN A 177 3.91 23.57 -7.99
N VAL A 178 3.19 22.48 -7.74
CA VAL A 178 1.92 22.20 -8.41
C VAL A 178 0.91 21.77 -7.36
N ALA A 179 -0.34 21.63 -7.81
CA ALA A 179 -1.40 21.16 -6.92
C ALA A 179 -2.50 20.41 -7.65
N THR A 180 -2.34 20.10 -8.94
CA THR A 180 -3.35 19.36 -9.69
C THR A 180 -2.69 18.20 -10.41
N ALA A 181 -3.51 17.24 -10.83
CA ALA A 181 -3.00 16.08 -11.55
C ALA A 181 -2.49 16.47 -12.93
N GLU A 182 -3.19 17.39 -13.61
CA GLU A 182 -2.75 17.83 -14.93
C GLU A 182 -1.38 18.50 -14.85
N ALA A 183 -1.15 19.30 -13.81
CA ALA A 183 0.16 19.93 -13.65
C ALA A 183 1.25 18.90 -13.42
N THR A 184 0.97 17.88 -12.60
CA THR A 184 1.95 16.82 -12.36
C THR A 184 2.21 16.03 -13.64
N LYS A 185 1.16 15.74 -14.41
CA LYS A 185 1.34 15.04 -15.67
C LYS A 185 2.13 15.86 -16.67
N ALA A 186 1.98 17.18 -16.65
CA ALA A 186 2.70 18.03 -17.59
C ALA A 186 4.19 18.09 -17.27
N LEU A 187 4.53 18.08 -15.98
CA LEU A 187 5.93 18.13 -15.59
C LEU A 187 6.63 16.79 -15.78
N ILE A 188 5.93 15.68 -15.58
CA ILE A 188 6.53 14.37 -15.79
C ILE A 188 6.92 14.19 -17.25
N GLU A 189 6.05 14.62 -18.17
CA GLU A 189 6.41 14.58 -19.59
C GLU A 189 7.56 15.53 -19.90
N ALA A 190 7.67 16.63 -19.15
CA ALA A 190 8.73 17.60 -19.39
C ALA A 190 10.10 17.12 -18.93
N GLY A 191 10.18 15.97 -18.26
CA GLY A 191 11.43 15.43 -17.80
C GLY A 191 11.67 15.49 -16.30
N ALA A 192 10.69 15.91 -15.51
CA ALA A 192 10.88 16.01 -14.08
C ALA A 192 10.86 14.63 -13.43
N ASN A 193 11.93 14.32 -12.69
CA ASN A 193 12.00 13.05 -11.97
C ASN A 193 11.16 13.07 -10.70
N VAL A 194 11.05 14.23 -10.06
CA VAL A 194 10.28 14.40 -8.84
C VAL A 194 9.43 15.65 -8.97
N VAL A 195 8.17 15.57 -8.54
CA VAL A 195 7.22 16.67 -8.62
C VAL A 195 6.90 17.13 -7.21
N LYS A 196 7.15 18.41 -6.94
CA LYS A 196 6.88 18.98 -5.62
C LYS A 196 5.51 19.63 -5.62
N VAL A 197 4.67 19.23 -4.67
CA VAL A 197 3.29 19.69 -4.57
C VAL A 197 3.17 20.64 -3.38
N GLY A 198 2.52 21.78 -3.60
CA GLY A 198 2.34 22.77 -2.56
C GLY A 198 2.03 24.15 -3.09
N ILE A 199 0.76 24.54 -3.06
CA ILE A 199 0.32 25.86 -3.51
C ILE A 199 -0.48 26.46 -2.36
N GLY A 200 0.21 27.18 -1.46
CA GLY A 200 -0.47 27.84 -0.37
C GLY A 200 -0.18 27.40 1.06
N PRO A 201 0.07 26.11 1.32
CA PRO A 201 0.02 25.66 2.72
C PRO A 201 1.19 26.11 3.58
N GLY A 202 2.18 26.81 3.02
CA GLY A 202 3.34 27.18 3.82
C GLY A 202 2.95 28.02 5.03
N SER A 203 3.64 27.78 6.14
CA SER A 203 3.33 28.48 7.38
C SER A 203 3.54 29.98 7.25
N ILE A 204 4.44 30.40 6.36
CA ILE A 204 4.71 31.81 6.12
C ILE A 204 4.07 32.30 4.83
N CYS A 205 3.15 31.53 4.26
CA CYS A 205 2.61 31.80 2.94
C CYS A 205 1.27 32.51 3.02
N THR A 206 1.09 33.51 2.16
CA THR A 206 -0.18 34.22 2.04
C THR A 206 -0.74 34.18 0.63
N THR A 207 -0.28 33.23 -0.19
CA THR A 207 -0.72 33.15 -1.58
C THR A 207 -2.23 32.91 -1.67
N ARG A 208 -2.75 32.00 -0.86
CA ARG A 208 -4.19 31.75 -0.85
C ARG A 208 -4.97 32.97 -0.35
N VAL A 209 -4.32 33.88 0.35
CA VAL A 209 -5.02 35.03 0.92
C VAL A 209 -4.94 36.24 0.00
N VAL A 210 -3.78 36.49 -0.62
CA VAL A 210 -3.62 37.65 -1.48
C VAL A 210 -4.01 37.35 -2.93
N ALA A 211 -3.88 36.09 -3.37
CA ALA A 211 -4.26 35.70 -4.71
C ALA A 211 -5.52 34.85 -4.77
N GLY A 212 -5.95 34.30 -3.64
CA GLY A 212 -7.14 33.47 -3.61
C GLY A 212 -6.97 32.09 -4.20
N VAL A 213 -5.75 31.72 -4.59
CA VAL A 213 -5.50 30.48 -5.32
C VAL A 213 -4.83 29.48 -4.39
N GLY A 214 -5.21 28.22 -4.51
CA GLY A 214 -4.60 27.18 -3.74
C GLY A 214 -5.44 25.92 -3.75
N VAL A 215 -4.85 24.85 -3.23
CA VAL A 215 -5.54 23.58 -3.04
C VAL A 215 -5.15 23.06 -1.66
N PRO A 216 -6.11 22.60 -0.84
CA PRO A 216 -5.74 21.95 0.42
C PRO A 216 -4.67 20.89 0.21
N GLN A 217 -3.63 20.95 1.04
CA GLN A 217 -2.39 20.24 0.72
C GLN A 217 -2.59 18.73 0.69
N LEU A 218 -3.30 18.18 1.67
CA LEU A 218 -3.47 16.73 1.72
C LEU A 218 -4.26 16.23 0.51
N THR A 219 -5.27 16.98 0.08
CA THR A 219 -5.95 16.67 -1.17
C THR A 219 -5.05 16.95 -2.37
N ALA A 220 -4.21 17.99 -2.28
CA ALA A 220 -3.29 18.28 -3.37
C ALA A 220 -2.26 17.17 -3.55
N VAL A 221 -1.70 16.67 -2.44
CA VAL A 221 -0.72 15.58 -2.54
C VAL A 221 -1.38 14.32 -3.10
N TYR A 222 -2.60 14.02 -2.64
CA TYR A 222 -3.28 12.81 -3.09
C TYR A 222 -3.65 12.90 -4.57
N ASP A 223 -4.11 14.08 -5.01
CA ASP A 223 -4.46 14.24 -6.42
C ASP A 223 -3.23 14.16 -7.32
N CYS A 224 -2.12 14.75 -6.87
CA CYS A 224 -0.91 14.72 -7.69
C CYS A 224 -0.25 13.35 -7.65
N ALA A 225 -0.25 12.69 -6.49
CA ALA A 225 0.34 11.36 -6.40
C ALA A 225 -0.46 10.34 -7.20
N THR A 226 -1.79 10.52 -7.28
CA THR A 226 -2.61 9.63 -8.08
C THR A 226 -2.16 9.62 -9.54
N GLU A 227 -1.83 10.80 -10.07
CA GLU A 227 -1.32 10.87 -11.44
C GLU A 227 0.12 10.40 -11.53
N ALA A 228 0.96 10.78 -10.55
CA ALA A 228 2.39 10.50 -10.64
C ALA A 228 2.70 9.02 -10.44
N ARG A 229 1.89 8.31 -9.64
CA ARG A 229 2.15 6.89 -9.41
C ARG A 229 1.95 6.06 -10.65
N LYS A 230 1.19 6.56 -11.64
CA LYS A 230 1.04 5.85 -12.90
C LYS A 230 2.34 5.83 -13.69
N HIS A 231 3.18 6.86 -13.54
CA HIS A 231 4.45 6.96 -14.25
C HIS A 231 5.63 6.61 -13.37
N GLY A 232 5.40 6.17 -12.13
CA GLY A 232 6.50 5.85 -11.24
C GLY A 232 7.32 7.04 -10.80
N ILE A 233 6.69 8.20 -10.64
CA ILE A 233 7.36 9.44 -10.27
C ILE A 233 7.00 9.75 -8.82
N PRO A 234 7.97 9.89 -7.92
CA PRO A 234 7.66 10.29 -6.55
C PRO A 234 7.32 11.76 -6.45
N VAL A 235 6.53 12.11 -5.44
CA VAL A 235 6.13 13.49 -5.21
C VAL A 235 6.64 13.94 -3.86
N ILE A 236 6.84 15.25 -3.72
CA ILE A 236 7.32 15.87 -2.49
C ILE A 236 6.18 16.71 -1.92
N ALA A 237 5.72 16.35 -0.73
CA ALA A 237 4.73 17.16 -0.01
C ALA A 237 5.45 18.30 0.69
N ASP A 238 5.28 19.53 0.19
CA ASP A 238 6.02 20.69 0.66
C ASP A 238 5.04 21.69 1.27
N GLY A 239 5.24 21.98 2.56
CA GLY A 239 4.48 23.01 3.22
C GLY A 239 3.29 22.45 3.99
N GLY A 240 2.94 23.14 5.08
CA GLY A 240 1.78 22.81 5.86
C GLY A 240 2.00 21.86 7.01
N ILE A 241 3.16 21.22 7.10
CA ILE A 241 3.42 20.23 8.14
C ILE A 241 3.82 20.97 9.41
N LYS A 242 2.98 20.87 10.45
CA LYS A 242 3.22 21.53 11.73
C LYS A 242 3.62 20.57 12.83
N TYR A 243 3.16 19.32 12.78
CA TYR A 243 3.51 18.31 13.76
C TYR A 243 3.98 17.06 13.04
N SER A 244 4.51 16.10 13.81
CA SER A 244 5.01 14.87 13.23
C SER A 244 3.90 14.11 12.51
N GLY A 245 2.68 14.17 13.04
CA GLY A 245 1.58 13.46 12.41
C GLY A 245 1.24 14.00 11.03
N ASP A 246 1.42 15.30 10.81
CA ASP A 246 1.15 15.87 9.49
C ASP A 246 2.05 15.23 8.43
N MET A 247 3.29 14.91 8.80
CA MET A 247 4.19 14.22 7.88
C MET A 247 3.70 12.81 7.57
N VAL A 248 3.21 12.10 8.59
CA VAL A 248 2.71 10.74 8.38
C VAL A 248 1.46 10.77 7.51
N LYS A 249 0.63 11.80 7.65
CA LYS A 249 -0.56 11.92 6.80
C LYS A 249 -0.17 12.23 5.36
N ALA A 250 0.87 13.04 5.17
CA ALA A 250 1.30 13.39 3.82
C ALA A 250 1.91 12.19 3.10
N LEU A 251 2.76 11.42 3.78
CA LEU A 251 3.36 10.25 3.16
C LEU A 251 2.30 9.18 2.87
N ALA A 252 1.34 9.00 3.77
CA ALA A 252 0.29 8.02 3.56
C ALA A 252 -0.67 8.43 2.46
N ALA A 253 -0.67 9.69 2.06
CA ALA A 253 -1.53 10.17 0.99
C ALA A 253 -0.90 10.08 -0.39
N GLY A 254 0.34 9.59 -0.47
CA GLY A 254 0.97 9.37 -1.76
C GLY A 254 2.37 9.96 -1.89
N ALA A 255 2.79 10.75 -0.91
CA ALA A 255 4.09 11.40 -0.97
C ALA A 255 5.21 10.44 -0.55
N HIS A 256 6.31 10.47 -1.31
CA HIS A 256 7.50 9.73 -0.95
C HIS A 256 8.35 10.44 0.10
N VAL A 257 8.23 11.76 0.19
CA VAL A 257 9.07 12.54 1.10
C VAL A 257 8.37 13.87 1.33
N VAL A 258 8.61 14.46 2.50
CA VAL A 258 8.03 15.75 2.85
C VAL A 258 9.14 16.79 2.93
N MET A 259 8.79 18.03 2.63
CA MET A 259 9.69 19.16 2.75
C MET A 259 9.21 20.05 3.88
N LEU A 260 10.11 20.37 4.82
CA LEU A 260 9.77 21.12 6.01
C LEU A 260 10.52 22.45 6.00
N GLY A 261 9.83 23.50 6.45
CA GLY A 261 10.45 24.81 6.57
C GLY A 261 10.34 25.36 7.97
N SER A 262 9.11 25.46 8.50
CA SER A 262 8.91 26.06 9.81
C SER A 262 9.55 25.23 10.91
N MET A 263 9.44 23.90 10.82
CA MET A 263 9.99 23.02 11.85
C MET A 263 11.51 22.91 11.79
N PHE A 264 12.16 23.49 10.78
CA PHE A 264 13.60 23.50 10.67
C PHE A 264 14.21 24.88 10.82
N ALA A 265 13.40 25.93 10.91
CA ALA A 265 13.95 27.28 11.00
C ALA A 265 14.61 27.56 12.34
N GLY A 266 14.08 26.97 13.42
CA GLY A 266 14.61 27.24 14.74
C GLY A 266 15.84 26.47 15.13
N VAL A 267 16.25 25.48 14.32
CA VAL A 267 17.40 24.67 14.69
C VAL A 267 18.68 25.50 14.62
N ALA A 268 19.72 25.01 15.30
CA ALA A 268 20.96 25.77 15.38
C ALA A 268 21.69 25.82 14.04
N GLU A 269 21.60 24.77 13.23
CA GLU A 269 22.36 24.70 12.00
C GLU A 269 21.79 25.62 10.91
N SER A 270 20.56 26.10 11.08
CA SER A 270 19.95 26.94 10.05
C SER A 270 20.66 28.29 9.97
N PRO A 271 20.64 28.92 8.79
CA PRO A 271 21.33 30.21 8.64
C PRO A 271 20.72 31.28 9.53
N GLY A 272 21.52 32.31 9.79
CA GLY A 272 21.14 33.36 10.70
C GLY A 272 21.49 33.01 12.15
N GLU A 273 21.64 34.06 12.95
CA GLU A 273 21.97 33.91 14.35
C GLU A 273 20.71 33.98 15.21
N THR A 274 20.86 33.57 16.47
CA THR A 274 19.74 33.55 17.40
C THR A 274 19.48 34.96 17.93
N GLU A 275 18.20 35.31 18.04
CA GLU A 275 17.77 36.62 18.50
C GLU A 275 17.05 36.50 19.83
N ILE A 276 17.17 37.53 20.67
CA ILE A 276 16.49 37.59 21.95
C ILE A 276 15.28 38.51 21.79
N TYR A 277 14.10 37.99 22.12
CA TYR A 277 12.88 38.79 22.13
C TYR A 277 12.05 38.38 23.34
N GLN A 278 11.77 39.36 24.22
CA GLN A 278 11.07 39.11 25.48
C GLN A 278 11.79 38.06 26.31
N GLY A 279 13.12 38.10 26.26
CA GLY A 279 13.98 37.20 27.01
C GLY A 279 14.25 35.86 26.34
N ARG A 280 13.27 35.31 25.64
CA ARG A 280 13.44 34.03 24.98
C ARG A 280 14.25 34.16 23.70
N GLN A 281 14.85 33.05 23.29
CA GLN A 281 15.69 33.01 22.10
C GLN A 281 14.84 32.60 20.91
N PHE A 282 14.99 33.32 19.80
CA PHE A 282 14.22 33.08 18.59
C PHE A 282 15.13 33.14 17.37
N LYS A 283 14.57 32.79 16.22
CA LYS A 283 15.28 32.81 14.95
C LYS A 283 14.36 33.37 13.88
N VAL A 284 14.95 34.07 12.91
CA VAL A 284 14.19 34.70 11.84
C VAL A 284 13.74 33.63 10.85
N TYR A 285 12.44 33.61 10.55
CA TYR A 285 11.87 32.73 9.54
C TYR A 285 10.92 33.54 8.68
N ARG A 286 11.23 33.64 7.39
CA ARG A 286 10.46 34.45 6.46
C ARG A 286 10.25 33.70 5.17
N GLY A 287 9.14 33.99 4.49
CA GLY A 287 8.90 33.41 3.20
C GLY A 287 9.70 34.08 2.11
N MET A 288 10.08 33.29 1.09
CA MET A 288 10.87 33.82 -0.01
C MET A 288 10.11 34.86 -0.81
N GLY A 289 8.78 34.90 -0.70
CA GLY A 289 7.97 35.90 -1.34
C GLY A 289 7.66 37.11 -0.49
N SER A 290 8.22 37.18 0.72
CA SER A 290 8.00 38.33 1.58
C SER A 290 8.83 39.52 1.10
N VAL A 291 8.60 40.67 1.74
CA VAL A 291 9.28 41.90 1.33
C VAL A 291 10.79 41.80 1.60
N GLY A 292 11.15 41.33 2.79
CA GLY A 292 12.55 41.29 3.16
C GLY A 292 13.36 40.28 2.35
N ALA A 293 12.74 39.15 2.01
CA ALA A 293 13.47 38.10 1.29
C ALA A 293 13.74 38.50 -0.16
N MET A 294 12.85 39.27 -0.77
CA MET A 294 13.05 39.68 -2.16
C MET A 294 14.03 40.83 -2.30
N GLU A 295 14.36 41.51 -1.21
CA GLU A 295 15.35 42.59 -1.25
C GLU A 295 16.76 42.05 -1.35
N LYS A 309 7.26 48.49 -6.92
CA LYS A 309 6.48 48.17 -5.74
C LYS A 309 6.00 46.72 -5.80
N LEU A 310 6.61 45.88 -4.96
CA LEU A 310 6.40 44.45 -5.02
C LEU A 310 5.05 44.06 -4.42
N VAL A 311 4.49 42.98 -4.95
CA VAL A 311 3.25 42.40 -4.42
C VAL A 311 3.60 41.08 -3.75
N PRO A 312 3.73 41.05 -2.43
CA PRO A 312 4.23 39.84 -1.76
C PRO A 312 3.19 38.73 -1.69
N GLU A 313 3.69 37.51 -1.53
CA GLU A 313 2.86 36.35 -1.24
C GLU A 313 3.36 35.61 0.00
N GLY A 314 4.14 36.29 0.85
CA GLY A 314 4.63 35.71 2.08
C GLY A 314 4.85 36.79 3.11
N ILE A 315 5.11 36.36 4.35
CA ILE A 315 5.31 37.26 5.48
C ILE A 315 6.60 36.90 6.19
N GLU A 316 7.09 37.84 6.98
CA GLU A 316 8.30 37.66 7.78
C GLU A 316 7.91 37.44 9.24
N GLY A 317 8.54 36.45 9.87
CA GLY A 317 8.24 36.14 11.25
C GLY A 317 9.41 35.59 12.03
N ARG A 318 9.15 35.15 13.27
CA ARG A 318 10.17 34.55 14.10
C ARG A 318 9.72 33.17 14.55
N VAL A 319 10.69 32.36 14.97
CA VAL A 319 10.45 30.98 15.37
C VAL A 319 11.32 30.66 16.58
N PRO A 320 10.82 29.92 17.57
CA PRO A 320 11.64 29.62 18.75
C PRO A 320 12.88 28.83 18.39
N TYR A 321 13.98 29.15 19.07
CA TYR A 321 15.22 28.40 18.91
C TYR A 321 15.07 27.01 19.52
N LYS A 322 15.25 25.97 18.71
CA LYS A 322 15.01 24.60 19.14
C LYS A 322 16.30 23.81 19.37
N GLY A 323 17.47 24.44 19.25
CA GLY A 323 18.72 23.76 19.49
C GLY A 323 19.25 23.06 18.26
N PRO A 324 20.01 21.99 18.46
CA PRO A 324 20.58 21.26 17.31
C PRO A 324 19.51 20.53 16.52
N LEU A 325 19.87 20.21 15.27
CA LEU A 325 18.92 19.56 14.36
C LEU A 325 18.64 18.12 14.77
N ALA A 326 19.62 17.45 15.40
CA ALA A 326 19.45 16.04 15.73
C ALA A 326 18.25 15.80 16.63
N ASP A 327 17.97 16.73 17.54
CA ASP A 327 16.85 16.55 18.44
C ASP A 327 15.51 16.76 17.73
N THR A 328 15.48 17.61 16.70
CA THR A 328 14.26 17.82 15.95
C THR A 328 13.99 16.65 14.99
N VAL A 329 15.04 16.18 14.31
CA VAL A 329 14.88 15.05 13.39
C VAL A 329 14.46 13.80 14.14
N HIS A 330 15.01 13.59 15.34
CA HIS A 330 14.68 12.40 16.11
C HIS A 330 13.20 12.36 16.47
N GLN A 331 12.62 13.50 16.85
CA GLN A 331 11.20 13.54 17.19
C GLN A 331 10.34 13.37 15.95
N LEU A 332 10.82 13.79 14.78
CA LEU A 332 10.04 13.62 13.55
C LEU A 332 9.99 12.17 13.12
N VAL A 333 11.16 11.53 13.01
CA VAL A 333 11.19 10.12 12.62
C VAL A 333 10.52 9.25 13.67
N GLY A 334 10.64 9.64 14.95
CA GLY A 334 9.98 8.88 16.00
C GLY A 334 8.47 8.91 15.88
N GLY A 335 7.90 10.05 15.51
CA GLY A 335 6.48 10.11 15.26
C GLY A 335 6.07 9.32 14.04
N LEU A 336 6.92 9.34 13.00
CA LEU A 336 6.66 8.53 11.81
C LEU A 336 6.72 7.04 12.14
N ARG A 337 7.75 6.62 12.86
CA ARG A 337 7.85 5.21 13.25
C ARG A 337 6.66 4.79 14.09
N ALA A 338 6.19 5.66 14.98
CA ALA A 338 5.00 5.34 15.77
C ALA A 338 3.76 5.25 14.87
N GLY A 339 3.62 6.17 13.92
CA GLY A 339 2.49 6.14 13.02
C GLY A 339 2.50 4.92 12.11
N MET A 340 3.67 4.57 11.59
CA MET A 340 3.78 3.37 10.75
C MET A 340 3.52 2.11 11.54
N GLY A 341 3.89 2.10 12.83
CA GLY A 341 3.55 0.97 13.68
C GLY A 341 2.06 0.82 13.89
N TYR A 342 1.33 1.94 13.91
CA TYR A 342 -0.13 1.86 14.06
C TYR A 342 -0.79 1.33 12.79
N CYS A 343 -0.30 1.74 11.63
CA CYS A 343 -0.92 1.39 10.36
C CYS A 343 -0.45 0.04 9.82
N GLY A 344 0.40 -0.67 10.54
CA GLY A 344 0.91 -1.94 10.06
C GLY A 344 1.85 -1.82 8.89
N ALA A 345 2.52 -0.69 8.75
CA ALA A 345 3.41 -0.43 7.61
C ALA A 345 4.84 -0.71 8.05
N GLN A 346 5.44 -1.75 7.49
CA GLN A 346 6.85 -2.03 7.69
C GLN A 346 7.74 -1.14 6.83
N ASP A 347 7.19 -0.57 5.76
CA ASP A 347 7.93 0.30 4.87
C ASP A 347 7.00 1.43 4.42
N LEU A 348 7.58 2.47 3.84
CA LEU A 348 6.79 3.61 3.40
C LEU A 348 5.97 3.30 2.14
N GLU A 349 6.24 2.18 1.46
CA GLU A 349 5.40 1.79 0.34
C GLU A 349 4.07 1.21 0.82
N PHE A 350 4.11 0.37 1.86
CA PHE A 350 2.87 -0.16 2.42
C PHE A 350 2.03 0.95 3.02
N LEU A 351 2.67 1.95 3.64
CA LEU A 351 1.95 3.12 4.12
C LEU A 351 1.36 3.91 2.97
N ARG A 352 2.02 3.91 1.81
CA ARG A 352 1.53 4.67 0.66
C ARG A 352 0.41 3.94 -0.08
N GLU A 353 0.36 2.61 0.02
CA GLU A 353 -0.60 1.82 -0.73
C GLU A 353 -1.75 1.29 0.10
N ASN A 354 -1.62 1.24 1.43
CA ASN A 354 -2.60 0.57 2.28
C ASN A 354 -3.20 1.44 3.36
N ALA A 355 -2.56 2.54 3.75
CA ALA A 355 -3.07 3.36 4.83
C ALA A 355 -4.39 4.01 4.44
N GLN A 356 -5.38 3.94 5.33
CA GLN A 356 -6.70 4.52 5.11
C GLN A 356 -6.91 5.68 6.08
N PHE A 357 -7.50 6.76 5.58
CA PHE A 357 -7.84 7.91 6.39
C PHE A 357 -9.29 7.82 6.84
N ILE A 358 -9.64 8.67 7.82
CA ILE A 358 -11.03 8.84 8.23
C ILE A 358 -11.23 10.33 8.51
N ARG A 359 -12.21 10.93 7.85
CA ARG A 359 -12.42 12.36 7.95
C ARG A 359 -13.16 12.69 9.25
N MET A 360 -12.86 13.88 9.78
CA MET A 360 -13.43 14.32 11.05
C MET A 360 -13.78 15.79 10.95
N SER A 361 -14.51 16.28 11.96
CA SER A 361 -14.92 17.67 12.04
C SER A 361 -13.94 18.44 12.93
N GLY A 362 -14.25 19.73 13.13
CA GLY A 362 -13.45 20.53 14.04
C GLY A 362 -13.46 19.98 15.45
N ALA A 363 -14.61 19.43 15.88
CA ALA A 363 -14.68 18.79 17.20
C ALA A 363 -13.76 17.59 17.29
N GLY A 364 -13.62 16.85 16.19
CA GLY A 364 -12.66 15.76 16.17
C GLY A 364 -11.22 16.23 16.28
N LEU A 365 -10.92 17.40 15.72
CA LEU A 365 -9.56 17.94 15.82
C LEU A 365 -9.23 18.32 17.26
N LEU A 366 -10.17 18.96 17.96
CA LEU A 366 -9.92 19.34 19.35
C LEU A 366 -9.78 18.12 20.24
N GLU A 367 -10.50 17.04 19.93
CA GLU A 367 -10.32 15.79 20.65
C GLU A 367 -8.94 15.18 20.37
N SER A 368 -8.40 15.45 19.17
CA SER A 368 -7.10 14.88 18.81
C SER A 368 -5.98 15.55 19.59
N HIS A 369 -6.03 16.86 19.75
CA HIS A 369 -5.07 17.57 20.58
C HIS A 369 -5.39 17.32 22.06
N PRO A 370 -4.47 17.67 22.95
CA PRO A 370 -4.85 17.74 24.37
C PRO A 370 -5.96 18.75 24.57
N HIS A 371 -6.78 18.52 25.60
CA HIS A 371 -7.92 19.39 25.85
C HIS A 371 -8.30 19.33 27.31
N HIS A 372 -8.77 20.46 27.84
CA HIS A 372 -9.31 20.56 29.19
C HIS A 372 -8.31 20.08 30.23
N VAL A 373 -7.06 20.50 30.09
CA VAL A 373 -6.01 20.17 31.05
C VAL A 373 -4.95 21.26 30.99
N GLN A 374 -4.55 21.77 32.15
CA GLN A 374 -3.55 22.83 32.23
C GLN A 374 -2.17 22.20 32.10
N ILE A 375 -1.58 22.30 30.93
CA ILE A 375 -0.27 21.69 30.68
C ILE A 375 0.79 22.43 31.50
N THR A 376 1.66 21.66 32.15
CA THR A 376 2.63 22.22 33.10
C THR A 376 3.97 22.51 32.45
N LYS A 377 4.52 21.56 31.69
CA LYS A 377 5.82 21.74 31.06
C LYS A 377 5.73 21.35 29.59
N GLU A 378 6.81 21.63 28.86
CA GLU A 378 6.86 21.45 27.42
C GLU A 378 7.21 20.01 27.05
N ALA A 379 6.53 19.50 26.03
CA ALA A 379 6.85 18.21 25.44
C ALA A 379 7.77 18.41 24.23
N PRO A 380 8.74 17.51 24.02
CA PRO A 380 9.69 17.70 22.91
C PRO A 380 9.06 17.58 21.53
N ASN A 381 7.87 17.01 21.43
CA ASN A 381 7.24 16.76 20.13
C ASN A 381 5.88 17.43 19.98
N TYR A 382 5.49 18.31 20.92
CA TYR A 382 4.22 19.01 20.84
C TYR A 382 4.45 20.46 21.24
N SER A 383 4.17 21.38 20.31
CA SER A 383 4.32 22.81 20.54
C SER A 383 5.75 23.17 20.94
N ASN B 23 -5.20 -1.50 -7.01
CA ASN B 23 -5.33 -1.23 -5.59
C ASN B 23 -6.56 -0.38 -5.29
N ALA B 24 -7.65 -1.04 -4.89
CA ALA B 24 -8.85 -0.31 -4.50
C ALA B 24 -8.67 0.44 -3.18
N MET B 25 -7.60 0.14 -2.43
N MET B 25 -7.60 0.14 -2.44
CA MET B 25 -7.31 0.89 -1.22
CA MET B 25 -7.31 0.89 -1.22
C MET B 25 -7.00 2.35 -1.52
C MET B 25 -7.00 2.35 -1.52
N TRP B 26 -6.42 2.62 -2.69
CA TRP B 26 -6.02 3.99 -3.04
C TRP B 26 -7.24 4.88 -3.21
N GLU B 27 -8.25 4.42 -3.96
CA GLU B 27 -9.43 5.24 -4.19
C GLU B 27 -10.34 5.32 -2.97
N SER B 28 -10.10 4.51 -1.94
CA SER B 28 -10.93 4.51 -0.75
C SER B 28 -10.25 5.15 0.46
N LYS B 29 -9.17 5.89 0.23
CA LYS B 29 -8.39 6.41 1.35
C LYS B 29 -9.18 7.42 2.18
N PHE B 30 -10.00 8.23 1.53
CA PHE B 30 -10.73 9.31 2.19
C PHE B 30 -12.24 9.08 2.14
N VAL B 31 -12.67 7.83 2.28
CA VAL B 31 -14.09 7.52 2.20
C VAL B 31 -14.75 7.59 3.58
N LYS B 32 -14.08 7.09 4.61
CA LYS B 32 -14.68 6.99 5.93
C LYS B 32 -14.95 8.37 6.54
N GLU B 33 -15.96 8.41 7.42
CA GLU B 33 -16.26 9.57 8.24
C GLU B 33 -16.29 9.16 9.69
N GLY B 34 -15.87 10.06 10.57
CA GLY B 34 -15.81 9.78 11.99
C GLY B 34 -16.43 10.89 12.80
N LEU B 35 -17.20 10.51 13.81
CA LEU B 35 -17.87 11.43 14.70
C LEU B 35 -17.34 11.28 16.13
N THR B 36 -17.34 12.38 16.87
CA THR B 36 -16.97 12.37 18.27
C THR B 36 -18.16 12.87 19.10
N PHE B 37 -17.94 13.07 20.40
CA PHE B 37 -19.02 13.42 21.30
C PHE B 37 -19.63 14.77 20.93
N ASP B 38 -18.79 15.77 20.68
CA ASP B 38 -19.27 17.11 20.38
C ASP B 38 -19.86 17.25 18.98
N ASP B 39 -19.97 16.15 18.21
CA ASP B 39 -20.55 16.20 16.88
C ASP B 39 -22.03 15.84 16.85
N VAL B 40 -22.55 15.20 17.89
CA VAL B 40 -23.88 14.62 17.88
C VAL B 40 -24.63 15.03 19.13
N LEU B 41 -25.92 14.67 19.15
CA LEU B 41 -26.78 14.82 20.32
C LEU B 41 -27.72 13.62 20.38
N LEU B 42 -28.02 13.17 21.60
CA LEU B 42 -28.99 12.10 21.76
C LEU B 42 -30.40 12.65 21.54
N VAL B 43 -31.19 11.93 20.75
CA VAL B 43 -32.56 12.34 20.44
C VAL B 43 -33.49 11.88 21.56
N PRO B 44 -34.24 12.79 22.19
CA PRO B 44 -35.16 12.37 23.26
C PRO B 44 -36.34 11.59 22.70
N ALA B 45 -36.70 10.52 23.39
CA ALA B 45 -37.78 9.63 23.00
C ALA B 45 -38.79 9.52 24.13
N LYS B 46 -39.87 8.78 23.87
CA LYS B 46 -40.91 8.58 24.88
C LYS B 46 -40.33 7.84 26.09
N SER B 47 -40.76 8.25 27.28
CA SER B 47 -40.20 7.74 28.52
C SER B 47 -41.32 7.41 29.49
N ASP B 48 -41.35 6.17 29.96
CA ASP B 48 -42.26 5.75 31.02
C ASP B 48 -41.53 5.57 32.36
N VAL B 49 -40.24 5.89 32.41
CA VAL B 49 -39.42 5.69 33.60
C VAL B 49 -38.80 7.02 33.99
N LEU B 50 -38.69 7.24 35.30
CA LEU B 50 -38.06 8.42 35.85
C LEU B 50 -36.55 8.22 35.95
N PRO B 51 -35.77 9.31 35.98
CA PRO B 51 -34.32 9.15 36.14
C PRO B 51 -33.93 8.44 37.42
N ARG B 52 -34.69 8.60 38.49
CA ARG B 52 -34.38 7.91 39.74
C ARG B 52 -34.68 6.42 39.67
N GLU B 53 -35.48 5.98 38.72
CA GLU B 53 -35.95 4.59 38.65
C GLU B 53 -35.21 3.77 37.60
N VAL B 54 -34.30 4.36 36.83
CA VAL B 54 -33.56 3.59 35.84
C VAL B 54 -32.45 2.80 36.51
N SER B 55 -32.04 1.72 35.87
CA SER B 55 -30.98 0.86 36.37
C SER B 55 -29.69 1.16 35.62
N VAL B 56 -28.67 1.59 36.36
CA VAL B 56 -27.36 1.88 35.78
C VAL B 56 -26.41 0.68 35.89
N LYS B 57 -26.92 -0.48 36.32
CA LYS B 57 -26.09 -1.66 36.46
C LYS B 57 -25.65 -2.18 35.09
N THR B 58 -24.49 -2.83 35.08
CA THR B 58 -23.95 -3.39 33.84
C THR B 58 -23.21 -4.68 34.16
N VAL B 59 -23.28 -5.63 33.23
CA VAL B 59 -22.65 -6.94 33.38
C VAL B 59 -21.58 -7.06 32.31
N LEU B 60 -20.31 -7.07 32.72
CA LEU B 60 -19.21 -7.19 31.77
C LEU B 60 -18.81 -8.64 31.51
N SER B 61 -18.97 -9.52 32.50
CA SER B 61 -18.67 -10.94 32.31
C SER B 61 -19.41 -11.71 33.40
N GLU B 62 -19.13 -13.02 33.47
CA GLU B 62 -19.79 -13.87 34.46
C GLU B 62 -19.29 -13.59 35.86
N SER B 63 -18.07 -13.09 36.00
CA SER B 63 -17.47 -12.77 37.30
C SER B 63 -17.20 -11.29 37.47
N LEU B 64 -17.76 -10.44 36.60
CA LEU B 64 -17.47 -8.99 36.64
C LEU B 64 -18.78 -8.26 36.35
N GLN B 65 -19.40 -7.71 37.39
CA GLN B 65 -20.63 -6.95 37.26
C GLN B 65 -20.49 -5.66 38.05
N LEU B 66 -20.69 -4.53 37.38
CA LEU B 66 -20.53 -3.21 37.98
C LEU B 66 -21.89 -2.57 38.21
N ASN B 67 -22.04 -1.91 39.37
CA ASN B 67 -23.28 -1.21 39.67
C ASN B 67 -23.41 0.08 38.88
N ILE B 68 -22.30 0.79 38.68
CA ILE B 68 -22.29 2.00 37.85
C ILE B 68 -21.29 1.78 36.72
N PRO B 69 -21.56 2.27 35.51
CA PRO B 69 -20.65 2.04 34.38
C PRO B 69 -19.47 3.00 34.38
N LEU B 70 -18.70 2.99 35.46
CA LEU B 70 -17.55 3.87 35.61
C LEU B 70 -16.33 3.06 36.00
N ILE B 71 -15.24 3.24 35.26
CA ILE B 71 -13.95 2.62 35.57
C ILE B 71 -12.90 3.72 35.58
N SER B 72 -12.09 3.76 36.63
CA SER B 72 -11.02 4.73 36.74
C SER B 72 -9.77 4.18 36.06
N ALA B 73 -9.13 5.04 35.24
CA ALA B 73 -8.05 4.59 34.38
C ALA B 73 -6.84 4.12 35.18
N GLY B 74 -6.06 3.24 34.56
CA GLY B 74 -4.84 2.74 35.17
C GLY B 74 -3.65 3.64 34.92
N MET B 75 -3.65 4.81 35.53
CA MET B 75 -2.60 5.80 35.36
C MET B 75 -2.02 6.18 36.72
N ASP B 76 -0.75 6.58 36.72
CA ASP B 76 -0.06 6.88 37.96
C ASP B 76 -0.55 8.16 38.64
N THR B 77 -1.43 8.92 37.99
CA THR B 77 -2.03 10.11 38.59
C THR B 77 -3.54 9.98 38.75
N VAL B 78 -4.10 8.78 38.54
CA VAL B 78 -5.54 8.59 38.57
C VAL B 78 -5.93 7.57 39.63
N THR B 79 -5.43 6.34 39.53
CA THR B 79 -5.95 5.24 40.34
C THR B 79 -4.81 4.51 41.05
N GLU B 80 -4.95 4.40 42.37
CA GLU B 80 -4.15 3.46 43.16
C GLU B 80 -5.07 2.79 44.18
N ALA B 81 -4.52 2.39 45.33
CA ALA B 81 -5.31 1.65 46.31
C ALA B 81 -6.47 2.48 46.83
N ASP B 82 -6.20 3.73 47.23
CA ASP B 82 -7.25 4.57 47.79
C ASP B 82 -8.32 4.88 46.75
N MET B 83 -7.92 5.07 45.49
CA MET B 83 -8.89 5.36 44.45
C MET B 83 -9.71 4.12 44.09
N ALA B 84 -9.06 2.96 44.03
CA ALA B 84 -9.78 1.73 43.70
C ALA B 84 -10.78 1.37 44.79
N ILE B 85 -10.42 1.57 46.06
CA ILE B 85 -11.35 1.32 47.15
C ILE B 85 -12.57 2.24 47.04
N ALA B 86 -12.34 3.52 46.77
CA ALA B 86 -13.44 4.46 46.67
C ALA B 86 -14.31 4.19 45.44
N MET B 87 -13.69 3.82 44.32
CA MET B 87 -14.46 3.53 43.11
C MET B 87 -15.39 2.34 43.32
N ALA B 88 -14.90 1.30 44.00
CA ALA B 88 -15.73 0.11 44.22
C ALA B 88 -16.84 0.38 45.23
N ARG B 89 -16.60 1.26 46.20
CA ARG B 89 -17.66 1.61 47.15
C ARG B 89 -18.78 2.39 46.47
N GLN B 90 -18.48 3.09 45.38
CA GLN B 90 -19.51 3.77 44.60
C GLN B 90 -20.19 2.86 43.59
N GLY B 91 -19.75 1.62 43.46
CA GLY B 91 -20.29 0.69 42.49
C GLY B 91 -19.47 0.56 41.21
N GLY B 92 -18.33 1.24 41.12
CA GLY B 92 -17.49 1.19 39.94
C GLY B 92 -16.33 0.25 40.08
N LEU B 93 -15.30 0.47 39.27
CA LEU B 93 -14.11 -0.36 39.26
C LEU B 93 -12.88 0.52 39.11
N GLY B 94 -11.80 0.12 39.78
CA GLY B 94 -10.55 0.86 39.69
C GLY B 94 -9.42 0.01 39.16
N ILE B 95 -8.69 0.52 38.16
CA ILE B 95 -7.57 -0.17 37.56
C ILE B 95 -6.28 0.39 38.14
N ILE B 96 -5.58 -0.41 38.93
CA ILE B 96 -4.32 0.04 39.52
C ILE B 96 -3.26 0.08 38.42
N HIS B 97 -2.53 1.20 38.35
CA HIS B 97 -1.56 1.37 37.28
C HIS B 97 -0.36 0.45 37.48
N LYS B 98 0.43 0.31 36.41
CA LYS B 98 1.53 -0.64 36.36
C LYS B 98 2.89 0.00 36.63
N ASN B 99 2.95 1.30 36.89
CA ASN B 99 4.21 1.99 37.13
C ASN B 99 4.70 1.77 38.56
N MET B 100 4.87 0.49 38.91
CA MET B 100 5.37 0.11 40.22
C MET B 100 5.85 -1.33 40.14
N SER B 101 6.53 -1.77 41.20
CA SER B 101 7.03 -3.14 41.25
C SER B 101 5.87 -4.13 41.32
N ILE B 102 6.18 -5.38 40.97
CA ILE B 102 5.16 -6.42 40.98
C ILE B 102 4.64 -6.66 42.39
N GLU B 103 5.53 -6.55 43.38
CA GLU B 103 5.13 -6.72 44.77
C GLU B 103 4.25 -5.57 45.25
N GLN B 104 4.55 -4.35 44.81
N GLN B 104 4.58 -4.34 44.84
CA GLN B 104 3.77 -3.19 45.26
CA GLN B 104 3.79 -3.19 45.22
C GLN B 104 2.37 -3.21 44.65
C GLN B 104 2.37 -3.28 44.67
N GLN B 105 2.25 -3.64 43.39
CA GLN B 105 0.93 -3.71 42.77
C GLN B 105 0.09 -4.84 43.36
N ALA B 106 0.72 -5.95 43.73
CA ALA B 106 -0.03 -7.06 44.33
C ALA B 106 -0.53 -6.71 45.73
N GLU B 107 0.23 -5.88 46.46
CA GLU B 107 -0.20 -5.51 47.80
C GLU B 107 -1.42 -4.58 47.76
N GLN B 108 -1.44 -3.65 46.81
CA GLN B 108 -2.58 -2.75 46.70
C GLN B 108 -3.84 -3.49 46.22
N VAL B 109 -3.67 -4.51 45.37
CA VAL B 109 -4.81 -5.34 44.98
C VAL B 109 -5.37 -6.07 46.19
N ASP B 110 -4.48 -6.60 47.05
CA ASP B 110 -4.93 -7.26 48.26
C ASP B 110 -5.55 -6.27 49.25
N LYS B 111 -5.05 -5.04 49.27
CA LYS B 111 -5.59 -4.03 50.18
C LYS B 111 -7.04 -3.69 49.82
N VAL B 112 -7.35 -3.63 48.52
CA VAL B 112 -8.72 -3.34 48.10
C VAL B 112 -9.64 -4.52 48.42
N LYS B 113 -9.15 -5.75 48.22
CA LYS B 113 -9.99 -6.92 48.42
C LYS B 113 -10.33 -7.11 49.90
N ARG B 114 -9.37 -6.84 50.79
CA ARG B 114 -9.60 -6.98 52.22
C ARG B 114 -10.43 -5.83 52.79
N SER B 115 -10.79 -4.85 51.97
CA SER B 115 -11.57 -3.70 52.42
C SER B 115 -13.06 -3.89 52.18
N GLY B 116 -13.60 -5.04 52.56
CA GLY B 116 -15.01 -5.28 52.43
C GLY B 116 -15.40 -6.11 51.24
N GLY B 117 -14.44 -6.71 50.55
CA GLY B 117 -14.76 -7.57 49.40
C GLY B 117 -15.07 -6.76 48.16
N LEU B 118 -14.24 -5.75 47.90
CA LEU B 118 -14.45 -4.86 46.79
C LEU B 118 -13.85 -5.40 45.50
N LEU B 119 -14.46 -5.05 44.38
CA LEU B 119 -13.90 -5.36 43.07
C LEU B 119 -12.67 -4.49 42.82
N VAL B 120 -11.68 -5.07 42.14
CA VAL B 120 -10.44 -4.36 41.86
C VAL B 120 -9.84 -4.91 40.58
N GLY B 121 -9.17 -4.02 39.82
CA GLY B 121 -8.44 -4.42 38.64
C GLY B 121 -7.00 -3.95 38.73
N ALA B 122 -6.20 -4.39 37.76
CA ALA B 122 -4.79 -4.02 37.71
C ALA B 122 -4.33 -3.99 36.27
N ALA B 123 -3.46 -3.04 35.95
CA ALA B 123 -2.96 -2.88 34.60
C ALA B 123 -1.66 -3.63 34.41
N VAL B 124 -1.53 -4.30 33.27
CA VAL B 124 -0.34 -5.07 32.91
C VAL B 124 0.05 -4.74 31.48
N GLY B 125 1.30 -4.35 31.28
CA GLY B 125 1.78 -4.08 29.94
C GLY B 125 2.19 -5.36 29.22
N VAL B 126 2.07 -5.33 27.90
CA VAL B 126 2.43 -6.49 27.08
C VAL B 126 3.94 -6.61 27.01
N THR B 127 4.54 -7.15 28.06
CA THR B 127 5.98 -7.31 28.16
C THR B 127 6.30 -8.78 28.45
N ALA B 128 7.60 -9.10 28.47
CA ALA B 128 8.00 -10.46 28.79
C ALA B 128 7.71 -10.82 30.24
N ASP B 129 7.77 -9.84 31.14
CA ASP B 129 7.46 -10.03 32.55
C ASP B 129 5.97 -9.92 32.84
N ALA B 130 5.13 -9.85 31.82
CA ALA B 130 3.69 -9.74 32.04
C ALA B 130 3.15 -10.96 32.78
N MET B 131 3.64 -12.15 32.43
CA MET B 131 3.19 -13.35 33.11
C MET B 131 3.57 -13.34 34.59
N THR B 132 4.79 -12.90 34.90
CA THR B 132 5.22 -12.82 36.29
C THR B 132 4.36 -11.84 37.08
N ARG B 133 3.99 -10.72 36.45
CA ARG B 133 3.13 -9.75 37.12
C ARG B 133 1.72 -10.29 37.30
N ILE B 134 1.20 -10.99 36.28
CA ILE B 134 -0.14 -11.57 36.37
C ILE B 134 -0.20 -12.65 37.44
N ASP B 135 0.88 -13.41 37.62
CA ASP B 135 0.89 -14.45 38.64
C ASP B 135 0.68 -13.87 40.03
N ALA B 136 1.28 -12.71 40.32
CA ALA B 136 1.10 -12.09 41.62
C ALA B 136 -0.31 -11.51 41.78
N LEU B 137 -0.89 -11.01 40.68
CA LEU B 137 -2.22 -10.41 40.77
C LEU B 137 -3.30 -11.47 40.98
N VAL B 138 -3.18 -12.61 40.29
CA VAL B 138 -4.18 -13.65 40.44
C VAL B 138 -4.09 -14.30 41.83
N LYS B 139 -2.89 -14.37 42.39
CA LYS B 139 -2.73 -14.83 43.76
C LYS B 139 -3.18 -13.78 44.77
N ALA B 140 -3.24 -12.51 44.35
CA ALA B 140 -3.86 -11.45 45.14
C ALA B 140 -5.36 -11.36 44.86
N SER B 141 -5.92 -12.34 44.14
CA SER B 141 -7.36 -12.43 43.86
C SER B 141 -7.86 -11.22 43.08
N VAL B 142 -7.09 -10.78 42.08
CA VAL B 142 -7.52 -9.68 41.24
C VAL B 142 -8.73 -10.12 40.42
N ASP B 143 -9.67 -9.20 40.22
CA ASP B 143 -10.89 -9.54 39.49
C ASP B 143 -10.70 -9.45 37.98
N ALA B 144 -9.85 -8.55 37.52
CA ALA B 144 -9.58 -8.41 36.09
C ALA B 144 -8.20 -7.81 35.91
N ILE B 145 -7.54 -8.22 34.83
CA ILE B 145 -6.24 -7.66 34.44
C ILE B 145 -6.41 -6.93 33.13
N VAL B 146 -5.87 -5.72 33.05
CA VAL B 146 -5.97 -4.88 31.86
C VAL B 146 -4.64 -4.97 31.12
N LEU B 147 -4.61 -5.71 30.02
CA LEU B 147 -3.42 -5.79 29.17
C LEU B 147 -3.40 -4.53 28.30
N ASP B 148 -2.94 -3.45 28.91
CA ASP B 148 -3.02 -2.11 28.31
C ASP B 148 -1.77 -1.82 27.50
N THR B 149 -1.96 -1.30 26.29
CA THR B 149 -0.85 -0.93 25.44
C THR B 149 -1.33 0.14 24.47
N ALA B 150 -0.36 0.77 23.78
CA ALA B 150 -0.70 1.86 22.87
C ALA B 150 -1.48 1.35 21.66
N HIS B 151 -1.07 0.22 21.09
CA HIS B 151 -1.68 -0.33 19.88
C HIS B 151 -2.12 -1.76 20.19
N GLY B 152 -3.41 -1.92 20.50
CA GLY B 152 -3.94 -3.24 20.81
C GLY B 152 -3.98 -4.18 19.62
N HIS B 153 -4.06 -3.65 18.41
CA HIS B 153 -4.13 -4.48 17.21
C HIS B 153 -2.74 -4.87 16.71
N SER B 154 -1.94 -5.45 17.61
CA SER B 154 -0.62 -5.94 17.27
C SER B 154 -0.53 -7.43 17.57
N GLN B 155 0.36 -8.12 16.85
CA GLN B 155 0.53 -9.55 17.07
C GLN B 155 1.06 -9.84 18.47
N GLY B 156 1.79 -8.90 19.06
CA GLY B 156 2.27 -9.10 20.42
C GLY B 156 1.15 -9.13 21.44
N VAL B 157 0.12 -8.31 21.24
CA VAL B 157 -1.02 -8.32 22.15
C VAL B 157 -1.86 -9.57 21.93
N ILE B 158 -2.09 -9.94 20.66
CA ILE B 158 -2.89 -11.12 20.36
C ILE B 158 -2.26 -12.38 20.94
N ASP B 159 -0.93 -12.50 20.79
CA ASP B 159 -0.24 -13.66 21.35
C ASP B 159 -0.20 -13.63 22.87
N LYS B 160 -0.17 -12.43 23.46
CA LYS B 160 -0.08 -12.33 24.91
C LYS B 160 -1.40 -12.68 25.58
N VAL B 161 -2.52 -12.22 25.01
CA VAL B 161 -3.82 -12.53 25.63
C VAL B 161 -4.14 -14.01 25.48
N LYS B 162 -3.67 -14.66 24.41
CA LYS B 162 -3.87 -16.10 24.28
C LYS B 162 -3.05 -16.86 25.30
N GLU B 163 -1.83 -16.37 25.59
CA GLU B 163 -1.01 -17.00 26.60
C GLU B 163 -1.64 -16.89 27.99
N VAL B 164 -2.25 -15.74 28.28
CA VAL B 164 -2.94 -15.57 29.55
C VAL B 164 -4.23 -16.39 29.58
N ARG B 165 -4.92 -16.50 28.44
CA ARG B 165 -6.12 -17.31 28.36
C ARG B 165 -5.82 -18.77 28.64
N ALA B 166 -4.71 -19.27 28.07
CA ALA B 166 -4.36 -20.68 28.25
C ALA B 166 -3.97 -20.97 29.71
N LYS B 167 -3.24 -20.05 30.34
CA LYS B 167 -2.82 -20.26 31.71
C LYS B 167 -3.96 -20.02 32.70
N TYR B 168 -4.80 -19.02 32.44
CA TYR B 168 -5.91 -18.67 33.31
C TYR B 168 -7.19 -18.61 32.49
N PRO B 169 -7.88 -19.74 32.32
CA PRO B 169 -9.08 -19.76 31.48
C PRO B 169 -10.25 -18.97 32.05
N SER B 170 -10.29 -18.74 33.36
CA SER B 170 -11.40 -18.04 33.98
C SER B 170 -11.08 -16.61 34.39
N LEU B 171 -9.85 -16.15 34.14
CA LEU B 171 -9.46 -14.79 34.50
C LEU B 171 -10.01 -13.80 33.48
N ASN B 172 -10.63 -12.72 33.96
CA ASN B 172 -11.13 -11.68 33.07
C ASN B 172 -9.97 -10.92 32.46
N ILE B 173 -10.00 -10.78 31.14
CA ILE B 173 -8.92 -10.15 30.38
C ILE B 173 -9.50 -8.96 29.63
N ILE B 174 -9.04 -7.77 29.95
CA ILE B 174 -9.41 -6.55 29.23
C ILE B 174 -8.23 -6.18 28.33
N ALA B 175 -8.47 -6.13 27.02
CA ALA B 175 -7.42 -5.92 26.03
C ALA B 175 -7.69 -4.65 25.25
N GLY B 176 -6.67 -3.81 25.14
CA GLY B 176 -6.76 -2.57 24.39
C GLY B 176 -5.38 -2.02 24.13
N ASN B 177 -5.34 -0.88 23.44
CA ASN B 177 -6.54 -0.22 22.96
C ASN B 177 -6.74 -0.45 21.47
N VAL B 178 -8.00 -0.45 21.04
CA VAL B 178 -8.36 -0.66 19.65
C VAL B 178 -9.28 0.48 19.22
N ALA B 179 -9.50 0.56 17.91
CA ALA B 179 -10.43 1.55 17.37
C ALA B 179 -11.11 1.08 16.10
N THR B 180 -11.01 -0.21 15.74
CA THR B 180 -11.59 -0.75 14.53
C THR B 180 -12.31 -2.06 14.85
N ALA B 181 -13.25 -2.42 13.97
CA ALA B 181 -13.98 -3.66 14.15
C ALA B 181 -13.08 -4.87 13.95
N GLU B 182 -12.09 -4.77 13.05
CA GLU B 182 -11.19 -5.90 12.82
C GLU B 182 -10.28 -6.13 14.02
N ALA B 183 -9.86 -5.04 14.68
CA ALA B 183 -9.07 -5.18 15.90
C ALA B 183 -9.89 -5.79 17.03
N THR B 184 -11.16 -5.41 17.13
CA THR B 184 -12.03 -6.00 18.15
C THR B 184 -12.22 -7.49 17.90
N LYS B 185 -12.40 -7.88 16.63
CA LYS B 185 -12.53 -9.28 16.30
C LYS B 185 -11.27 -10.07 16.64
N ALA B 186 -10.10 -9.44 16.44
CA ALA B 186 -8.84 -10.13 16.69
C ALA B 186 -8.65 -10.44 18.17
N LEU B 187 -8.97 -9.48 19.04
CA LEU B 187 -8.76 -9.68 20.48
C LEU B 187 -9.84 -10.55 21.09
N ILE B 188 -11.07 -10.47 20.61
CA ILE B 188 -12.13 -11.36 21.12
C ILE B 188 -11.81 -12.80 20.79
N GLU B 189 -11.47 -13.08 19.52
CA GLU B 189 -11.12 -14.43 19.11
C GLU B 189 -9.79 -14.90 19.71
N ALA B 190 -9.06 -14.02 20.38
CA ALA B 190 -7.83 -14.40 21.06
C ALA B 190 -8.02 -14.60 22.56
N GLY B 191 -9.25 -14.52 23.06
CA GLY B 191 -9.55 -14.85 24.43
C GLY B 191 -9.96 -13.69 25.31
N ALA B 192 -9.83 -12.45 24.85
CA ALA B 192 -10.15 -11.30 25.69
C ALA B 192 -11.64 -11.26 25.99
N ASN B 193 -11.97 -11.08 27.28
CA ASN B 193 -13.38 -10.99 27.69
C ASN B 193 -13.97 -9.62 27.35
N VAL B 194 -13.21 -8.55 27.58
CA VAL B 194 -13.66 -7.19 27.33
C VAL B 194 -12.62 -6.50 26.46
N VAL B 195 -13.08 -5.67 25.52
CA VAL B 195 -12.22 -4.93 24.61
C VAL B 195 -12.33 -3.45 24.94
N LYS B 196 -11.19 -2.81 25.21
CA LYS B 196 -11.18 -1.39 25.52
C LYS B 196 -10.91 -0.59 24.25
N VAL B 197 -11.73 0.43 24.02
CA VAL B 197 -11.71 1.21 22.79
C VAL B 197 -11.22 2.62 23.10
N GLY B 198 -10.35 3.14 22.24
CA GLY B 198 -9.84 4.49 22.41
C GLY B 198 -8.41 4.67 21.93
N ILE B 199 -8.24 5.19 20.72
CA ILE B 199 -6.92 5.50 20.16
C ILE B 199 -6.90 7.00 19.89
N GLY B 200 -6.31 7.76 20.80
CA GLY B 200 -6.16 9.18 20.63
C GLY B 200 -7.11 10.15 21.32
N PRO B 201 -8.17 9.71 22.02
CA PRO B 201 -9.12 10.69 22.55
C PRO B 201 -8.73 11.28 23.89
N GLY B 202 -7.70 10.75 24.57
CA GLY B 202 -7.41 11.18 25.93
C GLY B 202 -7.06 12.65 26.00
N SER B 203 -7.52 13.29 27.09
CA SER B 203 -7.27 14.71 27.28
C SER B 203 -5.79 15.04 27.40
N ILE B 204 -4.97 14.08 27.82
CA ILE B 204 -3.53 14.27 27.91
C ILE B 204 -2.80 13.55 26.77
N CYS B 205 -3.53 13.17 25.73
CA CYS B 205 -2.99 12.32 24.67
C CYS B 205 -2.64 13.16 23.44
N THR B 206 -1.43 12.94 22.90
CA THR B 206 -0.98 13.59 21.67
C THR B 206 -0.74 12.59 20.55
N THR B 207 -1.24 11.36 20.69
CA THR B 207 -1.01 10.32 19.69
C THR B 207 -1.49 10.77 18.31
N ARG B 208 -2.71 11.27 18.23
CA ARG B 208 -3.24 11.72 16.95
C ARG B 208 -2.46 12.90 16.39
N VAL B 209 -1.70 13.61 17.22
CA VAL B 209 -0.92 14.75 16.76
C VAL B 209 0.49 14.32 16.32
N VAL B 210 1.14 13.48 17.12
CA VAL B 210 2.51 13.08 16.81
C VAL B 210 2.58 11.92 15.81
N ALA B 211 1.60 11.02 15.82
CA ALA B 211 1.57 9.91 14.87
C ALA B 211 0.51 10.09 13.79
N GLY B 212 -0.41 11.04 13.93
CA GLY B 212 -1.44 11.23 12.94
C GLY B 212 -2.44 10.10 12.85
N VAL B 213 -2.49 9.22 13.85
CA VAL B 213 -3.31 8.02 13.81
C VAL B 213 -4.41 8.13 14.85
N GLY B 214 -5.62 7.75 14.48
CA GLY B 214 -6.71 7.74 15.43
C GLY B 214 -8.03 7.57 14.71
N VAL B 215 -9.06 7.37 15.52
CA VAL B 215 -10.44 7.34 15.04
C VAL B 215 -11.27 8.19 16.00
N PRO B 216 -12.15 9.05 15.50
CA PRO B 216 -13.06 9.78 16.39
C PRO B 216 -13.80 8.81 17.30
N GLN B 217 -13.76 9.10 18.61
CA GLN B 217 -14.02 8.09 19.61
C GLN B 217 -15.43 7.52 19.50
N LEU B 218 -16.43 8.37 19.22
CA LEU B 218 -17.79 7.86 19.15
C LEU B 218 -17.98 6.93 17.97
N THR B 219 -17.35 7.26 16.83
CA THR B 219 -17.34 6.33 15.71
C THR B 219 -16.55 5.07 16.06
N ALA B 220 -15.45 5.23 16.79
CA ALA B 220 -14.63 4.08 17.19
C ALA B 220 -15.42 3.14 18.10
N VAL B 221 -16.11 3.70 19.09
CA VAL B 221 -16.91 2.89 20.00
C VAL B 221 -18.02 2.17 19.22
N TYR B 222 -18.71 2.90 18.34
CA TYR B 222 -19.82 2.31 17.60
C TYR B 222 -19.34 1.24 16.64
N ASP B 223 -18.21 1.46 15.96
CA ASP B 223 -17.68 0.46 15.04
C ASP B 223 -17.20 -0.78 15.78
N CYS B 224 -16.55 -0.59 16.93
CA CYS B 224 -16.09 -1.74 17.71
C CYS B 224 -17.25 -2.46 18.38
N ALA B 225 -18.25 -1.71 18.84
CA ALA B 225 -19.41 -2.34 19.48
C ALA B 225 -20.21 -3.17 18.48
N THR B 226 -20.19 -2.78 17.20
CA THR B 226 -20.91 -3.56 16.19
C THR B 226 -20.30 -4.95 16.02
N GLU B 227 -18.97 -5.04 16.09
CA GLU B 227 -18.32 -6.34 15.96
C GLU B 227 -18.44 -7.16 17.25
N ALA B 228 -18.28 -6.50 18.40
CA ALA B 228 -18.33 -7.21 19.67
C ALA B 228 -19.75 -7.64 20.01
N ARG B 229 -20.76 -6.94 19.49
CA ARG B 229 -22.14 -7.33 19.75
C ARG B 229 -22.46 -8.69 19.14
N LYS B 230 -21.80 -9.03 18.02
CA LYS B 230 -21.98 -10.35 17.41
C LYS B 230 -21.55 -11.46 18.36
N HIS B 231 -20.50 -11.21 19.16
CA HIS B 231 -19.93 -12.22 20.04
C HIS B 231 -20.44 -12.11 21.47
N GLY B 232 -21.32 -11.15 21.75
CA GLY B 232 -21.77 -10.93 23.12
C GLY B 232 -20.69 -10.42 24.04
N ILE B 233 -19.80 -9.58 23.54
CA ILE B 233 -18.63 -9.10 24.27
C ILE B 233 -18.83 -7.61 24.55
N PRO B 234 -18.60 -7.14 25.78
CA PRO B 234 -18.72 -5.71 26.06
C PRO B 234 -17.46 -4.96 25.66
N VAL B 235 -17.65 -3.67 25.36
CA VAL B 235 -16.54 -2.79 25.03
C VAL B 235 -16.49 -1.66 26.05
N ILE B 236 -15.28 -1.15 26.28
CA ILE B 236 -15.05 -0.03 27.18
C ILE B 236 -14.74 1.21 26.34
N ALA B 237 -15.43 2.30 26.62
CA ALA B 237 -15.15 3.59 25.99
C ALA B 237 -14.12 4.33 26.84
N ASP B 238 -12.90 4.47 26.32
CA ASP B 238 -11.78 4.96 27.10
C ASP B 238 -11.25 6.25 26.48
N GLY B 239 -11.41 7.36 27.19
CA GLY B 239 -10.83 8.62 26.82
C GLY B 239 -11.81 9.52 26.06
N GLY B 240 -11.54 10.83 26.11
CA GLY B 240 -12.31 11.81 25.38
C GLY B 240 -13.52 12.36 26.10
N ILE B 241 -13.86 11.84 27.27
CA ILE B 241 -15.09 12.22 27.96
C ILE B 241 -14.78 13.41 28.86
N LYS B 242 -15.26 14.58 28.48
CA LYS B 242 -15.02 15.80 29.24
C LYS B 242 -16.14 16.13 30.22
N TYR B 243 -17.38 15.83 29.85
CA TYR B 243 -18.55 16.09 30.70
C TYR B 243 -19.33 14.79 30.87
N SER B 244 -20.29 14.81 31.80
CA SER B 244 -21.09 13.61 32.05
C SER B 244 -21.94 13.24 30.84
N GLY B 245 -22.33 14.22 30.03
CA GLY B 245 -23.13 13.92 28.85
C GLY B 245 -22.39 13.09 27.82
N ASP B 246 -21.06 13.26 27.73
CA ASP B 246 -20.27 12.47 26.79
C ASP B 246 -20.32 11.00 27.16
N MET B 247 -20.42 10.68 28.45
CA MET B 247 -20.55 9.29 28.87
C MET B 247 -21.86 8.68 28.38
N VAL B 248 -22.95 9.45 28.42
CA VAL B 248 -24.23 8.94 27.96
C VAL B 248 -24.19 8.67 26.47
N LYS B 249 -23.46 9.50 25.71
CA LYS B 249 -23.32 9.26 24.27
C LYS B 249 -22.48 8.01 24.01
N ALA B 250 -21.44 7.80 24.81
CA ALA B 250 -20.57 6.64 24.61
C ALA B 250 -21.33 5.34 24.89
N LEU B 251 -22.07 5.29 25.99
CA LEU B 251 -22.86 4.10 26.30
C LEU B 251 -23.97 3.89 25.28
N ALA B 252 -24.54 4.97 24.76
CA ALA B 252 -25.59 4.84 23.75
C ALA B 252 -25.01 4.39 22.40
N ALA B 253 -23.74 4.69 22.15
CA ALA B 253 -23.10 4.26 20.91
C ALA B 253 -22.71 2.79 20.93
N GLY B 254 -22.85 2.11 22.07
CA GLY B 254 -22.59 0.69 22.12
C GLY B 254 -21.71 0.24 23.26
N ALA B 255 -21.19 1.19 24.04
CA ALA B 255 -20.29 0.86 25.13
C ALA B 255 -21.04 0.35 26.34
N HIS B 256 -20.49 -0.69 26.97
CA HIS B 256 -21.04 -1.21 28.22
C HIS B 256 -20.61 -0.37 29.42
N VAL B 257 -19.44 0.26 29.34
CA VAL B 257 -18.86 0.97 30.47
C VAL B 257 -17.82 1.94 29.92
N VAL B 258 -17.64 3.06 30.59
CA VAL B 258 -16.68 4.07 30.18
C VAL B 258 -15.53 4.11 31.17
N MET B 259 -14.36 4.55 30.69
CA MET B 259 -13.17 4.71 31.50
C MET B 259 -12.76 6.18 31.49
N LEU B 260 -12.61 6.76 32.68
CA LEU B 260 -12.33 8.19 32.84
C LEU B 260 -10.99 8.39 33.52
N GLY B 261 -10.27 9.42 33.08
CA GLY B 261 -9.00 9.78 33.70
C GLY B 261 -8.93 11.23 34.10
N SER B 262 -9.37 12.12 33.19
CA SER B 262 -9.34 13.54 33.47
C SER B 262 -10.33 13.93 34.56
N MET B 263 -11.54 13.39 34.51
CA MET B 263 -12.57 13.72 35.50
C MET B 263 -12.34 13.01 36.82
N PHE B 264 -11.27 12.24 36.97
CA PHE B 264 -10.96 11.56 38.22
C PHE B 264 -9.64 11.98 38.83
N ALA B 265 -8.81 12.73 38.11
CA ALA B 265 -7.49 13.09 38.64
C ALA B 265 -7.57 14.19 39.69
N GLY B 266 -8.50 15.13 39.54
CA GLY B 266 -8.76 16.15 40.54
C GLY B 266 -9.45 15.67 41.79
N VAL B 267 -9.61 14.35 41.98
CA VAL B 267 -10.29 13.79 43.14
C VAL B 267 -9.29 13.59 44.27
N ALA B 268 -9.75 13.73 45.52
CA ALA B 268 -8.86 13.57 46.67
C ALA B 268 -8.26 12.16 46.72
N GLU B 269 -9.04 11.16 46.32
CA GLU B 269 -8.57 9.78 46.39
C GLU B 269 -7.52 9.44 45.34
N SER B 270 -7.36 10.26 44.31
CA SER B 270 -6.34 10.01 43.32
C SER B 270 -4.95 10.21 43.92
N PRO B 271 -3.93 9.52 43.40
CA PRO B 271 -2.58 9.67 43.95
C PRO B 271 -2.06 11.10 43.78
N GLY B 272 -1.15 11.48 44.67
CA GLY B 272 -0.59 12.81 44.67
C GLY B 272 -1.30 13.73 45.67
N GLU B 273 -0.64 14.83 45.98
CA GLU B 273 -1.17 15.82 46.91
C GLU B 273 -1.61 17.07 46.16
N THR B 274 -2.24 17.98 46.90
CA THR B 274 -2.79 19.20 46.33
C THR B 274 -1.72 20.29 46.31
N GLU B 275 -1.75 21.11 45.27
CA GLU B 275 -0.83 22.24 45.14
C GLU B 275 -1.59 23.44 44.60
N ILE B 276 -1.24 24.62 45.09
CA ILE B 276 -1.94 25.85 44.72
C ILE B 276 -1.43 26.33 43.37
N TYR B 277 -2.35 26.49 42.42
CA TYR B 277 -2.03 26.99 41.09
C TYR B 277 -3.19 27.87 40.62
N GLN B 278 -2.85 28.98 39.96
CA GLN B 278 -3.85 29.98 39.57
C GLN B 278 -4.72 30.41 40.74
N GLY B 279 -4.11 30.47 41.93
CA GLY B 279 -4.82 30.80 43.14
C GLY B 279 -5.71 29.71 43.70
N ARG B 280 -5.89 28.61 42.99
CA ARG B 280 -6.80 27.54 43.38
C ARG B 280 -6.00 26.27 43.67
N GLN B 281 -6.71 25.26 44.18
CA GLN B 281 -6.10 23.95 44.42
C GLN B 281 -6.09 23.13 43.15
N PHE B 282 -4.97 22.45 42.89
CA PHE B 282 -4.80 21.68 41.67
C PHE B 282 -4.12 20.35 41.98
N LYS B 283 -4.32 19.39 41.09
CA LYS B 283 -3.73 18.07 41.17
C LYS B 283 -3.00 17.76 39.88
N VAL B 284 -1.87 17.05 39.98
CA VAL B 284 -1.09 16.69 38.80
C VAL B 284 -1.81 15.60 38.03
N TYR B 285 -1.94 15.80 36.71
CA TYR B 285 -2.52 14.80 35.82
C TYR B 285 -1.67 14.74 34.56
N ARG B 286 -1.13 13.56 34.27
CA ARG B 286 -0.22 13.39 33.14
C ARG B 286 -0.53 12.08 32.43
N GLY B 287 -0.22 12.04 31.14
CA GLY B 287 -0.38 10.81 30.40
C GLY B 287 0.71 9.81 30.71
N MET B 288 0.35 8.53 30.64
CA MET B 288 1.32 7.47 30.88
C MET B 288 2.37 7.38 29.78
N GLY B 289 2.10 7.96 28.62
CA GLY B 289 3.07 8.04 27.55
C GLY B 289 3.86 9.33 27.51
N SER B 290 3.70 10.19 28.50
CA SER B 290 4.46 11.44 28.55
C SER B 290 5.89 11.16 29.02
N VAL B 291 6.71 12.21 29.00
CA VAL B 291 8.10 12.07 29.40
C VAL B 291 8.22 11.75 30.88
N GLY B 292 7.42 12.44 31.71
CA GLY B 292 7.53 12.24 33.15
C GLY B 292 7.09 10.86 33.60
N ALA B 293 5.99 10.36 33.04
CA ALA B 293 5.46 9.07 33.47
C ALA B 293 6.34 7.92 32.98
N MET B 294 6.87 8.02 31.75
CA MET B 294 7.74 6.97 31.23
C MET B 294 9.05 6.90 32.03
N GLU B 295 9.52 8.04 32.53
CA GLU B 295 10.75 8.05 33.31
C GLU B 295 10.52 7.60 34.74
N LYS B 296 9.47 8.11 35.38
CA LYS B 296 9.16 7.77 36.78
C LYS B 296 8.26 6.54 36.81
N GLY B 297 8.84 5.42 36.38
CA GLY B 297 8.13 4.16 36.33
C GLY B 297 8.08 3.57 34.92
N LEU B 310 13.89 10.25 23.04
CA LEU B 310 12.61 9.82 23.60
C LEU B 310 11.47 10.57 22.95
N VAL B 311 10.58 9.82 22.30
CA VAL B 311 9.45 10.39 21.57
C VAL B 311 8.17 10.01 22.28
N PRO B 312 7.60 10.91 23.08
CA PRO B 312 6.41 10.59 23.86
C PRO B 312 5.14 10.73 23.03
N GLU B 313 4.03 10.35 23.66
CA GLU B 313 2.71 10.43 23.06
C GLU B 313 1.70 11.00 24.04
N GLY B 314 2.19 11.77 25.02
CA GLY B 314 1.30 12.44 25.96
C GLY B 314 1.99 13.65 26.57
N ILE B 315 1.21 14.39 27.37
CA ILE B 315 1.71 15.60 28.02
C ILE B 315 1.54 15.46 29.53
N GLU B 316 2.25 16.31 30.25
CA GLU B 316 2.16 16.40 31.70
C GLU B 316 1.42 17.69 32.06
N GLY B 317 0.34 17.56 32.82
CA GLY B 317 -0.46 18.72 33.16
C GLY B 317 -1.05 18.68 34.56
N ARG B 318 -2.05 19.53 34.80
CA ARG B 318 -2.71 19.56 36.10
C ARG B 318 -4.18 19.88 35.88
N VAL B 319 -5.02 19.41 36.81
CA VAL B 319 -6.46 19.60 36.72
C VAL B 319 -6.97 20.18 38.04
N PRO B 320 -8.08 20.91 38.05
CA PRO B 320 -8.57 21.49 39.30
C PRO B 320 -8.95 20.43 40.32
N TYR B 321 -8.74 20.76 41.58
CA TYR B 321 -9.10 19.87 42.67
C TYR B 321 -10.61 19.87 42.86
N LYS B 322 -11.21 18.67 42.86
CA LYS B 322 -12.66 18.53 42.92
C LYS B 322 -13.15 17.94 44.24
N GLY B 323 -12.25 17.63 45.17
CA GLY B 323 -12.65 17.07 46.44
C GLY B 323 -12.82 15.56 46.40
N PRO B 324 -13.64 15.03 47.30
CA PRO B 324 -13.82 13.58 47.37
C PRO B 324 -14.51 13.02 46.13
N LEU B 325 -14.30 11.71 45.92
CA LEU B 325 -14.83 11.05 44.74
C LEU B 325 -16.36 10.95 44.77
N ALA B 326 -16.95 10.95 45.96
CA ALA B 326 -18.39 10.76 46.07
C ALA B 326 -19.16 11.86 45.33
N ASP B 327 -18.70 13.11 45.44
CA ASP B 327 -19.40 14.21 44.79
C ASP B 327 -19.29 14.12 43.27
N THR B 328 -18.13 13.72 42.75
CA THR B 328 -17.95 13.63 41.31
C THR B 328 -18.78 12.50 40.72
N VAL B 329 -18.77 11.33 41.37
CA VAL B 329 -19.51 10.18 40.87
C VAL B 329 -21.01 10.48 40.85
N HIS B 330 -21.51 11.18 41.88
CA HIS B 330 -22.92 11.50 41.95
C HIS B 330 -23.37 12.37 40.78
N GLN B 331 -22.50 13.29 40.35
CA GLN B 331 -22.84 14.15 39.21
C GLN B 331 -22.80 13.37 37.91
N LEU B 332 -21.82 12.47 37.75
CA LEU B 332 -21.74 11.65 36.54
C LEU B 332 -22.96 10.76 36.41
N VAL B 333 -23.26 9.97 37.44
CA VAL B 333 -24.41 9.07 37.39
C VAL B 333 -25.71 9.87 37.25
N GLY B 334 -25.79 11.01 37.91
CA GLY B 334 -26.99 11.83 37.81
C GLY B 334 -27.26 12.30 36.39
N GLY B 335 -26.20 12.70 35.67
CA GLY B 335 -26.37 13.04 34.28
C GLY B 335 -26.76 11.85 33.41
N LEU B 336 -26.24 10.66 33.75
CA LEU B 336 -26.63 9.47 33.02
C LEU B 336 -28.09 9.11 33.29
N ARG B 337 -28.52 9.20 34.56
CA ARG B 337 -29.91 8.94 34.88
C ARG B 337 -30.84 9.91 34.16
N ALA B 338 -30.43 11.18 34.06
CA ALA B 338 -31.22 12.15 33.30
C ALA B 338 -31.19 11.82 31.82
N GLY B 339 -30.02 11.46 31.29
CA GLY B 339 -29.94 11.11 29.87
C GLY B 339 -30.75 9.88 29.53
N MET B 340 -30.67 8.84 30.37
CA MET B 340 -31.49 7.65 30.14
C MET B 340 -32.97 7.95 30.29
N GLY B 341 -33.31 8.92 31.15
CA GLY B 341 -34.70 9.32 31.26
C GLY B 341 -35.22 10.03 30.03
N TYR B 342 -34.36 10.81 29.37
CA TYR B 342 -34.76 11.49 28.14
C TYR B 342 -35.01 10.49 27.01
N CYS B 343 -34.16 9.47 26.91
CA CYS B 343 -34.28 8.47 25.85
C CYS B 343 -35.27 7.37 26.17
N GLY B 344 -35.88 7.38 27.35
CA GLY B 344 -36.83 6.35 27.71
C GLY B 344 -36.21 4.98 27.94
N ALA B 345 -34.97 4.93 28.41
CA ALA B 345 -34.25 3.68 28.61
C ALA B 345 -34.33 3.28 30.08
N GLN B 346 -34.91 2.11 30.35
CA GLN B 346 -35.01 1.62 31.72
C GLN B 346 -33.68 1.07 32.20
N ASP B 347 -32.95 0.38 31.33
CA ASP B 347 -31.65 -0.20 31.66
C ASP B 347 -30.64 0.25 30.61
N LEU B 348 -29.37 -0.15 30.81
CA LEU B 348 -28.33 0.22 29.87
C LEU B 348 -28.42 -0.55 28.56
N GLU B 349 -29.15 -1.67 28.53
CA GLU B 349 -29.32 -2.40 27.28
C GLU B 349 -30.26 -1.66 26.34
N PHE B 350 -31.37 -1.13 26.86
CA PHE B 350 -32.29 -0.38 26.02
C PHE B 350 -31.61 0.85 25.43
N LEU B 351 -30.85 1.58 26.26
CA LEU B 351 -30.11 2.73 25.76
C LEU B 351 -29.08 2.31 24.71
N ARG B 352 -28.46 1.15 24.91
CA ARG B 352 -27.44 0.70 23.97
C ARG B 352 -28.03 0.29 22.63
N GLU B 353 -29.26 -0.22 22.63
CA GLU B 353 -29.86 -0.78 21.42
C GLU B 353 -30.90 0.13 20.77
N ASN B 354 -31.35 1.18 21.46
CA ASN B 354 -32.44 2.01 20.93
C ASN B 354 -32.13 3.50 20.87
N ALA B 355 -31.13 4.01 21.59
CA ALA B 355 -30.88 5.44 21.58
C ALA B 355 -30.44 5.90 20.20
N GLN B 356 -31.01 7.01 19.76
CA GLN B 356 -30.73 7.57 18.44
C GLN B 356 -30.02 8.91 18.60
N PHE B 357 -29.02 9.15 17.76
CA PHE B 357 -28.27 10.40 17.76
C PHE B 357 -28.76 11.31 16.64
N ILE B 358 -28.31 12.57 16.69
CA ILE B 358 -28.55 13.53 15.62
C ILE B 358 -27.30 14.36 15.45
N ARG B 359 -26.81 14.45 14.22
CA ARG B 359 -25.58 15.18 13.96
C ARG B 359 -25.83 16.68 14.00
N MET B 360 -24.83 17.42 14.48
CA MET B 360 -24.91 18.87 14.57
C MET B 360 -23.57 19.48 14.17
N SER B 361 -23.63 20.75 13.77
CA SER B 361 -22.43 21.47 13.36
C SER B 361 -21.76 22.09 14.59
N GLY B 362 -20.72 22.89 14.34
CA GLY B 362 -20.10 23.62 15.43
C GLY B 362 -21.04 24.63 16.06
N ALA B 363 -21.91 25.24 15.24
CA ALA B 363 -22.91 26.15 15.77
C ALA B 363 -23.88 25.43 16.70
N GLY B 364 -24.12 24.14 16.46
CA GLY B 364 -24.91 23.37 17.40
C GLY B 364 -24.19 23.10 18.71
N LEU B 365 -22.86 22.97 18.65
CA LEU B 365 -22.08 22.77 19.87
C LEU B 365 -22.11 24.01 20.75
N LEU B 366 -22.01 25.20 20.15
CA LEU B 366 -22.07 26.43 20.93
C LEU B 366 -23.47 26.67 21.48
N GLU B 367 -24.51 26.20 20.78
CA GLU B 367 -25.86 26.28 21.31
C GLU B 367 -26.06 25.31 22.46
N SER B 368 -25.34 24.19 22.46
CA SER B 368 -25.53 23.17 23.49
C SER B 368 -24.95 23.63 24.83
N HIS B 369 -23.81 24.30 24.80
CA HIS B 369 -23.21 24.87 26.00
C HIS B 369 -23.93 26.15 26.38
N PRO B 370 -23.71 26.67 27.58
CA PRO B 370 -24.19 28.02 27.89
C PRO B 370 -23.54 29.04 26.98
N HIS B 371 -24.28 30.10 26.67
CA HIS B 371 -23.81 31.09 25.72
C HIS B 371 -24.42 32.45 26.04
N HIS B 372 -23.63 33.50 25.81
CA HIS B 372 -24.08 34.88 25.95
C HIS B 372 -24.59 35.19 27.35
N VAL B 373 -24.09 34.46 28.35
CA VAL B 373 -24.40 34.70 29.76
C VAL B 373 -23.12 34.48 30.54
N GLN B 374 -22.65 35.52 31.24
CA GLN B 374 -21.45 35.40 32.05
C GLN B 374 -21.76 34.59 33.30
N ILE B 375 -21.21 33.38 33.38
CA ILE B 375 -21.45 32.52 34.54
C ILE B 375 -20.78 33.13 35.76
N THR B 376 -21.50 33.15 36.88
CA THR B 376 -21.04 33.76 38.12
C THR B 376 -20.52 32.76 39.14
N LYS B 377 -21.16 31.60 39.25
CA LYS B 377 -20.76 30.58 40.21
C LYS B 377 -20.55 29.26 39.49
N GLU B 378 -19.73 28.41 40.09
CA GLU B 378 -19.47 27.09 39.51
C GLU B 378 -20.72 26.22 39.62
N ALA B 379 -20.85 25.32 38.69
CA ALA B 379 -21.83 24.26 38.83
C ALA B 379 -21.13 22.96 39.17
N PRO B 380 -21.74 22.09 39.98
CA PRO B 380 -21.07 20.84 40.36
C PRO B 380 -20.81 19.92 39.18
N ASN B 381 -21.46 20.14 38.03
CA ASN B 381 -21.25 19.32 36.84
C ASN B 381 -20.82 20.13 35.63
N TYR B 382 -20.54 21.42 35.79
CA TYR B 382 -20.08 22.25 34.67
C TYR B 382 -19.09 23.27 35.21
N SER B 383 -17.82 23.12 34.84
CA SER B 383 -16.76 23.97 35.36
C SER B 383 -16.66 25.25 34.53
N LEU B 384 -15.78 26.15 34.97
CA LEU B 384 -15.58 27.45 34.35
C LEU B 384 -16.88 28.22 34.20
N GLN C 21 -48.15 19.87 -2.80
CA GLN C 21 -49.29 20.73 -2.55
C GLN C 21 -48.82 22.09 -2.05
N SER C 22 -49.33 22.50 -0.88
CA SER C 22 -48.80 23.67 -0.21
C SER C 22 -47.56 23.36 0.62
N ASN C 23 -47.22 22.07 0.76
CA ASN C 23 -46.05 21.63 1.50
C ASN C 23 -44.79 21.62 0.65
N ALA C 24 -44.86 22.14 -0.58
CA ALA C 24 -43.68 22.20 -1.43
C ALA C 24 -42.66 23.20 -0.87
N MET C 25 -43.11 24.43 -0.59
CA MET C 25 -42.24 25.40 0.05
C MET C 25 -41.86 24.96 1.46
N TRP C 26 -42.70 24.14 2.10
CA TRP C 26 -42.41 23.70 3.45
C TRP C 26 -41.28 22.68 3.47
N GLU C 27 -41.25 21.77 2.50
CA GLU C 27 -40.22 20.74 2.46
C GLU C 27 -38.91 21.22 1.84
N SER C 28 -38.92 22.35 1.14
CA SER C 28 -37.73 22.90 0.52
C SER C 28 -37.13 24.05 1.34
N LYS C 29 -37.44 24.12 2.64
CA LYS C 29 -36.98 25.24 3.44
C LYS C 29 -35.47 25.19 3.65
N PHE C 30 -34.92 24.03 3.95
CA PHE C 30 -33.51 23.90 4.33
C PHE C 30 -32.71 23.12 3.29
N VAL C 31 -33.05 23.28 2.00
CA VAL C 31 -32.37 22.52 0.95
C VAL C 31 -31.16 23.27 0.42
N LYS C 32 -31.26 24.58 0.23
CA LYS C 32 -30.19 25.33 -0.39
C LYS C 32 -28.94 25.38 0.51
N GLU C 33 -27.79 25.53 -0.13
CA GLU C 33 -26.52 25.70 0.55
C GLU C 33 -25.79 26.90 -0.03
N GLY C 34 -25.07 27.62 0.82
CA GLY C 34 -24.34 28.80 0.39
C GLY C 34 -22.88 28.74 0.77
N LEU C 35 -22.05 29.32 -0.09
CA LEU C 35 -20.61 29.37 0.10
C LEU C 35 -20.15 30.83 0.16
N THR C 36 -19.18 31.10 1.03
CA THR C 36 -18.57 32.41 1.11
C THR C 36 -17.10 32.30 0.68
N PHE C 37 -16.35 33.38 0.87
CA PHE C 37 -14.97 33.42 0.39
C PHE C 37 -14.08 32.45 1.17
N ASP C 38 -14.26 32.37 2.48
CA ASP C 38 -13.44 31.49 3.31
C ASP C 38 -13.87 30.03 3.24
N ASP C 39 -14.76 29.68 2.32
CA ASP C 39 -15.16 28.29 2.12
C ASP C 39 -14.41 27.61 0.98
N VAL C 40 -13.80 28.37 0.07
CA VAL C 40 -13.28 27.83 -1.18
C VAL C 40 -11.88 28.38 -1.43
N LEU C 41 -11.24 27.81 -2.45
CA LEU C 41 -9.98 28.30 -2.98
C LEU C 41 -10.00 28.14 -4.50
N LEU C 42 -9.36 29.06 -5.19
CA LEU C 42 -9.23 28.95 -6.64
C LEU C 42 -8.22 27.87 -6.98
N VAL C 43 -8.59 27.00 -7.91
CA VAL C 43 -7.74 25.89 -8.33
C VAL C 43 -6.81 26.39 -9.44
N PRO C 44 -5.49 26.34 -9.25
CA PRO C 44 -4.59 26.80 -10.31
C PRO C 44 -4.69 25.91 -11.54
N ALA C 45 -4.56 26.54 -12.70
CA ALA C 45 -4.61 25.85 -13.99
C ALA C 45 -3.40 26.25 -14.83
N LYS C 46 -3.26 25.60 -15.98
CA LYS C 46 -2.13 25.90 -16.86
C LYS C 46 -2.22 27.34 -17.36
N SER C 47 -1.08 28.02 -17.35
CA SER C 47 -1.02 29.44 -17.66
C SER C 47 0.15 29.70 -18.61
N ASP C 48 -0.12 30.48 -19.65
CA ASP C 48 0.91 30.95 -20.57
C ASP C 48 1.18 32.43 -20.44
N VAL C 49 0.52 33.12 -19.51
CA VAL C 49 0.64 34.56 -19.36
C VAL C 49 1.20 34.88 -18.00
N LEU C 50 1.99 35.95 -17.92
CA LEU C 50 2.51 36.38 -16.64
C LEU C 50 1.60 37.45 -16.03
N PRO C 51 1.61 37.60 -14.70
CA PRO C 51 0.72 38.57 -14.07
C PRO C 51 0.86 39.98 -14.59
N ARG C 52 2.03 40.37 -15.08
CA ARG C 52 2.21 41.72 -15.61
C ARG C 52 1.50 41.91 -16.95
N GLU C 53 1.16 40.83 -17.64
CA GLU C 53 0.56 40.92 -18.96
C GLU C 53 -0.97 40.87 -18.95
N VAL C 54 -1.58 40.43 -17.86
CA VAL C 54 -3.03 40.22 -17.86
C VAL C 54 -3.75 41.55 -17.97
N SER C 55 -4.94 41.51 -18.55
CA SER C 55 -5.79 42.68 -18.72
C SER C 55 -6.84 42.70 -17.62
N VAL C 56 -6.86 43.78 -16.83
CA VAL C 56 -7.84 43.94 -15.76
C VAL C 56 -8.96 44.90 -16.17
N LYS C 57 -9.03 45.28 -17.44
CA LYS C 57 -10.10 46.14 -17.91
C LYS C 57 -11.44 45.42 -17.82
N THR C 58 -12.50 46.20 -17.64
CA THR C 58 -13.85 45.67 -17.54
C THR C 58 -14.83 46.66 -18.14
N VAL C 59 -15.94 46.15 -18.67
CA VAL C 59 -16.92 46.94 -19.39
C VAL C 59 -18.28 46.69 -18.74
N LEU C 60 -18.71 47.62 -17.87
CA LEU C 60 -20.08 47.56 -17.37
C LEU C 60 -21.08 47.99 -18.43
N SER C 61 -20.73 49.03 -19.18
CA SER C 61 -21.47 49.44 -20.37
C SER C 61 -20.51 50.20 -21.26
N GLU C 62 -20.91 50.42 -22.52
CA GLU C 62 -20.02 51.11 -23.45
C GLU C 62 -19.79 52.57 -23.07
N SER C 63 -20.64 53.14 -22.21
CA SER C 63 -20.43 54.48 -21.69
C SER C 63 -19.80 54.47 -20.30
N LEU C 64 -19.40 53.30 -19.80
CA LEU C 64 -18.82 53.18 -18.46
C LEU C 64 -17.87 51.99 -18.48
N GLN C 65 -16.60 52.26 -18.77
CA GLN C 65 -15.56 51.23 -18.83
C GLN C 65 -14.50 51.56 -17.79
N LEU C 66 -14.21 50.60 -16.91
CA LEU C 66 -13.22 50.77 -15.87
C LEU C 66 -11.95 50.01 -16.22
N ASN C 67 -10.80 50.64 -15.99
CA ASN C 67 -9.52 49.98 -16.25
C ASN C 67 -9.17 48.99 -15.14
N ILE C 68 -9.67 49.20 -13.94
CA ILE C 68 -9.52 48.24 -12.84
C ILE C 68 -10.90 47.93 -12.29
N PRO C 69 -11.18 46.69 -11.88
CA PRO C 69 -12.53 46.33 -11.41
C PRO C 69 -12.74 46.67 -9.94
N LEU C 70 -12.57 47.95 -9.60
CA LEU C 70 -12.66 48.41 -8.23
C LEU C 70 -13.61 49.60 -8.15
N ILE C 71 -14.55 49.54 -7.21
CA ILE C 71 -15.50 50.63 -6.96
C ILE C 71 -15.54 50.88 -5.46
N SER C 72 -15.38 52.15 -5.07
CA SER C 72 -15.44 52.50 -3.66
C SER C 72 -16.89 52.67 -3.23
N ALA C 73 -17.21 52.17 -2.04
CA ALA C 73 -18.59 52.13 -1.58
C ALA C 73 -19.16 53.53 -1.37
N GLY C 74 -20.46 53.67 -1.64
CA GLY C 74 -21.13 54.94 -1.46
C GLY C 74 -21.54 55.18 -0.01
N MET C 75 -20.54 55.34 0.86
CA MET C 75 -20.76 55.53 2.28
C MET C 75 -20.09 56.82 2.72
N ASP C 76 -20.67 57.45 3.75
CA ASP C 76 -20.16 58.75 4.20
C ASP C 76 -18.78 58.65 4.83
N THR C 77 -18.28 57.45 5.13
CA THR C 77 -16.94 57.26 5.66
C THR C 77 -15.99 56.63 4.65
N VAL C 78 -16.38 56.57 3.37
CA VAL C 78 -15.56 55.90 2.36
C VAL C 78 -15.32 56.81 1.16
N THR C 79 -16.39 57.25 0.52
CA THR C 79 -16.28 57.93 -0.78
C THR C 79 -16.92 59.31 -0.73
N GLU C 80 -16.12 60.33 -1.02
CA GLU C 80 -16.62 61.65 -1.35
C GLU C 80 -15.89 62.15 -2.60
N ALA C 81 -15.73 63.46 -2.73
CA ALA C 81 -15.10 64.01 -3.93
C ALA C 81 -13.64 63.59 -4.03
N ASP C 82 -12.88 63.75 -2.95
CA ASP C 82 -11.45 63.42 -2.98
C ASP C 82 -11.21 61.94 -3.23
N MET C 83 -12.08 61.07 -2.71
CA MET C 83 -11.93 59.64 -2.95
C MET C 83 -12.34 59.25 -4.37
N ALA C 84 -13.45 59.83 -4.85
CA ALA C 84 -13.92 59.49 -6.20
C ALA C 84 -12.92 59.95 -7.26
N ILE C 85 -12.27 61.09 -7.03
CA ILE C 85 -11.25 61.56 -7.95
C ILE C 85 -10.06 60.61 -7.96
N ALA C 86 -9.62 60.18 -6.77
CA ALA C 86 -8.46 59.31 -6.68
C ALA C 86 -8.75 57.92 -7.24
N MET C 87 -9.98 57.43 -7.04
CA MET C 87 -10.36 56.12 -7.58
C MET C 87 -10.32 56.13 -9.11
N ALA C 88 -10.89 57.17 -9.72
CA ALA C 88 -10.97 57.22 -11.18
C ALA C 88 -9.60 57.36 -11.81
N ARG C 89 -8.69 58.10 -11.18
CA ARG C 89 -7.34 58.25 -11.73
C ARG C 89 -6.56 56.95 -11.70
N GLN C 90 -6.92 56.01 -10.83
CA GLN C 90 -6.36 54.67 -10.85
C GLN C 90 -7.07 53.75 -11.83
N GLY C 91 -8.15 54.21 -12.46
CA GLY C 91 -8.93 53.40 -13.37
C GLY C 91 -10.21 52.84 -12.80
N GLY C 92 -10.55 53.18 -11.57
CA GLY C 92 -11.72 52.66 -10.90
C GLY C 92 -12.90 53.61 -10.96
N LEU C 93 -13.76 53.54 -9.95
CA LEU C 93 -14.98 54.34 -9.89
C LEU C 93 -15.32 54.61 -8.44
N GLY C 94 -15.80 55.83 -8.17
CA GLY C 94 -16.24 56.21 -6.84
C GLY C 94 -17.72 56.54 -6.85
N ILE C 95 -18.41 56.11 -5.80
CA ILE C 95 -19.85 56.34 -5.65
C ILE C 95 -20.03 57.36 -4.54
N ILE C 96 -20.44 58.58 -4.92
CA ILE C 96 -20.70 59.61 -3.92
C ILE C 96 -21.89 59.19 -3.08
N HIS C 97 -21.72 59.21 -1.76
CA HIS C 97 -22.78 58.79 -0.86
C HIS C 97 -23.91 59.81 -0.87
N LYS C 98 -25.05 59.41 -0.29
CA LYS C 98 -26.28 60.18 -0.36
C LYS C 98 -26.66 60.84 0.95
N ASN C 99 -25.82 60.75 1.98
CA ASN C 99 -26.10 61.41 3.24
C ASN C 99 -25.72 62.88 3.16
N MET C 100 -26.23 63.58 2.15
CA MET C 100 -26.03 65.00 1.97
C MET C 100 -27.20 65.55 1.16
N SER C 101 -27.30 66.88 1.11
CA SER C 101 -28.40 67.48 0.38
C SER C 101 -28.21 67.30 -1.13
N ILE C 102 -29.21 67.74 -1.89
CA ILE C 102 -29.16 67.61 -3.34
C ILE C 102 -28.06 68.49 -3.92
N GLU C 103 -27.99 69.76 -3.46
CA GLU C 103 -26.99 70.67 -4.00
C GLU C 103 -25.58 70.25 -3.62
N GLN C 104 -25.42 69.57 -2.48
CA GLN C 104 -24.09 69.12 -2.08
C GLN C 104 -23.61 67.97 -2.96
N GLN C 105 -24.47 66.96 -3.17
CA GLN C 105 -24.07 65.81 -3.97
C GLN C 105 -23.91 66.19 -5.44
N ALA C 106 -24.79 67.04 -5.96
CA ALA C 106 -24.63 67.50 -7.33
C ALA C 106 -23.33 68.28 -7.51
N GLU C 107 -22.90 69.00 -6.47
CA GLU C 107 -21.63 69.70 -6.54
C GLU C 107 -20.45 68.75 -6.33
N GLN C 108 -20.63 67.71 -5.51
CA GLN C 108 -19.57 66.71 -5.35
C GLN C 108 -19.33 65.97 -6.65
N VAL C 109 -20.40 65.56 -7.34
CA VAL C 109 -20.26 64.94 -8.65
C VAL C 109 -19.66 65.92 -9.64
N ASP C 110 -20.07 67.18 -9.58
CA ASP C 110 -19.50 68.20 -10.45
C ASP C 110 -18.02 68.43 -10.14
N LYS C 111 -17.62 68.27 -8.88
CA LYS C 111 -16.21 68.46 -8.54
C LYS C 111 -15.33 67.38 -9.16
N VAL C 112 -15.84 66.15 -9.25
CA VAL C 112 -15.07 65.07 -9.86
C VAL C 112 -15.02 65.24 -11.37
N LYS C 113 -16.15 65.58 -11.99
CA LYS C 113 -16.16 65.78 -13.43
C LYS C 113 -15.30 66.96 -13.85
N ARG C 114 -15.20 67.99 -13.00
CA ARG C 114 -14.32 69.11 -13.28
C ARG C 114 -12.85 68.73 -13.15
N SER C 115 -12.53 67.71 -12.37
CA SER C 115 -11.14 67.35 -12.10
C SER C 115 -10.60 66.39 -13.16
N GLY C 116 -10.64 66.85 -14.41
CA GLY C 116 -10.09 66.10 -15.52
C GLY C 116 -11.05 65.20 -16.25
N GLY C 117 -12.36 65.41 -16.08
CA GLY C 117 -13.36 64.60 -16.75
C GLY C 117 -13.29 63.14 -16.35
N LEU C 118 -13.35 62.87 -15.05
CA LEU C 118 -13.24 61.52 -14.53
C LEU C 118 -14.62 60.90 -14.34
N LEU C 119 -14.66 59.56 -14.43
CA LEU C 119 -15.90 58.84 -14.17
C LEU C 119 -16.27 58.95 -12.70
N VAL C 120 -17.57 59.12 -12.44
CA VAL C 120 -18.06 59.28 -11.07
C VAL C 120 -19.49 58.76 -11.00
N GLY C 121 -19.82 58.11 -9.89
CA GLY C 121 -21.17 57.65 -9.64
C GLY C 121 -21.75 58.34 -8.42
N ALA C 122 -23.04 58.08 -8.17
CA ALA C 122 -23.73 58.69 -7.04
C ALA C 122 -24.83 57.75 -6.55
N ALA C 123 -25.05 57.77 -5.24
CA ALA C 123 -26.07 56.93 -4.62
C ALA C 123 -27.38 57.71 -4.51
N VAL C 124 -28.47 57.04 -4.88
CA VAL C 124 -29.81 57.62 -4.82
C VAL C 124 -30.74 56.61 -4.16
N GLY C 125 -31.46 57.05 -3.14
CA GLY C 125 -32.42 56.20 -2.48
C GLY C 125 -33.76 56.17 -3.19
N VAL C 126 -34.59 55.19 -2.80
CA VAL C 126 -35.94 55.05 -3.35
C VAL C 126 -36.85 55.86 -2.44
N THR C 127 -36.96 57.16 -2.72
CA THR C 127 -37.77 58.07 -1.94
C THR C 127 -38.51 59.00 -2.89
N ALA C 128 -39.21 59.99 -2.32
CA ALA C 128 -39.96 60.94 -3.14
C ALA C 128 -39.03 61.94 -3.82
N ASP C 129 -37.93 62.30 -3.17
CA ASP C 129 -36.95 63.21 -3.76
C ASP C 129 -35.98 62.51 -4.69
N ALA C 130 -36.24 61.26 -5.06
CA ALA C 130 -35.31 60.51 -5.90
C ALA C 130 -35.14 61.16 -7.27
N MET C 131 -36.27 61.43 -7.95
CA MET C 131 -36.18 62.07 -9.26
C MET C 131 -35.60 63.47 -9.16
N THR C 132 -35.94 64.21 -8.10
CA THR C 132 -35.35 65.53 -7.91
C THR C 132 -33.85 65.44 -7.70
N ARG C 133 -33.39 64.40 -6.99
CA ARG C 133 -31.95 64.21 -6.79
C ARG C 133 -31.27 63.75 -8.08
N ILE C 134 -31.90 62.84 -8.82
CA ILE C 134 -31.30 62.31 -10.03
C ILE C 134 -31.20 63.41 -11.09
N ASP C 135 -32.22 64.25 -11.21
CA ASP C 135 -32.17 65.33 -12.19
C ASP C 135 -31.00 66.27 -11.93
N ALA C 136 -30.70 66.54 -10.66
CA ALA C 136 -29.55 67.38 -10.33
C ALA C 136 -28.25 66.67 -10.62
N LEU C 137 -28.22 65.34 -10.53
CA LEU C 137 -26.99 64.60 -10.80
C LEU C 137 -26.77 64.42 -12.29
N VAL C 138 -27.83 64.16 -13.05
CA VAL C 138 -27.70 64.04 -14.50
C VAL C 138 -27.24 65.36 -15.11
N LYS C 139 -27.76 66.47 -14.60
CA LYS C 139 -27.29 67.78 -15.05
C LYS C 139 -25.84 68.01 -14.64
N ALA C 140 -25.39 67.36 -13.57
CA ALA C 140 -23.99 67.40 -13.16
C ALA C 140 -23.13 66.43 -13.95
N SER C 141 -23.65 65.87 -15.05
CA SER C 141 -22.91 64.97 -15.94
C SER C 141 -22.47 63.70 -15.21
N VAL C 142 -23.36 63.17 -14.36
CA VAL C 142 -23.06 61.91 -13.68
C VAL C 142 -23.09 60.78 -14.71
N ASP C 143 -22.22 59.79 -14.51
CA ASP C 143 -22.09 58.69 -15.44
C ASP C 143 -22.87 57.45 -15.03
N ALA C 144 -23.22 57.32 -13.75
CA ALA C 144 -23.99 56.18 -13.28
C ALA C 144 -24.62 56.53 -11.94
N ILE C 145 -25.91 56.29 -11.81
CA ILE C 145 -26.60 56.47 -10.55
C ILE C 145 -26.81 55.10 -9.91
N VAL C 146 -26.78 55.06 -8.58
CA VAL C 146 -26.87 53.82 -7.84
C VAL C 146 -28.11 53.89 -6.96
N LEU C 147 -29.10 53.07 -7.27
CA LEU C 147 -30.28 52.91 -6.40
C LEU C 147 -29.87 51.99 -5.25
N ASP C 148 -29.19 52.58 -4.27
CA ASP C 148 -28.73 51.83 -3.10
C ASP C 148 -29.90 51.61 -2.14
N THR C 149 -30.16 50.35 -1.80
CA THR C 149 -31.33 50.00 -1.02
C THR C 149 -31.05 48.71 -0.26
N ALA C 150 -31.55 48.64 0.98
CA ALA C 150 -31.34 47.46 1.81
C ALA C 150 -31.89 46.20 1.14
N HIS C 151 -33.04 46.32 0.48
CA HIS C 151 -33.69 45.20 -0.19
C HIS C 151 -34.04 45.64 -1.61
N GLY C 152 -33.21 45.24 -2.58
CA GLY C 152 -33.44 45.63 -3.96
C GLY C 152 -34.58 44.91 -4.64
N HIS C 153 -35.11 43.85 -4.03
CA HIS C 153 -36.21 43.08 -4.60
C HIS C 153 -37.57 43.58 -4.14
N SER C 154 -37.74 44.89 -4.02
CA SER C 154 -39.00 45.50 -3.64
C SER C 154 -39.68 46.12 -4.84
N GLN C 155 -41.00 46.25 -4.77
CA GLN C 155 -41.75 46.86 -5.86
C GLN C 155 -41.42 48.34 -5.99
N GLY C 156 -41.18 49.02 -4.87
CA GLY C 156 -40.78 50.41 -4.93
C GLY C 156 -39.46 50.62 -5.66
N VAL C 157 -38.52 49.69 -5.47
CA VAL C 157 -37.28 49.74 -6.22
C VAL C 157 -37.54 49.41 -7.69
N ILE C 158 -38.33 48.38 -7.95
CA ILE C 158 -38.66 48.01 -9.32
C ILE C 158 -39.37 49.15 -10.03
N ASP C 159 -40.32 49.79 -9.35
CA ASP C 159 -41.05 50.92 -9.95
C ASP C 159 -40.12 52.10 -10.20
N LYS C 160 -39.16 52.32 -9.31
CA LYS C 160 -38.28 53.48 -9.45
C LYS C 160 -37.20 53.24 -10.52
N VAL C 161 -36.83 51.99 -10.77
CA VAL C 161 -35.90 51.71 -11.86
C VAL C 161 -36.56 51.97 -13.20
N LYS C 162 -37.82 51.55 -13.35
CA LYS C 162 -38.55 51.84 -14.58
C LYS C 162 -38.78 53.34 -14.76
N GLU C 163 -38.97 54.07 -13.66
CA GLU C 163 -39.25 55.51 -13.76
C GLU C 163 -38.03 56.27 -14.25
N VAL C 164 -36.83 55.87 -13.80
CA VAL C 164 -35.61 56.51 -14.28
C VAL C 164 -35.33 56.11 -15.72
N ARG C 165 -35.59 54.84 -16.06
CA ARG C 165 -35.35 54.37 -17.42
C ARG C 165 -36.24 55.10 -18.41
N ALA C 166 -37.47 55.44 -18.01
CA ALA C 166 -38.39 56.12 -18.92
C ALA C 166 -37.94 57.54 -19.22
N LYS C 167 -37.35 58.23 -18.24
CA LYS C 167 -36.93 59.61 -18.43
C LYS C 167 -35.53 59.72 -19.04
N TYR C 168 -34.58 58.91 -18.58
CA TYR C 168 -33.20 58.90 -19.07
C TYR C 168 -32.90 57.53 -19.65
N PRO C 169 -33.16 57.31 -20.94
CA PRO C 169 -32.96 55.97 -21.50
C PRO C 169 -31.51 55.54 -21.58
N SER C 170 -30.57 56.49 -21.69
CA SER C 170 -29.16 56.16 -21.85
C SER C 170 -28.36 56.26 -20.56
N LEU C 171 -29.00 56.62 -19.45
CA LEU C 171 -28.29 56.76 -18.18
C LEU C 171 -27.99 55.39 -17.59
N ASN C 172 -26.76 55.21 -17.12
CA ASN C 172 -26.39 53.97 -16.44
C ASN C 172 -27.10 53.88 -15.10
N ILE C 173 -27.77 52.76 -14.86
CA ILE C 173 -28.54 52.54 -13.64
C ILE C 173 -27.98 51.32 -12.94
N ILE C 174 -27.48 51.50 -11.72
CA ILE C 174 -26.98 50.43 -10.88
C ILE C 174 -27.99 50.21 -9.76
N ALA C 175 -28.58 49.02 -9.72
CA ALA C 175 -29.62 48.69 -8.76
C ALA C 175 -29.12 47.65 -7.77
N GLY C 176 -29.54 47.79 -6.52
CA GLY C 176 -29.14 46.86 -5.48
C GLY C 176 -29.81 47.22 -4.17
N ASN C 177 -29.62 46.34 -3.19
CA ASN C 177 -28.85 45.11 -3.39
C ASN C 177 -29.75 43.89 -3.40
N VAL C 178 -29.35 42.86 -4.13
CA VAL C 178 -30.08 41.60 -4.23
C VAL C 178 -29.12 40.45 -4.03
N ALA C 179 -29.68 39.26 -3.82
CA ALA C 179 -28.85 38.08 -3.61
C ALA C 179 -29.44 36.82 -4.22
N THR C 180 -30.45 36.92 -5.08
CA THR C 180 -31.04 35.78 -5.74
C THR C 180 -31.10 36.02 -7.24
N ALA C 181 -31.31 34.95 -8.00
CA ALA C 181 -31.35 35.05 -9.46
C ALA C 181 -32.65 35.70 -9.92
N GLU C 182 -33.78 35.35 -9.28
CA GLU C 182 -35.06 35.94 -9.68
C GLU C 182 -35.10 37.44 -9.37
N ALA C 183 -34.42 37.87 -8.30
CA ALA C 183 -34.34 39.30 -8.03
C ALA C 183 -33.49 40.01 -9.08
N THR C 184 -32.39 39.39 -9.50
CA THR C 184 -31.56 39.97 -10.55
C THR C 184 -32.33 40.10 -11.85
N LYS C 185 -33.11 39.07 -12.21
CA LYS C 185 -33.91 39.13 -13.42
C LYS C 185 -34.97 40.23 -13.33
N ALA C 186 -35.49 40.49 -12.13
CA ALA C 186 -36.50 41.54 -11.98
C ALA C 186 -35.89 42.92 -12.17
N LEU C 187 -34.65 43.12 -11.70
CA LEU C 187 -34.00 44.43 -11.87
C LEU C 187 -33.59 44.66 -13.32
N ILE C 188 -33.16 43.60 -14.02
CA ILE C 188 -32.75 43.73 -15.41
C ILE C 188 -33.95 44.10 -16.28
N GLU C 189 -35.08 43.42 -16.07
CA GLU C 189 -36.29 43.72 -16.83
C GLU C 189 -36.86 45.09 -16.51
N ALA C 190 -36.49 45.67 -15.36
CA ALA C 190 -36.95 46.99 -15.00
C ALA C 190 -36.16 48.10 -15.70
N GLY C 191 -34.96 47.79 -16.20
CA GLY C 191 -34.15 48.75 -16.92
C GLY C 191 -32.76 48.97 -16.36
N ALA C 192 -32.34 48.27 -15.32
CA ALA C 192 -31.01 48.45 -14.76
C ALA C 192 -29.96 47.80 -15.65
N ASN C 193 -28.86 48.53 -15.87
CA ASN C 193 -27.75 48.03 -16.67
C ASN C 193 -26.76 47.22 -15.85
N VAL C 194 -26.63 47.51 -14.56
CA VAL C 194 -25.72 46.79 -13.67
C VAL C 194 -26.46 46.47 -12.38
N VAL C 195 -26.22 45.29 -11.84
CA VAL C 195 -26.87 44.81 -10.62
C VAL C 195 -25.81 44.63 -9.55
N LYS C 196 -26.03 45.25 -8.39
CA LYS C 196 -25.17 45.08 -7.23
C LYS C 196 -25.68 43.94 -6.37
N VAL C 197 -24.77 43.08 -5.94
CA VAL C 197 -25.11 41.86 -5.19
C VAL C 197 -24.45 41.93 -3.83
N GLY C 198 -25.23 41.68 -2.77
CA GLY C 198 -24.71 41.69 -1.42
C GLY C 198 -25.77 42.01 -0.38
N ILE C 199 -26.30 40.98 0.26
CA ILE C 199 -27.27 41.14 1.35
C ILE C 199 -26.63 40.54 2.60
N GLY C 200 -25.96 41.37 3.38
CA GLY C 200 -25.36 40.91 4.61
C GLY C 200 -23.84 40.80 4.74
N PRO C 201 -23.07 40.71 3.64
CA PRO C 201 -21.65 40.37 3.80
C PRO C 201 -20.78 41.52 4.28
N GLY C 202 -21.29 42.75 4.33
CA GLY C 202 -20.46 43.89 4.68
C GLY C 202 -19.82 43.72 6.05
N SER C 203 -18.58 44.24 6.16
CA SER C 203 -17.84 44.14 7.41
C SER C 203 -18.49 44.93 8.54
N ILE C 204 -19.27 45.95 8.21
CA ILE C 204 -19.98 46.75 9.21
C ILE C 204 -21.46 46.39 9.28
N CYS C 205 -21.86 45.32 8.60
CA CYS C 205 -23.27 44.98 8.45
C CYS C 205 -23.73 44.02 9.55
N THR C 206 -24.98 44.22 9.98
CA THR C 206 -25.62 43.32 10.95
C THR C 206 -26.99 42.85 10.45
N THR C 207 -27.27 42.99 9.15
CA THR C 207 -28.57 42.60 8.61
C THR C 207 -28.85 41.13 8.87
N ARG C 208 -27.87 40.26 8.58
CA ARG C 208 -28.04 38.83 8.80
C ARG C 208 -28.21 38.48 10.27
N VAL C 209 -27.87 39.39 11.18
CA VAL C 209 -27.98 39.14 12.61
C VAL C 209 -29.24 39.75 13.20
N VAL C 210 -29.61 40.95 12.75
CA VAL C 210 -30.80 41.60 13.31
C VAL C 210 -32.06 41.11 12.59
N ALA C 211 -31.96 40.73 11.32
CA ALA C 211 -33.11 40.26 10.56
C ALA C 211 -33.01 38.81 10.12
N GLY C 212 -31.85 38.17 10.28
CA GLY C 212 -31.70 36.78 9.91
C GLY C 212 -31.73 36.49 8.44
N VAL C 213 -31.64 37.52 7.58
CA VAL C 213 -31.78 37.37 6.14
C VAL C 213 -30.43 37.60 5.48
N GLY C 214 -30.19 36.86 4.40
CA GLY C 214 -28.97 37.03 3.64
C GLY C 214 -28.64 35.76 2.88
N VAL C 215 -27.64 35.90 2.02
CA VAL C 215 -27.07 34.77 1.26
C VAL C 215 -25.56 34.89 1.33
N PRO C 216 -24.82 33.81 1.57
CA PRO C 216 -23.36 33.90 1.50
C PRO C 216 -22.91 34.51 0.19
N GLN C 217 -21.99 35.48 0.28
CA GLN C 217 -21.76 36.40 -0.82
C GLN C 217 -21.27 35.68 -2.07
N LEU C 218 -20.38 34.71 -1.92
CA LEU C 218 -19.86 34.02 -3.09
C LEU C 218 -20.95 33.22 -3.80
N THR C 219 -21.88 32.64 -3.03
CA THR C 219 -23.01 31.96 -3.66
C THR C 219 -24.00 32.97 -4.23
N ALA C 220 -24.19 34.10 -3.55
CA ALA C 220 -25.07 35.14 -4.07
C ALA C 220 -24.53 35.71 -5.38
N VAL C 221 -23.22 35.94 -5.46
CA VAL C 221 -22.62 36.43 -6.69
C VAL C 221 -22.82 35.43 -7.81
N TYR C 222 -22.60 34.14 -7.52
CA TYR C 222 -22.68 33.11 -8.55
C TYR C 222 -24.10 32.95 -9.07
N ASP C 223 -25.08 32.91 -8.17
CA ASP C 223 -26.48 32.78 -8.59
C ASP C 223 -26.94 33.99 -9.38
N CYS C 224 -26.54 35.18 -8.95
CA CYS C 224 -26.98 36.39 -9.64
C CYS C 224 -26.26 36.55 -10.98
N ALA C 225 -24.96 36.23 -11.03
CA ALA C 225 -24.25 36.24 -12.30
C ALA C 225 -24.82 35.21 -13.26
N THR C 226 -25.28 34.07 -12.73
CA THR C 226 -25.87 33.05 -13.59
C THR C 226 -27.09 33.59 -14.33
N GLU C 227 -27.93 34.38 -13.64
CA GLU C 227 -29.09 34.97 -14.27
C GLU C 227 -28.71 36.18 -15.12
N ALA C 228 -27.77 36.98 -14.64
CA ALA C 228 -27.40 38.21 -15.35
C ALA C 228 -26.64 37.91 -16.64
N ARG C 229 -25.90 36.79 -16.69
CA ARG C 229 -25.18 36.44 -17.91
C ARG C 229 -26.14 36.15 -19.05
N LYS C 230 -27.35 35.67 -18.75
CA LYS C 230 -28.31 35.36 -19.80
C LYS C 230 -28.76 36.62 -20.52
N HIS C 231 -28.76 37.76 -19.84
CA HIS C 231 -29.17 39.03 -20.43
C HIS C 231 -27.99 39.89 -20.84
N GLY C 232 -26.77 39.42 -20.66
CA GLY C 232 -25.60 40.23 -20.94
C GLY C 232 -25.45 41.41 -20.00
N ILE C 233 -25.79 41.22 -18.74
CA ILE C 233 -25.78 42.27 -17.73
C ILE C 233 -24.64 41.99 -16.76
N PRO C 234 -23.75 42.94 -16.49
CA PRO C 234 -22.70 42.71 -15.49
C PRO C 234 -23.25 42.77 -14.08
N VAL C 235 -22.48 42.20 -13.16
CA VAL C 235 -22.85 42.10 -11.75
C VAL C 235 -21.70 42.63 -10.91
N ILE C 236 -22.04 43.41 -9.88
CA ILE C 236 -21.06 43.94 -8.93
C ILE C 236 -21.10 43.10 -7.67
N ALA C 237 -19.93 42.59 -7.26
CA ALA C 237 -19.79 41.88 -6.00
C ALA C 237 -19.56 42.90 -4.89
N ASP C 238 -20.57 43.13 -4.06
CA ASP C 238 -20.55 44.20 -3.07
C ASP C 238 -20.52 43.59 -1.67
N GLY C 239 -19.43 43.82 -0.96
CA GLY C 239 -19.34 43.47 0.44
C GLY C 239 -18.65 42.14 0.66
N GLY C 240 -18.05 42.00 1.86
CA GLY C 240 -17.45 40.75 2.28
C GLY C 240 -15.98 40.60 1.94
N ILE C 241 -15.46 41.41 1.02
CA ILE C 241 -14.06 41.28 0.61
C ILE C 241 -13.18 41.78 1.76
N LYS C 242 -12.42 40.86 2.35
CA LYS C 242 -11.53 41.18 3.46
C LYS C 242 -10.07 41.29 3.04
N TYR C 243 -9.64 40.48 2.07
CA TYR C 243 -8.27 40.49 1.57
C TYR C 243 -8.29 40.58 0.06
N SER C 244 -7.10 40.69 -0.52
CA SER C 244 -6.97 40.80 -1.97
C SER C 244 -7.55 39.57 -2.67
N GLY C 245 -7.35 38.39 -2.08
CA GLY C 245 -7.81 37.18 -2.72
C GLY C 245 -9.32 37.05 -2.78
N ASP C 246 -10.03 37.65 -1.81
CA ASP C 246 -11.49 37.59 -1.82
C ASP C 246 -12.07 38.28 -3.05
N MET C 247 -11.41 39.33 -3.54
CA MET C 247 -11.84 39.96 -4.78
C MET C 247 -11.66 39.02 -5.96
N VAL C 248 -10.51 38.32 -6.02
CA VAL C 248 -10.28 37.39 -7.12
C VAL C 248 -11.31 36.27 -7.10
N LYS C 249 -11.70 35.82 -5.90
CA LYS C 249 -12.74 34.80 -5.80
C LYS C 249 -14.09 35.36 -6.26
N ALA C 250 -14.36 36.63 -5.96
CA ALA C 250 -15.63 37.23 -6.36
C ALA C 250 -15.70 37.41 -7.87
N LEU C 251 -14.60 37.82 -8.49
CA LEU C 251 -14.59 37.98 -9.94
C LEU C 251 -14.65 36.63 -10.64
N ALA C 252 -14.00 35.61 -10.08
CA ALA C 252 -14.07 34.27 -10.64
C ALA C 252 -15.44 33.63 -10.46
N ALA C 253 -16.25 34.16 -9.55
CA ALA C 253 -17.60 33.66 -9.33
C ALA C 253 -18.63 34.23 -10.31
N GLY C 254 -18.21 35.12 -11.21
CA GLY C 254 -19.10 35.65 -12.23
C GLY C 254 -19.29 37.16 -12.18
N ALA C 255 -18.67 37.87 -11.24
CA ALA C 255 -18.84 39.32 -11.14
C ALA C 255 -17.85 40.04 -12.06
N HIS C 256 -18.33 41.12 -12.68
CA HIS C 256 -17.45 41.96 -13.49
C HIS C 256 -16.57 42.83 -12.61
N VAL C 257 -17.13 43.40 -11.54
CA VAL C 257 -16.45 44.36 -10.69
C VAL C 257 -16.81 44.07 -9.24
N VAL C 258 -15.91 44.42 -8.33
CA VAL C 258 -16.17 44.33 -6.90
C VAL C 258 -16.28 45.74 -6.33
N MET C 259 -17.03 45.87 -5.23
CA MET C 259 -17.17 47.12 -4.50
C MET C 259 -16.63 46.93 -3.09
N LEU C 260 -15.75 47.83 -2.66
CA LEU C 260 -15.06 47.70 -1.38
C LEU C 260 -15.40 48.88 -0.48
N GLY C 261 -15.48 48.61 0.82
CA GLY C 261 -15.72 49.64 1.79
C GLY C 261 -14.70 49.62 2.91
N SER C 262 -14.48 48.43 3.49
CA SER C 262 -13.56 48.32 4.62
C SER C 262 -12.12 48.52 4.18
N MET C 263 -11.75 47.97 3.02
CA MET C 263 -10.38 48.09 2.53
C MET C 263 -10.08 49.46 1.93
N PHE C 264 -11.08 50.35 1.87
CA PHE C 264 -10.89 51.70 1.38
C PHE C 264 -11.12 52.77 2.45
N ALA C 265 -11.71 52.40 3.59
CA ALA C 265 -12.08 53.40 4.59
C ALA C 265 -10.85 54.01 5.25
N GLY C 266 -9.80 53.21 5.47
CA GLY C 266 -8.59 53.69 6.09
C GLY C 266 -7.63 54.39 5.15
N VAL C 267 -8.06 54.69 3.93
CA VAL C 267 -7.21 55.35 2.94
C VAL C 267 -7.23 56.85 3.17
N ALA C 268 -6.10 57.51 2.88
CA ALA C 268 -5.97 58.93 3.16
C ALA C 268 -6.99 59.77 2.39
N GLU C 269 -7.40 59.33 1.21
CA GLU C 269 -8.39 60.05 0.43
C GLU C 269 -9.82 59.87 0.95
N SER C 270 -10.02 58.99 1.93
CA SER C 270 -11.35 58.81 2.50
C SER C 270 -11.76 60.04 3.31
N PRO C 271 -13.06 60.31 3.39
CA PRO C 271 -13.51 61.44 4.22
C PRO C 271 -13.19 61.21 5.69
N GLY C 272 -13.13 62.31 6.43
CA GLY C 272 -12.76 62.28 7.82
C GLY C 272 -11.25 62.33 8.00
N GLU C 273 -10.84 62.72 9.21
CA GLU C 273 -9.43 62.81 9.56
C GLU C 273 -9.01 61.58 10.36
N THR C 274 -7.69 61.43 10.51
CA THR C 274 -7.13 60.29 11.22
C THR C 274 -7.04 60.58 12.71
N GLU C 275 -7.16 59.51 13.50
CA GLU C 275 -7.03 59.60 14.95
C GLU C 275 -5.99 58.58 15.41
N ILE C 276 -5.20 58.99 16.40
CA ILE C 276 -4.10 58.16 16.91
C ILE C 276 -4.53 57.54 18.22
N TYR C 277 -4.33 56.23 18.34
CA TYR C 277 -4.69 55.48 19.54
C TYR C 277 -3.62 54.44 19.80
N GLN C 278 -2.93 54.57 20.93
CA GLN C 278 -1.87 53.64 21.33
C GLN C 278 -0.79 53.55 20.26
N GLY C 279 -0.47 54.68 19.62
CA GLY C 279 0.60 54.76 18.66
C GLY C 279 0.19 54.54 17.22
N ARG C 280 -0.91 53.85 16.96
CA ARG C 280 -1.36 53.56 15.62
C ARG C 280 -2.48 54.50 15.21
N GLN C 281 -2.43 54.94 13.94
CA GLN C 281 -3.45 55.82 13.40
C GLN C 281 -4.63 55.01 12.87
N PHE C 282 -5.84 55.54 13.06
CA PHE C 282 -7.07 54.88 12.67
C PHE C 282 -7.96 55.85 11.91
N LYS C 283 -9.14 55.38 11.52
CA LYS C 283 -10.10 56.19 10.78
C LYS C 283 -11.47 55.57 10.94
N VAL C 284 -12.47 56.42 11.18
CA VAL C 284 -13.81 55.94 11.49
C VAL C 284 -14.42 55.28 10.26
N TYR C 285 -15.00 54.10 10.46
CA TYR C 285 -15.71 53.37 9.41
C TYR C 285 -16.98 52.81 10.00
N ARG C 286 -18.13 53.21 9.45
CA ARG C 286 -19.42 52.83 9.99
C ARG C 286 -20.37 52.51 8.86
N GLY C 287 -21.35 51.65 9.14
CA GLY C 287 -22.35 51.31 8.15
C GLY C 287 -23.39 52.41 7.99
N MET C 288 -23.93 52.50 6.78
CA MET C 288 -24.99 53.47 6.52
C MET C 288 -26.26 53.15 7.31
N GLY C 289 -26.48 51.87 7.61
CA GLY C 289 -27.59 51.47 8.44
C GLY C 289 -27.37 51.61 9.93
N SER C 290 -26.20 52.07 10.34
CA SER C 290 -25.91 52.27 11.76
C SER C 290 -26.63 53.52 12.28
N VAL C 291 -26.57 53.70 13.60
CA VAL C 291 -27.24 54.83 14.22
C VAL C 291 -26.58 56.14 13.83
N GLY C 292 -25.24 56.18 13.88
CA GLY C 292 -24.53 57.42 13.61
C GLY C 292 -24.74 57.93 12.20
N ALA C 293 -24.84 57.03 11.23
CA ALA C 293 -25.04 57.46 9.84
C ALA C 293 -26.45 57.97 9.61
N MET C 294 -27.44 57.34 10.23
CA MET C 294 -28.83 57.77 10.05
C MET C 294 -29.18 58.98 10.90
N GLU C 295 -28.46 59.20 12.00
CA GLU C 295 -28.75 60.34 12.87
C GLU C 295 -28.47 61.66 12.17
N LYS C 296 -27.28 61.79 11.58
CA LYS C 296 -26.89 63.04 10.95
C LYS C 296 -26.57 62.83 9.46
N LYS C 309 -35.69 54.08 19.35
CA LYS C 309 -36.13 54.78 18.15
C LYS C 309 -35.87 53.95 16.90
N LEU C 310 -34.65 54.08 16.37
CA LEU C 310 -34.28 53.44 15.11
C LEU C 310 -33.79 52.02 15.36
N VAL C 311 -34.06 51.14 14.41
CA VAL C 311 -33.60 49.76 14.46
C VAL C 311 -32.48 49.59 13.42
N PRO C 312 -31.22 49.70 13.82
CA PRO C 312 -30.13 49.74 12.84
C PRO C 312 -29.80 48.36 12.28
N GLU C 313 -29.19 48.39 11.09
CA GLU C 313 -28.69 47.18 10.44
C GLU C 313 -27.20 47.31 10.15
N GLY C 314 -26.50 48.11 10.95
CA GLY C 314 -25.06 48.27 10.83
C GLY C 314 -24.49 48.75 12.14
N ILE C 315 -23.16 48.74 12.22
CA ILE C 315 -22.44 49.16 13.42
C ILE C 315 -21.43 50.24 13.04
N GLU C 316 -20.92 50.92 14.06
CA GLU C 316 -19.94 51.98 13.90
C GLU C 316 -18.62 51.53 14.50
N GLY C 317 -17.53 51.72 13.76
CA GLY C 317 -16.22 51.31 14.22
C GLY C 317 -15.08 52.10 13.62
N ARG C 318 -13.86 51.60 13.77
CA ARG C 318 -12.68 52.24 13.20
C ARG C 318 -11.82 51.21 12.51
N VAL C 319 -11.10 51.65 11.48
CA VAL C 319 -10.23 50.78 10.70
C VAL C 319 -8.83 51.39 10.68
N PRO C 320 -7.78 50.58 10.50
CA PRO C 320 -6.42 51.15 10.49
C PRO C 320 -6.22 52.10 9.32
N TYR C 321 -5.31 53.06 9.53
CA TYR C 321 -4.98 54.05 8.51
C TYR C 321 -3.96 53.44 7.56
N LYS C 322 -4.29 53.40 6.26
CA LYS C 322 -3.46 52.74 5.26
C LYS C 322 -2.69 53.70 4.37
N GLY C 323 -2.77 55.01 4.61
CA GLY C 323 -2.07 55.97 3.81
C GLY C 323 -2.79 56.28 2.51
N PRO C 324 -2.04 56.65 1.48
CA PRO C 324 -2.66 57.01 0.20
C PRO C 324 -3.34 55.82 -0.46
N LEU C 325 -4.30 56.14 -1.33
CA LEU C 325 -5.08 55.11 -2.01
C LEU C 325 -4.22 54.29 -2.97
N ALA C 326 -3.19 54.90 -3.56
CA ALA C 326 -2.38 54.21 -4.55
C ALA C 326 -1.70 52.96 -3.99
N ASP C 327 -1.34 52.99 -2.70
CA ASP C 327 -0.70 51.82 -2.10
C ASP C 327 -1.69 50.69 -1.90
N THR C 328 -2.94 51.00 -1.52
CA THR C 328 -3.95 49.96 -1.36
C THR C 328 -4.37 49.39 -2.71
N VAL C 329 -4.57 50.26 -3.71
CA VAL C 329 -4.99 49.81 -5.03
C VAL C 329 -3.92 48.95 -5.67
N HIS C 330 -2.64 49.33 -5.49
CA HIS C 330 -1.56 48.56 -6.08
C HIS C 330 -1.53 47.12 -5.57
N GLN C 331 -1.79 46.94 -4.27
CA GLN C 331 -1.82 45.60 -3.72
C GLN C 331 -3.06 44.84 -4.18
N LEU C 332 -4.19 45.55 -4.31
CA LEU C 332 -5.41 44.90 -4.80
C LEU C 332 -5.23 44.42 -6.24
N VAL C 333 -4.75 45.29 -7.12
CA VAL C 333 -4.53 44.90 -8.51
C VAL C 333 -3.40 43.88 -8.61
N GLY C 334 -2.36 44.03 -7.79
CA GLY C 334 -1.27 43.08 -7.81
C GLY C 334 -1.71 41.68 -7.41
N GLY C 335 -2.56 41.58 -6.39
CA GLY C 335 -3.11 40.29 -6.02
C GLY C 335 -4.05 39.73 -7.05
N LEU C 336 -4.75 40.61 -7.78
CA LEU C 336 -5.63 40.14 -8.85
C LEU C 336 -4.82 39.64 -10.04
N ARG C 337 -3.77 40.36 -10.42
CA ARG C 337 -2.89 39.90 -11.49
C ARG C 337 -2.24 38.56 -11.14
N ALA C 338 -1.93 38.35 -9.87
CA ALA C 338 -1.34 37.08 -9.45
C ALA C 338 -2.37 35.95 -9.57
N GLY C 339 -3.60 36.21 -9.12
CA GLY C 339 -4.63 35.17 -9.20
C GLY C 339 -4.94 34.76 -10.62
N MET C 340 -5.12 35.75 -11.50
CA MET C 340 -5.35 35.44 -12.91
C MET C 340 -4.17 34.70 -13.52
N GLY C 341 -2.95 35.04 -13.09
CA GLY C 341 -1.78 34.31 -13.55
C GLY C 341 -1.79 32.87 -13.08
N TYR C 342 -2.27 32.63 -11.86
CA TYR C 342 -2.39 31.25 -11.38
C TYR C 342 -3.48 30.50 -12.14
N CYS C 343 -4.57 31.19 -12.48
CA CYS C 343 -5.70 30.57 -13.16
C CYS C 343 -5.56 30.55 -14.68
N GLY C 344 -4.46 31.07 -15.21
CA GLY C 344 -4.28 31.11 -16.65
C GLY C 344 -5.25 32.01 -17.37
N ALA C 345 -5.62 33.12 -16.76
CA ALA C 345 -6.61 34.05 -17.31
C ALA C 345 -5.89 35.31 -17.79
N GLN C 346 -5.94 35.54 -19.11
CA GLN C 346 -5.39 36.78 -19.66
C GLN C 346 -6.29 37.97 -19.38
N ASP C 347 -7.60 37.79 -19.49
CA ASP C 347 -8.59 38.82 -19.25
C ASP C 347 -9.56 38.37 -18.16
N LEU C 348 -10.42 39.28 -17.73
CA LEU C 348 -11.39 38.96 -16.69
C LEU C 348 -12.52 38.10 -17.22
N GLU C 349 -12.73 38.04 -18.53
CA GLU C 349 -13.76 37.17 -19.07
C GLU C 349 -13.35 35.70 -18.96
N PHE C 350 -12.07 35.40 -19.16
CA PHE C 350 -11.60 34.04 -19.00
C PHE C 350 -11.72 33.57 -17.55
N LEU C 351 -11.45 34.49 -16.60
CA LEU C 351 -11.59 34.13 -15.19
C LEU C 351 -13.04 33.91 -14.80
N ARG C 352 -13.96 34.65 -15.41
CA ARG C 352 -15.38 34.45 -15.12
C ARG C 352 -15.90 33.14 -15.69
N GLU C 353 -15.38 32.71 -16.84
CA GLU C 353 -15.93 31.56 -17.55
C GLU C 353 -15.21 30.26 -17.24
N ASN C 354 -13.95 30.29 -16.78
CA ASN C 354 -13.15 29.09 -16.68
C ASN C 354 -12.62 28.79 -15.29
N ALA C 355 -12.57 29.76 -14.39
CA ALA C 355 -11.98 29.53 -13.07
C ALA C 355 -12.82 28.54 -12.27
N GLN C 356 -12.16 27.53 -11.72
CA GLN C 356 -12.80 26.50 -10.92
C GLN C 356 -12.36 26.63 -9.47
N PHE C 357 -13.31 26.47 -8.55
CA PHE C 357 -13.04 26.52 -7.12
C PHE C 357 -12.91 25.11 -6.55
N ILE C 358 -12.38 25.04 -5.33
CA ILE C 358 -12.37 23.82 -4.55
C ILE C 358 -12.80 24.17 -3.13
N ARG C 359 -13.79 23.44 -2.62
CA ARG C 359 -14.32 23.73 -1.30
C ARG C 359 -13.42 23.17 -0.22
N MET C 360 -13.34 23.88 0.90
CA MET C 360 -12.48 23.50 2.01
C MET C 360 -13.21 23.74 3.32
N SER C 361 -12.66 23.17 4.39
CA SER C 361 -13.22 23.30 5.73
C SER C 361 -12.50 24.42 6.48
N GLY C 362 -12.93 24.63 7.73
CA GLY C 362 -12.26 25.61 8.57
C GLY C 362 -10.79 25.29 8.80
N ALA C 363 -10.44 24.01 8.80
CA ALA C 363 -9.04 23.63 8.90
C ALA C 363 -8.28 23.98 7.62
N GLY C 364 -8.98 24.05 6.49
CA GLY C 364 -8.36 24.55 5.28
C GLY C 364 -8.14 26.04 5.30
N LEU C 365 -8.97 26.77 6.06
CA LEU C 365 -8.79 28.22 6.18
C LEU C 365 -7.55 28.55 7.01
N LEU C 366 -7.36 27.85 8.12
CA LEU C 366 -6.18 28.08 8.95
C LEU C 366 -4.90 27.75 8.19
N GLU C 367 -4.95 26.73 7.34
CA GLU C 367 -3.79 26.42 6.50
C GLU C 367 -3.54 27.50 5.46
N SER C 368 -4.60 28.16 5.00
CA SER C 368 -4.45 29.17 3.96
C SER C 368 -3.76 30.43 4.48
N HIS C 369 -4.09 30.84 5.70
CA HIS C 369 -3.42 31.95 6.35
C HIS C 369 -2.06 31.49 6.87
N PRO C 370 -1.19 32.43 7.27
CA PRO C 370 -0.01 32.05 8.03
C PRO C 370 -0.41 31.37 9.33
N HIS C 371 0.47 30.51 9.83
CA HIS C 371 0.14 29.75 11.03
C HIS C 371 1.42 29.32 11.73
N HIS C 372 1.35 29.24 13.06
CA HIS C 372 2.44 28.71 13.89
C HIS C 372 3.74 29.46 13.65
N VAL C 373 3.63 30.76 13.40
CA VAL C 373 4.79 31.64 13.25
C VAL C 373 4.40 33.03 13.73
N GLN C 374 5.21 33.58 14.63
CA GLN C 374 4.93 34.90 15.19
C GLN C 374 5.34 35.96 14.17
N ILE C 375 4.34 36.58 13.54
CA ILE C 375 4.60 37.61 12.55
C ILE C 375 5.31 38.79 13.19
N THR C 376 6.46 39.17 12.63
CA THR C 376 7.28 40.26 13.17
C THR C 376 7.06 41.58 12.43
N LYS C 377 6.91 41.54 11.11
CA LYS C 377 6.73 42.74 10.30
C LYS C 377 5.38 42.67 9.59
N GLU C 378 4.80 43.84 9.34
CA GLU C 378 3.49 43.95 8.71
C GLU C 378 3.66 44.01 7.19
N ALA C 379 2.99 43.10 6.48
CA ALA C 379 3.07 43.03 5.03
C ALA C 379 2.14 44.08 4.40
N PRO C 380 2.48 44.58 3.21
CA PRO C 380 1.64 45.61 2.59
C PRO C 380 0.27 45.10 2.12
N ASN C 381 0.03 43.78 2.14
CA ASN C 381 -1.25 43.24 1.71
C ASN C 381 -1.84 42.24 2.71
N TYR C 382 -1.25 42.09 3.89
CA TYR C 382 -1.78 41.18 4.88
C TYR C 382 -1.48 41.71 6.27
N SER C 383 -2.53 41.96 7.05
CA SER C 383 -2.39 42.41 8.43
C SER C 383 -3.03 41.41 9.39
N ASN D 23 -31.43 -5.15 13.00
CA ASN D 23 -30.48 -4.14 13.45
C ASN D 23 -30.80 -2.78 12.84
N ALA D 24 -32.08 -2.53 12.57
CA ALA D 24 -32.48 -1.26 11.97
C ALA D 24 -32.18 -0.09 12.89
N MET D 25 -32.57 -0.21 14.17
CA MET D 25 -32.29 0.84 15.13
C MET D 25 -30.79 1.03 15.34
N TRP D 26 -30.02 -0.06 15.26
CA TRP D 26 -28.57 0.05 15.45
C TRP D 26 -27.89 0.71 14.27
N GLU D 27 -28.45 0.56 13.07
CA GLU D 27 -27.85 1.17 11.88
C GLU D 27 -28.30 2.59 11.64
N SER D 28 -29.37 3.04 12.30
CA SER D 28 -29.93 4.37 12.10
C SER D 28 -29.60 5.33 13.24
N LYS D 29 -28.56 5.03 14.01
CA LYS D 29 -28.22 5.87 15.16
C LYS D 29 -27.73 7.24 14.73
N PHE D 30 -26.93 7.31 13.68
CA PHE D 30 -26.28 8.55 13.26
C PHE D 30 -26.76 9.00 11.88
N VAL D 31 -28.04 8.81 11.59
CA VAL D 31 -28.56 9.17 10.28
C VAL D 31 -29.13 10.59 10.26
N LYS D 32 -29.72 11.05 11.35
CA LYS D 32 -30.36 12.35 11.38
C LYS D 32 -29.32 13.46 11.55
N GLU D 33 -29.65 14.64 11.00
CA GLU D 33 -28.81 15.81 11.11
C GLU D 33 -29.68 17.01 11.46
N GLY D 34 -29.21 17.82 12.41
CA GLY D 34 -29.97 18.95 12.90
C GLY D 34 -29.28 20.27 12.60
N LEU D 35 -30.09 21.32 12.46
CA LEU D 35 -29.60 22.66 12.19
C LEU D 35 -30.07 23.62 13.28
N THR D 36 -29.24 24.61 13.57
CA THR D 36 -29.56 25.64 14.54
C THR D 36 -29.63 26.99 13.83
N PHE D 37 -29.80 28.06 14.62
CA PHE D 37 -29.98 29.39 14.04
C PHE D 37 -28.74 29.84 13.28
N ASP D 38 -27.56 29.61 13.83
CA ASP D 38 -26.31 30.07 13.23
C ASP D 38 -25.85 29.21 12.05
N ASP D 39 -26.65 28.24 11.63
CA ASP D 39 -26.32 27.41 10.47
C ASP D 39 -27.01 27.87 9.20
N VAL D 40 -27.94 28.82 9.28
CA VAL D 40 -28.80 29.18 8.16
C VAL D 40 -28.92 30.69 8.05
N LEU D 41 -29.52 31.12 6.94
CA LEU D 41 -29.94 32.50 6.71
C LEU D 41 -31.26 32.45 5.96
N LEU D 42 -32.09 33.46 6.18
CA LEU D 42 -33.36 33.56 5.45
C LEU D 42 -33.11 34.16 4.08
N VAL D 43 -33.50 33.43 3.04
CA VAL D 43 -33.30 33.89 1.66
C VAL D 43 -34.23 35.06 1.39
N PRO D 44 -33.71 36.22 1.01
CA PRO D 44 -34.59 37.36 0.70
C PRO D 44 -35.42 37.07 -0.54
N ALA D 45 -36.69 37.44 -0.48
CA ALA D 45 -37.65 37.16 -1.53
C ALA D 45 -38.29 38.46 -2.03
N LYS D 46 -39.12 38.33 -3.06
CA LYS D 46 -39.84 39.47 -3.61
C LYS D 46 -40.76 40.07 -2.56
N SER D 47 -40.76 41.40 -2.46
CA SER D 47 -41.50 42.10 -1.43
C SER D 47 -42.31 43.23 -2.05
N ASP D 48 -43.57 43.32 -1.67
CA ASP D 48 -44.42 44.46 -1.99
C ASP D 48 -44.88 45.21 -0.74
N VAL D 49 -44.47 44.76 0.44
CA VAL D 49 -44.90 45.37 1.70
C VAL D 49 -43.67 45.87 2.45
N LEU D 50 -43.80 47.05 3.06
CA LEU D 50 -42.70 47.62 3.83
C LEU D 50 -42.76 47.09 5.27
N PRO D 51 -41.62 47.10 5.97
CA PRO D 51 -41.60 46.56 7.35
C PRO D 51 -42.62 47.19 8.28
N ARG D 52 -42.91 48.49 8.13
CA ARG D 52 -43.83 49.15 9.05
C ARG D 52 -45.27 48.75 8.79
N GLU D 53 -45.61 48.37 7.55
CA GLU D 53 -46.96 47.96 7.19
C GLU D 53 -47.21 46.47 7.43
N VAL D 54 -46.25 45.75 7.97
CA VAL D 54 -46.34 44.31 8.14
C VAL D 54 -47.06 43.99 9.44
N SER D 55 -47.98 43.02 9.38
CA SER D 55 -48.70 42.56 10.55
C SER D 55 -47.91 41.47 11.26
N VAL D 56 -47.71 41.64 12.56
CA VAL D 56 -46.98 40.68 13.38
C VAL D 56 -47.88 40.00 14.41
N LYS D 57 -49.20 40.17 14.28
CA LYS D 57 -50.13 39.56 15.22
C LYS D 57 -50.20 38.05 15.02
N THR D 58 -50.36 37.32 16.12
CA THR D 58 -50.42 35.87 16.10
C THR D 58 -51.56 35.40 16.99
N VAL D 59 -52.15 34.26 16.64
CA VAL D 59 -53.25 33.66 17.38
C VAL D 59 -52.81 32.27 17.81
N LEU D 60 -52.67 32.07 19.12
CA LEU D 60 -52.38 30.76 19.67
C LEU D 60 -53.66 29.96 19.93
N SER D 61 -54.76 30.64 20.22
CA SER D 61 -56.06 30.01 20.38
C SER D 61 -57.12 31.10 20.28
N GLU D 62 -58.39 30.66 20.27
CA GLU D 62 -59.49 31.61 20.22
C GLU D 62 -59.52 32.50 21.46
N SER D 63 -58.97 32.02 22.57
CA SER D 63 -58.94 32.76 23.82
C SER D 63 -57.57 33.38 24.12
N LEU D 64 -56.59 33.19 23.24
CA LEU D 64 -55.23 33.68 23.46
C LEU D 64 -54.66 34.16 22.13
N GLN D 65 -54.90 35.43 21.82
CA GLN D 65 -54.28 36.07 20.65
C GLN D 65 -53.34 37.17 21.13
N LEU D 66 -52.17 37.25 20.50
CA LEU D 66 -51.11 38.15 20.92
C LEU D 66 -50.83 39.16 19.81
N ASN D 67 -50.66 40.42 20.21
CA ASN D 67 -50.36 41.47 19.23
C ASN D 67 -48.95 41.32 18.68
N ILE D 68 -48.00 40.96 19.53
CA ILE D 68 -46.62 40.72 19.09
C ILE D 68 -46.28 39.25 19.37
N PRO D 69 -45.42 38.63 18.57
CA PRO D 69 -45.07 37.21 18.79
C PRO D 69 -43.93 37.04 19.78
N LEU D 70 -44.16 37.47 21.02
CA LEU D 70 -43.14 37.39 22.07
C LEU D 70 -43.78 36.92 23.36
N ILE D 71 -43.12 35.98 24.03
CA ILE D 71 -43.55 35.49 25.34
C ILE D 71 -42.33 35.45 26.25
N SER D 72 -42.44 36.06 27.42
CA SER D 72 -41.36 36.04 28.38
C SER D 72 -41.33 34.71 29.11
N ALA D 73 -40.12 34.26 29.44
CA ALA D 73 -39.93 32.93 30.01
C ALA D 73 -40.45 32.88 31.44
N GLY D 74 -41.00 31.71 31.80
CA GLY D 74 -41.47 31.48 33.15
C GLY D 74 -40.36 31.08 34.09
N MET D 75 -39.45 32.01 34.37
CA MET D 75 -38.30 31.77 35.22
C MET D 75 -38.29 32.77 36.38
N ASP D 76 -37.74 32.34 37.51
CA ASP D 76 -37.74 33.17 38.71
C ASP D 76 -36.94 34.45 38.58
N THR D 77 -36.08 34.56 37.56
CA THR D 77 -35.30 35.76 37.32
C THR D 77 -35.70 36.48 36.05
N VAL D 78 -36.85 36.14 35.47
CA VAL D 78 -37.27 36.72 34.19
C VAL D 78 -38.63 37.37 34.32
N THR D 79 -39.63 36.61 34.77
CA THR D 79 -41.02 37.06 34.73
C THR D 79 -41.67 36.89 36.09
N GLU D 80 -42.16 38.01 36.65
CA GLU D 80 -43.10 37.99 37.74
C GLU D 80 -44.28 38.89 37.40
N ALA D 81 -44.92 39.49 38.42
CA ALA D 81 -46.11 40.28 38.16
C ALA D 81 -45.81 41.50 37.30
N ASP D 82 -44.76 42.25 37.66
CA ASP D 82 -44.44 43.48 36.92
C ASP D 82 -43.99 43.18 35.50
N MET D 83 -43.28 42.06 35.30
CA MET D 83 -42.83 41.72 33.96
C MET D 83 -43.99 41.29 33.06
N ALA D 84 -44.93 40.52 33.61
CA ALA D 84 -46.08 40.08 32.84
C ALA D 84 -46.97 41.24 32.42
N ILE D 85 -47.09 42.26 33.28
CA ILE D 85 -47.90 43.43 32.93
C ILE D 85 -47.25 44.19 31.77
N ALA D 86 -45.95 44.43 31.86
CA ALA D 86 -45.25 45.15 30.79
C ALA D 86 -45.25 44.35 29.50
N MET D 87 -45.12 43.02 29.60
CA MET D 87 -45.17 42.18 28.40
C MET D 87 -46.53 42.27 27.73
N ALA D 88 -47.60 42.18 28.52
CA ALA D 88 -48.95 42.18 27.95
C ALA D 88 -49.29 43.52 27.33
N ARG D 89 -48.87 44.62 27.96
CA ARG D 89 -49.17 45.95 27.42
C ARG D 89 -48.28 46.30 26.23
N GLN D 90 -47.23 45.53 25.97
CA GLN D 90 -46.49 45.63 24.72
C GLN D 90 -47.10 44.77 23.62
N GLY D 91 -48.09 43.94 23.95
CA GLY D 91 -48.68 43.02 23.00
C GLY D 91 -48.25 41.58 23.17
N GLY D 92 -47.40 41.28 24.14
CA GLY D 92 -46.87 39.95 24.36
C GLY D 92 -47.58 39.21 25.47
N LEU D 93 -46.83 38.32 26.13
CA LEU D 93 -47.39 37.49 27.19
C LEU D 93 -46.31 37.16 28.20
N GLY D 94 -46.68 37.14 29.46
CA GLY D 94 -45.76 36.80 30.54
C GLY D 94 -46.21 35.53 31.25
N ILE D 95 -45.24 34.70 31.62
CA ILE D 95 -45.51 33.43 32.29
C ILE D 95 -44.98 33.54 33.71
N ILE D 96 -45.89 33.57 34.68
CA ILE D 96 -45.49 33.61 36.08
C ILE D 96 -44.89 32.26 36.45
N HIS D 97 -43.65 32.28 36.97
CA HIS D 97 -42.94 31.05 37.27
C HIS D 97 -43.57 30.35 38.48
N LYS D 98 -43.13 29.11 38.69
CA LYS D 98 -43.68 28.23 39.73
C LYS D 98 -42.87 28.21 41.01
N ASN D 99 -41.76 28.95 41.08
CA ASN D 99 -40.94 29.00 42.29
C ASN D 99 -41.53 29.98 43.31
N MET D 100 -42.78 29.71 43.68
CA MET D 100 -43.50 30.51 44.66
C MET D 100 -44.67 29.70 45.17
N SER D 101 -45.27 30.18 46.26
CA SER D 101 -46.42 29.48 46.82
C SER D 101 -47.60 29.53 45.86
N ILE D 102 -48.56 28.62 46.09
CA ILE D 102 -49.73 28.55 45.21
C ILE D 102 -50.56 29.83 45.33
N GLU D 103 -50.75 30.32 46.55
CA GLU D 103 -51.53 31.53 46.74
C GLU D 103 -50.76 32.77 46.29
N GLN D 104 -49.43 32.71 46.32
CA GLN D 104 -48.63 33.83 45.84
C GLN D 104 -48.68 33.94 44.32
N GLN D 105 -48.73 32.80 43.62
CA GLN D 105 -48.81 32.82 42.17
C GLN D 105 -50.20 33.27 41.70
N ALA D 106 -51.25 32.83 42.40
CA ALA D 106 -52.59 33.31 42.07
C ALA D 106 -52.73 34.80 42.32
N GLU D 107 -52.00 35.32 43.31
CA GLU D 107 -51.99 36.76 43.54
C GLU D 107 -51.30 37.50 42.39
N GLN D 108 -50.21 36.93 41.86
CA GLN D 108 -49.51 37.56 40.75
C GLN D 108 -50.34 37.51 39.48
N VAL D 109 -50.98 36.38 39.20
CA VAL D 109 -51.86 36.27 38.04
C VAL D 109 -53.02 37.26 38.17
N ASP D 110 -53.54 37.42 39.39
CA ASP D 110 -54.64 38.37 39.60
C ASP D 110 -54.20 39.79 39.32
N LYS D 111 -52.99 40.17 39.76
CA LYS D 111 -52.52 41.54 39.57
C LYS D 111 -52.42 41.90 38.09
N VAL D 112 -52.01 40.94 37.25
CA VAL D 112 -51.91 41.22 35.83
C VAL D 112 -53.29 41.39 35.21
N LYS D 113 -54.26 40.56 35.60
CA LYS D 113 -55.61 40.72 35.10
C LYS D 113 -56.28 41.96 35.69
N ARG D 114 -55.85 42.39 36.89
CA ARG D 114 -56.37 43.61 37.50
C ARG D 114 -55.83 44.87 36.83
N SER D 115 -54.81 44.75 35.99
CA SER D 115 -54.17 45.90 35.35
C SER D 115 -54.67 46.13 33.93
N GLY D 116 -55.97 45.96 33.70
CA GLY D 116 -56.57 46.24 32.42
C GLY D 116 -57.05 45.03 31.65
N GLY D 117 -57.36 43.93 32.33
CA GLY D 117 -57.79 42.73 31.65
C GLY D 117 -56.75 42.15 30.72
N LEU D 118 -55.46 42.26 31.07
CA LEU D 118 -54.39 41.82 30.19
C LEU D 118 -54.25 40.30 30.20
N LEU D 119 -53.65 39.77 29.16
CA LEU D 119 -53.37 38.35 29.09
C LEU D 119 -52.22 38.00 30.01
N VAL D 120 -52.34 36.86 30.69
CA VAL D 120 -51.30 36.39 31.61
C VAL D 120 -51.30 34.86 31.60
N GLY D 121 -50.10 34.29 31.76
CA GLY D 121 -49.94 32.86 31.89
C GLY D 121 -49.24 32.51 33.19
N ALA D 122 -49.23 31.22 33.50
CA ALA D 122 -48.60 30.73 34.71
C ALA D 122 -48.04 29.34 34.45
N ALA D 123 -46.82 29.10 34.92
CA ALA D 123 -46.16 27.82 34.75
C ALA D 123 -46.40 26.94 35.95
N VAL D 124 -46.87 25.71 35.71
CA VAL D 124 -47.06 24.73 36.76
C VAL D 124 -46.27 23.47 36.40
N GLY D 125 -45.82 22.77 37.42
CA GLY D 125 -45.03 21.57 37.24
C GLY D 125 -45.87 20.31 37.29
N VAL D 126 -45.35 19.24 36.69
CA VAL D 126 -46.02 17.95 36.70
C VAL D 126 -45.78 17.29 38.06
N THR D 127 -46.64 17.62 39.03
CA THR D 127 -46.55 17.09 40.39
C THR D 127 -47.93 16.63 40.83
N ALA D 128 -48.01 16.16 42.07
CA ALA D 128 -49.31 15.78 42.63
C ALA D 128 -50.14 17.01 42.94
N ASP D 129 -49.50 18.11 43.35
CA ASP D 129 -50.19 19.37 43.61
C ASP D 129 -50.41 20.19 42.34
N ALA D 130 -50.17 19.61 41.16
CA ALA D 130 -50.38 20.33 39.91
C ALA D 130 -51.84 20.75 39.77
N MET D 131 -52.77 19.81 40.01
CA MET D 131 -54.18 20.15 39.92
C MET D 131 -54.58 21.16 40.99
N THR D 132 -54.03 21.01 42.20
CA THR D 132 -54.31 21.97 43.27
C THR D 132 -53.78 23.36 42.90
N ARG D 133 -52.62 23.42 42.25
CA ARG D 133 -52.07 24.71 41.85
C ARG D 133 -52.84 25.29 40.67
N ILE D 134 -53.24 24.44 39.72
CA ILE D 134 -53.98 24.93 38.55
C ILE D 134 -55.35 25.46 38.97
N ASP D 135 -56.01 24.79 39.91
CA ASP D 135 -57.33 25.25 40.36
C ASP D 135 -57.26 26.66 40.92
N ALA D 136 -56.26 26.93 41.76
CA ALA D 136 -56.12 28.27 42.33
C ALA D 136 -55.83 29.31 41.26
N LEU D 137 -55.19 28.90 40.15
CA LEU D 137 -54.91 29.84 39.07
C LEU D 137 -56.12 30.03 38.16
N VAL D 138 -56.92 28.99 37.97
CA VAL D 138 -58.14 29.14 37.17
C VAL D 138 -59.15 30.02 37.90
N LYS D 139 -59.22 29.89 39.23
CA LYS D 139 -60.06 30.80 40.01
C LYS D 139 -59.59 32.25 39.87
N ALA D 140 -58.30 32.45 39.65
CA ALA D 140 -57.75 33.78 39.36
C ALA D 140 -57.93 34.18 37.90
N SER D 141 -58.69 33.40 37.13
CA SER D 141 -58.98 33.68 35.73
C SER D 141 -57.69 33.76 34.90
N VAL D 142 -56.85 32.74 35.04
CA VAL D 142 -55.65 32.66 34.23
C VAL D 142 -56.03 32.36 32.79
N ASP D 143 -55.24 32.88 31.85
CA ASP D 143 -55.51 32.71 30.43
C ASP D 143 -54.90 31.45 29.86
N ALA D 144 -53.79 30.98 30.43
CA ALA D 144 -53.13 29.79 29.95
C ALA D 144 -52.25 29.22 31.06
N ILE D 145 -52.32 27.91 31.25
CA ILE D 145 -51.43 27.19 32.14
C ILE D 145 -50.31 26.60 31.30
N VAL D 146 -49.10 26.54 31.87
CA VAL D 146 -47.93 26.05 31.16
C VAL D 146 -47.37 24.89 31.96
N LEU D 147 -47.63 23.67 31.49
CA LEU D 147 -47.07 22.46 32.10
C LEU D 147 -45.61 22.35 31.64
N ASP D 148 -44.76 23.17 32.25
CA ASP D 148 -43.34 23.18 31.92
C ASP D 148 -42.65 21.95 32.51
N THR D 149 -41.76 21.36 31.72
CA THR D 149 -41.12 20.10 32.10
C THR D 149 -39.81 19.98 31.34
N ALA D 150 -38.82 19.35 31.99
CA ALA D 150 -37.55 19.09 31.33
C ALA D 150 -37.73 18.14 30.14
N HIS D 151 -38.58 17.14 30.29
CA HIS D 151 -38.84 16.15 29.22
C HIS D 151 -40.36 16.05 29.05
N GLY D 152 -40.89 16.74 28.04
CA GLY D 152 -42.33 16.74 27.81
C GLY D 152 -42.87 15.45 27.26
N HIS D 153 -42.02 14.58 26.72
CA HIS D 153 -42.45 13.30 26.16
C HIS D 153 -42.44 12.18 27.19
N SER D 154 -42.94 12.45 28.39
CA SER D 154 -43.02 11.46 29.45
C SER D 154 -44.48 11.11 29.72
N GLN D 155 -44.70 9.88 30.19
CA GLN D 155 -46.07 9.43 30.45
C GLN D 155 -46.73 10.26 31.56
N GLY D 156 -45.93 10.75 32.52
CA GLY D 156 -46.50 11.61 33.54
C GLY D 156 -47.01 12.92 32.99
N VAL D 157 -46.28 13.50 32.03
CA VAL D 157 -46.73 14.73 31.40
C VAL D 157 -47.96 14.47 30.52
N ILE D 158 -47.95 13.38 29.77
CA ILE D 158 -49.06 13.07 28.88
C ILE D 158 -50.33 12.80 29.70
N ASP D 159 -50.21 12.01 30.76
CA ASP D 159 -51.38 11.69 31.58
C ASP D 159 -51.91 12.92 32.30
N LYS D 160 -51.04 13.84 32.69
CA LYS D 160 -51.49 15.05 33.37
C LYS D 160 -52.12 16.06 32.42
N VAL D 161 -51.78 16.01 31.13
CA VAL D 161 -52.47 16.85 30.16
C VAL D 161 -53.91 16.39 29.97
N LYS D 162 -54.11 15.07 29.83
CA LYS D 162 -55.45 14.51 29.77
C LYS D 162 -56.21 14.78 31.07
N GLU D 163 -55.51 14.73 32.20
CA GLU D 163 -56.15 14.94 33.50
C GLU D 163 -56.61 16.38 33.66
N VAL D 164 -55.80 17.34 33.21
CA VAL D 164 -56.18 18.75 33.32
C VAL D 164 -57.21 19.11 32.25
N ARG D 165 -57.11 18.53 31.05
CA ARG D 165 -58.06 18.86 30.00
C ARG D 165 -59.46 18.34 30.33
N ALA D 166 -59.56 17.14 30.90
CA ALA D 166 -60.87 16.61 31.28
C ALA D 166 -61.54 17.45 32.35
N LYS D 167 -60.76 18.19 33.14
CA LYS D 167 -61.31 19.04 34.18
C LYS D 167 -61.59 20.46 33.69
N TYR D 168 -60.78 20.97 32.76
CA TYR D 168 -60.94 22.30 32.20
C TYR D 168 -60.92 22.19 30.68
N PRO D 169 -62.08 21.98 30.05
CA PRO D 169 -62.11 21.84 28.60
C PRO D 169 -61.80 23.12 27.84
N SER D 170 -61.88 24.28 28.48
CA SER D 170 -61.66 25.55 27.82
C SER D 170 -60.36 26.24 28.21
N LEU D 171 -59.55 25.60 29.07
CA LEU D 171 -58.30 26.21 29.53
C LEU D 171 -57.19 25.97 28.52
N ASN D 172 -56.46 27.03 28.18
CA ASN D 172 -55.31 26.90 27.30
C ASN D 172 -54.18 26.19 28.03
N ILE D 173 -53.72 25.07 27.47
CA ILE D 173 -52.67 24.26 28.08
C ILE D 173 -51.45 24.29 27.18
N ILE D 174 -50.36 24.86 27.68
CA ILE D 174 -49.08 24.90 26.98
C ILE D 174 -48.22 23.80 27.58
N ALA D 175 -48.05 22.70 26.85
CA ALA D 175 -47.31 21.54 27.34
C ALA D 175 -45.95 21.47 26.67
N GLY D 176 -44.92 21.20 27.46
CA GLY D 176 -43.57 21.07 26.95
C GLY D 176 -42.64 20.60 28.04
N ASN D 177 -41.36 20.53 27.70
CA ASN D 177 -40.89 20.86 26.36
C ASN D 177 -40.55 19.60 25.57
N VAL D 178 -40.72 19.68 24.24
CA VAL D 178 -40.45 18.57 23.35
C VAL D 178 -39.56 19.06 22.22
N ALA D 179 -39.06 18.10 21.43
CA ALA D 179 -38.23 18.44 20.29
C ALA D 179 -38.39 17.45 19.13
N THR D 180 -39.32 16.51 19.21
CA THR D 180 -39.53 15.53 18.15
C THR D 180 -40.99 15.59 17.71
N ALA D 181 -41.22 15.13 16.47
CA ALA D 181 -42.58 15.12 15.93
C ALA D 181 -43.47 14.13 16.67
N GLU D 182 -42.90 13.01 17.13
CA GLU D 182 -43.69 12.02 17.84
C GLU D 182 -44.08 12.51 19.23
N ALA D 183 -43.25 13.37 19.83
CA ALA D 183 -43.59 13.96 21.12
C ALA D 183 -44.64 15.05 20.99
N THR D 184 -44.61 15.81 19.89
CA THR D 184 -45.66 16.80 19.63
C THR D 184 -47.01 16.12 19.44
N LYS D 185 -47.04 15.07 18.63
CA LYS D 185 -48.29 14.34 18.40
C LYS D 185 -48.81 13.71 19.68
N ALA D 186 -47.90 13.25 20.55
CA ALA D 186 -48.33 12.62 21.79
C ALA D 186 -49.01 13.60 22.72
N LEU D 187 -48.55 14.86 22.73
CA LEU D 187 -49.15 15.86 23.61
C LEU D 187 -50.42 16.45 23.02
N ILE D 188 -50.52 16.53 21.70
CA ILE D 188 -51.70 17.12 21.08
C ILE D 188 -52.94 16.28 21.38
N GLU D 189 -52.91 15.00 21.02
CA GLU D 189 -54.05 14.13 21.29
C GLU D 189 -54.27 13.90 22.78
N ALA D 190 -53.30 14.28 23.62
CA ALA D 190 -53.51 14.27 25.06
C ALA D 190 -54.36 15.44 25.53
N GLY D 191 -54.64 16.41 24.66
CA GLY D 191 -55.48 17.55 24.99
C GLY D 191 -54.77 18.88 24.98
N ALA D 192 -53.45 18.91 24.78
CA ALA D 192 -52.70 20.16 24.77
C ALA D 192 -52.91 20.87 23.44
N ASN D 193 -53.39 22.11 23.49
CA ASN D 193 -53.62 22.90 22.29
C ASN D 193 -52.40 23.68 21.85
N VAL D 194 -51.42 23.87 22.72
CA VAL D 194 -50.17 24.55 22.39
C VAL D 194 -49.02 23.72 22.92
N VAL D 195 -47.98 23.55 22.10
CA VAL D 195 -46.82 22.74 22.45
C VAL D 195 -45.58 23.64 22.44
N LYS D 196 -44.83 23.63 23.53
CA LYS D 196 -43.62 24.42 23.66
C LYS D 196 -42.41 23.56 23.29
N VAL D 197 -41.58 24.07 22.39
CA VAL D 197 -40.48 23.31 21.80
C VAL D 197 -39.16 23.86 22.30
N GLY D 198 -38.29 22.98 22.81
CA GLY D 198 -36.99 23.38 23.27
C GLY D 198 -36.37 22.42 24.27
N ILE D 199 -35.46 21.57 23.81
CA ILE D 199 -34.73 20.64 24.66
C ILE D 199 -33.25 20.98 24.51
N GLY D 200 -32.75 21.86 25.37
CA GLY D 200 -31.33 22.15 25.39
C GLY D 200 -30.82 23.51 24.92
N PRO D 201 -31.57 24.28 24.13
CA PRO D 201 -30.97 25.47 23.51
C PRO D 201 -30.85 26.68 24.43
N GLY D 202 -31.36 26.62 25.64
CA GLY D 202 -31.37 27.81 26.49
C GLY D 202 -29.97 28.30 26.79
N SER D 203 -29.83 29.63 26.82
CA SER D 203 -28.51 30.24 27.06
C SER D 203 -27.95 29.86 28.42
N ILE D 204 -28.82 29.56 29.39
CA ILE D 204 -28.39 29.15 30.72
C ILE D 204 -28.51 27.65 30.92
N CYS D 205 -28.72 26.90 29.84
CA CYS D 205 -29.02 25.46 29.92
C CYS D 205 -27.77 24.63 29.67
N THR D 206 -27.63 23.55 30.44
CA THR D 206 -26.55 22.59 30.27
C THR D 206 -27.08 21.17 30.09
N THR D 207 -28.36 21.02 29.72
CA THR D 207 -28.94 19.70 29.57
C THR D 207 -28.19 18.89 28.51
N ARG D 208 -27.90 19.50 27.36
CA ARG D 208 -27.16 18.82 26.31
C ARG D 208 -25.73 18.49 26.73
N VAL D 209 -25.22 19.15 27.77
CA VAL D 209 -23.85 18.93 28.22
C VAL D 209 -23.79 17.87 29.33
N VAL D 210 -24.76 17.87 30.24
CA VAL D 210 -24.71 16.94 31.36
C VAL D 210 -25.42 15.63 31.04
N ALA D 211 -26.45 15.66 30.19
CA ALA D 211 -27.19 14.45 29.82
C ALA D 211 -26.94 14.02 28.39
N GLY D 212 -26.31 14.85 27.56
CA GLY D 212 -26.04 14.50 26.19
C GLY D 212 -27.24 14.45 25.28
N VAL D 213 -28.40 14.93 25.73
CA VAL D 213 -29.65 14.84 24.99
C VAL D 213 -30.04 16.23 24.50
N GLY D 214 -30.56 16.29 23.28
CA GLY D 214 -31.03 17.53 22.72
C GLY D 214 -31.23 17.43 21.24
N VAL D 215 -31.87 18.44 20.69
CA VAL D 215 -32.06 18.59 19.25
C VAL D 215 -31.76 20.04 18.90
N PRO D 216 -30.99 20.32 17.84
CA PRO D 216 -30.79 21.71 17.42
C PRO D 216 -32.11 22.43 17.26
N GLN D 217 -32.22 23.59 17.92
CA GLN D 217 -33.53 24.21 18.16
C GLN D 217 -34.26 24.51 16.86
N LEU D 218 -33.54 24.92 15.82
CA LEU D 218 -34.20 25.22 14.56
C LEU D 218 -34.79 23.96 13.93
N THR D 219 -34.07 22.85 13.99
CA THR D 219 -34.62 21.58 13.50
C THR D 219 -35.72 21.08 14.42
N ALA D 220 -35.56 21.28 15.73
CA ALA D 220 -36.59 20.85 16.68
C ALA D 220 -37.90 21.58 16.43
N VAL D 221 -37.83 22.89 16.16
CA VAL D 221 -39.04 23.65 15.85
C VAL D 221 -39.64 23.17 14.53
N TYR D 222 -38.79 22.97 13.51
CA TYR D 222 -39.28 22.57 12.21
C TYR D 222 -39.93 21.20 12.25
N ASP D 223 -39.31 20.24 12.94
CA ASP D 223 -39.87 18.89 13.02
C ASP D 223 -41.16 18.89 13.81
N CYS D 224 -41.23 19.67 14.89
CA CYS D 224 -42.44 19.73 15.69
C CYS D 224 -43.55 20.50 14.98
N ALA D 225 -43.19 21.58 14.29
CA ALA D 225 -44.19 22.33 13.54
C ALA D 225 -44.77 21.52 12.39
N THR D 226 -43.96 20.68 11.76
CA THR D 226 -44.47 19.84 10.67
C THR D 226 -45.58 18.91 11.17
N GLU D 227 -45.39 18.30 12.34
CA GLU D 227 -46.42 17.42 12.88
C GLU D 227 -47.60 18.21 13.43
N ALA D 228 -47.33 19.31 14.15
CA ALA D 228 -48.39 20.07 14.77
C ALA D 228 -49.26 20.78 13.75
N ARG D 229 -48.69 21.15 12.59
CA ARG D 229 -49.46 21.84 11.57
C ARG D 229 -50.52 20.94 10.94
N LYS D 230 -50.38 19.61 11.08
CA LYS D 230 -51.40 18.70 10.55
C LYS D 230 -52.71 18.84 11.31
N HIS D 231 -52.66 19.25 12.58
CA HIS D 231 -53.84 19.41 13.41
C HIS D 231 -54.14 20.87 13.72
N GLY D 232 -53.44 21.81 13.07
CA GLY D 232 -53.65 23.22 13.35
C GLY D 232 -53.23 23.64 14.74
N ILE D 233 -52.15 23.07 15.25
CA ILE D 233 -51.67 23.32 16.61
C ILE D 233 -50.42 24.20 16.51
N PRO D 234 -50.38 25.34 17.19
CA PRO D 234 -49.18 26.19 17.13
C PRO D 234 -48.08 25.67 18.05
N VAL D 235 -46.84 25.96 17.68
CA VAL D 235 -45.68 25.59 18.47
C VAL D 235 -44.97 26.87 18.92
N ILE D 236 -44.31 26.79 20.08
CA ILE D 236 -43.60 27.91 20.67
C ILE D 236 -42.10 27.61 20.58
N ALA D 237 -41.36 28.50 19.94
CA ALA D 237 -39.90 28.39 19.87
C ALA D 237 -39.33 28.91 21.19
N ASP D 238 -38.89 28.00 22.04
CA ASP D 238 -38.44 28.33 23.39
C ASP D 238 -36.93 28.08 23.50
N GLY D 239 -36.19 29.15 23.73
CA GLY D 239 -34.76 29.05 23.99
C GLY D 239 -33.91 29.13 22.73
N GLY D 240 -32.64 29.46 22.93
CA GLY D 240 -31.67 29.50 21.87
C GLY D 240 -31.60 30.80 21.10
N ILE D 241 -32.47 31.76 21.38
CA ILE D 241 -32.55 33.01 20.63
C ILE D 241 -31.73 34.06 21.35
N LYS D 242 -30.61 34.45 20.76
CA LYS D 242 -29.71 35.45 21.32
C LYS D 242 -29.76 36.79 20.59
N TYR D 243 -30.14 36.79 19.31
CA TYR D 243 -30.30 38.02 18.54
C TYR D 243 -31.71 38.04 17.96
N SER D 244 -32.12 39.24 17.49
CA SER D 244 -33.45 39.38 16.93
C SER D 244 -33.61 38.59 15.64
N GLY D 245 -32.51 38.35 14.92
CA GLY D 245 -32.60 37.56 13.70
C GLY D 245 -32.92 36.11 13.94
N ASP D 246 -32.45 35.56 15.07
CA ASP D 246 -32.78 34.17 15.41
C ASP D 246 -34.27 34.00 15.66
N MET D 247 -34.95 35.05 16.12
CA MET D 247 -36.39 34.97 16.29
C MET D 247 -37.11 34.87 14.94
N VAL D 248 -36.65 35.64 13.94
CA VAL D 248 -37.28 35.59 12.63
C VAL D 248 -37.10 34.22 12.00
N LYS D 249 -35.96 33.58 12.24
CA LYS D 249 -35.73 32.24 11.73
C LYS D 249 -36.65 31.22 12.42
N ALA D 250 -36.85 31.39 13.73
CA ALA D 250 -37.71 30.46 14.46
C ALA D 250 -39.16 30.56 13.99
N LEU D 251 -39.65 31.79 13.79
CA LEU D 251 -40.99 31.96 13.25
C LEU D 251 -41.08 31.42 11.83
N ALA D 252 -40.06 31.70 11.01
CA ALA D 252 -40.04 31.19 9.64
C ALA D 252 -39.95 29.66 9.59
N ALA D 253 -39.47 29.03 10.66
CA ALA D 253 -39.41 27.58 10.71
C ALA D 253 -40.77 26.93 10.95
N GLY D 254 -41.77 27.70 11.36
CA GLY D 254 -43.10 27.16 11.58
C GLY D 254 -43.72 27.58 12.89
N ALA D 255 -42.94 28.25 13.75
CA ALA D 255 -43.42 28.66 15.06
C ALA D 255 -44.34 29.86 14.94
N HIS D 256 -45.43 29.85 15.71
CA HIS D 256 -46.33 30.99 15.76
C HIS D 256 -45.78 32.09 16.68
N VAL D 257 -45.02 31.72 17.71
CA VAL D 257 -44.54 32.66 18.71
C VAL D 257 -43.25 32.09 19.29
N VAL D 258 -42.37 32.98 19.75
CA VAL D 258 -41.12 32.58 20.36
C VAL D 258 -41.17 32.92 21.85
N MET D 259 -40.36 32.21 22.62
CA MET D 259 -40.20 32.46 24.05
C MET D 259 -38.77 32.88 24.31
N LEU D 260 -38.60 33.95 25.08
CA LEU D 260 -37.29 34.53 25.35
C LEU D 260 -37.04 34.57 26.85
N GLY D 261 -35.78 34.40 27.23
CA GLY D 261 -35.39 34.47 28.63
C GLY D 261 -34.18 35.35 28.84
N SER D 262 -33.13 35.14 28.03
CA SER D 262 -31.91 35.93 28.18
C SER D 262 -32.12 37.37 27.76
N MET D 263 -32.80 37.58 26.63
CA MET D 263 -32.99 38.93 26.11
C MET D 263 -34.04 39.73 26.87
N PHE D 264 -34.71 39.12 27.85
CA PHE D 264 -35.62 39.83 28.74
C PHE D 264 -35.13 39.91 30.17
N ALA D 265 -34.02 39.25 30.50
CA ALA D 265 -33.58 39.17 31.89
C ALA D 265 -32.98 40.49 32.37
N GLY D 266 -32.20 41.16 31.53
CA GLY D 266 -31.65 42.47 31.86
C GLY D 266 -32.65 43.61 31.93
N VAL D 267 -33.94 43.34 31.78
CA VAL D 267 -34.96 44.39 31.74
C VAL D 267 -35.34 44.81 33.15
N ALA D 268 -35.64 46.10 33.35
CA ALA D 268 -35.99 46.59 34.69
C ALA D 268 -37.21 45.88 35.26
N GLU D 269 -38.15 45.47 34.42
CA GLU D 269 -39.36 44.81 34.90
C GLU D 269 -39.11 43.39 35.38
N SER D 270 -37.96 42.80 35.05
CA SER D 270 -37.67 41.46 35.52
C SER D 270 -37.38 41.48 37.03
N PRO D 271 -37.62 40.37 37.72
CA PRO D 271 -37.42 40.34 39.17
C PRO D 271 -35.98 40.63 39.56
N GLY D 272 -35.81 41.05 40.82
CA GLY D 272 -34.49 41.36 41.34
C GLY D 272 -34.06 42.77 40.97
N GLU D 273 -33.25 43.38 41.84
CA GLU D 273 -32.72 44.70 41.59
C GLU D 273 -31.36 44.60 40.91
N THR D 274 -30.88 45.76 40.44
CA THR D 274 -29.63 45.79 39.67
C THR D 274 -28.42 45.61 40.58
N GLU D 275 -27.51 44.74 40.16
CA GLU D 275 -26.24 44.52 40.84
C GLU D 275 -25.11 45.10 40.00
N ILE D 276 -24.14 45.71 40.65
CA ILE D 276 -23.02 46.35 39.95
C ILE D 276 -21.88 45.34 39.79
N TYR D 277 -21.18 45.46 38.67
CA TYR D 277 -20.01 44.62 38.38
C TYR D 277 -19.08 45.40 37.47
N GLN D 278 -17.88 45.71 37.97
CA GLN D 278 -16.91 46.53 37.25
C GLN D 278 -17.51 47.87 36.86
N GLY D 279 -18.28 48.46 37.76
CA GLY D 279 -18.88 49.76 37.54
C GLY D 279 -20.07 49.78 36.62
N ARG D 280 -20.48 48.63 36.09
CA ARG D 280 -21.59 48.55 35.15
C ARG D 280 -22.80 47.89 35.83
N GLN D 281 -23.98 48.21 35.33
CA GLN D 281 -25.22 47.69 35.89
C GLN D 281 -25.51 46.30 35.33
N PHE D 282 -25.76 45.35 36.23
CA PHE D 282 -26.04 43.97 35.85
C PHE D 282 -27.21 43.44 36.65
N LYS D 283 -27.78 42.34 36.18
CA LYS D 283 -28.88 41.65 36.87
C LYS D 283 -28.66 40.15 36.77
N VAL D 284 -29.03 39.45 37.84
CA VAL D 284 -28.81 38.01 37.91
C VAL D 284 -29.75 37.28 36.97
N TYR D 285 -29.20 36.38 36.17
CA TYR D 285 -29.99 35.52 35.29
C TYR D 285 -29.49 34.09 35.44
N ARG D 286 -30.36 33.22 35.95
CA ARG D 286 -30.01 31.84 36.26
C ARG D 286 -31.08 30.91 35.72
N GLY D 287 -30.68 29.67 35.44
CA GLY D 287 -31.62 28.69 34.95
C GLY D 287 -32.44 28.08 36.07
N MET D 288 -33.67 27.68 35.73
CA MET D 288 -34.55 27.05 36.70
C MET D 288 -34.04 25.68 37.14
N GLY D 289 -33.15 25.07 36.36
CA GLY D 289 -32.49 23.85 36.73
C GLY D 289 -31.13 24.02 37.37
N SER D 290 -30.76 25.25 37.70
CA SER D 290 -29.50 25.51 38.38
C SER D 290 -29.64 25.25 39.88
N VAL D 291 -28.50 25.23 40.56
CA VAL D 291 -28.49 24.91 41.99
C VAL D 291 -29.19 26.01 42.79
N GLY D 292 -28.91 27.27 42.47
CA GLY D 292 -29.45 28.36 43.26
C GLY D 292 -30.97 28.48 43.15
N ALA D 293 -31.52 28.18 41.97
CA ALA D 293 -32.96 28.33 41.78
C ALA D 293 -33.72 27.22 42.49
N MET D 294 -33.18 26.00 42.51
CA MET D 294 -33.87 24.88 43.13
C MET D 294 -33.74 24.87 44.64
N GLU D 295 -32.73 25.54 45.21
CA GLU D 295 -32.62 25.64 46.65
C GLU D 295 -33.67 26.57 47.25
N LYS D 296 -34.27 27.43 46.44
CA LYS D 296 -35.28 28.36 46.92
C LYS D 296 -36.62 27.68 47.12
N LYS D 309 -25.60 17.05 46.08
CA LYS D 309 -26.75 16.18 46.23
C LYS D 309 -27.76 16.45 45.10
N LEU D 310 -27.59 17.59 44.45
CA LEU D 310 -28.44 18.00 43.34
C LEU D 310 -27.62 17.98 42.06
N VAL D 311 -28.15 17.32 41.04
CA VAL D 311 -27.48 17.24 39.74
C VAL D 311 -28.15 18.26 38.81
N PRO D 312 -27.62 19.47 38.71
CA PRO D 312 -28.30 20.53 37.97
C PRO D 312 -28.14 20.39 36.47
N GLU D 313 -29.06 21.03 35.74
CA GLU D 313 -28.99 21.14 34.29
C GLU D 313 -28.99 22.59 33.84
N GLY D 314 -28.58 23.50 34.72
CA GLY D 314 -28.47 24.91 34.36
C GLY D 314 -27.39 25.58 35.18
N ILE D 315 -27.01 26.78 34.75
CA ILE D 315 -25.98 27.55 35.42
C ILE D 315 -26.55 28.90 35.86
N GLU D 316 -25.85 29.54 36.78
CA GLU D 316 -26.23 30.84 37.30
C GLU D 316 -25.28 31.89 36.74
N GLY D 317 -25.83 33.02 36.31
CA GLY D 317 -25.01 34.06 35.72
C GLY D 317 -25.58 35.46 35.85
N ARG D 318 -25.04 36.39 35.06
CA ARG D 318 -25.49 37.76 35.05
C ARG D 318 -25.60 38.24 33.61
N VAL D 319 -26.48 39.20 33.39
CA VAL D 319 -26.68 39.81 32.07
C VAL D 319 -26.64 41.33 32.21
N PRO D 320 -26.18 42.06 31.19
CA PRO D 320 -26.14 43.52 31.32
C PRO D 320 -27.54 44.11 31.44
N TYR D 321 -27.65 45.14 32.27
CA TYR D 321 -28.92 45.85 32.47
C TYR D 321 -29.26 46.63 31.20
N LYS D 322 -30.43 46.35 30.63
CA LYS D 322 -30.85 46.97 29.37
C LYS D 322 -31.92 48.02 29.53
N GLY D 323 -32.41 48.28 30.75
CA GLY D 323 -33.38 49.31 30.98
C GLY D 323 -34.81 48.82 30.83
N PRO D 324 -35.69 49.68 30.31
CA PRO D 324 -37.10 49.32 30.20
C PRO D 324 -37.35 48.28 29.12
N LEU D 325 -38.44 47.54 29.29
CA LEU D 325 -38.80 46.50 28.34
C LEU D 325 -39.18 47.07 26.98
N ALA D 326 -39.74 48.29 26.96
CA ALA D 326 -40.22 48.86 25.71
C ALA D 326 -39.09 49.04 24.70
N ASP D 327 -37.87 49.33 25.17
CA ASP D 327 -36.77 49.53 24.25
C ASP D 327 -36.27 48.20 23.69
N THR D 328 -36.30 47.14 24.49
CA THR D 328 -35.87 45.83 24.01
C THR D 328 -36.87 45.23 23.04
N VAL D 329 -38.16 45.35 23.35
CA VAL D 329 -39.19 44.82 22.46
C VAL D 329 -39.19 45.57 21.14
N HIS D 330 -38.94 46.88 21.18
CA HIS D 330 -38.91 47.68 19.96
C HIS D 330 -37.84 47.18 18.99
N GLN D 331 -36.65 46.84 19.52
CA GLN D 331 -35.60 46.32 18.66
C GLN D 331 -35.93 44.91 18.16
N LEU D 332 -36.56 44.10 19.01
CA LEU D 332 -36.92 42.74 18.60
C LEU D 332 -37.98 42.76 17.52
N VAL D 333 -39.10 43.44 17.77
CA VAL D 333 -40.16 43.52 16.77
C VAL D 333 -39.67 44.26 15.53
N GLY D 334 -38.83 45.28 15.73
CA GLY D 334 -38.27 46.00 14.60
C GLY D 334 -37.43 45.11 13.71
N GLY D 335 -36.60 44.26 14.31
CA GLY D 335 -35.82 43.32 13.53
C GLY D 335 -36.67 42.29 12.82
N LEU D 336 -37.84 41.98 13.39
CA LEU D 336 -38.76 41.06 12.73
C LEU D 336 -39.42 41.73 11.52
N ARG D 337 -39.87 42.98 11.67
CA ARG D 337 -40.50 43.68 10.56
C ARG D 337 -39.57 43.77 9.35
N ALA D 338 -38.28 44.01 9.60
CA ALA D 338 -37.31 44.03 8.50
C ALA D 338 -37.17 42.65 7.87
N GLY D 339 -37.02 41.62 8.71
CA GLY D 339 -36.89 40.27 8.19
C GLY D 339 -38.11 39.82 7.40
N MET D 340 -39.31 40.15 7.91
CA MET D 340 -40.52 39.84 7.15
C MET D 340 -40.60 40.69 5.89
N GLY D 341 -40.05 41.89 5.91
CA GLY D 341 -40.00 42.69 4.69
C GLY D 341 -39.06 42.10 3.66
N TYR D 342 -37.92 41.57 4.11
CA TYR D 342 -36.99 40.93 3.17
C TYR D 342 -37.62 39.72 2.51
N CYS D 343 -38.42 38.96 3.25
CA CYS D 343 -39.03 37.74 2.75
C CYS D 343 -40.37 37.98 2.04
N GLY D 344 -40.83 39.23 1.99
CA GLY D 344 -42.11 39.51 1.35
C GLY D 344 -43.30 38.93 2.08
N ALA D 345 -43.22 38.79 3.40
CA ALA D 345 -44.29 38.22 4.20
C ALA D 345 -45.15 39.34 4.77
N GLN D 346 -46.43 39.37 4.39
CA GLN D 346 -47.33 40.38 4.92
C GLN D 346 -47.67 40.11 6.38
N ASP D 347 -47.91 38.85 6.73
CA ASP D 347 -48.20 38.44 8.10
C ASP D 347 -47.35 37.22 8.43
N LEU D 348 -47.47 36.76 9.68
CA LEU D 348 -46.68 35.64 10.15
C LEU D 348 -47.10 34.31 9.55
N GLU D 349 -48.28 34.23 8.94
CA GLU D 349 -48.68 33.01 8.26
C GLU D 349 -47.92 32.81 6.96
N PHE D 350 -47.71 33.89 6.21
CA PHE D 350 -46.96 33.79 4.96
C PHE D 350 -45.50 33.47 5.22
N LEU D 351 -44.93 34.04 6.28
CA LEU D 351 -43.54 33.73 6.62
C LEU D 351 -43.39 32.28 7.07
N ARG D 352 -44.37 31.76 7.82
CA ARG D 352 -44.30 30.37 8.25
C ARG D 352 -44.43 29.40 7.09
N GLU D 353 -45.15 29.78 6.03
CA GLU D 353 -45.45 28.87 4.94
C GLU D 353 -44.58 29.06 3.70
N ASN D 354 -43.86 30.18 3.59
CA ASN D 354 -43.13 30.48 2.36
C ASN D 354 -41.66 30.80 2.55
N ALA D 355 -41.22 31.19 3.75
CA ALA D 355 -39.84 31.61 3.93
C ALA D 355 -38.88 30.45 3.70
N GLN D 356 -37.84 30.71 2.93
CA GLN D 356 -36.82 29.73 2.61
C GLN D 356 -35.52 30.04 3.36
N PHE D 357 -34.82 28.98 3.75
CA PHE D 357 -33.51 29.10 4.37
C PHE D 357 -32.43 28.67 3.39
N ILE D 358 -31.20 29.04 3.71
CA ILE D 358 -30.02 28.58 2.97
C ILE D 358 -28.93 28.25 3.98
N ARG D 359 -28.40 27.05 3.91
CA ARG D 359 -27.42 26.59 4.88
C ARG D 359 -26.04 27.17 4.58
N MET D 360 -25.32 27.53 5.64
CA MET D 360 -23.99 28.11 5.51
C MET D 360 -23.05 27.45 6.51
N SER D 361 -21.76 27.62 6.25
CA SER D 361 -20.72 27.05 7.10
C SER D 361 -20.37 28.02 8.23
N GLY D 362 -19.41 27.62 9.06
CA GLY D 362 -18.91 28.53 10.08
C GLY D 362 -18.33 29.80 9.49
N ALA D 363 -17.71 29.71 8.32
CA ALA D 363 -17.21 30.89 7.63
C ALA D 363 -18.35 31.81 7.20
N GLY D 364 -19.51 31.24 6.88
CA GLY D 364 -20.67 32.06 6.58
C GLY D 364 -21.15 32.83 7.80
N LEU D 365 -21.13 32.20 8.97
CA LEU D 365 -21.51 32.89 10.20
C LEU D 365 -20.56 34.04 10.50
N LEU D 366 -19.26 33.84 10.26
CA LEU D 366 -18.30 34.93 10.46
C LEU D 366 -18.56 36.06 9.47
N GLU D 367 -18.98 35.75 8.25
CA GLU D 367 -19.36 36.79 7.30
C GLU D 367 -20.65 37.47 7.71
N SER D 368 -21.54 36.75 8.40
CA SER D 368 -22.83 37.32 8.77
C SER D 368 -22.68 38.38 9.85
N HIS D 369 -21.77 38.18 10.79
CA HIS D 369 -21.50 39.18 11.81
C HIS D 369 -20.53 40.22 11.28
N PRO D 370 -20.41 41.37 11.96
CA PRO D 370 -19.32 42.30 11.63
C PRO D 370 -17.96 41.62 11.78
N HIS D 371 -17.04 41.96 10.89
CA HIS D 371 -15.74 41.30 10.86
C HIS D 371 -14.67 42.27 10.40
N HIS D 372 -13.48 42.13 10.98
CA HIS D 372 -12.30 42.91 10.61
C HIS D 372 -12.53 44.41 10.75
N VAL D 373 -13.35 44.80 11.72
CA VAL D 373 -13.53 46.20 12.09
C VAL D 373 -13.65 46.26 13.61
N GLN D 374 -13.01 47.26 14.21
CA GLN D 374 -13.00 47.41 15.66
C GLN D 374 -14.24 48.22 16.05
N ILE D 375 -15.24 47.54 16.60
CA ILE D 375 -16.48 48.20 16.98
C ILE D 375 -16.19 49.21 18.08
N THR D 376 -16.60 50.46 17.86
CA THR D 376 -16.36 51.54 18.81
C THR D 376 -17.59 51.87 19.65
N LYS D 377 -18.78 51.78 19.08
CA LYS D 377 -20.02 52.06 19.78
C LYS D 377 -20.90 50.82 19.82
N GLU D 378 -21.63 50.66 20.92
CA GLU D 378 -22.54 49.53 21.08
C GLU D 378 -23.90 49.89 20.50
N ALA D 379 -24.44 49.00 19.67
CA ALA D 379 -25.71 49.22 19.01
C ALA D 379 -26.88 48.79 19.90
N PRO D 380 -28.07 49.37 19.68
CA PRO D 380 -29.22 48.95 20.51
C PRO D 380 -29.69 47.53 20.24
N ASN D 381 -29.28 46.93 19.11
CA ASN D 381 -29.68 45.57 18.80
C ASN D 381 -28.49 44.63 18.57
N TYR D 382 -27.26 45.11 18.76
CA TYR D 382 -26.06 44.28 18.59
C TYR D 382 -25.11 44.58 19.74
N SER D 383 -24.99 43.64 20.66
CA SER D 383 -24.12 43.81 21.82
C SER D 383 -23.07 42.69 21.89
N ASN E 23 26.68 -33.14 -43.97
CA ASN E 23 25.67 -33.65 -43.05
C ASN E 23 26.27 -34.15 -41.75
N ALA E 24 27.54 -34.56 -41.81
CA ALA E 24 28.22 -35.03 -40.60
C ALA E 24 28.36 -33.90 -39.59
N MET E 25 28.68 -32.69 -40.05
CA MET E 25 28.79 -31.55 -39.17
C MET E 25 27.44 -30.87 -38.90
N TRP E 26 26.40 -31.23 -39.65
CA TRP E 26 25.08 -30.65 -39.44
C TRP E 26 24.29 -31.39 -38.35
N GLU E 27 24.32 -32.72 -38.37
CA GLU E 27 23.57 -33.51 -37.40
C GLU E 27 24.25 -33.53 -36.03
N SER E 28 25.51 -33.15 -35.93
CA SER E 28 26.25 -33.18 -34.68
C SER E 28 26.24 -31.82 -33.97
N LYS E 29 25.29 -30.94 -34.32
CA LYS E 29 25.28 -29.61 -33.71
C LYS E 29 24.94 -29.67 -32.23
N PHE E 30 23.92 -30.44 -31.86
CA PHE E 30 23.42 -30.47 -30.49
C PHE E 30 23.76 -31.78 -29.77
N VAL E 31 24.91 -32.37 -30.09
CA VAL E 31 25.30 -33.64 -29.47
C VAL E 31 26.06 -33.39 -28.17
N LYS E 32 26.94 -32.40 -28.15
CA LYS E 32 27.81 -32.19 -27.00
C LYS E 32 27.03 -31.65 -25.80
N GLU E 33 27.55 -31.96 -24.61
CA GLU E 33 26.96 -31.51 -23.35
C GLU E 33 28.04 -30.92 -22.47
N GLY E 34 27.66 -29.90 -21.70
CA GLY E 34 28.62 -29.20 -20.86
C GLY E 34 28.15 -29.11 -19.42
N LEU E 35 29.11 -29.16 -18.50
CA LEU E 35 28.86 -29.09 -17.07
C LEU E 35 29.64 -27.94 -16.47
N THR E 36 29.04 -27.31 -15.47
CA THR E 36 29.67 -26.23 -14.71
C THR E 36 29.83 -26.64 -13.25
N PHE E 37 30.33 -25.72 -12.44
CA PHE E 37 30.67 -26.04 -11.06
C PHE E 37 29.44 -26.46 -10.26
N ASP E 38 28.33 -25.75 -10.42
CA ASP E 38 27.12 -26.02 -9.64
C ASP E 38 26.29 -27.17 -10.20
N ASP E 39 26.84 -27.95 -11.13
CA ASP E 39 26.17 -29.14 -11.63
C ASP E 39 26.67 -30.42 -10.98
N VAL E 40 27.79 -30.37 -10.25
CA VAL E 40 28.45 -31.56 -9.75
C VAL E 40 28.81 -31.38 -8.28
N LEU E 41 29.27 -32.47 -7.67
CA LEU E 41 29.81 -32.47 -6.32
C LEU E 41 30.94 -33.49 -6.27
N LEU E 42 31.96 -33.19 -5.46
CA LEU E 42 33.09 -34.10 -5.31
C LEU E 42 32.71 -35.24 -4.37
N VAL E 43 32.89 -36.47 -4.84
CA VAL E 43 32.57 -37.65 -4.04
C VAL E 43 33.66 -37.84 -3.00
N PRO E 44 33.33 -37.84 -1.70
CA PRO E 44 34.36 -38.04 -0.68
C PRO E 44 34.88 -39.47 -0.69
N ALA E 45 36.21 -39.60 -0.74
CA ALA E 45 36.89 -40.89 -0.74
C ALA E 45 37.58 -41.10 0.60
N LYS E 46 38.31 -42.21 0.69
CA LYS E 46 39.01 -42.52 1.93
C LYS E 46 40.23 -41.63 2.10
N SER E 47 40.45 -41.16 3.32
CA SER E 47 41.49 -40.20 3.62
C SER E 47 42.37 -40.71 4.76
N ASP E 48 43.68 -40.63 4.56
CA ASP E 48 44.65 -40.95 5.61
C ASP E 48 45.29 -39.71 6.21
N VAL E 49 44.94 -38.52 5.72
CA VAL E 49 45.56 -37.28 6.16
C VAL E 49 44.48 -36.25 6.45
N LEU E 50 44.76 -35.41 7.43
CA LEU E 50 43.91 -34.29 7.81
C LEU E 50 44.25 -33.07 6.95
N PRO E 51 43.33 -32.10 6.85
CA PRO E 51 43.56 -30.97 5.93
C PRO E 51 44.85 -30.20 6.20
N ARG E 52 45.34 -30.18 7.44
CA ARG E 52 46.52 -29.37 7.75
C ARG E 52 47.79 -29.93 7.13
N GLU E 53 47.89 -31.26 7.03
CA GLU E 53 49.07 -31.89 6.47
C GLU E 53 49.06 -31.95 4.95
N VAL E 54 47.92 -31.70 4.32
CA VAL E 54 47.81 -31.82 2.87
C VAL E 54 48.71 -30.79 2.19
N SER E 55 49.41 -31.22 1.14
CA SER E 55 50.28 -30.34 0.38
C SER E 55 49.47 -29.47 -0.58
N VAL E 56 49.88 -28.21 -0.70
CA VAL E 56 49.19 -27.24 -1.54
C VAL E 56 50.04 -26.74 -2.69
N LYS E 57 51.35 -27.01 -2.69
CA LYS E 57 52.24 -26.51 -3.73
C LYS E 57 51.80 -27.00 -5.10
N THR E 58 52.04 -26.16 -6.11
CA THR E 58 51.75 -26.48 -7.49
C THR E 58 52.94 -26.08 -8.36
N VAL E 59 53.21 -26.87 -9.39
CA VAL E 59 54.35 -26.65 -10.27
C VAL E 59 53.84 -26.45 -11.69
N LEU E 60 54.10 -25.27 -12.24
CA LEU E 60 53.80 -24.97 -13.64
C LEU E 60 55.03 -25.04 -14.53
N SER E 61 56.18 -24.63 -14.01
CA SER E 61 57.45 -24.73 -14.70
C SER E 61 58.56 -24.67 -13.66
N GLU E 62 59.81 -24.75 -14.10
CA GLU E 62 60.93 -24.63 -13.18
C GLU E 62 60.94 -23.28 -12.48
N SER E 63 60.72 -22.22 -13.24
CA SER E 63 60.66 -20.87 -12.66
C SER E 63 59.30 -20.55 -12.05
N LEU E 64 58.25 -21.26 -12.46
CA LEU E 64 56.89 -20.95 -12.02
C LEU E 64 56.43 -22.08 -11.10
N GLN E 65 56.85 -21.99 -9.83
CA GLN E 65 56.42 -22.92 -8.79
C GLN E 65 55.71 -22.10 -7.71
N LEU E 66 54.42 -22.34 -7.53
CA LEU E 66 53.60 -21.60 -6.59
C LEU E 66 53.28 -22.45 -5.38
N ASN E 67 53.29 -21.84 -4.20
CA ASN E 67 52.94 -22.56 -2.98
C ASN E 67 51.44 -22.77 -2.85
N ILE E 68 50.64 -21.85 -3.39
CA ILE E 68 49.19 -22.01 -3.42
C ILE E 68 48.72 -21.88 -4.86
N PRO E 69 47.65 -22.58 -5.26
CA PRO E 69 47.17 -22.50 -6.66
C PRO E 69 46.24 -21.32 -6.88
N LEU E 70 46.72 -20.12 -6.55
CA LEU E 70 45.93 -18.89 -6.67
C LEU E 70 46.67 -17.91 -7.57
N ILE E 71 45.95 -17.36 -8.55
CA ILE E 71 46.48 -16.36 -9.46
C ILE E 71 45.46 -15.23 -9.58
N SER E 72 45.88 -14.02 -9.24
CA SER E 72 44.98 -12.87 -9.35
C SER E 72 44.86 -12.43 -10.80
N ALA E 73 43.63 -12.15 -11.22
CA ALA E 73 43.36 -11.87 -12.62
C ALA E 73 44.04 -10.58 -13.07
N GLY E 74 44.55 -10.60 -14.31
CA GLY E 74 45.18 -9.43 -14.87
C GLY E 74 44.19 -8.40 -15.38
N MET E 75 43.53 -7.72 -14.46
CA MET E 75 42.51 -6.73 -14.78
C MET E 75 42.82 -5.42 -14.07
N ASP E 76 42.37 -4.32 -14.68
CA ASP E 76 42.68 -2.99 -14.14
C ASP E 76 42.01 -2.73 -12.80
N THR E 77 41.13 -3.61 -12.33
CA THR E 77 40.47 -3.45 -11.04
C THR E 77 40.81 -4.58 -10.07
N VAL E 78 41.76 -5.46 -10.41
CA VAL E 78 42.10 -6.62 -9.60
C VAL E 78 43.57 -6.61 -9.20
N THR E 79 44.47 -6.52 -10.17
CA THR E 79 45.89 -6.76 -9.94
C THR E 79 46.73 -5.60 -10.46
N GLU E 80 47.59 -5.07 -9.59
CA GLU E 80 48.68 -4.19 -10.00
C GLU E 80 49.93 -4.53 -9.21
N ALA E 81 50.77 -3.53 -8.93
CA ALA E 81 52.01 -3.80 -8.21
C ALA E 81 51.74 -4.23 -6.78
N ASP E 82 50.87 -3.50 -6.08
CA ASP E 82 50.60 -3.80 -4.68
C ASP E 82 49.90 -5.15 -4.52
N MET E 83 49.01 -5.49 -5.45
CA MET E 83 48.31 -6.78 -5.37
C MET E 83 49.25 -7.93 -5.69
N ALA E 84 50.17 -7.72 -6.64
CA ALA E 84 51.10 -8.79 -7.02
C ALA E 84 52.09 -9.09 -5.89
N ILE E 85 52.41 -8.10 -5.07
CA ILE E 85 53.30 -8.34 -3.94
C ILE E 85 52.62 -9.24 -2.91
N ALA E 86 51.39 -8.89 -2.53
CA ALA E 86 50.67 -9.67 -1.52
C ALA E 86 50.35 -11.06 -2.03
N MET E 87 50.04 -11.20 -3.32
CA MET E 87 49.79 -12.52 -3.89
C MET E 87 51.02 -13.41 -3.77
N ALA E 88 52.18 -12.88 -4.15
CA ALA E 88 53.40 -13.68 -4.09
C ALA E 88 53.83 -13.95 -2.66
N ARG E 89 53.60 -13.02 -1.74
CA ARG E 89 53.94 -13.25 -0.34
C ARG E 89 53.04 -14.29 0.30
N GLN E 90 51.87 -14.56 -0.27
CA GLN E 90 51.00 -15.63 0.19
C GLN E 90 51.31 -16.95 -0.51
N GLY E 91 52.23 -16.96 -1.47
CA GLY E 91 52.54 -18.14 -2.24
C GLY E 91 51.89 -18.21 -3.61
N GLY E 92 51.19 -17.17 -4.02
CA GLY E 92 50.48 -17.13 -5.29
C GLY E 92 51.23 -16.35 -6.35
N LEU E 93 50.47 -15.81 -7.30
CA LEU E 93 51.04 -15.13 -8.45
C LEU E 93 50.10 -14.02 -8.90
N GLY E 94 50.65 -12.87 -9.21
CA GLY E 94 49.88 -11.73 -9.68
C GLY E 94 50.28 -11.34 -11.09
N ILE E 95 49.29 -11.04 -11.92
CA ILE E 95 49.51 -10.64 -13.31
C ILE E 95 49.10 -9.18 -13.44
N ILE E 96 50.07 -8.31 -13.68
CA ILE E 96 49.77 -6.90 -13.87
C ILE E 96 49.07 -6.71 -15.22
N HIS E 97 47.94 -6.00 -15.20
CA HIS E 97 47.14 -5.84 -16.39
C HIS E 97 47.87 -4.99 -17.43
N LYS E 98 47.30 -4.96 -18.64
CA LYS E 98 47.88 -4.25 -19.77
C LYS E 98 47.26 -2.88 -19.99
N ASN E 99 46.35 -2.45 -19.13
CA ASN E 99 45.67 -1.16 -19.28
C ASN E 99 46.54 -0.04 -18.72
N MET E 100 47.75 0.05 -19.26
CA MET E 100 48.74 1.05 -18.84
C MET E 100 49.80 1.16 -19.92
N SER E 101 50.63 2.20 -19.80
CA SER E 101 51.70 2.39 -20.76
C SER E 101 52.76 1.31 -20.60
N ILE E 102 53.59 1.14 -21.63
CA ILE E 102 54.67 0.16 -21.58
C ILE E 102 55.66 0.53 -20.50
N GLU E 103 55.95 1.83 -20.34
CA GLU E 103 56.85 2.27 -19.29
C GLU E 103 56.21 2.12 -17.91
N GLN E 104 54.90 2.33 -17.81
CA GLN E 104 54.19 2.16 -16.54
C GLN E 104 54.05 0.69 -16.16
N GLN E 105 53.97 -0.21 -17.14
CA GLN E 105 53.85 -1.62 -16.83
C GLN E 105 55.20 -2.24 -16.47
N ALA E 106 56.28 -1.77 -17.10
CA ALA E 106 57.61 -2.29 -16.78
C ALA E 106 58.04 -1.86 -15.39
N GLU E 107 57.70 -0.63 -14.99
CA GLU E 107 58.10 -0.15 -13.67
C GLU E 107 57.33 -0.86 -12.56
N GLN E 108 56.06 -1.20 -12.82
CA GLN E 108 55.27 -1.89 -11.80
C GLN E 108 55.79 -3.31 -11.58
N VAL E 109 56.25 -3.98 -12.64
CA VAL E 109 56.83 -5.31 -12.48
C VAL E 109 58.11 -5.25 -11.65
N ASP E 110 58.92 -4.20 -11.86
CA ASP E 110 60.16 -4.05 -11.11
C ASP E 110 59.91 -3.85 -9.63
N LYS E 111 58.80 -3.20 -9.27
CA LYS E 111 58.53 -2.92 -7.86
C LYS E 111 58.40 -4.19 -7.04
N VAL E 112 57.89 -5.26 -7.65
CA VAL E 112 57.78 -6.52 -6.91
C VAL E 112 59.10 -7.29 -6.93
N LYS E 113 59.89 -7.12 -8.00
CA LYS E 113 61.19 -7.79 -8.05
C LYS E 113 62.14 -7.22 -7.00
N ARG E 114 62.02 -5.94 -6.67
CA ARG E 114 62.80 -5.32 -5.61
C ARG E 114 62.15 -5.49 -4.24
N SER E 115 61.06 -6.26 -4.16
CA SER E 115 60.36 -6.50 -2.90
C SER E 115 60.69 -7.87 -2.31
N GLY E 116 61.82 -8.46 -2.69
CA GLY E 116 62.25 -9.71 -2.09
C GLY E 116 62.36 -10.86 -3.07
N GLY E 117 62.42 -10.55 -4.37
CA GLY E 117 62.50 -11.59 -5.38
C GLY E 117 61.25 -12.44 -5.44
N LEU E 118 60.15 -11.85 -5.88
CA LEU E 118 58.84 -12.50 -5.89
C LEU E 118 58.40 -12.78 -7.32
N LEU E 119 57.67 -13.88 -7.49
CA LEU E 119 57.18 -14.25 -8.81
C LEU E 119 56.10 -13.29 -9.27
N VAL E 120 56.15 -12.90 -10.53
CA VAL E 120 55.23 -11.91 -11.10
C VAL E 120 54.97 -12.25 -12.56
N GLY E 121 53.71 -12.13 -12.96
CA GLY E 121 53.31 -12.20 -14.35
C GLY E 121 52.84 -10.85 -14.85
N ALA E 122 52.61 -10.79 -16.16
CA ALA E 122 52.15 -9.56 -16.80
C ALA E 122 51.32 -9.91 -18.01
N ALA E 123 50.25 -9.15 -18.24
CA ALA E 123 49.34 -9.38 -19.35
C ALA E 123 49.75 -8.52 -20.55
N VAL E 124 49.68 -9.11 -21.74
CA VAL E 124 50.00 -8.42 -22.98
C VAL E 124 48.97 -8.81 -24.02
N GLY E 125 48.43 -7.82 -24.72
CA GLY E 125 47.44 -8.08 -25.75
C GLY E 125 48.06 -8.31 -27.11
N VAL E 126 47.35 -9.06 -27.95
CA VAL E 126 47.79 -9.32 -29.32
C VAL E 126 47.65 -8.04 -30.13
N THR E 127 48.72 -7.24 -30.18
CA THR E 127 48.74 -5.98 -30.90
C THR E 127 50.04 -5.86 -31.67
N ALA E 128 50.20 -4.75 -32.39
CA ALA E 128 51.42 -4.52 -33.15
C ALA E 128 52.60 -4.18 -32.24
N ASP E 129 52.33 -3.55 -31.10
CA ASP E 129 53.37 -3.21 -30.13
C ASP E 129 53.61 -4.32 -29.12
N ALA E 130 53.08 -5.52 -29.36
CA ALA E 130 53.23 -6.61 -28.40
C ALA E 130 54.70 -6.99 -28.22
N MET E 131 55.45 -7.09 -29.32
CA MET E 131 56.86 -7.42 -29.22
C MET E 131 57.62 -6.36 -28.45
N THR E 132 57.36 -5.09 -28.73
CA THR E 132 58.03 -4.01 -28.00
C THR E 132 57.62 -4.01 -26.53
N ARG E 133 56.36 -4.35 -26.24
CA ARG E 133 55.88 -4.34 -24.86
C ARG E 133 56.50 -5.47 -24.05
N ILE E 134 56.70 -6.64 -24.68
CA ILE E 134 57.22 -7.79 -23.96
C ILE E 134 58.69 -7.58 -23.62
N ASP E 135 59.45 -6.93 -24.51
CA ASP E 135 60.89 -6.77 -24.29
C ASP E 135 61.16 -6.01 -22.99
N ALA E 136 60.44 -4.92 -22.74
CA ALA E 136 60.64 -4.15 -21.52
C ALA E 136 60.30 -4.96 -20.29
N LEU E 137 59.38 -5.92 -20.41
CA LEU E 137 59.01 -6.74 -19.26
C LEU E 137 60.11 -7.74 -18.93
N VAL E 138 60.73 -8.35 -19.94
CA VAL E 138 61.76 -9.36 -19.70
C VAL E 138 62.98 -8.73 -19.05
N LYS E 139 63.35 -7.52 -19.50
CA LYS E 139 64.46 -6.82 -18.86
C LYS E 139 64.11 -6.35 -17.45
N ALA E 140 62.81 -6.23 -17.14
CA ALA E 140 62.37 -6.02 -15.77
C ALA E 140 62.33 -7.32 -14.97
N SER E 141 62.94 -8.39 -15.50
CA SER E 141 63.00 -9.69 -14.85
C SER E 141 61.60 -10.26 -14.58
N VAL E 142 60.73 -10.16 -15.59
CA VAL E 142 59.39 -10.73 -15.45
C VAL E 142 59.51 -12.25 -15.48
N ASP E 143 58.61 -12.91 -14.75
CA ASP E 143 58.64 -14.36 -14.62
C ASP E 143 57.56 -15.07 -15.42
N ALA E 144 56.60 -14.33 -15.98
CA ALA E 144 55.52 -14.96 -16.75
C ALA E 144 54.91 -13.91 -17.68
N ILE E 145 54.62 -14.33 -18.91
CA ILE E 145 53.95 -13.51 -19.90
C ILE E 145 52.57 -14.09 -20.16
N VAL E 146 51.55 -13.25 -20.11
CA VAL E 146 50.17 -13.66 -20.31
C VAL E 146 49.64 -12.95 -21.55
N LEU E 147 49.51 -13.70 -22.64
CA LEU E 147 48.89 -13.18 -23.87
C LEU E 147 47.38 -13.29 -23.72
N ASP E 148 46.78 -12.23 -23.18
CA ASP E 148 45.35 -12.19 -22.92
C ASP E 148 44.60 -11.70 -24.15
N THR E 149 43.59 -12.46 -24.56
CA THR E 149 42.73 -12.05 -25.67
C THR E 149 41.39 -12.77 -25.52
N ALA E 150 40.40 -12.28 -26.27
CA ALA E 150 39.05 -12.81 -26.14
C ALA E 150 38.93 -14.19 -26.75
N HIS E 151 39.60 -14.43 -27.87
CA HIS E 151 39.55 -15.70 -28.58
C HIS E 151 40.96 -16.20 -28.78
N GLY E 152 41.41 -17.11 -27.91
CA GLY E 152 42.75 -17.64 -28.00
C GLY E 152 42.99 -18.55 -29.19
N HIS E 153 41.92 -19.03 -29.82
CA HIS E 153 42.03 -19.92 -30.98
C HIS E 153 42.05 -19.16 -32.29
N SER E 154 42.62 -17.96 -32.31
CA SER E 154 42.73 -17.16 -33.52
C SER E 154 44.11 -17.34 -34.14
N GLN E 155 44.19 -17.06 -35.45
CA GLN E 155 45.46 -17.23 -36.16
C GLN E 155 46.50 -16.22 -35.68
N GLY E 156 46.06 -14.98 -35.40
CA GLY E 156 46.98 -13.99 -34.89
C GLY E 156 47.56 -14.34 -33.53
N VAL E 157 46.78 -15.02 -32.70
CA VAL E 157 47.29 -15.46 -31.40
C VAL E 157 48.34 -16.55 -31.59
N ILE E 158 48.09 -17.50 -32.49
CA ILE E 158 49.05 -18.55 -32.78
C ILE E 158 50.33 -17.95 -33.35
N ASP E 159 50.22 -16.88 -34.14
CA ASP E 159 51.39 -16.25 -34.72
C ASP E 159 52.27 -15.62 -33.65
N LYS E 160 51.65 -15.02 -32.63
CA LYS E 160 52.42 -14.30 -31.61
C LYS E 160 53.06 -15.24 -30.60
N VAL E 161 52.40 -16.37 -30.28
CA VAL E 161 52.98 -17.32 -29.32
C VAL E 161 54.27 -17.90 -29.88
N LYS E 162 54.26 -18.29 -31.16
CA LYS E 162 55.49 -18.77 -31.78
C LYS E 162 56.52 -17.65 -31.90
N GLU E 163 56.06 -16.43 -32.14
CA GLU E 163 56.99 -15.32 -32.34
C GLU E 163 57.72 -14.96 -31.06
N VAL E 164 57.04 -15.03 -29.91
CA VAL E 164 57.69 -14.69 -28.66
C VAL E 164 58.50 -15.86 -28.12
N ARG E 165 58.05 -17.11 -28.33
CA ARG E 165 58.80 -18.25 -27.82
C ARG E 165 60.08 -18.47 -28.62
N ALA E 166 60.08 -18.14 -29.91
CA ALA E 166 61.31 -18.23 -30.69
C ALA E 166 62.33 -17.21 -30.21
N LYS E 167 61.88 -16.05 -29.73
CA LYS E 167 62.81 -15.02 -29.26
C LYS E 167 63.23 -15.26 -27.82
N TYR E 168 62.32 -15.77 -26.99
CA TYR E 168 62.60 -16.04 -25.58
C TYR E 168 62.22 -17.49 -25.27
N PRO E 169 63.18 -18.41 -25.34
CA PRO E 169 62.85 -19.82 -25.07
C PRO E 169 62.58 -20.10 -23.60
N SER E 170 63.25 -19.43 -22.67
CA SER E 170 63.11 -19.70 -21.25
C SER E 170 62.13 -18.77 -20.55
N LEU E 171 61.37 -17.98 -21.31
CA LEU E 171 60.36 -17.10 -20.73
C LEU E 171 59.03 -17.83 -20.72
N ASN E 172 58.41 -17.92 -19.53
CA ASN E 172 57.12 -18.58 -19.41
C ASN E 172 56.05 -17.76 -20.11
N ILE E 173 55.25 -18.44 -20.94
CA ILE E 173 54.24 -17.79 -21.78
C ILE E 173 52.89 -18.41 -21.46
N ILE E 174 51.94 -17.57 -21.06
CA ILE E 174 50.57 -17.99 -20.78
C ILE E 174 49.70 -17.52 -21.95
N ALA E 175 49.06 -18.46 -22.62
CA ALA E 175 48.22 -18.17 -23.77
C ALA E 175 46.75 -18.47 -23.44
N GLY E 176 45.87 -17.57 -23.88
CA GLY E 176 44.45 -17.74 -23.64
C GLY E 176 43.66 -16.69 -24.39
N ASN E 177 42.34 -16.83 -24.34
CA ASN E 177 41.69 -17.92 -23.61
C ASN E 177 41.09 -18.96 -24.57
N VAL E 178 41.09 -20.22 -24.14
CA VAL E 178 40.59 -21.31 -24.94
C VAL E 178 39.66 -22.18 -24.10
N ALA E 179 38.78 -22.90 -24.78
CA ALA E 179 37.85 -23.81 -24.13
C ALA E 179 37.71 -25.15 -24.84
N THR E 180 38.42 -25.36 -25.95
CA THR E 180 38.34 -26.60 -26.70
C THR E 180 39.64 -27.37 -26.60
N ALA E 181 39.55 -28.69 -26.73
CA ALA E 181 40.74 -29.53 -26.68
C ALA E 181 41.63 -29.28 -27.89
N GLU E 182 41.04 -29.09 -29.07
CA GLU E 182 41.84 -28.78 -30.25
C GLU E 182 42.49 -27.41 -30.14
N ALA E 183 41.87 -26.49 -29.39
CA ALA E 183 42.47 -25.18 -29.20
C ALA E 183 43.64 -25.23 -28.23
N THR E 184 43.53 -26.03 -27.17
CA THR E 184 44.66 -26.24 -26.27
C THR E 184 45.81 -26.91 -27.00
N LYS E 185 45.50 -27.89 -27.85
CA LYS E 185 46.54 -28.56 -28.62
C LYS E 185 47.25 -27.58 -29.55
N ALA E 186 46.50 -26.65 -30.15
CA ALA E 186 47.09 -25.69 -31.07
C ALA E 186 48.04 -24.74 -30.34
N LEU E 187 47.70 -24.36 -29.12
CA LEU E 187 48.56 -23.44 -28.36
C LEU E 187 49.82 -24.14 -27.89
N ILE E 188 49.71 -25.40 -27.47
CA ILE E 188 50.89 -26.14 -27.03
C ILE E 188 51.85 -26.35 -28.19
N GLU E 189 51.31 -26.70 -29.37
CA GLU E 189 52.14 -26.83 -30.56
C GLU E 189 52.74 -25.49 -31.00
N ALA E 190 52.12 -24.38 -30.60
CA ALA E 190 52.68 -23.05 -30.87
C ALA E 190 53.76 -22.66 -29.86
N GLY E 191 54.03 -23.49 -28.87
CA GLY E 191 55.06 -23.22 -27.90
C GLY E 191 54.60 -22.64 -26.59
N ALA E 192 53.29 -22.55 -26.36
CA ALA E 192 52.78 -22.00 -25.11
C ALA E 192 53.07 -22.96 -23.96
N ASN E 193 53.67 -22.43 -22.89
CA ASN E 193 54.00 -23.28 -21.74
C ASN E 193 52.75 -23.67 -20.96
N VAL E 194 51.85 -22.71 -20.72
CA VAL E 194 50.61 -22.96 -19.99
C VAL E 194 49.47 -22.35 -20.77
N VAL E 195 48.32 -23.04 -20.77
CA VAL E 195 47.12 -22.58 -21.45
C VAL E 195 46.09 -22.19 -20.40
N LYS E 196 45.45 -21.04 -20.60
CA LYS E 196 44.44 -20.53 -19.67
C LYS E 196 43.05 -20.79 -20.26
N VAL E 197 42.18 -21.38 -19.45
CA VAL E 197 40.88 -21.88 -19.91
C VAL E 197 39.79 -20.97 -19.38
N GLY E 198 38.86 -20.59 -20.27
CA GLY E 198 37.73 -19.78 -19.88
C GLY E 198 37.21 -18.88 -20.97
N ILE E 199 36.10 -19.26 -21.59
CA ILE E 199 35.41 -18.44 -22.60
C ILE E 199 33.98 -18.29 -22.10
N GLY E 200 33.73 -17.23 -21.34
CA GLY E 200 32.39 -16.98 -20.83
C GLY E 200 32.13 -17.09 -19.34
N PRO E 201 32.94 -17.80 -18.55
CA PRO E 201 32.54 -18.04 -17.15
C PRO E 201 32.69 -16.83 -16.23
N GLY E 202 33.36 -15.77 -16.67
CA GLY E 202 33.62 -14.62 -15.82
C GLY E 202 32.40 -14.02 -15.18
N SER E 203 32.52 -13.63 -13.90
CA SER E 203 31.37 -13.06 -13.19
C SER E 203 30.93 -11.73 -13.80
N ILE E 204 31.86 -11.01 -14.42
CA ILE E 204 31.55 -9.75 -15.09
C ILE E 204 31.47 -9.93 -16.60
N CYS E 205 31.40 -11.16 -17.09
CA CYS E 205 31.48 -11.45 -18.50
C CYS E 205 30.09 -11.57 -19.12
N THR E 206 29.95 -11.07 -20.36
CA THR E 206 28.72 -11.20 -21.12
C THR E 206 28.97 -11.80 -22.50
N THR E 207 30.10 -12.50 -22.69
CA THR E 207 30.43 -13.05 -24.01
C THR E 207 29.40 -14.08 -24.44
N ARG E 208 29.03 -14.99 -23.54
CA ARG E 208 28.01 -15.99 -23.86
C ARG E 208 26.65 -15.37 -24.09
N VAL E 209 26.43 -14.15 -23.62
CA VAL E 209 25.15 -13.47 -23.81
C VAL E 209 25.17 -12.60 -25.07
N VAL E 210 26.30 -11.94 -25.33
CA VAL E 210 26.39 -11.02 -26.46
C VAL E 210 26.69 -11.78 -27.75
N ALA E 211 27.64 -12.70 -27.71
CA ALA E 211 28.03 -13.47 -28.89
C ALA E 211 27.43 -14.87 -28.92
N GLY E 212 26.79 -15.30 -27.84
CA GLY E 212 26.22 -16.64 -27.81
C GLY E 212 27.23 -17.76 -27.86
N VAL E 213 28.49 -17.47 -27.59
CA VAL E 213 29.57 -18.44 -27.70
C VAL E 213 30.17 -18.69 -26.34
N GLY E 214 30.45 -19.95 -26.03
CA GLY E 214 31.08 -20.29 -24.77
C GLY E 214 31.01 -21.79 -24.53
N VAL E 215 31.72 -22.21 -23.49
CA VAL E 215 31.70 -23.60 -23.03
C VAL E 215 31.59 -23.58 -21.51
N PRO E 216 30.72 -24.39 -20.91
CA PRO E 216 30.68 -24.47 -19.45
C PRO E 216 32.05 -24.73 -18.85
N GLN E 217 32.41 -23.93 -17.85
CA GLN E 217 33.81 -23.84 -17.42
C GLN E 217 34.34 -25.19 -16.93
N LEU E 218 33.54 -25.93 -16.18
CA LEU E 218 34.00 -27.22 -15.66
C LEU E 218 34.24 -28.21 -16.79
N THR E 219 33.40 -28.17 -17.84
CA THR E 219 33.65 -28.99 -19.01
C THR E 219 34.83 -28.46 -19.80
N ALA E 220 34.96 -27.13 -19.90
CA ALA E 220 36.08 -26.55 -20.63
C ALA E 220 37.42 -26.90 -19.98
N VAL E 221 37.47 -26.89 -18.65
CA VAL E 221 38.73 -27.22 -17.99
C VAL E 221 39.01 -28.71 -18.04
N TYR E 222 37.95 -29.54 -18.14
CA TYR E 222 38.16 -30.98 -18.22
C TYR E 222 38.57 -31.42 -19.63
N ASP E 223 37.97 -30.80 -20.65
CA ASP E 223 38.36 -31.14 -22.02
C ASP E 223 39.77 -30.62 -22.34
N CYS E 224 40.11 -29.43 -21.84
CA CYS E 224 41.43 -28.86 -22.13
C CYS E 224 42.51 -29.58 -21.33
N ALA E 225 42.20 -29.97 -20.10
CA ALA E 225 43.18 -30.72 -19.31
C ALA E 225 43.38 -32.13 -19.86
N THR E 226 42.35 -32.70 -20.50
CA THR E 226 42.49 -34.01 -21.13
C THR E 226 43.51 -33.96 -22.26
N GLU E 227 43.48 -32.89 -23.06
CA GLU E 227 44.46 -32.73 -24.13
C GLU E 227 45.82 -32.33 -23.60
N ALA E 228 45.85 -31.47 -22.58
CA ALA E 228 47.12 -31.00 -22.02
C ALA E 228 47.80 -32.04 -21.15
N ARG E 229 47.03 -32.98 -20.58
CA ARG E 229 47.65 -34.06 -19.81
C ARG E 229 48.52 -34.94 -20.69
N LYS E 230 48.16 -35.10 -21.96
CA LYS E 230 48.98 -35.88 -22.88
C LYS E 230 50.34 -35.22 -23.09
N HIS E 231 50.36 -33.90 -23.27
CA HIS E 231 51.60 -33.17 -23.49
C HIS E 231 52.31 -32.78 -22.20
N GLY E 232 51.74 -33.12 -21.04
CA GLY E 232 52.31 -32.71 -19.77
C GLY E 232 52.31 -31.21 -19.56
N ILE E 233 51.26 -30.53 -19.99
CA ILE E 233 51.15 -29.07 -19.92
C ILE E 233 50.12 -28.73 -18.85
N PRO E 234 50.42 -27.83 -17.92
CA PRO E 234 49.43 -27.45 -16.90
C PRO E 234 48.30 -26.63 -17.50
N VAL E 235 47.20 -26.58 -16.75
CA VAL E 235 45.99 -25.86 -17.17
C VAL E 235 45.57 -24.92 -16.06
N ILE E 236 45.19 -23.70 -16.44
CA ILE E 236 44.71 -22.68 -15.51
C ILE E 236 43.21 -22.51 -15.71
N ALA E 237 42.46 -22.58 -14.61
CA ALA E 237 41.01 -22.37 -14.64
C ALA E 237 40.73 -20.90 -14.36
N ASP E 238 40.24 -20.19 -15.36
CA ASP E 238 40.03 -18.75 -15.29
C ASP E 238 38.54 -18.44 -15.41
N GLY E 239 37.99 -17.81 -14.38
CA GLY E 239 36.61 -17.38 -14.42
C GLY E 239 35.65 -18.45 -13.90
N GLY E 240 34.50 -17.99 -13.41
CA GLY E 240 33.45 -18.88 -12.96
C GLY E 240 33.50 -19.24 -11.50
N ILE E 241 34.62 -19.00 -10.81
CA ILE E 241 34.77 -19.39 -9.42
C ILE E 241 34.04 -18.37 -8.55
N LYS E 242 32.97 -18.80 -7.89
CA LYS E 242 32.21 -17.96 -6.97
C LYS E 242 32.49 -18.28 -5.52
N TYR E 243 32.66 -19.56 -5.19
CA TYR E 243 32.95 -20.01 -3.83
C TYR E 243 34.24 -20.81 -3.83
N SER E 244 34.77 -21.06 -2.64
CA SER E 244 36.02 -21.80 -2.51
C SER E 244 35.86 -23.25 -2.95
N GLY E 245 34.66 -23.81 -2.79
CA GLY E 245 34.43 -25.18 -3.24
C GLY E 245 34.46 -25.31 -4.75
N ASP E 246 34.11 -24.24 -5.47
CA ASP E 246 34.22 -24.25 -6.93
C ASP E 246 35.69 -24.33 -7.36
N MET E 247 36.59 -23.74 -6.59
CA MET E 247 38.01 -23.84 -6.90
C MET E 247 38.50 -25.28 -6.76
N VAL E 248 38.03 -25.98 -5.72
CA VAL E 248 38.41 -27.39 -5.54
C VAL E 248 37.90 -28.22 -6.70
N LYS E 249 36.70 -27.92 -7.20
CA LYS E 249 36.17 -28.65 -8.35
C LYS E 249 36.99 -28.37 -9.61
N ALA E 250 37.43 -27.13 -9.78
CA ALA E 250 38.25 -26.80 -10.95
C ALA E 250 39.60 -27.50 -10.91
N LEU E 251 40.23 -27.54 -9.73
CA LEU E 251 41.51 -28.25 -9.60
C LEU E 251 41.32 -29.75 -9.75
N ALA E 252 40.25 -30.29 -9.17
CA ALA E 252 39.97 -31.72 -9.31
C ALA E 252 39.56 -32.11 -10.72
N ALA E 253 39.19 -31.15 -11.56
CA ALA E 253 38.81 -31.42 -12.93
C ALA E 253 40.00 -31.40 -13.89
N GLY E 254 41.18 -31.04 -13.42
CA GLY E 254 42.36 -31.08 -14.28
C GLY E 254 43.25 -29.87 -14.20
N ALA E 255 42.79 -28.81 -13.54
CA ALA E 255 43.56 -27.59 -13.45
C ALA E 255 44.61 -27.68 -12.34
N HIS E 256 45.80 -27.13 -12.61
CA HIS E 256 46.83 -27.02 -11.60
C HIS E 256 46.69 -25.78 -10.75
N VAL E 257 46.05 -24.73 -11.27
CA VAL E 257 45.95 -23.45 -10.58
C VAL E 257 44.79 -22.69 -11.18
N VAL E 258 44.07 -21.94 -10.35
CA VAL E 258 42.92 -21.17 -10.79
C VAL E 258 43.28 -19.69 -10.87
N MET E 259 42.48 -18.96 -11.65
CA MET E 259 42.60 -17.51 -11.76
C MET E 259 41.30 -16.89 -11.25
N LEU E 260 41.43 -15.97 -10.29
CA LEU E 260 40.28 -15.36 -9.63
C LEU E 260 40.26 -13.86 -9.91
N GLY E 261 39.06 -13.32 -10.10
CA GLY E 261 38.89 -11.90 -10.32
C GLY E 261 37.90 -11.28 -9.35
N SER E 262 36.70 -11.85 -9.26
CA SER E 262 35.69 -11.30 -8.38
C SER E 262 36.04 -11.52 -6.91
N MET E 263 36.53 -12.71 -6.58
CA MET E 263 36.88 -13.02 -5.19
C MET E 263 38.17 -12.33 -4.73
N PHE E 264 38.87 -11.64 -5.63
CA PHE E 264 40.04 -10.85 -5.26
C PHE E 264 39.88 -9.37 -5.56
N ALA E 265 38.71 -8.93 -6.02
CA ALA E 265 38.54 -7.52 -6.37
C ALA E 265 38.26 -6.65 -5.15
N GLY E 266 37.66 -7.22 -4.09
CA GLY E 266 37.30 -6.48 -2.92
C GLY E 266 38.35 -6.40 -1.83
N VAL E 267 39.56 -6.90 -2.09
CA VAL E 267 40.62 -6.85 -1.09
C VAL E 267 41.26 -5.47 -1.10
N ALA E 268 42.09 -5.19 -0.09
CA ALA E 268 42.69 -3.87 0.04
C ALA E 268 43.82 -3.64 -0.96
N GLU E 269 44.57 -4.69 -1.30
CA GLU E 269 45.72 -4.54 -2.19
C GLU E 269 45.32 -4.33 -3.64
N SER E 270 44.07 -4.61 -4.01
CA SER E 270 43.64 -4.40 -5.38
C SER E 270 43.57 -2.91 -5.70
N PRO E 271 43.84 -2.54 -6.95
CA PRO E 271 43.85 -1.11 -7.30
C PRO E 271 42.49 -0.46 -7.11
N GLY E 272 42.52 0.86 -6.95
CA GLY E 272 41.34 1.64 -6.66
C GLY E 272 41.11 1.80 -5.17
N GLU E 273 40.39 2.86 -4.82
CA GLU E 273 40.05 3.14 -3.44
C GLU E 273 38.65 2.62 -3.12
N THR E 274 38.33 2.60 -1.84
CA THR E 274 37.04 2.11 -1.38
C THR E 274 35.94 3.14 -1.65
N GLU E 275 34.73 2.63 -1.86
CA GLU E 275 33.56 3.45 -2.14
C GLU E 275 32.43 3.04 -1.20
N ILE E 276 31.69 4.02 -0.69
CA ILE E 276 30.59 3.78 0.23
C ILE E 276 29.29 3.73 -0.57
N TYR E 277 28.53 2.65 -0.37
CA TYR E 277 27.24 2.47 -1.04
C TYR E 277 26.24 1.96 -0.02
N GLN E 278 25.22 2.76 0.27
CA GLN E 278 24.20 2.43 1.26
C GLN E 278 24.84 2.12 2.62
N GLY E 279 25.83 2.94 2.99
CA GLY E 279 26.52 2.79 4.25
C GLY E 279 27.65 1.78 4.26
N ARG E 280 27.63 0.80 3.37
CA ARG E 280 28.66 -0.22 3.32
C ARG E 280 29.75 0.16 2.32
N GLN E 281 30.97 -0.30 2.60
CA GLN E 281 32.11 -0.01 1.73
C GLN E 281 32.16 -1.03 0.60
N PHE E 282 32.34 -0.54 -0.63
CA PHE E 282 32.43 -1.37 -1.81
C PHE E 282 33.66 -0.98 -2.62
N LYS E 283 33.92 -1.76 -3.66
CA LYS E 283 35.05 -1.51 -4.55
C LYS E 283 34.63 -1.79 -5.98
N VAL E 284 35.10 -0.95 -6.91
CA VAL E 284 34.70 -1.08 -8.31
C VAL E 284 35.31 -2.34 -8.90
N TYR E 285 34.47 -3.13 -9.57
CA TYR E 285 34.92 -4.33 -10.27
C TYR E 285 34.26 -4.35 -11.64
N ARG E 286 35.04 -4.14 -12.69
CA ARG E 286 34.54 -4.09 -14.05
C ARG E 286 35.37 -5.01 -14.94
N GLY E 287 34.74 -5.52 -15.98
CA GLY E 287 35.45 -6.37 -16.92
C GLY E 287 36.31 -5.57 -17.88
N MET E 288 37.36 -6.22 -18.39
CA MET E 288 38.25 -5.57 -19.34
C MET E 288 37.57 -5.29 -20.68
N GLY E 289 36.43 -5.93 -20.94
CA GLY E 289 35.63 -5.66 -22.11
C GLY E 289 34.46 -4.74 -21.87
N SER E 290 34.32 -4.19 -20.67
CA SER E 290 33.24 -3.26 -20.38
C SER E 290 33.55 -1.88 -20.91
N VAL E 291 32.49 -1.08 -21.12
CA VAL E 291 32.62 0.22 -21.78
C VAL E 291 33.59 1.12 -21.03
N GLY E 292 33.52 1.12 -19.69
CA GLY E 292 34.36 2.01 -18.91
C GLY E 292 35.84 1.70 -19.07
N ALA E 293 36.19 0.41 -19.16
CA ALA E 293 37.59 0.03 -19.25
C ALA E 293 38.17 0.23 -20.66
N MET E 294 37.31 0.24 -21.68
CA MET E 294 37.81 0.36 -23.05
C MET E 294 38.30 1.78 -23.35
N GLU E 295 37.64 2.79 -22.79
CA GLU E 295 38.02 4.17 -23.09
C GLU E 295 39.42 4.50 -22.57
N LYS E 296 39.72 4.08 -21.35
CA LYS E 296 41.07 4.26 -20.80
C LYS E 296 41.42 3.13 -19.85
N VAL E 311 31.38 -2.31 -29.18
CA VAL E 311 30.52 -3.33 -28.60
C VAL E 311 31.23 -4.02 -27.44
N PRO E 312 30.71 -3.83 -26.22
CA PRO E 312 31.34 -4.43 -25.05
C PRO E 312 30.93 -5.88 -24.86
N GLU E 313 31.81 -6.63 -24.19
CA GLU E 313 31.54 -8.00 -23.80
C GLU E 313 31.69 -8.18 -22.28
N GLY E 314 31.42 -7.13 -21.53
CA GLY E 314 31.48 -7.17 -20.08
C GLY E 314 30.69 -6.02 -19.50
N ILE E 315 30.48 -6.09 -18.19
CA ILE E 315 29.70 -5.10 -17.47
C ILE E 315 30.58 -4.48 -16.37
N GLU E 316 30.09 -3.37 -15.83
CA GLU E 316 30.78 -2.66 -14.75
C GLU E 316 29.98 -2.81 -13.47
N GLY E 317 30.67 -3.16 -12.39
CA GLY E 317 29.97 -3.38 -11.14
C GLY E 317 30.78 -3.08 -9.89
N ARG E 318 30.22 -3.43 -8.73
CA ARG E 318 30.89 -3.25 -7.46
C ARG E 318 30.87 -4.56 -6.67
N VAL E 319 31.81 -4.68 -5.76
CA VAL E 319 31.91 -5.86 -4.89
C VAL E 319 32.20 -5.42 -3.47
N PRO E 320 31.71 -6.19 -2.52
CA PRO E 320 31.96 -5.88 -1.11
C PRO E 320 33.45 -5.90 -0.78
N TYR E 321 33.86 -4.92 0.02
CA TYR E 321 35.25 -4.81 0.47
C TYR E 321 35.52 -5.83 1.56
N LYS E 322 36.57 -6.64 1.36
CA LYS E 322 36.87 -7.74 2.28
C LYS E 322 38.20 -7.56 3.01
N GLY E 323 38.81 -6.39 2.96
CA GLY E 323 40.00 -6.11 3.74
C GLY E 323 41.27 -6.67 3.13
N PRO E 324 42.18 -7.13 3.98
CA PRO E 324 43.46 -7.64 3.47
C PRO E 324 43.28 -8.92 2.67
N LEU E 325 44.29 -9.20 1.83
CA LEU E 325 44.25 -10.39 0.98
C LEU E 325 44.44 -11.66 1.80
N ALA E 326 45.18 -11.59 2.91
CA ALA E 326 45.49 -12.78 3.68
C ALA E 326 44.25 -13.48 4.21
N ASP E 327 43.21 -12.72 4.56
CA ASP E 327 42.00 -13.34 5.09
C ASP E 327 41.24 -14.09 4.01
N THR E 328 41.18 -13.53 2.79
CA THR E 328 40.52 -14.23 1.70
C THR E 328 41.30 -15.46 1.26
N VAL E 329 42.64 -15.35 1.21
CA VAL E 329 43.47 -16.48 0.85
C VAL E 329 43.34 -17.58 1.89
N HIS E 330 43.25 -17.21 3.17
CA HIS E 330 43.14 -18.21 4.23
C HIS E 330 41.88 -19.04 4.08
N GLN E 331 40.77 -18.40 3.71
CA GLN E 331 39.52 -19.15 3.53
C GLN E 331 39.54 -19.97 2.25
N LEU E 332 40.20 -19.47 1.20
CA LEU E 332 40.29 -20.23 -0.04
C LEU E 332 41.20 -21.44 0.12
N VAL E 333 42.43 -21.23 0.60
CA VAL E 333 43.34 -22.34 0.84
C VAL E 333 42.78 -23.26 1.93
N GLY E 334 42.17 -22.67 2.96
CA GLY E 334 41.56 -23.48 4.01
C GLY E 334 40.43 -24.35 3.48
N GLY E 335 39.63 -23.82 2.55
CA GLY E 335 38.59 -24.62 1.94
C GLY E 335 39.13 -25.68 1.03
N LEU E 336 40.29 -25.45 0.42
CA LEU E 336 40.91 -26.47 -0.43
C LEU E 336 41.41 -27.65 0.41
N ARG E 337 42.11 -27.35 1.52
CA ARG E 337 42.62 -28.41 2.38
C ARG E 337 41.49 -29.30 2.88
N ALA E 338 40.34 -28.72 3.22
CA ALA E 338 39.19 -29.52 3.62
C ALA E 338 38.71 -30.39 2.46
N GLY E 339 38.60 -29.81 1.27
CA GLY E 339 38.17 -30.59 0.12
C GLY E 339 39.15 -31.70 -0.24
N MET E 340 40.45 -31.40 -0.18
CA MET E 340 41.44 -32.44 -0.42
C MET E 340 41.46 -33.46 0.72
N GLY E 341 41.10 -33.03 1.94
CA GLY E 341 40.97 -33.97 3.04
C GLY E 341 39.75 -34.85 2.91
N TYR E 342 38.66 -34.33 2.33
CA TYR E 342 37.47 -35.15 2.13
C TYR E 342 37.71 -36.22 1.08
N CYS E 343 38.45 -35.90 0.02
CA CYS E 343 38.72 -36.84 -1.05
C CYS E 343 39.96 -37.69 -0.80
N GLY E 344 40.72 -37.40 0.26
CA GLY E 344 41.90 -38.18 0.56
C GLY E 344 43.08 -37.93 -0.35
N ALA E 345 43.31 -36.68 -0.72
CA ALA E 345 44.39 -36.30 -1.62
C ALA E 345 45.45 -35.53 -0.83
N GLN E 346 46.63 -36.14 -0.69
CA GLN E 346 47.74 -35.44 -0.06
C GLN E 346 48.26 -34.30 -0.94
N ASP E 347 48.37 -34.55 -2.24
CA ASP E 347 48.90 -33.59 -3.19
C ASP E 347 47.85 -33.25 -4.24
N LEU E 348 48.09 -32.16 -4.97
CA LEU E 348 47.15 -31.73 -5.99
C LEU E 348 47.09 -32.69 -7.18
N GLU E 349 48.12 -33.52 -7.36
CA GLU E 349 48.09 -34.49 -8.46
C GLU E 349 47.09 -35.60 -8.18
N PHE E 350 47.10 -36.14 -6.95
CA PHE E 350 46.16 -37.20 -6.61
C PHE E 350 44.73 -36.71 -6.72
N LEU E 351 44.47 -35.48 -6.28
CA LEU E 351 43.14 -34.88 -6.50
C LEU E 351 42.85 -34.70 -7.99
N ARG E 352 43.89 -34.43 -8.78
CA ARG E 352 43.71 -34.20 -10.21
C ARG E 352 43.58 -35.50 -11.00
N GLU E 353 44.05 -36.62 -10.46
CA GLU E 353 44.03 -37.89 -11.17
C GLU E 353 43.03 -38.89 -10.60
N ASN E 354 42.52 -38.68 -9.38
CA ASN E 354 41.69 -39.68 -8.73
C ASN E 354 40.36 -39.17 -8.19
N ALA E 355 40.18 -37.87 -8.00
CA ALA E 355 38.93 -37.36 -7.45
C ALA E 355 37.77 -37.61 -8.41
N GLN E 356 36.66 -38.09 -7.87
CA GLN E 356 35.48 -38.42 -8.64
C GLN E 356 34.36 -37.43 -8.34
N PHE E 357 33.63 -37.04 -9.38
CA PHE E 357 32.47 -36.17 -9.25
C PHE E 357 31.19 -36.99 -9.32
N ILE E 358 30.10 -36.38 -8.86
CA ILE E 358 28.77 -36.95 -9.02
C ILE E 358 27.85 -35.82 -9.47
N ARG E 359 27.06 -36.07 -10.50
CA ARG E 359 26.20 -35.05 -11.09
C ARG E 359 24.88 -34.96 -10.33
N MET E 360 24.40 -33.74 -10.14
CA MET E 360 23.19 -33.46 -9.38
C MET E 360 22.31 -32.50 -10.17
N SER E 361 21.06 -32.39 -9.73
CA SER E 361 20.09 -31.50 -10.37
C SER E 361 20.08 -30.15 -9.65
N GLY E 362 19.20 -29.27 -10.11
CA GLY E 362 19.05 -27.98 -9.45
C GLY E 362 18.58 -28.11 -8.01
N ALA E 363 17.81 -29.16 -7.71
CA ALA E 363 17.40 -29.42 -6.34
C ALA E 363 18.58 -29.84 -5.48
N GLY E 364 19.56 -30.53 -6.07
CA GLY E 364 20.77 -30.85 -5.33
C GLY E 364 21.61 -29.63 -5.03
N LEU E 365 21.59 -28.63 -5.92
CA LEU E 365 22.28 -27.38 -5.63
C LEU E 365 21.62 -26.63 -4.49
N LEU E 366 20.28 -26.59 -4.48
CA LEU E 366 19.57 -25.97 -3.37
C LEU E 366 19.81 -26.73 -2.06
N GLU E 367 19.97 -28.06 -2.14
CA GLU E 367 20.31 -28.83 -0.96
C GLU E 367 21.76 -28.57 -0.54
N SER E 368 22.64 -28.35 -1.50
CA SER E 368 24.05 -28.13 -1.18
C SER E 368 24.26 -26.83 -0.42
N HIS E 369 23.59 -25.76 -0.83
CA HIS E 369 23.62 -24.53 -0.08
C HIS E 369 22.73 -24.66 1.16
N PRO E 370 22.89 -23.76 2.13
CA PRO E 370 21.93 -23.70 3.24
C PRO E 370 20.52 -23.47 2.73
N HIS E 371 19.55 -23.99 3.46
CA HIS E 371 18.16 -23.93 3.01
C HIS E 371 17.23 -23.95 4.22
N HIS E 372 16.12 -23.24 4.11
CA HIS E 372 15.06 -23.21 5.12
C HIS E 372 15.58 -22.78 6.49
N VAL E 373 16.56 -21.88 6.51
CA VAL E 373 17.08 -21.29 7.74
C VAL E 373 17.32 -19.81 7.50
N GLN E 374 16.82 -18.97 8.39
CA GLN E 374 17.04 -17.52 8.31
C GLN E 374 18.44 -17.21 8.81
N ILE E 375 19.35 -16.97 7.87
CA ILE E 375 20.75 -16.70 8.23
C ILE E 375 20.84 -15.41 9.01
N THR E 376 21.49 -15.46 10.18
CA THR E 376 21.59 -14.30 11.06
C THR E 376 22.86 -13.50 10.83
N LYS E 377 24.00 -14.16 10.69
CA LYS E 377 25.28 -13.49 10.53
C LYS E 377 26.04 -14.10 9.36
N GLU E 378 27.03 -13.36 8.88
CA GLU E 378 27.77 -13.72 7.68
C GLU E 378 29.02 -14.53 8.05
N ALA E 379 29.26 -15.60 7.29
CA ALA E 379 30.44 -16.43 7.42
C ALA E 379 31.58 -15.84 6.60
N PRO E 380 32.84 -16.11 6.98
CA PRO E 380 33.97 -15.56 6.21
C PRO E 380 34.15 -16.21 4.84
N ASN E 381 33.47 -17.33 4.56
CA ASN E 381 33.62 -18.01 3.29
C ASN E 381 32.30 -18.20 2.54
N TYR E 382 31.19 -17.70 3.07
CA TYR E 382 29.89 -17.84 2.43
C TYR E 382 29.16 -16.51 2.47
N SER E 383 28.90 -15.94 1.30
CA SER E 383 28.17 -14.69 1.20
C SER E 383 26.80 -14.90 0.57
N ASN F 23 44.42 -43.37 -15.88
CA ASN F 23 43.33 -43.13 -16.82
C ASN F 23 42.05 -43.81 -16.36
N ALA F 24 42.19 -44.85 -15.54
CA ALA F 24 41.01 -45.56 -15.05
C ALA F 24 40.14 -44.68 -14.16
N MET F 25 40.77 -43.79 -13.39
CA MET F 25 40.03 -42.84 -12.56
C MET F 25 39.80 -41.51 -13.28
N TRP F 26 40.49 -41.26 -14.38
CA TRP F 26 40.27 -40.03 -15.13
C TRP F 26 39.09 -40.15 -16.09
N GLU F 27 38.76 -41.37 -16.51
CA GLU F 27 37.67 -41.59 -17.45
C GLU F 27 36.29 -41.50 -16.79
N SER F 28 36.21 -41.68 -15.47
CA SER F 28 34.94 -41.79 -14.77
C SER F 28 34.70 -40.62 -13.82
N LYS F 29 35.28 -39.46 -14.11
CA LYS F 29 35.11 -38.30 -13.23
C LYS F 29 33.65 -37.84 -13.20
N PHE F 30 33.05 -37.62 -14.37
CA PHE F 30 31.70 -37.08 -14.44
C PHE F 30 30.71 -38.14 -14.93
N VAL F 31 30.72 -39.31 -14.32
CA VAL F 31 29.85 -40.42 -14.73
C VAL F 31 28.69 -40.61 -13.78
N LYS F 32 28.96 -40.60 -12.47
CA LYS F 32 27.93 -40.87 -11.48
C LYS F 32 26.89 -39.75 -11.44
N GLU F 33 25.66 -40.12 -11.08
CA GLU F 33 24.55 -39.18 -10.94
C GLU F 33 23.89 -39.39 -9.59
N GLY F 34 23.52 -38.28 -8.94
CA GLY F 34 22.90 -38.33 -7.63
C GLY F 34 21.54 -37.66 -7.63
N LEU F 35 20.68 -38.09 -6.72
CA LEU F 35 19.34 -37.55 -6.56
C LEU F 35 19.11 -37.16 -5.11
N THR F 36 18.36 -36.08 -4.91
CA THR F 36 17.95 -35.65 -3.59
C THR F 36 16.44 -35.84 -3.44
N PHE F 37 15.90 -35.36 -2.32
CA PHE F 37 14.50 -35.60 -2.01
C PHE F 37 13.57 -34.94 -3.02
N ASP F 38 13.90 -33.72 -3.44
CA ASP F 38 13.02 -32.98 -4.34
C ASP F 38 13.15 -33.42 -5.80
N ASP F 39 13.92 -34.47 -6.08
CA ASP F 39 14.06 -34.96 -7.45
C ASP F 39 13.12 -36.12 -7.77
N VAL F 40 12.48 -36.72 -6.76
CA VAL F 40 11.68 -37.92 -6.95
C VAL F 40 10.35 -37.76 -6.22
N LEU F 41 9.49 -38.76 -6.41
CA LEU F 41 8.24 -38.92 -5.68
C LEU F 41 8.00 -40.41 -5.45
N LEU F 42 7.30 -40.71 -4.36
CA LEU F 42 6.97 -42.11 -4.07
C LEU F 42 5.74 -42.52 -4.87
N VAL F 43 5.81 -43.70 -5.49
CA VAL F 43 4.73 -44.20 -6.33
C VAL F 43 3.70 -44.90 -5.47
N PRO F 44 2.44 -44.47 -5.49
CA PRO F 44 1.40 -45.17 -4.71
C PRO F 44 1.16 -46.56 -5.28
N ALA F 45 1.24 -47.57 -4.40
CA ALA F 45 1.06 -48.96 -4.77
C ALA F 45 -0.22 -49.51 -4.13
N LYS F 46 -0.52 -50.76 -4.45
CA LYS F 46 -1.69 -51.42 -3.88
C LYS F 46 -1.55 -51.51 -2.36
N SER F 47 -2.63 -51.20 -1.65
CA SER F 47 -2.61 -51.13 -0.20
C SER F 47 -3.80 -51.87 0.39
N ASP F 48 -3.53 -52.66 1.43
CA ASP F 48 -4.58 -53.30 2.22
C ASP F 48 -4.60 -52.80 3.64
N VAL F 49 -3.85 -51.74 3.96
CA VAL F 49 -3.69 -51.25 5.31
C VAL F 49 -4.02 -49.76 5.34
N LEU F 50 -4.58 -49.32 6.48
CA LEU F 50 -4.88 -47.92 6.70
C LEU F 50 -3.71 -47.24 7.40
N PRO F 51 -3.55 -45.92 7.22
CA PRO F 51 -2.42 -45.23 7.87
C PRO F 51 -2.38 -45.39 9.38
N ARG F 52 -3.55 -45.37 10.03
CA ARG F 52 -3.57 -45.41 11.49
C ARG F 52 -3.20 -46.78 12.05
N GLU F 53 -3.22 -47.83 11.22
CA GLU F 53 -2.95 -49.18 11.69
C GLU F 53 -1.61 -49.72 11.21
N VAL F 54 -0.78 -48.89 10.57
CA VAL F 54 0.55 -49.33 10.19
C VAL F 54 1.48 -49.29 11.41
N SER F 55 2.59 -50.01 11.30
CA SER F 55 3.59 -50.06 12.36
C SER F 55 4.81 -49.26 11.95
N VAL F 56 5.21 -48.31 12.79
CA VAL F 56 6.36 -47.46 12.54
C VAL F 56 7.55 -47.83 13.42
N LYS F 57 7.50 -48.99 14.07
CA LYS F 57 8.57 -49.39 14.97
C LYS F 57 9.80 -49.81 14.18
N THR F 58 10.98 -49.55 14.75
CA THR F 58 12.25 -49.80 14.09
C THR F 58 13.24 -50.39 15.08
N VAL F 59 14.01 -51.38 14.62
CA VAL F 59 15.02 -52.04 15.42
C VAL F 59 16.38 -51.66 14.84
N LEU F 60 17.10 -50.78 15.53
CA LEU F 60 18.47 -50.45 15.12
C LEU F 60 19.44 -51.52 15.58
N SER F 61 19.32 -51.95 16.84
CA SER F 61 20.09 -53.06 17.37
C SER F 61 19.23 -53.78 18.40
N GLU F 62 19.76 -54.86 18.96
CA GLU F 62 19.01 -55.62 19.95
C GLU F 62 18.82 -54.83 21.24
N SER F 63 19.73 -53.92 21.54
CA SER F 63 19.64 -53.09 22.74
C SER F 63 19.14 -51.69 22.45
N LEU F 64 18.83 -51.37 21.19
CA LEU F 64 18.35 -50.03 20.81
C LEU F 64 17.21 -50.21 19.82
N GLN F 65 15.98 -50.17 20.32
CA GLN F 65 14.79 -50.31 19.49
C GLN F 65 13.86 -49.14 19.78
N LEU F 66 13.45 -48.44 18.72
CA LEU F 66 12.65 -47.23 18.84
C LEU F 66 11.22 -47.49 18.42
N ASN F 67 10.28 -46.74 19.03
CA ASN F 67 8.89 -46.81 18.62
C ASN F 67 8.61 -46.02 17.35
N ILE F 68 9.33 -44.91 17.15
CA ILE F 68 9.21 -44.10 15.94
C ILE F 68 10.59 -43.93 15.33
N PRO F 69 10.71 -43.84 14.01
CA PRO F 69 12.03 -43.71 13.37
C PRO F 69 12.54 -42.28 13.34
N LEU F 70 12.69 -41.68 14.52
CA LEU F 70 13.11 -40.29 14.65
C LEU F 70 14.23 -40.17 15.67
N ILE F 71 15.28 -39.45 15.30
CA ILE F 71 16.41 -39.16 16.19
C ILE F 71 16.72 -37.68 16.08
N SER F 72 16.83 -37.01 17.21
CA SER F 72 17.19 -35.60 17.21
C SER F 72 18.70 -35.45 17.13
N ALA F 73 19.14 -34.50 16.30
CA ALA F 73 20.57 -34.34 16.02
C ALA F 73 21.32 -33.91 17.27
N GLY F 74 22.57 -34.36 17.36
CA GLY F 74 23.43 -33.99 18.47
C GLY F 74 24.10 -32.64 18.28
N MET F 75 23.33 -31.56 18.41
CA MET F 75 23.81 -30.22 18.18
C MET F 75 23.52 -29.35 19.38
N ASP F 76 24.31 -28.29 19.54
CA ASP F 76 24.16 -27.41 20.69
C ASP F 76 22.87 -26.58 20.63
N THR F 77 22.24 -26.51 19.47
CA THR F 77 20.98 -25.78 19.30
C THR F 77 19.79 -26.70 19.07
N VAL F 78 19.97 -28.01 19.25
CA VAL F 78 18.90 -28.97 18.96
C VAL F 78 18.57 -29.80 20.19
N THR F 79 19.53 -30.58 20.67
CA THR F 79 19.26 -31.62 21.66
C THR F 79 20.14 -31.43 22.89
N GLU F 80 19.49 -31.34 24.05
CA GLU F 80 20.18 -31.45 25.33
C GLU F 80 19.37 -32.43 26.18
N ALA F 81 19.51 -32.33 27.50
CA ALA F 81 18.89 -33.30 28.39
C ALA F 81 17.37 -33.29 28.28
N ASP F 82 16.77 -32.09 28.30
CA ASP F 82 15.32 -32.00 28.20
C ASP F 82 14.80 -32.45 26.84
N MET F 83 15.61 -32.28 25.78
CA MET F 83 15.19 -32.73 24.45
C MET F 83 15.28 -34.24 24.32
N ALA F 84 16.33 -34.85 24.88
CA ALA F 84 16.44 -36.30 24.84
C ALA F 84 15.36 -36.97 25.67
N ILE F 85 14.88 -36.31 26.73
CA ILE F 85 13.78 -36.84 27.52
C ILE F 85 12.49 -36.84 26.71
N ALA F 86 12.20 -35.72 26.03
CA ALA F 86 10.95 -35.61 25.28
C ALA F 86 10.95 -36.53 24.07
N MET F 87 12.11 -36.70 23.41
CA MET F 87 12.18 -37.58 22.25
C MET F 87 11.91 -39.03 22.65
N ALA F 88 12.57 -39.51 23.69
CA ALA F 88 12.36 -40.89 24.13
C ALA F 88 10.96 -41.11 24.65
N ARG F 89 10.35 -40.11 25.28
CA ARG F 89 8.96 -40.22 25.71
C ARG F 89 8.00 -40.26 24.53
N GLN F 90 8.40 -39.74 23.38
CA GLN F 90 7.61 -39.85 22.16
C GLN F 90 7.92 -41.12 21.36
N GLY F 91 8.91 -41.91 21.80
CA GLY F 91 9.29 -43.11 21.11
C GLY F 91 10.53 -43.01 20.25
N GLY F 92 11.22 -41.88 20.29
CA GLY F 92 12.42 -41.66 19.49
C GLY F 92 13.69 -41.77 20.31
N LEU F 93 14.70 -40.99 19.92
CA LEU F 93 15.99 -41.01 20.57
C LEU F 93 16.62 -39.63 20.47
N GLY F 94 17.34 -39.23 21.51
CA GLY F 94 18.04 -37.95 21.54
C GLY F 94 19.53 -38.16 21.68
N ILE F 95 20.31 -37.41 20.90
CA ILE F 95 21.76 -37.47 20.92
C ILE F 95 22.25 -36.22 21.64
N ILE F 96 22.84 -36.39 22.82
CA ILE F 96 23.41 -35.26 23.55
C ILE F 96 24.69 -34.83 22.87
N HIS F 97 24.77 -33.54 22.52
CA HIS F 97 25.93 -33.04 21.80
C HIS F 97 27.16 -33.03 22.71
N LYS F 98 28.33 -32.93 22.07
CA LYS F 98 29.62 -32.99 22.77
C LYS F 98 30.20 -31.62 23.06
N ASN F 99 29.53 -30.54 22.66
CA ASN F 99 30.05 -29.20 22.91
C ASN F 99 29.81 -28.78 24.35
N MET F 100 30.24 -29.60 25.30
CA MET F 100 30.06 -29.33 26.71
C MET F 100 31.12 -30.09 27.50
N SER F 101 31.17 -29.82 28.80
CA SER F 101 32.14 -30.48 29.67
C SER F 101 31.91 -31.99 29.68
N ILE F 102 32.98 -32.74 29.96
CA ILE F 102 32.88 -34.18 30.04
C ILE F 102 31.97 -34.58 31.19
N GLU F 103 32.05 -33.85 32.31
CA GLU F 103 31.19 -34.14 33.45
C GLU F 103 29.74 -33.75 33.18
N GLN F 104 29.53 -32.68 32.41
CA GLN F 104 28.17 -32.22 32.13
C GLN F 104 27.42 -33.23 31.26
N GLN F 105 28.08 -33.75 30.21
CA GLN F 105 27.40 -34.66 29.31
C GLN F 105 27.02 -35.96 30.01
N ALA F 106 27.91 -36.46 30.87
CA ALA F 106 27.59 -37.65 31.64
C ALA F 106 26.48 -37.38 32.66
N GLU F 107 26.46 -36.18 33.22
CA GLU F 107 25.41 -35.81 34.18
C GLU F 107 24.08 -35.56 33.49
N GLN F 108 24.09 -35.18 32.20
CA GLN F 108 22.85 -35.02 31.45
C GLN F 108 22.36 -36.32 30.83
N VAL F 109 23.26 -37.25 30.53
CA VAL F 109 22.82 -38.57 30.08
C VAL F 109 22.14 -39.32 31.21
N ASP F 110 22.69 -39.22 32.42
CA ASP F 110 22.04 -39.80 33.59
C ASP F 110 20.71 -39.13 33.90
N LYS F 111 20.53 -37.87 33.50
CA LYS F 111 19.27 -37.18 33.73
C LYS F 111 18.13 -37.82 32.95
N VAL F 112 18.41 -38.36 31.76
CA VAL F 112 17.37 -38.99 30.97
C VAL F 112 17.13 -40.42 31.41
N LYS F 113 18.20 -41.15 31.72
CA LYS F 113 18.06 -42.54 32.17
C LYS F 113 17.37 -42.62 33.52
N ARG F 114 17.52 -41.60 34.36
CA ARG F 114 16.87 -41.58 35.65
C ARG F 114 15.40 -41.18 35.56
N SER F 115 14.98 -40.62 34.43
CA SER F 115 13.60 -40.16 34.24
C SER F 115 12.77 -41.22 33.53
N GLY F 116 12.76 -42.42 34.10
CA GLY F 116 11.94 -43.51 33.60
C GLY F 116 12.63 -44.51 32.70
N GLY F 117 13.95 -44.63 32.78
CA GLY F 117 14.68 -45.59 31.95
C GLY F 117 14.51 -45.35 30.47
N LEU F 118 14.72 -44.12 30.03
CA LEU F 118 14.53 -43.75 28.64
C LEU F 118 15.80 -43.97 27.83
N LEU F 119 15.62 -44.23 26.54
CA LEU F 119 16.77 -44.45 25.66
C LEU F 119 17.51 -43.14 25.42
N VAL F 120 18.84 -43.17 25.57
CA VAL F 120 19.67 -41.98 25.44
C VAL F 120 20.81 -42.27 24.47
N GLY F 121 21.24 -41.23 23.75
CA GLY F 121 22.42 -41.29 22.94
C GLY F 121 23.36 -40.14 23.28
N ALA F 122 24.59 -40.25 22.79
CA ALA F 122 25.60 -39.23 23.06
C ALA F 122 26.59 -39.19 21.91
N ALA F 123 26.91 -37.98 21.46
CA ALA F 123 27.87 -37.78 20.39
C ALA F 123 29.27 -37.56 20.96
N VAL F 124 30.25 -38.20 20.33
CA VAL F 124 31.65 -38.09 20.73
C VAL F 124 32.48 -37.76 19.50
N GLY F 125 33.50 -36.93 19.68
CA GLY F 125 34.41 -36.58 18.61
C GLY F 125 35.70 -37.37 18.70
N VAL F 126 36.33 -37.57 17.56
CA VAL F 126 37.60 -38.28 17.50
C VAL F 126 38.69 -37.39 18.08
N THR F 127 39.03 -37.63 19.35
CA THR F 127 40.02 -36.82 20.05
C THR F 127 40.73 -37.69 21.08
N ALA F 128 41.62 -37.06 21.85
CA ALA F 128 42.33 -37.78 22.90
C ALA F 128 41.40 -38.17 24.04
N ASP F 129 40.47 -37.29 24.40
CA ASP F 129 39.51 -37.56 25.46
C ASP F 129 38.30 -38.36 24.98
N ALA F 130 38.34 -38.89 23.75
CA ALA F 130 37.22 -39.65 23.24
C ALA F 130 36.95 -40.88 24.09
N MET F 131 38.00 -41.66 24.38
CA MET F 131 37.84 -42.83 25.24
C MET F 131 37.41 -42.41 26.64
N THR F 132 38.03 -41.36 27.18
CA THR F 132 37.67 -40.88 28.52
C THR F 132 36.23 -40.41 28.56
N ARG F 133 35.79 -39.70 27.53
CA ARG F 133 34.40 -39.25 27.48
C ARG F 133 33.44 -40.43 27.40
N ILE F 134 33.80 -41.45 26.60
CA ILE F 134 32.95 -42.63 26.48
C ILE F 134 32.87 -43.36 27.82
N ASP F 135 33.99 -43.44 28.54
CA ASP F 135 33.98 -44.09 29.84
C ASP F 135 33.06 -43.37 30.82
N ALA F 136 33.03 -42.04 30.77
CA ALA F 136 32.11 -41.29 31.61
C ALA F 136 30.67 -41.43 31.14
N LEU F 137 30.47 -41.63 29.83
CA LEU F 137 29.12 -41.78 29.29
C LEU F 137 28.57 -43.17 29.55
N VAL F 138 29.40 -44.20 29.41
CA VAL F 138 28.94 -45.55 29.74
C VAL F 138 28.81 -45.74 31.24
N LYS F 139 29.47 -44.88 32.04
CA LYS F 139 29.27 -44.94 33.49
C LYS F 139 27.90 -44.42 33.88
N ALA F 140 27.30 -43.57 33.05
CA ALA F 140 25.92 -43.12 33.23
C ALA F 140 24.93 -44.01 32.49
N SER F 141 25.36 -45.18 32.02
CA SER F 141 24.51 -46.14 31.32
C SER F 141 23.91 -45.53 30.05
N VAL F 142 24.78 -44.99 29.20
CA VAL F 142 24.33 -44.51 27.90
C VAL F 142 23.97 -45.71 27.02
N ASP F 143 22.97 -45.54 26.16
CA ASP F 143 22.50 -46.63 25.32
C ASP F 143 23.20 -46.69 23.97
N ALA F 144 23.66 -45.56 23.46
CA ALA F 144 24.33 -45.52 22.16
C ALA F 144 25.35 -44.39 22.15
N ILE F 145 26.46 -44.63 21.46
CA ILE F 145 27.53 -43.66 21.31
C ILE F 145 27.66 -43.31 19.83
N VAL F 146 27.70 -42.01 19.53
CA VAL F 146 27.78 -41.51 18.17
C VAL F 146 29.17 -40.93 17.96
N LEU F 147 30.00 -41.63 17.17
CA LEU F 147 31.29 -41.10 16.75
C LEU F 147 31.05 -40.21 15.54
N ASP F 148 30.60 -38.97 15.83
CA ASP F 148 30.22 -38.03 14.80
C ASP F 148 31.42 -37.18 14.40
N THR F 149 31.71 -37.15 13.11
CA THR F 149 32.78 -36.30 12.58
C THR F 149 32.41 -35.87 11.17
N ALA F 150 33.21 -34.96 10.62
CA ALA F 150 32.92 -34.42 9.30
C ALA F 150 33.13 -35.47 8.22
N HIS F 151 34.20 -36.27 8.32
CA HIS F 151 34.53 -37.28 7.33
C HIS F 151 34.70 -38.62 8.05
N GLY F 152 33.66 -39.45 8.00
CA GLY F 152 33.74 -40.77 8.60
C GLY F 152 34.57 -41.76 7.82
N HIS F 153 34.96 -41.43 6.60
CA HIS F 153 35.76 -42.31 5.75
C HIS F 153 37.24 -41.98 5.86
N SER F 154 37.74 -41.90 7.10
CA SER F 154 39.15 -41.65 7.36
C SER F 154 39.75 -42.77 8.18
N GLN F 155 41.05 -42.99 8.01
CA GLN F 155 41.75 -43.99 8.80
C GLN F 155 41.76 -43.62 10.28
N GLY F 156 41.78 -42.32 10.58
CA GLY F 156 41.74 -41.90 11.98
C GLY F 156 40.41 -42.22 12.63
N VAL F 157 39.31 -42.05 11.90
CA VAL F 157 38.00 -42.37 12.45
C VAL F 157 37.82 -43.88 12.56
N ILE F 158 38.23 -44.62 11.52
CA ILE F 158 38.06 -46.08 11.52
C ILE F 158 38.83 -46.73 12.66
N ASP F 159 40.05 -46.24 12.92
CA ASP F 159 40.84 -46.80 14.01
C ASP F 159 40.19 -46.57 15.36
N LYS F 160 39.60 -45.39 15.56
CA LYS F 160 38.95 -45.10 16.84
C LYS F 160 37.70 -45.96 17.03
N VAL F 161 37.05 -46.36 15.95
CA VAL F 161 35.92 -47.28 16.07
C VAL F 161 36.40 -48.65 16.51
N LYS F 162 37.58 -49.07 16.05
CA LYS F 162 38.12 -50.36 16.46
C LYS F 162 38.53 -50.37 17.92
N GLU F 163 38.91 -49.20 18.47
CA GLU F 163 39.35 -49.15 19.86
C GLU F 163 38.16 -49.26 20.81
N VAL F 164 37.04 -48.61 20.47
CA VAL F 164 35.86 -48.66 21.34
C VAL F 164 35.23 -50.05 21.28
N ARG F 165 35.24 -50.68 20.10
CA ARG F 165 34.68 -52.02 19.98
C ARG F 165 35.55 -53.05 20.69
N ALA F 166 36.86 -52.81 20.76
CA ALA F 166 37.74 -53.73 21.48
C ALA F 166 37.52 -53.66 22.99
N LYS F 167 37.10 -52.50 23.50
CA LYS F 167 36.82 -52.35 24.92
C LYS F 167 35.36 -52.69 25.25
N TYR F 168 34.44 -52.35 24.36
CA TYR F 168 33.01 -52.61 24.58
C TYR F 168 32.49 -53.52 23.47
N PRO F 169 32.25 -54.81 23.74
CA PRO F 169 31.78 -55.71 22.68
C PRO F 169 30.29 -55.59 22.38
N SER F 170 29.50 -54.98 23.26
CA SER F 170 28.05 -54.91 23.07
C SER F 170 27.52 -53.48 23.05
N LEU F 171 28.38 -52.47 23.06
CA LEU F 171 27.94 -51.08 23.05
C LEU F 171 27.48 -50.68 21.66
N ASN F 172 26.34 -49.99 21.60
CA ASN F 172 25.84 -49.46 20.33
C ASN F 172 26.70 -48.29 19.89
N ILE F 173 27.34 -48.42 18.73
CA ILE F 173 28.27 -47.42 18.22
C ILE F 173 27.74 -46.93 16.87
N ILE F 174 27.48 -45.63 16.77
CA ILE F 174 27.02 -45.00 15.54
C ILE F 174 28.16 -44.17 14.98
N ALA F 175 28.61 -44.52 13.77
CA ALA F 175 29.73 -43.87 13.12
C ALA F 175 29.23 -43.05 11.94
N GLY F 176 29.71 -41.82 11.84
CA GLY F 176 29.34 -40.95 10.73
C GLY F 176 30.32 -39.81 10.60
N ASN F 177 30.21 -39.09 9.48
CA ASN F 177 29.21 -39.39 8.46
C ASN F 177 29.87 -39.84 7.16
N VAL F 178 29.13 -40.64 6.38
CA VAL F 178 29.64 -41.18 5.12
C VAL F 178 28.54 -41.08 4.07
N ALA F 179 28.95 -41.14 2.80
CA ALA F 179 28.01 -41.04 1.69
C ALA F 179 28.29 -42.03 0.57
N THR F 180 29.20 -42.97 0.76
CA THR F 180 29.52 -43.97 -0.24
C THR F 180 29.37 -45.36 0.35
N ALA F 181 29.14 -46.34 -0.52
CA ALA F 181 29.03 -47.72 -0.07
C ALA F 181 30.38 -48.27 0.39
N GLU F 182 31.47 -47.81 -0.22
CA GLU F 182 32.80 -48.24 0.21
C GLU F 182 33.13 -47.71 1.60
N ALA F 183 32.58 -46.56 1.96
CA ALA F 183 32.77 -46.02 3.31
C ALA F 183 31.87 -46.72 4.32
N THR F 184 30.68 -47.16 3.91
CA THR F 184 29.81 -47.90 4.81
C THR F 184 30.42 -49.26 5.16
N LYS F 185 30.98 -49.95 4.17
CA LYS F 185 31.61 -51.24 4.43
C LYS F 185 32.85 -51.10 5.31
N ALA F 186 33.59 -49.99 5.17
CA ALA F 186 34.81 -49.81 5.94
C ALA F 186 34.51 -49.61 7.43
N LEU F 187 33.40 -48.95 7.76
CA LEU F 187 33.06 -48.66 9.14
C LEU F 187 32.32 -49.80 9.83
N ILE F 188 31.53 -50.57 9.07
CA ILE F 188 30.82 -51.71 9.67
C ILE F 188 31.81 -52.76 10.15
N GLU F 189 32.76 -53.14 9.28
CA GLU F 189 33.79 -54.08 9.68
C GLU F 189 34.75 -53.47 10.71
N ALA F 190 34.75 -52.15 10.84
CA ALA F 190 35.53 -51.49 11.89
C ALA F 190 34.89 -51.61 13.27
N GLY F 191 33.62 -52.02 13.34
CA GLY F 191 32.97 -52.21 14.61
C GLY F 191 31.62 -51.52 14.73
N ALA F 192 31.38 -50.51 13.88
CA ALA F 192 30.16 -49.73 13.96
C ALA F 192 28.95 -50.58 13.60
N ASN F 193 28.02 -50.72 14.53
CA ASN F 193 26.78 -51.46 14.30
C ASN F 193 25.67 -50.60 13.72
N VAL F 194 25.85 -49.28 13.72
CA VAL F 194 24.90 -48.35 13.08
C VAL F 194 25.72 -47.32 12.31
N VAL F 195 25.28 -47.03 11.08
CA VAL F 195 25.98 -46.11 10.20
C VAL F 195 25.09 -44.89 9.96
N LYS F 196 25.65 -43.70 10.14
CA LYS F 196 24.94 -42.45 9.89
C LYS F 196 25.44 -41.85 8.58
N VAL F 197 24.50 -41.48 7.71
CA VAL F 197 24.79 -41.09 6.34
C VAL F 197 24.41 -39.64 6.14
N GLY F 198 25.33 -38.86 5.55
CA GLY F 198 25.03 -37.47 5.24
C GLY F 198 26.22 -36.54 5.28
N ILE F 199 26.68 -36.10 4.11
CA ILE F 199 27.76 -35.11 3.99
C ILE F 199 27.25 -34.01 3.08
N GLY F 200 26.82 -32.90 3.67
CA GLY F 200 26.36 -31.78 2.88
C GLY F 200 24.91 -31.35 3.00
N PRO F 201 23.94 -32.28 3.16
CA PRO F 201 22.53 -31.89 2.98
C PRO F 201 21.98 -31.05 4.12
N GLY F 202 22.72 -30.84 5.20
CA GLY F 202 22.18 -30.12 6.34
C GLY F 202 21.70 -28.73 5.96
N SER F 203 20.62 -28.30 6.63
CA SER F 203 20.06 -26.98 6.35
C SER F 203 21.02 -25.87 6.72
N ILE F 204 21.87 -26.08 7.71
CA ILE F 204 22.83 -25.09 8.16
C ILE F 204 24.25 -25.40 7.67
N CYS F 205 24.39 -26.33 6.73
CA CYS F 205 25.69 -26.84 6.30
C CYS F 205 26.14 -26.14 5.03
N THR F 206 27.46 -25.88 4.95
CA THR F 206 28.07 -25.28 3.78
C THR F 206 29.24 -26.12 3.25
N THR F 207 29.30 -27.39 3.64
CA THR F 207 30.43 -28.24 3.23
C THR F 207 30.50 -28.34 1.71
N ARG F 208 29.37 -28.56 1.05
CA ARG F 208 29.34 -28.68 -0.40
C ARG F 208 29.65 -27.37 -1.11
N VAL F 209 29.67 -26.25 -0.39
CA VAL F 209 29.96 -24.95 -0.97
C VAL F 209 31.40 -24.53 -0.74
N VAL F 210 31.93 -24.79 0.46
CA VAL F 210 33.29 -24.37 0.77
C VAL F 210 34.33 -25.40 0.35
N ALA F 211 33.98 -26.69 0.34
CA ALA F 211 34.89 -27.74 -0.07
C ALA F 211 34.50 -28.38 -1.39
N GLY F 212 33.29 -28.13 -1.90
CA GLY F 212 32.85 -28.73 -3.14
C GLY F 212 32.59 -30.21 -3.08
N VAL F 213 32.65 -30.82 -1.91
CA VAL F 213 32.49 -32.26 -1.76
C VAL F 213 31.08 -32.56 -1.25
N GLY F 214 30.59 -33.74 -1.55
CA GLY F 214 29.29 -34.15 -1.08
C GLY F 214 28.61 -35.07 -2.08
N VAL F 215 27.51 -35.65 -1.63
CA VAL F 215 26.68 -36.54 -2.44
C VAL F 215 25.22 -36.23 -2.11
N PRO F 216 24.34 -36.10 -3.11
CA PRO F 216 22.91 -35.90 -2.82
C PRO F 216 22.40 -36.95 -1.85
N GLN F 217 21.63 -36.49 -0.85
CA GLN F 217 21.37 -37.31 0.33
C GLN F 217 20.57 -38.56 -0.03
N LEU F 218 19.60 -38.45 -0.94
CA LEU F 218 18.78 -39.61 -1.27
C LEU F 218 19.62 -40.70 -1.95
N THR F 219 20.57 -40.30 -2.80
CA THR F 219 21.46 -41.28 -3.40
C THR F 219 22.46 -41.81 -2.38
N ALA F 220 22.92 -40.95 -1.46
CA ALA F 220 23.82 -41.40 -0.42
C ALA F 220 23.17 -42.43 0.49
N VAL F 221 21.89 -42.22 0.82
CA VAL F 221 21.18 -43.20 1.64
C VAL F 221 21.00 -44.51 0.88
N TYR F 222 20.65 -44.42 -0.40
CA TYR F 222 20.39 -45.62 -1.19
C TYR F 222 21.66 -46.45 -1.39
N ASP F 223 22.78 -45.78 -1.70
CA ASP F 223 24.03 -46.50 -1.91
C ASP F 223 24.58 -47.06 -0.60
N CYS F 224 24.42 -46.33 0.50
CA CYS F 224 24.93 -46.82 1.77
C CYS F 224 24.06 -47.93 2.34
N ALA F 225 22.74 -47.82 2.17
CA ALA F 225 21.85 -48.88 2.63
C ALA F 225 22.07 -50.16 1.85
N THR F 226 22.39 -50.06 0.55
CA THR F 226 22.66 -51.25 -0.25
C THR F 226 23.83 -52.04 0.31
N GLU F 227 24.92 -51.36 0.64
CA GLU F 227 26.06 -52.04 1.26
C GLU F 227 25.73 -52.50 2.66
N ALA F 228 25.00 -51.67 3.43
CA ALA F 228 24.67 -52.03 4.81
C ALA F 228 23.64 -53.15 4.87
N ARG F 229 22.76 -53.25 3.87
CA ARG F 229 21.76 -54.31 3.85
C ARG F 229 22.38 -55.69 3.75
N LYS F 230 23.60 -55.79 3.23
CA LYS F 230 24.27 -57.09 3.13
C LYS F 230 24.81 -57.55 4.48
N HIS F 231 25.01 -56.63 5.42
CA HIS F 231 25.51 -56.97 6.75
C HIS F 231 24.42 -56.95 7.81
N GLY F 232 23.18 -56.69 7.43
CA GLY F 232 22.12 -56.54 8.41
C GLY F 232 22.30 -55.33 9.31
N ILE F 233 22.95 -54.30 8.82
CA ILE F 233 23.27 -53.10 9.60
C ILE F 233 22.35 -51.97 9.14
N PRO F 234 21.68 -51.27 10.05
CA PRO F 234 20.82 -50.16 9.63
C PRO F 234 21.63 -48.90 9.36
N VAL F 235 21.01 -48.01 8.58
CA VAL F 235 21.60 -46.72 8.26
C VAL F 235 20.69 -45.62 8.77
N ILE F 236 21.29 -44.46 9.01
CA ILE F 236 20.58 -43.28 9.49
C ILE F 236 20.65 -42.21 8.41
N ALA F 237 19.48 -41.72 7.98
CA ALA F 237 19.40 -40.63 7.02
C ALA F 237 19.46 -39.31 7.78
N ASP F 238 20.58 -38.61 7.66
CA ASP F 238 20.86 -37.43 8.46
C ASP F 238 21.02 -36.21 7.56
N GLY F 239 20.16 -35.23 7.73
CA GLY F 239 20.27 -33.97 7.02
C GLY F 239 19.42 -33.90 5.77
N GLY F 240 19.06 -32.69 5.38
CA GLY F 240 18.32 -32.44 4.16
C GLY F 240 16.82 -32.57 4.27
N ILE F 241 16.30 -33.08 5.37
CA ILE F 241 14.87 -33.32 5.52
C ILE F 241 14.19 -32.01 5.92
N LYS F 242 13.35 -31.49 5.03
CA LYS F 242 12.66 -30.23 5.24
C LYS F 242 11.17 -30.39 5.55
N TYR F 243 10.54 -31.41 5.01
CA TYR F 243 9.12 -31.67 5.23
C TYR F 243 8.93 -33.12 5.64
N SER F 244 7.69 -33.45 6.03
CA SER F 244 7.39 -34.80 6.47
C SER F 244 7.60 -35.83 5.35
N GLY F 245 7.38 -35.42 4.11
CA GLY F 245 7.56 -36.34 3.00
C GLY F 245 9.01 -36.72 2.76
N ASP F 246 9.94 -35.80 3.04
CA ASP F 246 11.36 -36.10 2.88
C ASP F 246 11.78 -37.25 3.78
N MET F 247 11.20 -37.34 4.97
CA MET F 247 11.49 -38.45 5.87
C MET F 247 11.00 -39.77 5.28
N VAL F 248 9.79 -39.77 4.71
CA VAL F 248 9.25 -40.99 4.10
C VAL F 248 10.10 -41.41 2.91
N LYS F 249 10.58 -40.44 2.13
CA LYS F 249 11.45 -40.75 1.00
C LYS F 249 12.76 -41.39 1.48
N ALA F 250 13.32 -40.87 2.58
CA ALA F 250 14.56 -41.43 3.09
C ALA F 250 14.36 -42.83 3.64
N LEU F 251 13.29 -43.04 4.39
CA LEU F 251 13.01 -44.37 4.94
C LEU F 251 12.72 -45.37 3.82
N ALA F 252 12.00 -44.93 2.78
CA ALA F 252 11.73 -45.80 1.65
C ALA F 252 12.97 -46.08 0.81
N ALA F 253 13.99 -45.24 0.93
CA ALA F 253 15.23 -45.38 0.16
C ALA F 253 16.22 -46.33 0.84
N GLY F 254 15.84 -46.98 1.93
CA GLY F 254 16.70 -47.93 2.61
C GLY F 254 17.11 -47.55 4.01
N ALA F 255 16.75 -46.37 4.50
CA ALA F 255 17.14 -45.97 5.85
C ALA F 255 16.19 -46.55 6.88
N HIS F 256 16.74 -46.97 8.03
CA HIS F 256 15.91 -47.43 9.13
C HIS F 256 15.29 -46.26 9.88
N VAL F 257 16.09 -45.24 10.18
CA VAL F 257 15.65 -44.06 10.92
C VAL F 257 16.21 -42.82 10.24
N VAL F 258 15.72 -41.66 10.68
CA VAL F 258 16.19 -40.37 10.18
C VAL F 258 16.64 -39.53 11.36
N MET F 259 17.55 -38.59 11.08
CA MET F 259 18.05 -37.67 12.09
C MET F 259 17.71 -36.24 11.64
N LEU F 260 16.98 -35.51 12.48
CA LEU F 260 16.54 -34.16 12.17
C LEU F 260 17.23 -33.16 13.07
N GLY F 261 17.48 -31.97 12.52
CA GLY F 261 18.02 -30.86 13.27
C GLY F 261 17.22 -29.59 13.05
N SER F 262 16.96 -29.28 11.78
CA SER F 262 16.22 -28.07 11.45
C SER F 262 14.77 -28.15 11.92
N MET F 263 14.14 -29.32 11.76
CA MET F 263 12.75 -29.49 12.15
C MET F 263 12.57 -29.69 13.65
N PHE F 264 13.67 -29.73 14.42
CA PHE F 264 13.60 -29.88 15.86
C PHE F 264 14.21 -28.70 16.62
N ALA F 265 14.83 -27.74 15.94
CA ALA F 265 15.47 -26.64 16.65
C ALA F 265 14.45 -25.66 17.22
N GLY F 266 13.29 -25.55 16.59
CA GLY F 266 12.27 -24.61 17.00
C GLY F 266 11.32 -25.07 18.07
N VAL F 267 11.41 -26.33 18.51
CA VAL F 267 10.50 -26.83 19.54
C VAL F 267 10.92 -26.29 20.90
N ALA F 268 9.98 -26.34 21.85
CA ALA F 268 10.23 -25.76 23.17
C ALA F 268 11.28 -26.55 23.95
N GLU F 269 11.38 -27.86 23.72
CA GLU F 269 12.34 -28.68 24.45
C GLU F 269 13.78 -28.51 23.97
N SER F 270 14.00 -27.77 22.89
CA SER F 270 15.36 -27.52 22.43
C SER F 270 16.03 -26.49 23.33
N PRO F 271 17.35 -26.55 23.47
CA PRO F 271 18.05 -25.59 24.33
C PRO F 271 17.98 -24.17 23.77
N GLY F 272 18.24 -23.21 24.64
CA GLY F 272 18.12 -21.81 24.29
C GLY F 272 16.71 -21.29 24.47
N GLU F 273 16.61 -19.96 24.51
CA GLU F 273 15.33 -19.29 24.69
C GLU F 273 14.81 -18.74 23.37
N THR F 274 13.54 -18.34 23.39
CA THR F 274 12.86 -17.86 22.20
C THR F 274 13.14 -16.38 21.98
N GLU F 275 13.42 -16.02 20.73
CA GLU F 275 13.60 -14.63 20.32
C GLU F 275 12.44 -14.22 19.41
N ILE F 276 12.08 -12.94 19.47
CA ILE F 276 11.00 -12.37 18.68
C ILE F 276 11.61 -11.49 17.60
N TYR F 277 11.14 -11.66 16.37
CA TYR F 277 11.61 -10.86 15.24
C TYR F 277 10.40 -10.47 14.40
N GLN F 278 10.02 -9.20 14.47
CA GLN F 278 8.91 -8.64 13.68
C GLN F 278 7.60 -9.37 13.96
N GLY F 279 7.27 -9.52 15.24
CA GLY F 279 6.01 -10.07 15.67
C GLY F 279 5.99 -11.57 15.86
N ARG F 280 6.84 -12.31 15.15
CA ARG F 280 6.87 -13.75 15.22
C ARG F 280 8.05 -14.23 16.07
N GLN F 281 7.90 -15.42 16.62
CA GLN F 281 8.87 -15.99 17.55
C GLN F 281 9.84 -16.91 16.81
N PHE F 282 11.11 -16.84 17.21
CA PHE F 282 12.16 -17.61 16.54
C PHE F 282 13.07 -18.23 17.59
N LYS F 283 13.92 -19.15 17.12
CA LYS F 283 14.88 -19.84 17.97
C LYS F 283 16.19 -20.00 17.21
N VAL F 284 17.31 -19.76 17.90
CA VAL F 284 18.62 -19.82 17.27
C VAL F 284 18.94 -21.25 16.84
N TYR F 285 19.37 -21.40 15.59
CA TYR F 285 19.79 -22.69 15.06
C TYR F 285 21.05 -22.49 14.24
N ARG F 286 22.14 -23.12 14.67
CA ARG F 286 23.44 -22.95 14.04
C ARG F 286 24.09 -24.30 13.81
N GLY F 287 24.93 -24.39 12.77
CA GLY F 287 25.67 -25.60 12.52
C GLY F 287 26.88 -25.72 13.42
N MET F 288 27.22 -26.96 13.77
CA MET F 288 28.36 -27.21 14.65
C MET F 288 29.69 -26.82 14.02
N GLY F 289 29.71 -26.62 12.69
CA GLY F 289 30.89 -26.16 12.01
C GLY F 289 30.97 -24.66 11.80
N SER F 290 30.01 -23.91 12.33
CA SER F 290 30.01 -22.46 12.19
C SER F 290 31.03 -21.83 13.14
N VAL F 291 31.22 -20.51 12.99
CA VAL F 291 32.17 -19.80 13.83
C VAL F 291 31.72 -19.80 15.28
N GLY F 292 30.46 -19.46 15.52
CA GLY F 292 29.97 -19.33 16.89
C GLY F 292 29.92 -20.65 17.64
N ALA F 293 29.63 -21.75 16.94
CA ALA F 293 29.52 -23.04 17.59
C ALA F 293 30.88 -23.55 18.07
N MET F 294 31.95 -23.17 17.39
CA MET F 294 33.29 -23.63 17.71
C MET F 294 34.01 -22.75 18.72
N GLU F 295 33.29 -21.83 19.36
CA GLU F 295 33.88 -20.97 20.39
C GLU F 295 33.55 -21.48 21.78
N LYS F 309 40.78 -17.29 11.61
CA LYS F 309 41.68 -18.38 11.25
C LYS F 309 40.90 -19.65 10.94
N LEU F 310 39.72 -19.78 11.56
CA LEU F 310 38.90 -20.97 11.40
C LEU F 310 38.17 -20.93 10.07
N VAL F 311 38.17 -22.05 9.35
CA VAL F 311 37.44 -22.18 8.09
C VAL F 311 36.13 -22.90 8.38
N PRO F 312 35.01 -22.20 8.43
CA PRO F 312 33.75 -22.82 8.82
C PRO F 312 33.16 -23.68 7.71
N GLU F 313 32.40 -24.69 8.14
CA GLU F 313 31.59 -25.49 7.23
C GLU F 313 30.11 -25.45 7.61
N GLY F 314 29.72 -24.46 8.42
CA GLY F 314 28.32 -24.25 8.77
C GLY F 314 28.04 -22.77 8.95
N ILE F 315 26.77 -22.47 9.22
CA ILE F 315 26.32 -21.10 9.39
C ILE F 315 25.58 -21.00 10.73
N GLU F 316 25.26 -19.75 11.09
CA GLU F 316 24.44 -19.44 12.26
C GLU F 316 23.18 -18.74 11.79
N GLY F 317 22.04 -19.25 12.23
CA GLY F 317 20.75 -18.79 11.75
C GLY F 317 19.69 -18.93 12.81
N ARG F 318 18.44 -18.98 12.37
N ARG F 318 18.44 -19.00 12.37
CA ARG F 318 17.31 -19.11 13.28
CA ARG F 318 17.32 -19.15 13.30
C ARG F 318 16.15 -19.78 12.54
C ARG F 318 16.15 -19.76 12.55
N VAL F 319 15.30 -20.47 13.30
CA VAL F 319 14.14 -21.14 12.71
C VAL F 319 12.91 -20.72 13.51
N PRO F 320 11.71 -20.80 12.89
CA PRO F 320 10.49 -20.40 13.62
C PRO F 320 10.23 -21.28 14.83
N TYR F 321 9.65 -20.66 15.85
CA TYR F 321 9.26 -21.38 17.06
C TYR F 321 8.07 -22.29 16.76
N LYS F 322 8.16 -23.56 17.16
CA LYS F 322 7.14 -24.54 16.83
C LYS F 322 6.32 -25.00 18.03
N GLY F 323 6.71 -24.65 19.25
CA GLY F 323 5.97 -25.06 20.42
C GLY F 323 6.42 -26.40 20.95
N PRO F 324 5.49 -27.16 21.53
CA PRO F 324 5.85 -28.47 22.09
C PRO F 324 6.31 -29.44 21.02
N LEU F 325 7.18 -30.36 21.43
CA LEU F 325 7.73 -31.35 20.50
C LEU F 325 6.67 -32.37 20.07
N ALA F 326 5.70 -32.65 20.95
CA ALA F 326 4.67 -33.64 20.62
C ALA F 326 3.86 -33.24 19.39
N ASP F 327 3.64 -31.93 19.20
CA ASP F 327 2.88 -31.48 18.04
C ASP F 327 3.67 -31.69 16.76
N THR F 328 4.98 -31.49 16.80
CA THR F 328 5.81 -31.72 15.62
C THR F 328 5.97 -33.21 15.34
N VAL F 329 6.19 -34.00 16.41
CA VAL F 329 6.33 -35.44 16.23
C VAL F 329 5.04 -36.05 15.69
N HIS F 330 3.89 -35.56 16.15
CA HIS F 330 2.62 -36.07 15.65
C HIS F 330 2.46 -35.80 14.16
N GLN F 331 2.85 -34.60 13.70
CA GLN F 331 2.76 -34.29 12.29
C GLN F 331 3.75 -35.09 11.46
N LEU F 332 4.94 -35.37 12.01
CA LEU F 332 5.92 -36.15 11.27
C LEU F 332 5.49 -37.59 11.13
N VAL F 333 5.13 -38.24 12.25
CA VAL F 333 4.68 -39.63 12.19
C VAL F 333 3.39 -39.74 11.41
N GLY F 334 2.55 -38.71 11.44
CA GLY F 334 1.31 -38.74 10.66
C GLY F 334 1.57 -38.78 9.17
N GLY F 335 2.58 -38.04 8.70
CA GLY F 335 2.93 -38.07 7.30
C GLY F 335 3.53 -39.40 6.87
N LEU F 336 4.29 -40.05 7.76
CA LEU F 336 4.81 -41.37 7.45
C LEU F 336 3.69 -42.39 7.31
N ARG F 337 2.72 -42.36 8.22
CA ARG F 337 1.60 -43.29 8.14
C ARG F 337 0.82 -43.10 6.83
N ALA F 338 0.68 -41.86 6.38
CA ALA F 338 0.05 -41.62 5.08
C ALA F 338 0.91 -42.18 3.96
N GLY F 339 2.20 -41.90 3.97
CA GLY F 339 3.09 -42.45 2.96
C GLY F 339 3.11 -43.96 2.95
N MET F 340 3.18 -44.57 4.14
CA MET F 340 3.13 -46.03 4.22
C MET F 340 1.77 -46.56 3.75
N GLY F 341 0.70 -45.82 4.05
CA GLY F 341 -0.60 -46.21 3.54
C GLY F 341 -0.68 -46.11 2.03
N TYR F 342 -0.09 -45.06 1.46
CA TYR F 342 -0.03 -44.94 0.00
C TYR F 342 0.78 -46.08 -0.61
N CYS F 343 1.89 -46.46 0.02
CA CYS F 343 2.78 -47.48 -0.50
C CYS F 343 2.35 -48.89 -0.13
N GLY F 344 1.28 -49.04 0.66
CA GLY F 344 0.85 -50.37 1.06
C GLY F 344 1.79 -51.05 2.03
N ALA F 345 2.55 -50.29 2.81
CA ALA F 345 3.53 -50.84 3.75
C ALA F 345 2.89 -50.98 5.12
N GLN F 346 2.85 -52.22 5.64
CA GLN F 346 2.33 -52.44 6.99
C GLN F 346 3.37 -52.12 8.05
N ASP F 347 4.64 -52.40 7.75
CA ASP F 347 5.76 -52.07 8.62
C ASP F 347 6.81 -51.32 7.81
N LEU F 348 7.86 -50.86 8.49
CA LEU F 348 8.91 -50.10 7.81
C LEU F 348 9.88 -50.99 7.04
N GLU F 349 9.81 -52.31 7.20
CA GLU F 349 10.65 -53.19 6.37
C GLU F 349 10.07 -53.32 4.97
N PHE F 350 8.75 -53.49 4.86
CA PHE F 350 8.11 -53.55 3.55
C PHE F 350 8.33 -52.27 2.77
N LEU F 351 8.42 -51.13 3.45
CA LEU F 351 8.66 -49.87 2.77
C LEU F 351 10.08 -49.80 2.21
N ARG F 352 11.06 -50.31 2.97
CA ARG F 352 12.44 -50.27 2.49
C ARG F 352 12.65 -51.17 1.29
N GLU F 353 11.96 -52.31 1.24
CA GLU F 353 12.22 -53.32 0.22
C GLU F 353 11.34 -53.17 -1.02
N ASN F 354 10.20 -52.48 -0.91
CA ASN F 354 9.22 -52.48 -1.98
C ASN F 354 8.83 -51.11 -2.50
N ALA F 355 9.02 -50.04 -1.74
CA ALA F 355 8.61 -48.71 -2.18
C ALA F 355 9.44 -48.29 -3.40
N GLN F 356 8.75 -47.88 -4.46
CA GLN F 356 9.39 -47.47 -5.69
C GLN F 356 9.22 -45.96 -5.86
N PHE F 357 10.27 -45.32 -6.38
CA PHE F 357 10.25 -43.88 -6.63
C PHE F 357 10.01 -43.63 -8.12
N ILE F 358 9.69 -42.38 -8.42
CA ILE F 358 9.62 -41.89 -9.80
C ILE F 358 10.26 -40.52 -9.84
N ARG F 359 11.17 -40.32 -10.79
CA ARG F 359 11.90 -39.07 -10.88
C ARG F 359 11.07 -38.00 -11.57
N MET F 360 11.29 -36.75 -11.16
CA MET F 360 10.59 -35.61 -11.73
C MET F 360 11.56 -34.47 -11.93
N SER F 361 11.12 -33.45 -12.65
CA SER F 361 11.91 -32.27 -12.95
C SER F 361 11.60 -31.17 -11.94
N GLY F 362 12.17 -29.98 -12.17
CA GLY F 362 11.85 -28.85 -11.33
C GLY F 362 10.41 -28.40 -11.46
N ALA F 363 9.82 -28.58 -12.65
CA ALA F 363 8.40 -28.31 -12.81
C ALA F 363 7.55 -29.33 -12.08
N GLY F 364 8.04 -30.56 -11.93
CA GLY F 364 7.36 -31.52 -11.09
C GLY F 364 7.34 -31.11 -9.62
N LEU F 365 8.45 -30.51 -9.16
CA LEU F 365 8.50 -30.01 -7.79
C LEU F 365 7.52 -28.86 -7.58
N LEU F 366 7.42 -27.96 -8.57
CA LEU F 366 6.47 -26.87 -8.46
C LEU F 366 5.02 -27.38 -8.47
N GLU F 367 4.77 -28.48 -9.19
CA GLU F 367 3.45 -29.10 -9.13
C GLU F 367 3.22 -29.80 -7.80
N SER F 368 4.28 -30.36 -7.21
CA SER F 368 4.12 -31.11 -5.96
C SER F 368 3.76 -30.19 -4.80
N HIS F 369 4.37 -29.02 -4.73
CA HIS F 369 3.99 -28.03 -3.74
C HIS F 369 2.70 -27.33 -4.17
N PRO F 370 2.01 -26.66 -3.24
CA PRO F 370 0.90 -25.80 -3.64
C PRO F 370 1.35 -24.75 -4.64
N HIS F 371 0.42 -24.31 -5.48
CA HIS F 371 0.78 -23.36 -6.52
C HIS F 371 -0.46 -22.58 -6.94
N HIS F 372 -0.21 -21.34 -7.39
CA HIS F 372 -1.27 -20.48 -7.94
C HIS F 372 -2.42 -20.29 -6.96
N VAL F 373 -2.11 -20.28 -5.66
CA VAL F 373 -3.10 -20.02 -4.63
C VAL F 373 -2.41 -19.34 -3.46
N GLN F 374 -2.91 -18.16 -3.09
CA GLN F 374 -2.37 -17.44 -1.94
C GLN F 374 -2.74 -18.17 -0.66
N ILE F 375 -1.73 -18.69 0.04
CA ILE F 375 -1.98 -19.45 1.26
C ILE F 375 -2.52 -18.51 2.34
N THR F 376 -3.67 -18.87 2.90
CA THR F 376 -4.34 -18.03 3.90
C THR F 376 -3.91 -18.40 5.31
N LYS F 377 -4.04 -19.67 5.69
CA LYS F 377 -3.65 -20.14 7.01
C LYS F 377 -2.38 -20.97 6.94
N GLU F 378 -1.75 -21.13 8.10
CA GLU F 378 -0.53 -21.93 8.21
C GLU F 378 -0.91 -23.35 8.64
N ALA F 379 -0.55 -24.33 7.81
CA ALA F 379 -0.84 -25.72 8.11
C ALA F 379 0.18 -26.26 9.12
N PRO F 380 -0.24 -27.19 9.99
CA PRO F 380 0.69 -27.74 10.98
C PRO F 380 1.82 -28.56 10.38
N ASN F 381 1.75 -28.92 9.11
CA ASN F 381 2.81 -29.69 8.47
C ASN F 381 3.39 -29.01 7.23
N TYR F 382 2.95 -27.80 6.91
CA TYR F 382 3.46 -27.08 5.74
C TYR F 382 3.52 -25.59 6.07
N SER F 383 4.72 -25.06 6.17
CA SER F 383 4.92 -23.64 6.46
C SER F 383 5.57 -22.93 5.29
N GLN G 21 -0.54 -51.51 -33.89
CA GLN G 21 -1.72 -51.39 -34.74
C GLN G 21 -2.37 -50.04 -34.60
N SER G 22 -2.60 -49.61 -33.36
CA SER G 22 -3.20 -48.31 -33.11
C SER G 22 -2.42 -47.49 -32.08
N ASN G 23 -1.36 -48.05 -31.49
CA ASN G 23 -0.61 -47.37 -30.46
C ASN G 23 0.81 -47.03 -30.91
N ALA G 24 1.06 -47.01 -32.22
CA ALA G 24 2.36 -46.56 -32.72
C ALA G 24 2.58 -45.10 -32.40
N MET G 25 1.58 -44.25 -32.67
CA MET G 25 1.67 -42.85 -32.27
C MET G 25 1.50 -42.70 -30.77
N TRP G 26 0.83 -43.64 -30.12
CA TRP G 26 0.58 -43.54 -28.68
C TRP G 26 1.87 -43.69 -27.89
N GLU G 27 2.76 -44.59 -28.31
CA GLU G 27 4.01 -44.82 -27.62
C GLU G 27 5.13 -43.89 -28.07
N SER G 28 4.84 -42.99 -29.01
CA SER G 28 5.81 -41.98 -29.44
C SER G 28 5.41 -40.58 -29.02
N LYS G 29 4.48 -40.46 -28.06
CA LYS G 29 3.96 -39.15 -27.67
C LYS G 29 5.05 -38.30 -27.03
N PHE G 30 5.81 -38.87 -26.09
CA PHE G 30 6.78 -38.14 -25.31
C PHE G 30 8.21 -38.54 -25.66
N VAL G 31 8.46 -38.82 -26.93
CA VAL G 31 9.80 -39.23 -27.37
C VAL G 31 10.66 -38.02 -27.71
N LYS G 32 10.10 -37.03 -28.39
CA LYS G 32 10.89 -35.91 -28.89
C LYS G 32 11.34 -35.00 -27.75
N GLU G 33 12.48 -34.35 -27.97
CA GLU G 33 13.02 -33.35 -27.04
C GLU G 33 13.34 -32.08 -27.83
N GLY G 34 13.22 -30.95 -27.15
CA GLY G 34 13.45 -29.66 -27.78
C GLY G 34 14.37 -28.78 -26.95
N LEU G 35 15.05 -27.87 -27.65
CA LEU G 35 16.00 -26.96 -27.03
C LEU G 35 15.73 -25.54 -27.48
N THR G 36 15.92 -24.59 -26.57
CA THR G 36 15.77 -23.18 -26.86
C THR G 36 17.14 -22.48 -26.77
N PHE G 37 17.12 -21.15 -26.85
CA PHE G 37 18.38 -20.40 -26.89
C PHE G 37 19.14 -20.53 -25.58
N ASP G 38 18.44 -20.48 -24.44
CA ASP G 38 19.08 -20.57 -23.14
C ASP G 38 19.46 -22.00 -22.75
N ASP G 39 19.42 -22.95 -23.69
CA ASP G 39 19.76 -24.33 -23.40
C ASP G 39 21.14 -24.73 -23.92
N VAL G 40 21.73 -23.97 -24.83
CA VAL G 40 22.96 -24.35 -25.49
C VAL G 40 23.94 -23.17 -25.49
N LEU G 41 25.12 -23.41 -26.04
CA LEU G 41 26.13 -22.39 -26.27
C LEU G 41 26.90 -22.76 -27.52
N LEU G 42 27.27 -21.76 -28.32
CA LEU G 42 28.05 -22.02 -29.51
C LEU G 42 29.49 -22.35 -29.13
N VAL G 43 30.00 -23.43 -29.69
CA VAL G 43 31.36 -23.87 -29.39
C VAL G 43 32.35 -23.07 -30.23
N PRO G 44 33.33 -22.41 -29.62
CA PRO G 44 34.32 -21.68 -30.41
C PRO G 44 35.26 -22.63 -31.14
N ALA G 45 35.60 -22.27 -32.37
CA ALA G 45 36.45 -23.08 -33.23
C ALA G 45 37.66 -22.26 -33.67
N LYS G 46 38.54 -22.90 -34.45
CA LYS G 46 39.71 -22.22 -34.97
C LYS G 46 39.28 -21.12 -35.94
N SER G 47 39.80 -19.91 -35.72
CA SER G 47 39.35 -18.72 -36.43
C SER G 47 40.49 -18.15 -37.27
N ASP G 48 40.23 -17.96 -38.55
CA ASP G 48 41.13 -17.24 -39.44
C ASP G 48 40.60 -15.86 -39.81
N VAL G 49 39.47 -15.46 -39.25
CA VAL G 49 38.81 -14.21 -39.61
C VAL G 49 38.65 -13.34 -38.36
N LEU G 50 38.64 -12.03 -38.57
CA LEU G 50 38.37 -11.07 -37.52
C LEU G 50 36.93 -10.59 -37.60
N PRO G 51 36.32 -10.28 -36.45
CA PRO G 51 34.94 -9.75 -36.48
C PRO G 51 34.78 -8.50 -37.33
N ARG G 52 35.86 -7.73 -37.52
CA ARG G 52 35.78 -6.51 -38.31
C ARG G 52 35.54 -6.81 -39.79
N GLU G 53 36.07 -7.93 -40.29
CA GLU G 53 36.10 -8.21 -41.72
C GLU G 53 35.16 -9.33 -42.13
N VAL G 54 34.33 -9.83 -41.22
CA VAL G 54 33.39 -10.90 -41.59
C VAL G 54 32.22 -10.30 -42.37
N SER G 55 31.59 -11.14 -43.19
CA SER G 55 30.47 -10.74 -44.02
C SER G 55 29.17 -11.15 -43.34
N VAL G 56 28.27 -10.18 -43.17
CA VAL G 56 26.94 -10.41 -42.60
C VAL G 56 25.85 -10.37 -43.67
N LYS G 57 26.22 -10.21 -44.94
CA LYS G 57 25.22 -10.21 -46.00
C LYS G 57 24.57 -11.59 -46.13
N THR G 58 23.31 -11.59 -46.53
CA THR G 58 22.56 -12.81 -46.74
C THR G 58 21.67 -12.65 -47.96
N VAL G 59 21.39 -13.77 -48.63
CA VAL G 59 20.59 -13.78 -49.85
C VAL G 59 19.34 -14.60 -49.58
N LEU G 60 18.18 -13.95 -49.66
CA LEU G 60 16.91 -14.63 -49.48
C LEU G 60 16.26 -15.01 -50.81
N SER G 61 16.52 -14.25 -51.86
CA SER G 61 16.00 -14.54 -53.19
C SER G 61 16.87 -13.83 -54.21
N GLU G 62 16.57 -14.05 -55.49
CA GLU G 62 17.27 -13.34 -56.55
C GLU G 62 16.94 -11.85 -56.54
N SER G 63 15.80 -11.46 -55.99
CA SER G 63 15.37 -10.08 -55.95
C SER G 63 15.35 -9.50 -54.54
N LEU G 64 15.80 -10.25 -53.54
CA LEU G 64 15.81 -9.78 -52.16
C LEU G 64 17.13 -10.18 -51.51
N GLN G 65 18.03 -9.21 -51.34
CA GLN G 65 19.31 -9.45 -50.70
C GLN G 65 19.51 -8.38 -49.63
N LEU G 66 19.83 -8.81 -48.42
CA LEU G 66 19.99 -7.91 -47.28
C LEU G 66 21.47 -7.76 -46.93
N ASN G 67 21.83 -6.57 -46.45
CA ASN G 67 23.19 -6.34 -45.99
C ASN G 67 23.41 -6.91 -44.59
N ILE G 68 22.39 -6.83 -43.74
CA ILE G 68 22.44 -7.43 -42.40
C ILE G 68 21.26 -8.38 -42.26
N PRO G 69 21.39 -9.46 -41.51
CA PRO G 69 20.30 -10.44 -41.38
C PRO G 69 19.28 -10.06 -40.31
N LEU G 70 18.71 -8.87 -40.45
CA LEU G 70 17.73 -8.35 -39.50
C LEU G 70 16.43 -8.00 -40.22
N ILE G 71 15.31 -8.40 -39.63
CA ILE G 71 13.98 -8.09 -40.14
C ILE G 71 13.12 -7.65 -38.97
N SER G 72 12.52 -6.47 -39.08
CA SER G 72 11.63 -5.98 -38.03
C SER G 72 10.26 -6.60 -38.20
N ALA G 73 9.64 -6.96 -37.08
CA ALA G 73 8.40 -7.73 -37.10
C ALA G 73 7.24 -6.89 -37.64
N GLY G 74 6.34 -7.55 -38.36
CA GLY G 74 5.16 -6.91 -38.90
C GLY G 74 4.07 -6.73 -37.87
N MET G 75 4.29 -5.81 -36.92
CA MET G 75 3.36 -5.57 -35.83
C MET G 75 3.10 -4.08 -35.71
N ASP G 76 1.90 -3.75 -35.20
CA ASP G 76 1.48 -2.35 -35.11
C ASP G 76 2.30 -1.54 -34.11
N THR G 77 3.11 -2.19 -33.27
CA THR G 77 3.98 -1.52 -32.33
C THR G 77 5.45 -1.65 -32.68
N VAL G 78 5.77 -2.14 -33.88
CA VAL G 78 7.16 -2.37 -34.27
C VAL G 78 7.49 -1.65 -35.56
N THR G 79 6.74 -1.91 -36.63
CA THR G 79 7.12 -1.49 -37.97
C THR G 79 5.96 -0.80 -38.67
N GLU G 80 6.18 0.46 -39.04
CA GLU G 80 5.34 1.14 -40.03
C GLU G 80 6.24 1.79 -41.08
N ALA G 81 5.78 2.88 -41.69
CA ALA G 81 6.55 3.51 -42.75
C ALA G 81 7.89 4.01 -42.24
N ASP G 82 7.89 4.69 -41.08
CA ASP G 82 9.13 5.25 -40.56
C ASP G 82 10.12 4.16 -40.15
N MET G 83 9.61 3.07 -39.55
CA MET G 83 10.51 1.99 -39.15
C MET G 83 11.05 1.24 -40.35
N ALA G 84 10.22 1.02 -41.37
CA ALA G 84 10.67 0.29 -42.55
C ALA G 84 11.73 1.07 -43.32
N ILE G 85 11.70 2.41 -43.25
CA ILE G 85 12.72 3.21 -43.90
C ILE G 85 14.05 3.08 -43.17
N ALA G 86 14.01 3.19 -41.84
CA ALA G 86 15.24 3.11 -41.06
C ALA G 86 15.86 1.72 -41.13
N MET G 87 15.03 0.67 -41.14
CA MET G 87 15.55 -0.69 -41.24
C MET G 87 16.28 -0.92 -42.55
N ALA G 88 15.72 -0.43 -43.65
CA ALA G 88 16.32 -0.68 -44.96
C ALA G 88 17.63 0.09 -45.13
N ARG G 89 17.70 1.30 -44.59
CA ARG G 89 18.91 2.10 -44.70
C ARG G 89 20.04 1.59 -43.81
N GLN G 90 19.73 0.71 -42.86
CA GLN G 90 20.75 0.02 -42.07
C GLN G 90 21.17 -1.30 -42.68
N GLY G 91 20.56 -1.71 -43.80
CA GLY G 91 20.84 -2.97 -44.43
C GLY G 91 19.86 -4.07 -44.12
N GLY G 92 18.80 -3.78 -43.36
CA GLY G 92 17.81 -4.77 -42.97
C GLY G 92 16.54 -4.67 -43.80
N LEU G 93 15.45 -5.17 -43.23
CA LEU G 93 14.15 -5.19 -43.89
C LEU G 93 13.06 -4.90 -42.89
N GLY G 94 12.01 -4.23 -43.34
CA GLY G 94 10.88 -3.90 -42.50
C GLY G 94 9.60 -4.48 -43.07
N ILE G 95 8.78 -5.05 -42.19
CA ILE G 95 7.50 -5.64 -42.57
C ILE G 95 6.39 -4.74 -42.05
N ILE G 96 5.73 -4.02 -42.96
CA ILE G 96 4.64 -3.15 -42.57
C ILE G 96 3.45 -3.99 -42.15
N HIS G 97 2.90 -3.71 -40.97
CA HIS G 97 1.84 -4.54 -40.42
C HIS G 97 0.53 -4.35 -41.19
N LYS G 98 -0.43 -5.23 -40.91
CA LYS G 98 -1.67 -5.30 -41.65
C LYS G 98 -2.85 -4.67 -40.91
N ASN G 99 -2.63 -4.09 -39.73
CA ASN G 99 -3.71 -3.46 -39.00
C ASN G 99 -4.01 -2.07 -39.55
N MET G 100 -4.23 -1.99 -40.87
CA MET G 100 -4.58 -0.76 -41.55
C MET G 100 -5.27 -1.13 -42.85
N SER G 101 -5.95 -0.16 -43.45
CA SER G 101 -6.67 -0.42 -44.69
C SER G 101 -5.69 -0.77 -45.81
N ILE G 102 -6.23 -1.36 -46.88
CA ILE G 102 -5.41 -1.67 -48.03
C ILE G 102 -4.83 -0.40 -48.65
N GLU G 103 -5.63 0.65 -48.71
CA GLU G 103 -5.17 1.92 -49.25
C GLU G 103 -4.17 2.60 -48.32
N GLN G 104 -4.29 2.38 -47.01
CA GLN G 104 -3.31 2.92 -46.07
C GLN G 104 -1.99 2.16 -46.15
N GLN G 105 -2.05 0.84 -46.31
CA GLN G 105 -0.83 0.05 -46.33
C GLN G 105 -0.07 0.24 -47.64
N ALA G 106 -0.79 0.37 -48.75
CA ALA G 106 -0.13 0.67 -50.03
C ALA G 106 0.52 2.04 -50.00
N GLU G 107 0.00 2.96 -49.19
CA GLU G 107 0.60 4.29 -49.10
C GLU G 107 1.95 4.24 -48.39
N GLN G 108 2.07 3.41 -47.36
CA GLN G 108 3.32 3.34 -46.61
C GLN G 108 4.38 2.56 -47.36
N VAL G 109 3.99 1.49 -48.06
CA VAL G 109 4.93 0.76 -48.91
C VAL G 109 5.44 1.67 -50.02
N ASP G 110 4.54 2.46 -50.62
CA ASP G 110 4.94 3.44 -51.61
C ASP G 110 5.87 4.49 -51.03
N LYS G 111 5.67 4.85 -49.76
CA LYS G 111 6.52 5.86 -49.12
C LYS G 111 7.94 5.34 -48.94
N VAL G 112 8.09 4.06 -48.59
CA VAL G 112 9.43 3.51 -48.37
C VAL G 112 10.16 3.33 -49.69
N LYS G 113 9.46 2.90 -50.74
CA LYS G 113 10.10 2.68 -52.02
C LYS G 113 10.60 3.98 -52.63
N ARG G 114 9.83 5.06 -52.49
CA ARG G 114 10.25 6.35 -53.01
C ARG G 114 11.22 7.08 -52.09
N SER G 115 11.53 6.51 -50.93
CA SER G 115 12.49 7.09 -49.98
C SER G 115 13.90 6.60 -50.22
N GLY G 116 14.32 6.51 -51.48
CA GLY G 116 15.65 6.08 -51.84
C GLY G 116 15.75 4.70 -52.45
N GLY G 117 14.65 4.13 -52.93
CA GLY G 117 14.69 2.79 -53.50
C GLY G 117 14.99 1.74 -52.46
N LEU G 118 14.27 1.79 -51.33
CA LEU G 118 14.52 0.90 -50.21
C LEU G 118 13.70 -0.38 -50.32
N LEU G 119 14.26 -1.46 -49.76
CA LEU G 119 13.51 -2.71 -49.66
C LEU G 119 12.44 -2.58 -48.59
N VAL G 120 11.28 -3.18 -48.85
CA VAL G 120 10.15 -3.08 -47.93
C VAL G 120 9.29 -4.33 -48.07
N GLY G 121 8.83 -4.85 -46.95
CA GLY G 121 7.88 -5.93 -46.91
C GLY G 121 6.55 -5.47 -46.33
N ALA G 122 5.53 -6.30 -46.54
CA ALA G 122 4.19 -6.00 -46.06
C ALA G 122 3.51 -7.28 -45.59
N ALA G 123 2.82 -7.20 -44.46
CA ALA G 123 2.11 -8.35 -43.90
C ALA G 123 0.71 -8.44 -44.47
N VAL G 124 0.30 -9.65 -44.85
CA VAL G 124 -1.03 -9.91 -45.39
C VAL G 124 -1.60 -11.12 -44.65
N GLY G 125 -2.82 -10.98 -44.13
CA GLY G 125 -3.47 -12.10 -43.50
C GLY G 125 -4.17 -13.01 -44.49
N VAL G 126 -4.35 -14.26 -44.10
CA VAL G 126 -5.03 -15.24 -44.94
C VAL G 126 -6.54 -15.00 -44.86
N THR G 127 -7.02 -14.01 -45.61
CA THR G 127 -8.43 -13.64 -45.64
C THR G 127 -8.94 -13.73 -47.07
N ALA G 128 -10.26 -13.54 -47.22
CA ALA G 128 -10.86 -13.59 -48.56
C ALA G 128 -10.35 -12.45 -49.43
N ASP G 129 -10.22 -11.25 -48.86
CA ASP G 129 -9.73 -10.09 -49.59
C ASP G 129 -8.22 -9.95 -49.53
N ALA G 130 -7.50 -11.04 -49.22
CA ALA G 130 -6.04 -10.97 -49.17
C ALA G 130 -5.44 -10.65 -50.53
N MET G 131 -6.06 -11.15 -51.60
CA MET G 131 -5.55 -10.89 -52.93
C MET G 131 -5.67 -9.41 -53.30
N THR G 132 -6.80 -8.79 -52.94
CA THR G 132 -6.99 -7.36 -53.20
C THR G 132 -5.96 -6.53 -52.44
N ARG G 133 -5.55 -6.99 -51.26
CA ARG G 133 -4.47 -6.30 -50.54
C ARG G 133 -3.14 -6.50 -51.24
N ILE G 134 -2.87 -7.72 -51.72
CA ILE G 134 -1.63 -7.98 -52.43
C ILE G 134 -1.59 -7.23 -53.76
N ASP G 135 -2.75 -7.02 -54.39
CA ASP G 135 -2.79 -6.30 -55.66
C ASP G 135 -2.30 -4.87 -55.50
N ALA G 136 -2.73 -4.19 -54.43
CA ALA G 136 -2.28 -2.83 -54.17
C ALA G 136 -0.84 -2.77 -53.71
N LEU G 137 -0.35 -3.81 -53.03
CA LEU G 137 1.02 -3.80 -52.55
C LEU G 137 2.02 -4.01 -53.69
N VAL G 138 1.73 -4.97 -54.58
CA VAL G 138 2.61 -5.19 -55.72
C VAL G 138 2.55 -4.01 -56.67
N LYS G 139 1.41 -3.31 -56.73
CA LYS G 139 1.34 -2.08 -57.52
C LYS G 139 2.12 -0.95 -56.84
N ALA G 140 2.25 -1.01 -55.52
CA ALA G 140 3.14 -0.13 -54.78
C ALA G 140 4.58 -0.58 -54.80
N SER G 141 4.91 -1.54 -55.67
CA SER G 141 6.28 -2.03 -55.85
C SER G 141 6.83 -2.65 -54.56
N VAL G 142 6.01 -3.42 -53.87
CA VAL G 142 6.48 -4.11 -52.68
C VAL G 142 7.43 -5.23 -53.08
N ASP G 143 8.41 -5.49 -52.22
CA ASP G 143 9.43 -6.49 -52.53
C ASP G 143 9.07 -7.88 -52.04
N ALA G 144 8.30 -7.99 -50.96
CA ALA G 144 7.90 -9.28 -50.43
C ALA G 144 6.67 -9.10 -49.55
N ILE G 145 5.71 -10.01 -49.70
CA ILE G 145 4.54 -10.05 -48.84
C ILE G 145 4.73 -11.18 -47.84
N VAL G 146 4.25 -10.96 -46.61
CA VAL G 146 4.38 -11.93 -45.53
C VAL G 146 2.98 -12.40 -45.17
N LEU G 147 2.65 -13.63 -45.53
CA LEU G 147 1.38 -14.22 -45.12
C LEU G 147 1.45 -14.60 -43.64
N ASP G 148 1.10 -13.67 -42.77
CA ASP G 148 1.18 -13.87 -41.33
C ASP G 148 -0.09 -14.51 -40.80
N THR G 149 0.07 -15.63 -40.10
CA THR G 149 -1.06 -16.30 -39.45
C THR G 149 -0.52 -17.13 -38.31
N ALA G 150 -1.43 -17.49 -37.39
CA ALA G 150 -1.02 -18.21 -36.19
C ALA G 150 -0.49 -19.60 -36.53
N HIS G 151 -1.20 -20.33 -37.40
CA HIS G 151 -0.83 -21.70 -37.76
C HIS G 151 -0.62 -21.76 -39.27
N GLY G 152 0.64 -21.70 -39.69
CA GLY G 152 0.96 -21.76 -41.11
C GLY G 152 0.75 -23.12 -41.75
N HIS G 153 0.60 -24.17 -40.94
CA HIS G 153 0.41 -25.52 -41.45
C HIS G 153 -1.08 -25.85 -41.60
N SER G 154 -1.82 -24.95 -42.22
CA SER G 154 -3.24 -25.13 -42.50
C SER G 154 -3.47 -25.22 -44.00
N GLN G 155 -4.59 -25.84 -44.37
CA GLN G 155 -4.93 -25.97 -45.78
C GLN G 155 -5.24 -24.61 -46.39
N GLY G 156 -5.92 -23.74 -45.63
CA GLY G 156 -6.19 -22.40 -46.13
C GLY G 156 -4.93 -21.60 -46.39
N VAL G 157 -3.92 -21.79 -45.53
CA VAL G 157 -2.63 -21.14 -45.77
C VAL G 157 -1.95 -21.72 -46.99
N ILE G 158 -1.97 -23.05 -47.13
CA ILE G 158 -1.37 -23.70 -48.30
C ILE G 158 -2.08 -23.25 -49.57
N ASP G 159 -3.42 -23.26 -49.53
CA ASP G 159 -4.18 -22.85 -50.71
C ASP G 159 -3.96 -21.38 -51.04
N LYS G 160 -3.74 -20.54 -50.02
CA LYS G 160 -3.54 -19.12 -50.29
C LYS G 160 -2.20 -18.85 -50.96
N VAL G 161 -1.16 -19.59 -50.57
CA VAL G 161 0.16 -19.41 -51.17
C VAL G 161 0.11 -19.81 -52.65
N LYS G 162 -0.61 -20.89 -52.97
CA LYS G 162 -0.66 -21.34 -54.35
C LYS G 162 -1.38 -20.35 -55.26
N GLU G 163 -2.39 -19.64 -54.72
CA GLU G 163 -3.11 -18.67 -55.54
C GLU G 163 -2.33 -17.38 -55.71
N VAL G 164 -1.47 -17.03 -54.76
CA VAL G 164 -0.62 -15.86 -54.93
C VAL G 164 0.55 -16.17 -55.86
N ARG G 165 1.09 -17.39 -55.78
CA ARG G 165 2.16 -17.78 -56.69
C ARG G 165 1.65 -17.99 -58.10
N ALA G 166 0.40 -18.46 -58.26
CA ALA G 166 -0.17 -18.65 -59.59
C ALA G 166 -0.43 -17.31 -60.28
N LYS G 167 -0.76 -16.27 -59.51
CA LYS G 167 -1.05 -14.96 -60.08
C LYS G 167 0.19 -14.09 -60.19
N TYR G 168 1.10 -14.18 -59.22
CA TYR G 168 2.33 -13.39 -59.20
C TYR G 168 3.51 -14.35 -59.05
N PRO G 169 4.03 -14.89 -60.16
CA PRO G 169 5.12 -15.87 -60.06
C PRO G 169 6.44 -15.27 -59.60
N SER G 170 6.63 -13.97 -59.75
CA SER G 170 7.89 -13.31 -59.40
C SER G 170 7.85 -12.63 -58.04
N LEU G 171 6.74 -12.71 -57.32
CA LEU G 171 6.62 -12.05 -56.02
C LEU G 171 7.24 -12.91 -54.93
N ASN G 172 8.11 -12.30 -54.14
CA ASN G 172 8.72 -13.01 -53.00
C ASN G 172 7.64 -13.30 -51.96
N ILE G 173 7.44 -14.57 -51.66
CA ILE G 173 6.38 -15.01 -50.75
C ILE G 173 7.02 -15.52 -49.47
N ILE G 174 6.69 -14.88 -48.35
CA ILE G 174 7.13 -15.31 -47.02
C ILE G 174 5.91 -15.89 -46.32
N ALA G 175 5.96 -17.17 -45.99
CA ALA G 175 4.84 -17.89 -45.40
C ALA G 175 5.22 -18.40 -44.01
N GLY G 176 4.32 -18.23 -43.06
CA GLY G 176 4.53 -18.69 -41.71
C GLY G 176 3.25 -18.52 -40.90
N ASN G 177 3.33 -18.89 -39.63
CA ASN G 177 4.54 -19.45 -39.03
C ASN G 177 4.41 -20.95 -38.84
N VAL G 178 5.55 -21.64 -38.88
CA VAL G 178 5.59 -23.09 -38.72
C VAL G 178 6.65 -23.44 -37.69
N ALA G 179 6.67 -24.72 -37.31
CA ALA G 179 7.67 -25.20 -36.35
C ALA G 179 8.11 -26.63 -36.60
N THR G 180 7.58 -27.31 -37.62
CA THR G 180 7.93 -28.68 -37.92
C THR G 180 8.49 -28.79 -39.33
N ALA G 181 9.22 -29.88 -39.57
CA ALA G 181 9.80 -30.11 -40.90
C ALA G 181 8.71 -30.38 -41.92
N GLU G 182 7.66 -31.10 -41.53
CA GLU G 182 6.56 -31.39 -42.45
C GLU G 182 5.84 -30.11 -42.87
N ALA G 183 5.72 -29.15 -41.94
CA ALA G 183 5.06 -27.89 -42.26
C ALA G 183 5.93 -27.06 -43.21
N THR G 184 7.24 -27.04 -42.99
CA THR G 184 8.14 -26.36 -43.92
C THR G 184 8.06 -26.98 -45.31
N LYS G 185 7.97 -28.31 -45.37
CA LYS G 185 7.84 -28.99 -46.66
C LYS G 185 6.55 -28.59 -47.37
N ALA G 186 5.46 -28.41 -46.61
CA ALA G 186 4.19 -28.10 -47.22
C ALA G 186 4.18 -26.68 -47.80
N LEU G 187 4.73 -25.71 -47.07
CA LEU G 187 4.72 -24.33 -47.56
C LEU G 187 5.65 -24.15 -48.75
N ILE G 188 6.75 -24.89 -48.81
CA ILE G 188 7.68 -24.74 -49.93
C ILE G 188 7.05 -25.22 -51.22
N GLU G 189 6.31 -26.34 -51.17
CA GLU G 189 5.69 -26.87 -52.37
C GLU G 189 4.50 -26.02 -52.84
N ALA G 190 3.96 -25.17 -51.96
CA ALA G 190 2.86 -24.29 -52.35
C ALA G 190 3.34 -23.08 -53.16
N GLY G 191 4.63 -22.76 -53.09
CA GLY G 191 5.18 -21.63 -53.83
C GLY G 191 5.91 -20.61 -52.99
N ALA G 192 5.94 -20.75 -51.66
CA ALA G 192 6.61 -19.79 -50.80
C ALA G 192 8.12 -19.99 -50.89
N ASN G 193 8.83 -18.96 -51.34
CA ASN G 193 10.28 -19.03 -51.46
C ASN G 193 11.00 -18.71 -50.15
N VAL G 194 10.28 -18.22 -49.14
CA VAL G 194 10.82 -18.02 -47.80
C VAL G 194 9.82 -18.57 -46.80
N VAL G 195 10.32 -19.18 -45.73
CA VAL G 195 9.49 -19.78 -44.70
C VAL G 195 9.86 -19.15 -43.35
N LYS G 196 8.86 -18.64 -42.64
CA LYS G 196 9.06 -18.00 -41.35
C LYS G 196 8.73 -18.99 -40.24
N VAL G 197 9.67 -19.15 -39.31
CA VAL G 197 9.62 -20.19 -38.29
C VAL G 197 9.41 -19.55 -36.93
N GLY G 198 8.49 -20.11 -36.15
CA GLY G 198 8.24 -19.63 -34.81
C GLY G 198 6.81 -19.81 -34.34
N ILE G 199 6.57 -20.83 -33.52
CA ILE G 199 5.26 -21.08 -32.93
C ILE G 199 5.44 -20.97 -31.42
N GLY G 200 5.19 -19.77 -30.88
CA GLY G 200 5.20 -19.58 -29.45
C GLY G 200 6.37 -18.90 -28.76
N PRO G 201 7.47 -18.56 -29.46
CA PRO G 201 8.61 -18.00 -28.73
C PRO G 201 8.56 -16.51 -28.46
N GLY G 202 7.60 -15.79 -29.05
CA GLY G 202 7.60 -14.34 -28.93
C GLY G 202 7.52 -13.87 -27.48
N SER G 203 8.17 -12.74 -27.22
CA SER G 203 8.19 -12.18 -25.87
C SER G 203 6.80 -11.79 -25.40
N ILE G 204 5.90 -11.47 -26.33
CA ILE G 204 4.53 -11.09 -26.00
C ILE G 204 3.56 -12.24 -26.23
N CYS G 205 4.06 -13.43 -26.52
CA CYS G 205 3.24 -14.54 -26.97
C CYS G 205 2.82 -15.43 -25.81
N THR G 206 1.55 -15.84 -25.82
CA THR G 206 1.02 -16.78 -24.84
C THR G 206 0.41 -18.01 -25.51
N THR G 207 0.78 -18.27 -26.77
CA THR G 207 0.23 -19.43 -27.48
C THR G 207 0.56 -20.72 -26.76
N ARG G 208 1.82 -20.89 -26.36
CA ARG G 208 2.23 -22.10 -25.67
C ARG G 208 1.56 -22.26 -24.31
N VAL G 209 0.97 -21.19 -23.78
CA VAL G 209 0.34 -21.22 -22.47
C VAL G 209 -1.17 -21.44 -22.58
N VAL G 210 -1.82 -20.77 -23.52
CA VAL G 210 -3.27 -20.88 -23.64
C VAL G 210 -3.70 -22.05 -24.52
N ALA G 211 -2.86 -22.45 -25.49
CA ALA G 211 -3.16 -23.58 -26.36
C ALA G 211 -2.25 -24.78 -26.11
N GLY G 212 -1.17 -24.61 -25.36
CA GLY G 212 -0.29 -25.72 -25.04
C GLY G 212 0.54 -26.25 -26.18
N VAL G 213 0.52 -25.59 -27.33
CA VAL G 213 1.24 -26.07 -28.50
C VAL G 213 2.50 -25.25 -28.70
N GLY G 214 3.46 -25.82 -29.39
CA GLY G 214 4.68 -25.10 -29.72
C GLY G 214 5.85 -26.05 -29.79
N VAL G 215 6.96 -25.51 -30.28
CA VAL G 215 8.25 -26.21 -30.32
C VAL G 215 9.30 -25.22 -29.84
N PRO G 216 10.25 -25.63 -28.99
CA PRO G 216 11.36 -24.74 -28.64
C PRO G 216 12.02 -24.17 -29.90
N GLN G 217 12.23 -22.85 -29.89
CA GLN G 217 12.51 -22.12 -31.13
C GLN G 217 13.78 -22.63 -31.81
N LEU G 218 14.82 -22.90 -31.03
CA LEU G 218 16.07 -23.34 -31.63
C LEU G 218 15.93 -24.71 -32.28
N THR G 219 15.17 -25.61 -31.64
CA THR G 219 14.85 -26.89 -32.26
C THR G 219 13.94 -26.70 -33.47
N ALA G 220 12.99 -25.76 -33.36
CA ALA G 220 12.11 -25.48 -34.49
C ALA G 220 12.90 -24.94 -35.69
N VAL G 221 13.81 -24.00 -35.45
CA VAL G 221 14.65 -23.47 -36.53
C VAL G 221 15.51 -24.59 -37.10
N TYR G 222 16.06 -25.45 -36.24
CA TYR G 222 16.94 -26.51 -36.71
C TYR G 222 16.16 -27.55 -37.53
N ASP G 223 14.96 -27.91 -37.08
CA ASP G 223 14.16 -28.90 -37.81
C ASP G 223 13.64 -28.33 -39.12
N CYS G 224 13.22 -27.06 -39.11
CA CYS G 224 12.69 -26.46 -40.33
C CYS G 224 13.80 -26.22 -41.36
N ALA G 225 14.98 -25.81 -40.90
CA ALA G 225 16.09 -25.60 -41.82
C ALA G 225 16.62 -26.91 -42.38
N THR G 226 16.50 -28.01 -41.62
CA THR G 226 16.93 -29.31 -42.11
C THR G 226 16.12 -29.72 -43.34
N GLU G 227 14.83 -29.39 -43.35
CA GLU G 227 13.99 -29.71 -44.50
C GLU G 227 14.13 -28.66 -45.59
N ALA G 228 14.28 -27.39 -45.22
CA ALA G 228 14.34 -26.32 -46.20
C ALA G 228 15.67 -26.31 -46.97
N ARG G 229 16.74 -26.77 -46.34
CA ARG G 229 18.02 -26.86 -47.04
C ARG G 229 17.99 -27.91 -48.15
N LYS G 230 17.07 -28.87 -48.08
CA LYS G 230 16.92 -29.83 -49.17
C LYS G 230 16.41 -29.16 -50.44
N HIS G 231 15.62 -28.10 -50.31
CA HIS G 231 15.09 -27.36 -51.45
C HIS G 231 15.85 -26.07 -51.70
N GLY G 232 16.84 -25.74 -50.88
CA GLY G 232 17.54 -24.48 -51.03
C GLY G 232 16.71 -23.27 -50.66
N ILE G 233 15.90 -23.38 -49.62
CA ILE G 233 14.97 -22.34 -49.21
C ILE G 233 15.46 -21.76 -47.88
N PRO G 234 15.56 -20.44 -47.74
CA PRO G 234 15.93 -19.86 -46.45
C PRO G 234 14.76 -19.82 -45.48
N VAL G 235 15.09 -19.88 -44.20
CA VAL G 235 14.09 -19.81 -43.14
C VAL G 235 14.37 -18.59 -42.28
N ILE G 236 13.31 -18.06 -41.67
CA ILE G 236 13.38 -16.88 -40.82
C ILE G 236 13.15 -17.31 -39.38
N ALA G 237 14.09 -16.97 -38.51
CA ALA G 237 13.94 -17.24 -37.07
C ALA G 237 13.16 -16.09 -36.45
N ASP G 238 11.91 -16.35 -36.07
CA ASP G 238 10.98 -15.32 -35.68
C ASP G 238 10.59 -15.51 -34.22
N GLY G 239 10.95 -14.56 -33.37
CA GLY G 239 10.52 -14.57 -31.98
C GLY G 239 11.53 -15.21 -31.05
N GLY G 240 11.51 -14.76 -29.80
CA GLY G 240 12.29 -15.36 -28.74
C GLY G 240 13.70 -14.84 -28.59
N ILE G 241 14.11 -13.88 -29.41
CA ILE G 241 15.48 -13.37 -29.39
C ILE G 241 15.52 -12.17 -28.44
N LYS G 242 16.23 -12.34 -27.32
CA LYS G 242 16.33 -11.33 -26.28
C LYS G 242 17.65 -10.59 -26.29
N TYR G 243 18.75 -11.30 -26.56
CA TYR G 243 20.09 -10.72 -26.61
C TYR G 243 20.70 -10.99 -27.98
N SER G 244 21.79 -10.27 -28.26
CA SER G 244 22.45 -10.43 -29.55
C SER G 244 23.01 -11.84 -29.73
N GLY G 245 23.35 -12.51 -28.63
CA GLY G 245 23.84 -13.88 -28.73
C GLY G 245 22.79 -14.86 -29.21
N ASP G 246 21.51 -14.59 -28.89
CA ASP G 246 20.44 -15.46 -29.37
C ASP G 246 20.34 -15.44 -30.88
N MET G 247 20.58 -14.28 -31.49
CA MET G 247 20.58 -14.20 -32.95
C MET G 247 21.69 -15.03 -33.56
N VAL G 248 22.88 -15.02 -32.94
CA VAL G 248 23.98 -15.81 -33.44
C VAL G 248 23.67 -17.30 -33.34
N LYS G 249 22.91 -17.70 -32.30
CA LYS G 249 22.53 -19.10 -32.15
C LYS G 249 21.48 -19.50 -33.18
N ALA G 250 20.50 -18.63 -33.42
CA ALA G 250 19.46 -18.93 -34.41
C ALA G 250 20.05 -19.03 -35.81
N LEU G 251 20.94 -18.11 -36.16
CA LEU G 251 21.58 -18.16 -37.48
C LEU G 251 22.44 -19.42 -37.61
N ALA G 252 23.19 -19.75 -36.57
CA ALA G 252 24.02 -20.95 -36.58
C ALA G 252 23.18 -22.23 -36.57
N ALA G 253 21.90 -22.14 -36.21
CA ALA G 253 21.03 -23.31 -36.23
C ALA G 253 20.44 -23.60 -37.61
N GLY G 254 20.66 -22.72 -38.59
CA GLY G 254 20.15 -22.96 -39.92
C GLY G 254 19.36 -21.81 -40.51
N ALA G 255 19.14 -20.76 -39.72
CA ALA G 255 18.34 -19.63 -40.16
C ALA G 255 19.19 -18.67 -41.00
N HIS G 256 18.61 -18.18 -42.09
CA HIS G 256 19.28 -17.17 -42.90
C HIS G 256 19.16 -15.78 -42.28
N VAL G 257 18.01 -15.49 -41.68
CA VAL G 257 17.74 -14.19 -41.07
C VAL G 257 16.97 -14.41 -39.78
N VAL G 258 16.86 -13.34 -39.00
CA VAL G 258 16.08 -13.34 -37.76
C VAL G 258 15.07 -12.21 -37.81
N MET G 259 13.96 -12.40 -37.12
CA MET G 259 12.89 -11.41 -37.06
C MET G 259 12.69 -11.01 -35.61
N LEU G 260 12.84 -9.71 -35.33
CA LEU G 260 12.82 -9.18 -33.98
C LEU G 260 11.63 -8.26 -33.80
N GLY G 261 11.12 -8.19 -32.56
CA GLY G 261 10.01 -7.32 -32.23
C GLY G 261 10.24 -6.55 -30.95
N SER G 262 10.58 -7.27 -29.87
CA SER G 262 10.82 -6.62 -28.60
C SER G 262 12.08 -5.75 -28.65
N MET G 263 13.09 -6.18 -29.39
CA MET G 263 14.32 -5.42 -29.50
C MET G 263 14.21 -4.24 -30.45
N PHE G 264 13.12 -4.14 -31.21
CA PHE G 264 12.88 -3.03 -32.12
C PHE G 264 11.70 -2.16 -31.70
N ALA G 265 10.93 -2.56 -30.69
CA ALA G 265 9.73 -1.81 -30.32
C ALA G 265 10.09 -0.50 -29.60
N GLY G 266 11.12 -0.52 -28.76
CA GLY G 266 11.54 0.69 -28.08
C GLY G 266 12.35 1.65 -28.92
N VAL G 267 12.56 1.33 -30.20
CA VAL G 267 13.30 2.19 -31.09
C VAL G 267 12.47 3.43 -31.43
N ALA G 268 13.16 4.56 -31.61
CA ALA G 268 12.46 5.81 -31.90
C ALA G 268 11.64 5.74 -33.18
N GLU G 269 12.16 5.04 -34.19
CA GLU G 269 11.46 4.97 -35.47
C GLU G 269 10.23 4.06 -35.43
N SER G 270 10.05 3.28 -34.38
CA SER G 270 8.88 2.43 -34.28
C SER G 270 7.63 3.26 -34.02
N PRO G 271 6.45 2.74 -34.35
CA PRO G 271 5.22 3.51 -34.15
C PRO G 271 4.97 3.78 -32.67
N GLY G 272 4.13 4.79 -32.42
CA GLY G 272 3.79 5.19 -31.08
C GLY G 272 4.77 6.20 -30.51
N GLU G 273 4.31 6.90 -29.48
CA GLU G 273 5.11 7.91 -28.79
C GLU G 273 5.56 7.38 -27.45
N THR G 274 6.51 8.10 -26.85
CA THR G 274 7.12 7.68 -25.60
C THR G 274 6.33 8.23 -24.41
N GLU G 275 6.20 7.40 -23.37
CA GLU G 275 5.56 7.79 -22.13
C GLU G 275 6.42 7.37 -20.97
N ILE G 276 6.36 8.15 -19.90
CA ILE G 276 7.19 7.90 -18.72
C ILE G 276 6.59 6.76 -17.92
N TYR G 277 7.43 5.81 -17.52
CA TYR G 277 6.99 4.64 -16.77
C TYR G 277 8.15 4.16 -15.91
N GLN G 278 7.85 3.89 -14.63
CA GLN G 278 8.88 3.50 -13.66
C GLN G 278 10.03 4.50 -13.65
N GLY G 279 9.70 5.79 -13.78
CA GLY G 279 10.68 6.85 -13.79
C GLY G 279 11.42 7.03 -15.09
N ARG G 280 11.41 6.05 -15.98
CA ARG G 280 12.16 6.08 -17.23
C ARG G 280 11.20 6.24 -18.41
N GLN G 281 11.78 6.36 -19.60
CA GLN G 281 11.02 6.44 -20.83
C GLN G 281 10.72 5.05 -21.35
N PHE G 282 9.48 4.83 -21.78
CA PHE G 282 9.03 3.52 -22.22
C PHE G 282 8.15 3.65 -23.46
N LYS G 283 8.10 2.58 -24.23
CA LYS G 283 7.31 2.51 -25.45
C LYS G 283 6.43 1.27 -25.40
N VAL G 284 5.20 1.40 -25.90
CA VAL G 284 4.22 0.31 -25.82
C VAL G 284 4.56 -0.76 -26.84
N TYR G 285 4.57 -2.01 -26.40
CA TYR G 285 4.81 -3.16 -27.25
C TYR G 285 3.79 -4.24 -26.92
N ARG G 286 2.97 -4.60 -27.90
CA ARG G 286 1.91 -5.57 -27.71
C ARG G 286 1.94 -6.60 -28.83
N GLY G 287 1.51 -7.81 -28.51
CA GLY G 287 1.38 -8.84 -29.53
C GLY G 287 0.15 -8.62 -30.39
N MET G 288 0.24 -9.07 -31.64
CA MET G 288 -0.88 -8.91 -32.58
C MET G 288 -2.08 -9.76 -32.19
N GLY G 289 -1.88 -10.78 -31.36
CA GLY G 289 -2.97 -11.60 -30.86
C GLY G 289 -3.55 -11.14 -29.54
N SER G 290 -3.07 -10.03 -28.99
CA SER G 290 -3.62 -9.50 -27.76
C SER G 290 -4.97 -8.85 -28.02
N VAL G 291 -5.69 -8.57 -26.93
CA VAL G 291 -7.04 -8.01 -27.04
C VAL G 291 -7.01 -6.65 -27.70
N GLY G 292 -6.07 -5.79 -27.28
CA GLY G 292 -6.01 -4.45 -27.84
C GLY G 292 -5.67 -4.44 -29.32
N ALA G 293 -4.71 -5.27 -29.74
CA ALA G 293 -4.31 -5.30 -31.13
C ALA G 293 -5.41 -5.84 -32.03
N MET G 294 -6.21 -6.78 -31.53
CA MET G 294 -7.29 -7.35 -32.34
C MET G 294 -8.46 -6.38 -32.52
N GLU G 295 -8.59 -5.38 -31.64
CA GLU G 295 -9.65 -4.40 -31.80
C GLU G 295 -9.38 -3.45 -32.96
N LYS G 296 -8.13 -3.01 -33.11
CA LYS G 296 -7.76 -2.11 -34.19
C LYS G 296 -7.68 -2.84 -35.52
N LEU G 310 -12.41 -15.13 -31.08
CA LEU G 310 -11.61 -16.21 -30.52
C LEU G 310 -10.84 -15.75 -29.28
N VAL G 311 -10.18 -16.68 -28.63
CA VAL G 311 -9.47 -16.40 -27.39
C VAL G 311 -8.10 -15.83 -27.71
N PRO G 312 -7.66 -14.75 -27.04
CA PRO G 312 -6.39 -14.14 -27.39
C PRO G 312 -5.20 -15.04 -27.08
N GLU G 313 -4.11 -14.81 -27.82
CA GLU G 313 -2.86 -15.54 -27.65
C GLU G 313 -1.69 -14.59 -27.46
N GLY G 314 -1.95 -13.41 -26.89
CA GLY G 314 -0.89 -12.44 -26.67
C GLY G 314 -1.30 -11.47 -25.57
N ILE G 315 -0.30 -10.76 -25.06
CA ILE G 315 -0.49 -9.77 -24.02
C ILE G 315 -0.09 -8.40 -24.55
N GLU G 316 -0.47 -7.37 -23.81
CA GLU G 316 -0.07 -6.00 -24.10
C GLU G 316 0.98 -5.57 -23.09
N GLY G 317 2.11 -5.09 -23.57
CA GLY G 317 3.22 -4.79 -22.69
C GLY G 317 3.90 -3.45 -22.95
N ARG G 318 5.14 -3.32 -22.47
CA ARG G 318 5.85 -2.06 -22.56
C ARG G 318 7.35 -2.32 -22.43
N VAL G 319 8.13 -1.73 -23.33
CA VAL G 319 9.58 -1.96 -23.36
C VAL G 319 10.32 -0.63 -23.23
N PRO G 320 11.53 -0.62 -22.68
CA PRO G 320 12.23 0.65 -22.48
C PRO G 320 12.60 1.32 -23.80
N TYR G 321 12.58 2.66 -23.77
CA TYR G 321 12.97 3.45 -24.93
C TYR G 321 14.46 3.34 -25.17
N LYS G 322 14.84 2.98 -26.39
CA LYS G 322 16.24 2.72 -26.73
C LYS G 322 16.84 3.76 -27.68
N GLY G 323 16.08 4.77 -28.09
CA GLY G 323 16.61 5.81 -28.94
C GLY G 323 16.59 5.43 -30.41
N PRO G 324 17.55 5.96 -31.17
CA PRO G 324 17.60 5.67 -32.61
C PRO G 324 17.84 4.18 -32.87
N LEU G 325 17.42 3.75 -34.07
CA LEU G 325 17.58 2.36 -34.46
C LEU G 325 19.04 2.01 -34.74
N ALA G 326 19.82 2.99 -35.20
CA ALA G 326 21.20 2.72 -35.58
C ALA G 326 22.02 2.21 -34.41
N ASP G 327 21.77 2.75 -33.21
CA ASP G 327 22.55 2.34 -32.04
C ASP G 327 22.22 0.90 -31.64
N THR G 328 20.95 0.50 -31.79
CA THR G 328 20.57 -0.87 -31.48
C THR G 328 21.11 -1.84 -32.54
N VAL G 329 21.00 -1.47 -33.81
CA VAL G 329 21.50 -2.32 -34.88
C VAL G 329 23.01 -2.52 -34.75
N HIS G 330 23.72 -1.48 -34.32
CA HIS G 330 25.17 -1.57 -34.16
C HIS G 330 25.54 -2.62 -33.12
N GLN G 331 24.78 -2.70 -32.03
CA GLN G 331 25.09 -3.67 -30.99
C GLN G 331 24.77 -5.09 -31.44
N LEU G 332 23.70 -5.26 -32.22
CA LEU G 332 23.33 -6.60 -32.70
C LEU G 332 24.35 -7.10 -33.71
N VAL G 333 24.66 -6.29 -34.73
CA VAL G 333 25.66 -6.67 -35.72
C VAL G 333 27.02 -6.87 -35.05
N GLY G 334 27.32 -6.07 -34.02
CA GLY G 334 28.57 -6.24 -33.31
C GLY G 334 28.64 -7.57 -32.58
N GLY G 335 27.55 -7.96 -31.91
CA GLY G 335 27.52 -9.25 -31.26
C GLY G 335 27.58 -10.41 -32.23
N LEU G 336 26.98 -10.25 -33.41
CA LEU G 336 27.05 -11.30 -34.43
C LEU G 336 28.46 -11.43 -34.98
N ARG G 337 29.12 -10.30 -35.26
CA ARG G 337 30.50 -10.34 -35.73
C ARG G 337 31.41 -10.98 -34.69
N ALA G 338 31.17 -10.70 -33.41
CA ALA G 338 31.96 -11.34 -32.35
C ALA G 338 31.71 -12.84 -32.33
N GLY G 339 30.46 -13.25 -32.40
CA GLY G 339 30.14 -14.68 -32.41
C GLY G 339 30.70 -15.39 -33.64
N MET G 340 30.58 -14.76 -34.81
CA MET G 340 31.16 -15.33 -36.02
C MET G 340 32.68 -15.40 -35.93
N GLY G 341 33.31 -14.44 -35.24
CA GLY G 341 34.73 -14.51 -35.02
C GLY G 341 35.13 -15.61 -34.06
N TYR G 342 34.30 -15.86 -33.04
CA TYR G 342 34.58 -16.94 -32.11
C TYR G 342 34.50 -18.32 -32.78
N CYS G 343 33.61 -18.46 -33.76
CA CYS G 343 33.40 -19.73 -34.45
C CYS G 343 34.21 -19.84 -35.73
N GLY G 344 34.90 -18.78 -36.15
CA GLY G 344 35.70 -18.84 -37.35
C GLY G 344 34.89 -18.83 -38.63
N ALA G 345 33.82 -18.04 -38.67
CA ALA G 345 32.93 -17.97 -39.81
C ALA G 345 33.22 -16.70 -40.61
N GLN G 346 33.67 -16.86 -41.86
CA GLN G 346 33.87 -15.71 -42.73
C GLN G 346 32.53 -15.11 -43.16
N ASP G 347 31.59 -15.95 -43.55
CA ASP G 347 30.26 -15.53 -43.97
C ASP G 347 29.22 -16.32 -43.19
N LEU G 348 27.95 -15.96 -43.39
CA LEU G 348 26.87 -16.63 -42.67
C LEU G 348 26.65 -18.06 -43.14
N GLU G 349 27.12 -18.41 -44.34
CA GLU G 349 26.97 -19.79 -44.81
C GLU G 349 27.86 -20.74 -44.02
N PHE G 350 29.09 -20.31 -43.71
CA PHE G 350 29.99 -21.15 -42.91
C PHE G 350 29.46 -21.33 -41.50
N LEU G 351 28.96 -20.26 -40.89
CA LEU G 351 28.36 -20.37 -39.56
C LEU G 351 27.14 -21.26 -39.60
N ARG G 352 26.36 -21.19 -40.67
CA ARG G 352 25.16 -22.01 -40.80
C ARG G 352 25.50 -23.48 -40.94
N GLU G 353 26.61 -23.80 -41.62
CA GLU G 353 26.94 -25.18 -41.96
C GLU G 353 27.91 -25.84 -41.00
N ASN G 354 28.65 -25.07 -40.20
CA ASN G 354 29.75 -25.64 -39.41
C ASN G 354 29.71 -25.34 -37.92
N ALA G 355 28.93 -24.36 -37.47
CA ALA G 355 28.92 -24.02 -36.04
C ALA G 355 28.34 -25.15 -35.22
N GLN G 356 28.98 -25.43 -34.09
CA GLN G 356 28.58 -26.50 -33.19
C GLN G 356 28.07 -25.93 -31.88
N PHE G 357 27.01 -26.52 -31.36
CA PHE G 357 26.43 -26.13 -30.07
C PHE G 357 26.84 -27.13 -29.00
N ILE G 358 26.69 -26.71 -27.74
CA ILE G 358 26.92 -27.58 -26.59
C ILE G 358 25.83 -27.29 -25.55
N ARG G 359 25.19 -28.34 -25.06
CA ARG G 359 24.06 -28.18 -24.15
C ARG G 359 24.54 -28.00 -22.72
N MET G 360 23.79 -27.20 -21.96
CA MET G 360 24.15 -26.85 -20.60
C MET G 360 22.89 -26.84 -19.73
N SER G 361 23.11 -26.93 -18.42
CA SER G 361 22.03 -26.89 -17.44
C SER G 361 21.65 -25.44 -17.13
N GLY G 362 20.65 -25.28 -16.25
CA GLY G 362 20.31 -23.95 -15.79
C GLY G 362 21.45 -23.28 -15.06
N ALA G 363 22.26 -24.06 -14.34
CA ALA G 363 23.45 -23.51 -13.70
C ALA G 363 24.43 -22.99 -14.72
N GLY G 364 24.53 -23.64 -15.88
CA GLY G 364 25.36 -23.11 -16.96
C GLY G 364 24.82 -21.80 -17.51
N LEU G 365 23.50 -21.64 -17.53
CA LEU G 365 22.93 -20.36 -17.93
C LEU G 365 23.23 -19.28 -16.90
N LEU G 366 23.21 -19.65 -15.61
CA LEU G 366 23.58 -18.70 -14.57
C LEU G 366 25.05 -18.33 -14.66
N GLU G 367 25.88 -19.22 -15.22
CA GLU G 367 27.28 -18.90 -15.44
C GLU G 367 27.47 -18.05 -16.69
N SER G 368 26.57 -18.16 -17.66
CA SER G 368 26.71 -17.41 -18.90
C SER G 368 26.44 -15.92 -18.69
N HIS G 369 25.45 -15.59 -17.89
CA HIS G 369 25.15 -14.21 -17.57
C HIS G 369 26.08 -13.71 -16.46
N PRO G 370 26.16 -12.39 -16.26
CA PRO G 370 26.88 -11.88 -15.09
C PRO G 370 26.27 -12.42 -13.81
N HIS G 371 27.13 -12.68 -12.82
CA HIS G 371 26.70 -13.30 -11.58
C HIS G 371 27.58 -12.84 -10.44
N HIS G 372 26.98 -12.72 -9.26
CA HIS G 372 27.66 -12.40 -8.00
C HIS G 372 28.44 -11.09 -8.07
N VAL G 373 28.06 -10.17 -8.96
CA VAL G 373 28.65 -8.85 -9.05
C VAL G 373 27.51 -7.85 -9.23
N GLN G 374 27.34 -6.94 -8.26
CA GLN G 374 26.27 -5.96 -8.32
C GLN G 374 26.57 -4.97 -9.45
N ILE G 375 25.76 -5.01 -10.50
CA ILE G 375 25.99 -4.16 -11.67
C ILE G 375 25.61 -2.72 -11.33
N THR G 376 26.44 -1.77 -11.79
CA THR G 376 26.25 -0.37 -11.50
C THR G 376 25.83 0.46 -12.72
N LYS G 377 26.19 0.02 -13.92
CA LYS G 377 25.94 0.79 -15.14
C LYS G 377 25.31 -0.13 -16.19
N GLU G 378 24.37 0.42 -16.95
CA GLU G 378 23.78 -0.31 -18.05
C GLU G 378 24.77 -0.46 -19.19
N ALA G 379 24.77 -1.61 -19.80
CA ALA G 379 25.59 -1.79 -20.99
C ALA G 379 24.74 -1.57 -22.24
N PRO G 380 25.34 -1.11 -23.35
CA PRO G 380 24.56 -0.89 -24.58
C PRO G 380 24.02 -2.18 -25.19
N ASN G 381 24.48 -3.35 -24.74
CA ASN G 381 24.01 -4.62 -25.28
C ASN G 381 23.54 -5.58 -24.18
N TYR G 382 23.44 -5.12 -22.94
CA TYR G 382 22.96 -5.96 -21.83
C TYR G 382 22.13 -5.07 -20.92
N SER G 383 20.81 -5.22 -21.01
CA SER G 383 19.92 -4.38 -20.22
C SER G 383 19.95 -4.79 -18.75
N LEU G 384 20.09 -3.80 -17.87
CA LEU G 384 20.13 -4.01 -16.43
C LEU G 384 21.19 -5.03 -16.02
N SER H 22 14.97 -61.41 -2.95
CA SER H 22 15.26 -60.96 -4.31
C SER H 22 15.50 -59.47 -4.36
N ASN H 23 16.42 -59.03 -5.22
CA ASN H 23 16.75 -57.63 -5.40
C ASN H 23 16.04 -57.01 -6.60
N ALA H 24 14.89 -57.57 -7.01
CA ALA H 24 14.17 -57.01 -8.14
C ALA H 24 13.55 -55.66 -7.79
N MET H 25 13.02 -55.53 -6.59
CA MET H 25 12.40 -54.28 -6.14
C MET H 25 13.38 -53.31 -5.52
N TRP H 26 14.60 -53.75 -5.19
CA TRP H 26 15.56 -52.86 -4.57
C TRP H 26 16.32 -52.04 -5.61
N GLU H 27 16.62 -52.63 -6.76
CA GLU H 27 17.38 -51.94 -7.80
C GLU H 27 16.49 -51.24 -8.82
N SER H 28 15.17 -51.39 -8.72
CA SER H 28 14.22 -50.74 -9.61
C SER H 28 13.59 -49.50 -9.00
N LYS H 29 14.14 -48.99 -7.89
CA LYS H 29 13.47 -47.92 -7.15
C LYS H 29 13.52 -46.60 -7.89
N PHE H 30 14.63 -46.30 -8.58
CA PHE H 30 14.82 -45.02 -9.24
C PHE H 30 14.91 -45.18 -10.75
N VAL H 31 14.04 -46.01 -11.32
CA VAL H 31 14.07 -46.26 -12.75
C VAL H 31 13.16 -45.31 -13.51
N LYS H 32 11.94 -45.09 -13.01
CA LYS H 32 10.94 -44.36 -13.77
C LYS H 32 11.20 -42.86 -13.75
N GLU H 33 10.72 -42.20 -14.81
CA GLU H 33 10.73 -40.74 -14.93
C GLU H 33 9.31 -40.25 -15.12
N GLY H 34 9.02 -39.08 -14.55
CA GLY H 34 7.69 -38.51 -14.63
C GLY H 34 7.72 -37.13 -15.28
N LEU H 35 6.64 -36.80 -15.97
CA LEU H 35 6.49 -35.52 -16.66
C LEU H 35 5.22 -34.82 -16.20
N THR H 36 5.29 -33.50 -16.07
CA THR H 36 4.13 -32.67 -15.78
C THR H 36 3.83 -31.78 -16.98
N PHE H 37 2.81 -30.93 -16.84
CA PHE H 37 2.37 -30.11 -17.96
C PHE H 37 3.47 -29.15 -18.41
N ASP H 38 4.18 -28.54 -17.46
CA ASP H 38 5.21 -27.56 -17.80
C ASP H 38 6.47 -28.19 -18.37
N ASP H 39 6.50 -29.51 -18.58
CA ASP H 39 7.67 -30.19 -19.13
C ASP H 39 7.59 -30.41 -20.63
N VAL H 40 6.42 -30.19 -21.24
CA VAL H 40 6.19 -30.61 -22.62
C VAL H 40 5.53 -29.48 -23.40
N LEU H 41 5.42 -29.69 -24.70
CA LEU H 41 4.66 -28.83 -25.60
C LEU H 41 4.03 -29.70 -26.68
N LEU H 42 2.85 -29.29 -27.14
CA LEU H 42 2.16 -30.04 -28.19
C LEU H 42 2.71 -29.64 -29.54
N VAL H 43 3.11 -30.64 -30.34
CA VAL H 43 3.70 -30.40 -31.64
C VAL H 43 2.59 -30.08 -32.65
N PRO H 44 2.58 -28.90 -33.24
CA PRO H 44 1.54 -28.57 -34.22
C PRO H 44 1.73 -29.38 -35.51
N ALA H 45 0.61 -29.80 -36.09
CA ALA H 45 0.64 -30.59 -37.32
C ALA H 45 -0.26 -29.97 -38.38
N LYS H 46 -0.45 -30.66 -39.50
CA LYS H 46 -1.32 -30.14 -40.55
C LYS H 46 -2.77 -30.15 -40.10
N SER H 47 -3.48 -29.08 -40.42
CA SER H 47 -4.85 -28.87 -39.96
C SER H 47 -5.75 -28.54 -41.13
N ASP H 48 -6.89 -29.21 -41.20
CA ASP H 48 -7.93 -28.92 -42.18
C ASP H 48 -9.16 -28.27 -41.55
N VAL H 49 -9.20 -28.15 -40.23
CA VAL H 49 -10.38 -27.67 -39.51
C VAL H 49 -10.00 -26.39 -38.77
N LEU H 50 -10.92 -25.42 -38.80
CA LEU H 50 -10.74 -24.18 -38.07
C LEU H 50 -11.12 -24.37 -36.60
N PRO H 51 -10.55 -23.58 -35.69
CA PRO H 51 -10.90 -23.73 -34.27
C PRO H 51 -12.38 -23.52 -33.98
N ARG H 52 -13.09 -22.74 -34.80
CA ARG H 52 -14.50 -22.51 -34.55
C ARG H 52 -15.37 -23.73 -34.89
N GLU H 53 -14.88 -24.61 -35.76
CA GLU H 53 -15.67 -25.75 -36.22
C GLU H 53 -15.14 -27.09 -35.71
N VAL H 54 -14.26 -27.09 -34.71
CA VAL H 54 -13.85 -28.33 -34.09
C VAL H 54 -14.94 -28.81 -33.13
N SER H 55 -14.93 -30.11 -32.87
CA SER H 55 -15.90 -30.73 -31.96
C SER H 55 -15.22 -31.00 -30.63
N VAL H 56 -15.77 -30.42 -29.55
CA VAL H 56 -15.26 -30.64 -28.21
C VAL H 56 -16.15 -31.59 -27.41
N LYS H 57 -17.06 -32.29 -28.08
CA LYS H 57 -17.92 -33.24 -27.39
C LYS H 57 -17.09 -34.36 -26.78
N THR H 58 -17.59 -34.90 -25.66
CA THR H 58 -16.93 -36.01 -24.98
C THR H 58 -17.99 -36.95 -24.44
N VAL H 59 -17.80 -38.24 -24.66
CA VAL H 59 -18.69 -39.28 -24.15
C VAL H 59 -17.93 -40.06 -23.09
N LEU H 60 -18.42 -39.99 -21.84
CA LEU H 60 -17.92 -40.85 -20.78
C LEU H 60 -18.65 -42.19 -20.76
N SER H 61 -19.94 -42.17 -21.03
CA SER H 61 -20.75 -43.38 -21.17
C SER H 61 -21.97 -43.03 -22.01
N GLU H 62 -22.84 -44.03 -22.21
CA GLU H 62 -24.05 -43.79 -22.99
C GLU H 62 -24.97 -42.79 -22.30
N SER H 63 -25.06 -42.87 -20.97
CA SER H 63 -25.92 -41.99 -20.19
C SER H 63 -25.21 -40.75 -19.68
N LEU H 64 -23.95 -40.54 -20.05
CA LEU H 64 -23.15 -39.40 -19.55
C LEU H 64 -22.37 -38.83 -20.74
N GLN H 65 -22.99 -37.89 -21.44
CA GLN H 65 -22.38 -37.26 -22.62
C GLN H 65 -22.30 -35.77 -22.38
N LEU H 66 -21.08 -35.23 -22.39
CA LEU H 66 -20.85 -33.82 -22.14
C LEU H 66 -20.54 -33.10 -23.45
N ASN H 67 -20.92 -31.82 -23.51
CA ASN H 67 -20.59 -31.01 -24.68
C ASN H 67 -19.19 -30.42 -24.60
N ILE H 68 -18.71 -30.11 -23.39
CA ILE H 68 -17.36 -29.61 -23.21
C ILE H 68 -16.64 -30.53 -22.22
N PRO H 69 -15.34 -30.75 -22.38
CA PRO H 69 -14.59 -31.66 -21.49
C PRO H 69 -14.18 -30.98 -20.18
N LEU H 70 -15.17 -30.52 -19.42
CA LEU H 70 -14.92 -29.78 -18.19
C LEU H 70 -15.80 -30.32 -17.07
N ILE H 71 -15.17 -30.62 -15.94
CA ILE H 71 -15.86 -31.07 -14.74
C ILE H 71 -15.36 -30.23 -13.58
N SER H 72 -16.29 -29.66 -12.81
CA SER H 72 -15.93 -28.89 -11.63
C SER H 72 -15.71 -29.83 -10.46
N ALA H 73 -14.61 -29.61 -9.73
CA ALA H 73 -14.21 -30.53 -8.66
C ALA H 73 -15.23 -30.56 -7.54
N GLY H 74 -15.40 -31.74 -6.95
CA GLY H 74 -16.32 -31.91 -5.84
C GLY H 74 -15.73 -31.46 -4.52
N MET H 75 -15.59 -30.14 -4.34
CA MET H 75 -15.02 -29.56 -3.15
C MET H 75 -15.99 -28.56 -2.55
N ASP H 76 -15.92 -28.38 -1.23
CA ASP H 76 -16.86 -27.51 -0.54
C ASP H 76 -16.66 -26.03 -0.86
N THR H 77 -15.65 -25.68 -1.65
CA THR H 77 -15.41 -24.31 -2.06
C THR H 77 -15.46 -24.14 -3.57
N VAL H 78 -15.90 -25.15 -4.31
CA VAL H 78 -15.89 -25.11 -5.76
C VAL H 78 -17.28 -25.40 -6.33
N THR H 79 -17.87 -26.53 -5.96
CA THR H 79 -19.08 -27.02 -6.61
C THR H 79 -20.16 -27.31 -5.58
N GLU H 80 -21.31 -26.68 -5.74
CA GLU H 80 -22.53 -27.07 -5.06
C GLU H 80 -23.65 -27.04 -6.09
N ALA H 81 -24.89 -26.85 -5.64
CA ALA H 81 -26.03 -26.88 -6.56
C ALA H 81 -25.94 -25.78 -7.59
N ASP H 82 -25.63 -24.55 -7.15
CA ASP H 82 -25.55 -23.43 -8.09
C ASP H 82 -24.44 -23.63 -9.10
N MET H 83 -23.32 -24.22 -8.66
CA MET H 83 -22.21 -24.46 -9.58
C MET H 83 -22.49 -25.62 -10.53
N ALA H 84 -23.07 -26.71 -10.00
CA ALA H 84 -23.38 -27.85 -10.85
C ALA H 84 -24.41 -27.51 -11.91
N ILE H 85 -25.33 -26.59 -11.60
CA ILE H 85 -26.30 -26.15 -12.60
C ILE H 85 -25.61 -25.34 -13.69
N ALA H 86 -24.72 -24.42 -13.31
CA ALA H 86 -24.04 -23.60 -14.30
C ALA H 86 -23.07 -24.40 -15.15
N MET H 87 -22.50 -25.47 -14.59
CA MET H 87 -21.58 -26.30 -15.37
C MET H 87 -22.34 -27.08 -16.44
N ALA H 88 -23.51 -27.62 -16.11
CA ALA H 88 -24.26 -28.41 -17.08
C ALA H 88 -24.81 -27.55 -18.20
N ARG H 89 -25.24 -26.31 -17.87
CA ARG H 89 -25.73 -25.40 -18.90
C ARG H 89 -24.64 -24.97 -19.87
N GLN H 90 -23.37 -25.04 -19.46
CA GLN H 90 -22.26 -24.79 -20.37
C GLN H 90 -21.89 -26.02 -21.19
N GLY H 91 -22.49 -27.17 -20.90
CA GLY H 91 -22.15 -28.41 -21.56
C GLY H 91 -21.26 -29.32 -20.77
N GLY H 92 -20.91 -28.96 -19.55
CA GLY H 92 -20.02 -29.75 -18.71
C GLY H 92 -20.75 -30.55 -17.66
N LEU H 93 -20.11 -30.71 -16.51
CA LEU H 93 -20.66 -31.51 -15.41
C LEU H 93 -20.15 -30.95 -14.09
N GLY H 94 -21.01 -31.00 -13.08
CA GLY H 94 -20.67 -30.56 -11.74
C GLY H 94 -20.79 -31.70 -10.75
N ILE H 95 -19.81 -31.80 -9.86
CA ILE H 95 -19.75 -32.85 -8.85
C ILE H 95 -20.05 -32.22 -7.49
N ILE H 96 -21.23 -32.52 -6.94
CA ILE H 96 -21.59 -32.01 -5.62
C ILE H 96 -20.67 -32.64 -4.58
N HIS H 97 -20.11 -31.80 -3.71
CA HIS H 97 -19.20 -32.30 -2.68
C HIS H 97 -19.99 -33.01 -1.59
N LYS H 98 -19.27 -33.75 -0.75
CA LYS H 98 -19.88 -34.63 0.24
C LYS H 98 -19.76 -34.12 1.66
N ASN H 99 -19.20 -32.93 1.88
CA ASN H 99 -19.12 -32.37 3.23
C ASN H 99 -20.46 -31.78 3.64
N MET H 100 -21.52 -32.58 3.53
CA MET H 100 -22.86 -32.18 3.93
C MET H 100 -23.64 -33.45 4.26
N SER H 101 -24.80 -33.27 4.87
CA SER H 101 -25.62 -34.42 5.26
C SER H 101 -26.11 -35.16 4.02
N ILE H 102 -26.46 -36.43 4.22
CA ILE H 102 -26.96 -37.26 3.13
C ILE H 102 -28.25 -36.67 2.58
N GLU H 103 -29.09 -36.11 3.45
CA GLU H 103 -30.39 -35.61 3.04
C GLU H 103 -30.25 -34.37 2.15
N GLN H 104 -29.34 -33.46 2.50
CA GLN H 104 -29.21 -32.23 1.73
C GLN H 104 -28.40 -32.44 0.46
N GLN H 105 -27.49 -33.42 0.44
CA GLN H 105 -26.78 -33.72 -0.81
C GLN H 105 -27.72 -34.29 -1.86
N ALA H 106 -28.60 -35.21 -1.45
CA ALA H 106 -29.63 -35.70 -2.36
C ALA H 106 -30.58 -34.58 -2.76
N GLU H 107 -30.77 -33.60 -1.88
CA GLU H 107 -31.57 -32.43 -2.22
C GLU H 107 -30.82 -31.50 -3.18
N GLN H 108 -29.48 -31.49 -3.10
CA GLN H 108 -28.69 -30.73 -4.06
C GLN H 108 -28.78 -31.34 -5.44
N VAL H 109 -28.77 -32.67 -5.53
CA VAL H 109 -28.83 -33.34 -6.83
C VAL H 109 -30.20 -33.13 -7.47
N ASP H 110 -31.28 -33.28 -6.69
CA ASP H 110 -32.62 -33.13 -7.24
C ASP H 110 -32.86 -31.70 -7.73
N LYS H 111 -32.24 -30.71 -7.09
CA LYS H 111 -32.38 -29.34 -7.54
C LYS H 111 -31.75 -29.13 -8.91
N VAL H 112 -30.66 -29.84 -9.20
CA VAL H 112 -29.97 -29.68 -10.49
C VAL H 112 -30.73 -30.42 -11.59
N LYS H 113 -31.25 -31.61 -11.28
CA LYS H 113 -31.86 -32.44 -12.33
C LYS H 113 -33.16 -31.84 -12.85
N ARG H 114 -33.99 -31.29 -11.96
CA ARG H 114 -35.23 -30.69 -12.41
C ARG H 114 -35.07 -29.25 -12.88
N SER H 115 -33.84 -28.73 -12.88
CA SER H 115 -33.55 -27.40 -13.40
C SER H 115 -33.30 -27.40 -14.90
N GLY H 116 -33.93 -28.31 -15.64
CA GLY H 116 -33.79 -28.37 -17.08
C GLY H 116 -33.23 -29.68 -17.59
N GLY H 117 -33.39 -30.75 -16.82
CA GLY H 117 -32.85 -32.04 -17.21
C GLY H 117 -31.34 -32.06 -17.27
N LEU H 118 -30.68 -31.38 -16.34
CA LEU H 118 -29.23 -31.22 -16.37
C LEU H 118 -28.53 -32.45 -15.83
N LEU H 119 -27.32 -32.70 -16.34
CA LEU H 119 -26.47 -33.74 -15.78
C LEU H 119 -25.85 -33.26 -14.47
N VAL H 120 -25.72 -34.18 -13.52
CA VAL H 120 -25.17 -33.85 -12.22
C VAL H 120 -24.48 -35.08 -11.65
N GLY H 121 -23.40 -34.84 -10.89
CA GLY H 121 -22.71 -35.89 -10.17
C GLY H 121 -22.68 -35.58 -8.69
N ALA H 122 -22.31 -36.59 -7.90
CA ALA H 122 -22.25 -36.46 -6.46
C ALA H 122 -21.07 -37.25 -5.92
N ALA H 123 -20.37 -36.65 -4.95
CA ALA H 123 -19.19 -37.26 -4.37
C ALA H 123 -19.57 -38.14 -3.19
N VAL H 124 -18.99 -39.33 -3.13
CA VAL H 124 -19.21 -40.28 -2.05
C VAL H 124 -17.87 -40.87 -1.65
N GLY H 125 -17.53 -40.76 -0.37
CA GLY H 125 -16.31 -41.35 0.15
C GLY H 125 -16.53 -42.78 0.58
N VAL H 126 -15.48 -43.60 0.42
CA VAL H 126 -15.54 -45.01 0.81
C VAL H 126 -15.61 -45.10 2.34
N THR H 127 -16.82 -45.12 2.88
CA THR H 127 -17.05 -45.29 4.31
C THR H 127 -18.13 -46.33 4.54
N ALA H 128 -18.60 -46.46 5.78
CA ALA H 128 -19.71 -47.36 6.06
C ALA H 128 -21.04 -46.77 5.63
N ASP H 129 -21.13 -45.44 5.57
CA ASP H 129 -22.33 -44.73 5.16
C ASP H 129 -22.50 -44.67 3.65
N ALA H 130 -21.53 -45.17 2.88
CA ALA H 130 -21.50 -44.94 1.44
C ALA H 130 -22.78 -45.41 0.77
N MET H 131 -23.25 -46.61 1.13
CA MET H 131 -24.41 -47.16 0.42
C MET H 131 -25.68 -46.37 0.73
N THR H 132 -25.87 -45.97 1.99
CA THR H 132 -27.04 -45.17 2.35
C THR H 132 -27.01 -43.82 1.62
N ARG H 133 -25.83 -43.21 1.51
CA ARG H 133 -25.70 -41.96 0.79
C ARG H 133 -25.95 -42.16 -0.70
N ILE H 134 -25.46 -43.26 -1.26
CA ILE H 134 -25.67 -43.53 -2.68
C ILE H 134 -27.14 -43.82 -2.97
N ASP H 135 -27.80 -44.55 -2.07
CA ASP H 135 -29.20 -44.89 -2.28
C ASP H 135 -30.07 -43.64 -2.39
N ALA H 136 -29.79 -42.63 -1.56
CA ALA H 136 -30.54 -41.38 -1.63
C ALA H 136 -30.22 -40.60 -2.90
N LEU H 137 -28.99 -40.72 -3.40
CA LEU H 137 -28.62 -40.03 -4.63
C LEU H 137 -29.21 -40.69 -5.86
N VAL H 138 -29.17 -42.03 -5.91
CA VAL H 138 -29.79 -42.74 -7.03
C VAL H 138 -31.31 -42.56 -6.97
N LYS H 139 -31.89 -42.45 -5.78
CA LYS H 139 -33.31 -42.15 -5.67
C LYS H 139 -33.59 -40.74 -6.16
N ALA H 140 -32.61 -39.83 -6.07
CA ALA H 140 -32.68 -38.52 -6.68
C ALA H 140 -32.32 -38.55 -8.16
N SER H 141 -32.23 -39.74 -8.75
CA SER H 141 -31.96 -39.92 -10.18
C SER H 141 -30.60 -39.34 -10.58
N VAL H 142 -29.61 -39.49 -9.70
CA VAL H 142 -28.28 -38.97 -9.99
C VAL H 142 -27.72 -39.70 -11.22
N ASP H 143 -26.87 -38.99 -11.97
CA ASP H 143 -26.34 -39.52 -13.22
C ASP H 143 -25.00 -40.21 -13.06
N ALA H 144 -24.21 -39.84 -12.05
CA ALA H 144 -22.91 -40.45 -11.84
C ALA H 144 -22.51 -40.28 -10.38
N ILE H 145 -21.97 -41.35 -9.80
CA ILE H 145 -21.47 -41.35 -8.44
C ILE H 145 -19.95 -41.33 -8.50
N VAL H 146 -19.33 -40.45 -7.73
CA VAL H 146 -17.89 -40.29 -7.70
C VAL H 146 -17.39 -40.86 -6.38
N LEU H 147 -16.82 -42.07 -6.44
CA LEU H 147 -16.16 -42.67 -5.27
C LEU H 147 -14.80 -42.00 -5.12
N ASP H 148 -14.83 -40.80 -4.54
CA ASP H 148 -13.65 -39.96 -4.42
C ASP H 148 -12.93 -40.26 -3.11
N THR H 149 -11.64 -40.58 -3.20
CA THR H 149 -10.84 -40.88 -2.01
C THR H 149 -9.39 -40.55 -2.31
N ALA H 150 -8.58 -40.52 -1.25
CA ALA H 150 -7.18 -40.13 -1.39
C ALA H 150 -6.36 -41.21 -2.08
N HIS H 151 -6.62 -42.48 -1.76
CA HIS H 151 -5.88 -43.61 -2.32
C HIS H 151 -6.88 -44.60 -2.90
N GLY H 152 -7.12 -44.51 -4.21
CA GLY H 152 -8.07 -45.40 -4.85
C GLY H 152 -7.59 -46.82 -5.00
N HIS H 153 -6.27 -47.06 -4.88
CA HIS H 153 -5.70 -48.38 -5.02
C HIS H 153 -5.70 -49.18 -3.73
N SER H 154 -6.69 -48.95 -2.87
CA SER H 154 -6.84 -49.72 -1.64
C SER H 154 -7.94 -50.76 -1.81
N GLN H 155 -7.81 -51.86 -1.07
CA GLN H 155 -8.79 -52.93 -1.19
C GLN H 155 -10.17 -52.50 -0.71
N GLY H 156 -10.23 -51.54 0.23
CA GLY H 156 -11.52 -51.04 0.66
C GLY H 156 -12.27 -50.31 -0.44
N VAL H 157 -11.54 -49.58 -1.29
CA VAL H 157 -12.18 -48.92 -2.43
C VAL H 157 -12.59 -49.95 -3.47
N ILE H 158 -11.71 -50.90 -3.76
CA ILE H 158 -12.01 -51.92 -4.77
C ILE H 158 -13.23 -52.74 -4.36
N ASP H 159 -13.31 -53.10 -3.07
CA ASP H 159 -14.48 -53.82 -2.58
C ASP H 159 -15.72 -52.94 -2.61
N LYS H 160 -15.56 -51.64 -2.39
CA LYS H 160 -16.71 -50.75 -2.43
C LYS H 160 -17.22 -50.55 -3.85
N VAL H 161 -16.31 -50.52 -4.83
CA VAL H 161 -16.72 -50.42 -6.23
C VAL H 161 -17.48 -51.67 -6.64
N LYS H 162 -16.97 -52.84 -6.27
CA LYS H 162 -17.66 -54.09 -6.60
C LYS H 162 -19.00 -54.20 -5.90
N GLU H 163 -19.15 -53.56 -4.74
CA GLU H 163 -20.42 -53.61 -4.02
C GLU H 163 -21.46 -52.70 -4.65
N VAL H 164 -21.04 -51.54 -5.15
CA VAL H 164 -21.99 -50.63 -5.81
C VAL H 164 -22.41 -51.20 -7.17
N ARG H 165 -21.45 -51.75 -7.92
CA ARG H 165 -21.79 -52.38 -9.20
C ARG H 165 -22.67 -53.61 -9.01
N ALA H 166 -22.51 -54.32 -7.89
CA ALA H 166 -23.33 -55.49 -7.63
C ALA H 166 -24.79 -55.11 -7.38
N LYS H 167 -25.04 -53.92 -6.85
CA LYS H 167 -26.40 -53.47 -6.56
C LYS H 167 -26.96 -52.54 -7.63
N TYR H 168 -26.13 -51.69 -8.23
CA TYR H 168 -26.55 -50.74 -9.26
C TYR H 168 -25.76 -51.02 -10.53
N PRO H 169 -26.22 -51.95 -11.37
CA PRO H 169 -25.46 -52.25 -12.61
C PRO H 169 -25.53 -51.14 -13.65
N SER H 170 -26.49 -50.24 -13.56
CA SER H 170 -26.67 -49.18 -14.55
C SER H 170 -26.20 -47.82 -14.06
N LEU H 171 -25.55 -47.76 -12.90
CA LEU H 171 -25.11 -46.49 -12.32
C LEU H 171 -23.70 -46.16 -12.80
N ASN H 172 -23.54 -44.95 -13.32
CA ASN H 172 -22.21 -44.47 -13.70
C ASN H 172 -21.35 -44.30 -12.45
N ILE H 173 -20.20 -44.96 -12.41
CA ILE H 173 -19.33 -44.97 -11.26
C ILE H 173 -17.99 -44.36 -11.65
N ILE H 174 -17.65 -43.22 -11.06
CA ILE H 174 -16.37 -42.57 -11.24
C ILE H 174 -15.51 -42.88 -10.02
N ALA H 175 -14.42 -43.62 -10.21
CA ALA H 175 -13.60 -44.10 -9.11
C ALA H 175 -12.22 -43.46 -9.18
N GLY H 176 -11.81 -42.86 -8.07
CA GLY H 176 -10.50 -42.23 -7.96
C GLY H 176 -10.11 -42.15 -6.50
N ASN H 177 -8.88 -41.70 -6.27
CA ASN H 177 -7.96 -41.34 -7.34
C ASN H 177 -6.80 -42.32 -7.41
N VAL H 178 -6.27 -42.49 -8.62
CA VAL H 178 -5.13 -43.36 -8.86
C VAL H 178 -4.10 -42.61 -9.69
N ALA H 179 -2.92 -43.21 -9.83
CA ALA H 179 -1.91 -42.62 -10.70
C ALA H 179 -1.07 -43.66 -11.43
N THR H 180 -1.44 -44.94 -11.39
CA THR H 180 -0.68 -46.00 -12.04
C THR H 180 -1.61 -46.84 -12.90
N ALA H 181 -1.03 -47.51 -13.90
CA ALA H 181 -1.82 -48.40 -14.75
C ALA H 181 -2.31 -49.61 -13.97
N GLU H 182 -1.54 -50.09 -12.99
CA GLU H 182 -1.98 -51.22 -12.18
C GLU H 182 -3.21 -50.85 -11.35
N ALA H 183 -3.21 -49.66 -10.75
CA ALA H 183 -4.36 -49.22 -9.98
C ALA H 183 -5.58 -49.00 -10.88
N THR H 184 -5.36 -48.46 -12.07
CA THR H 184 -6.47 -48.25 -13.00
C THR H 184 -7.10 -49.57 -13.41
N LYS H 185 -6.27 -50.57 -13.71
CA LYS H 185 -6.80 -51.89 -14.05
C LYS H 185 -7.56 -52.49 -12.87
N ALA H 186 -7.05 -52.31 -11.65
CA ALA H 186 -7.71 -52.88 -10.48
C ALA H 186 -9.11 -52.29 -10.29
N LEU H 187 -9.33 -51.05 -10.70
CA LEU H 187 -10.64 -50.42 -10.56
C LEU H 187 -11.54 -50.68 -11.75
N ILE H 188 -10.97 -50.87 -12.94
CA ILE H 188 -11.79 -51.19 -14.12
C ILE H 188 -12.42 -52.56 -13.97
N GLU H 189 -11.62 -53.56 -13.58
CA GLU H 189 -12.16 -54.90 -13.34
C GLU H 189 -13.15 -54.92 -12.19
N ALA H 190 -13.06 -53.96 -11.26
CA ALA H 190 -13.97 -53.91 -10.12
C ALA H 190 -15.34 -53.37 -10.49
N GLY H 191 -15.47 -52.68 -11.62
CA GLY H 191 -16.77 -52.21 -12.06
C GLY H 191 -16.86 -50.71 -12.28
N ALA H 192 -15.73 -50.02 -12.21
CA ALA H 192 -15.71 -48.57 -12.40
C ALA H 192 -15.86 -48.23 -13.88
N ASN H 193 -16.81 -47.35 -14.19
CA ASN H 193 -16.97 -46.89 -15.56
C ASN H 193 -15.93 -45.84 -15.94
N VAL H 194 -15.56 -44.98 -14.98
CA VAL H 194 -14.61 -43.90 -15.20
C VAL H 194 -13.58 -43.93 -14.09
N VAL H 195 -12.32 -43.65 -14.43
CA VAL H 195 -11.21 -43.63 -13.49
C VAL H 195 -10.66 -42.21 -13.44
N LYS H 196 -10.60 -41.63 -12.24
CA LYS H 196 -10.11 -40.27 -12.05
C LYS H 196 -8.64 -40.32 -11.65
N VAL H 197 -7.80 -39.61 -12.40
CA VAL H 197 -6.34 -39.67 -12.26
C VAL H 197 -5.86 -38.40 -11.59
N GLY H 198 -5.07 -38.57 -10.53
CA GLY H 198 -4.49 -37.43 -9.82
C GLY H 198 -4.13 -37.71 -8.38
N ILE H 199 -2.83 -37.86 -8.11
CA ILE H 199 -2.33 -38.10 -6.75
C ILE H 199 -1.24 -37.06 -6.51
N GLY H 200 -1.62 -35.92 -5.94
CA GLY H 200 -0.67 -34.87 -5.67
C GLY H 200 -0.83 -33.53 -6.38
N PRO H 201 -1.20 -33.52 -7.67
CA PRO H 201 -1.00 -32.30 -8.46
C PRO H 201 -1.90 -31.13 -8.09
N GLY H 202 -2.83 -31.31 -7.15
CA GLY H 202 -3.76 -30.24 -6.84
C GLY H 202 -3.04 -28.97 -6.42
N SER H 203 -3.58 -27.82 -6.85
CA SER H 203 -2.97 -26.54 -6.52
C SER H 203 -3.00 -26.29 -5.02
N ILE H 204 -3.96 -26.88 -4.31
CA ILE H 204 -4.06 -26.74 -2.86
C ILE H 204 -3.56 -27.97 -2.13
N CYS H 205 -2.94 -28.91 -2.83
CA CYS H 205 -2.57 -30.20 -2.28
C CYS H 205 -1.15 -30.18 -1.74
N THR H 206 -0.93 -30.91 -0.64
CA THR H 206 0.39 -31.08 -0.06
C THR H 206 0.72 -32.56 0.16
N THR H 207 0.00 -33.46 -0.52
CA THR H 207 0.23 -34.89 -0.33
C THR H 207 1.65 -35.28 -0.69
N ARG H 208 2.16 -34.74 -1.80
CA ARG H 208 3.54 -35.05 -2.20
C ARG H 208 4.56 -34.42 -1.26
N VAL H 209 4.15 -33.46 -0.44
CA VAL H 209 5.04 -32.78 0.47
C VAL H 209 4.98 -33.38 1.87
N VAL H 210 3.78 -33.70 2.37
CA VAL H 210 3.65 -34.26 3.71
C VAL H 210 3.77 -35.78 3.73
N ALA H 211 3.54 -36.45 2.60
CA ALA H 211 3.70 -37.89 2.51
C ALA H 211 4.77 -38.32 1.52
N GLY H 212 5.27 -37.41 0.68
CA GLY H 212 6.27 -37.76 -0.31
C GLY H 212 5.77 -38.64 -1.42
N VAL H 213 4.46 -38.86 -1.54
CA VAL H 213 3.87 -39.79 -2.49
C VAL H 213 3.19 -39.01 -3.60
N GLY H 214 3.38 -39.44 -4.83
CA GLY H 214 2.71 -38.83 -5.96
C GLY H 214 3.33 -39.26 -7.26
N VAL H 215 2.63 -38.96 -8.34
CA VAL H 215 3.12 -39.19 -9.69
C VAL H 215 2.85 -37.92 -10.50
N PRO H 216 3.82 -37.42 -11.26
CA PRO H 216 3.57 -36.23 -12.09
C PRO H 216 2.34 -36.43 -12.97
N GLN H 217 1.46 -35.43 -12.97
CA GLN H 217 0.10 -35.62 -13.47
C GLN H 217 0.07 -36.04 -14.93
N LEU H 218 0.93 -35.44 -15.76
CA LEU H 218 0.90 -35.79 -17.18
C LEU H 218 1.32 -37.23 -17.41
N THR H 219 2.32 -37.70 -16.67
CA THR H 219 2.70 -39.11 -16.75
C THR H 219 1.62 -40.00 -16.15
N ALA H 220 1.02 -39.57 -15.03
CA ALA H 220 -0.02 -40.36 -14.40
C ALA H 220 -1.24 -40.50 -15.32
N VAL H 221 -1.61 -39.43 -16.01
CA VAL H 221 -2.70 -39.52 -16.98
C VAL H 221 -2.33 -40.44 -18.13
N TYR H 222 -1.11 -40.31 -18.64
CA TYR H 222 -0.68 -41.13 -19.77
C TYR H 222 -0.57 -42.59 -19.39
N ASP H 223 -0.04 -42.88 -18.19
CA ASP H 223 0.07 -44.27 -17.76
C ASP H 223 -1.31 -44.89 -17.51
N CYS H 224 -2.21 -44.13 -16.87
CA CYS H 224 -3.53 -44.68 -16.56
C CYS H 224 -4.38 -44.82 -17.82
N ALA H 225 -4.32 -43.83 -18.72
CA ALA H 225 -5.08 -43.93 -19.96
C ALA H 225 -4.59 -45.05 -20.85
N THR H 226 -3.30 -45.37 -20.78
CA THR H 226 -2.78 -46.50 -21.56
C THR H 226 -3.45 -47.80 -21.16
N GLU H 227 -3.57 -48.05 -19.85
CA GLU H 227 -4.25 -49.25 -19.39
C GLU H 227 -5.74 -49.17 -19.63
N ALA H 228 -6.35 -48.02 -19.38
CA ALA H 228 -7.80 -47.88 -19.54
C ALA H 228 -8.23 -47.87 -21.01
N ARG H 229 -7.30 -47.61 -21.93
CA ARG H 229 -7.63 -47.63 -23.35
C ARG H 229 -7.88 -49.06 -23.83
N LYS H 230 -7.23 -50.05 -23.21
CA LYS H 230 -7.45 -51.43 -23.59
C LYS H 230 -8.84 -51.92 -23.21
N HIS H 231 -9.41 -51.37 -22.14
CA HIS H 231 -10.73 -51.76 -21.68
C HIS H 231 -11.84 -50.81 -22.15
N GLY H 232 -11.49 -49.80 -22.94
CA GLY H 232 -12.48 -48.83 -23.38
C GLY H 232 -13.05 -47.98 -22.27
N ILE H 233 -12.24 -47.66 -21.27
CA ILE H 233 -12.67 -46.89 -20.10
C ILE H 233 -12.07 -45.50 -20.21
N PRO H 234 -12.87 -44.44 -20.10
CA PRO H 234 -12.33 -43.08 -20.12
C PRO H 234 -11.74 -42.70 -18.76
N VAL H 235 -10.73 -41.82 -18.81
CA VAL H 235 -10.07 -41.35 -17.60
C VAL H 235 -10.27 -39.85 -17.48
N ILE H 236 -10.20 -39.37 -16.25
CA ILE H 236 -10.35 -37.94 -15.93
C ILE H 236 -9.02 -37.43 -15.40
N ALA H 237 -8.53 -36.34 -15.97
CA ALA H 237 -7.34 -35.65 -15.47
C ALA H 237 -7.79 -34.66 -14.40
N ASP H 238 -7.39 -34.90 -13.16
CA ASP H 238 -7.87 -34.14 -12.01
C ASP H 238 -6.69 -33.42 -11.35
N GLY H 239 -6.78 -32.11 -11.26
CA GLY H 239 -5.81 -31.33 -10.50
C GLY H 239 -4.57 -30.98 -11.30
N GLY H 240 -3.98 -29.85 -10.95
CA GLY H 240 -2.72 -29.42 -11.54
C GLY H 240 -2.84 -28.55 -12.77
N ILE H 241 -4.05 -28.27 -13.24
CA ILE H 241 -4.25 -27.46 -14.43
C ILE H 241 -4.30 -26.00 -14.02
N LYS H 242 -3.29 -25.23 -14.43
CA LYS H 242 -3.17 -23.82 -14.11
C LYS H 242 -3.64 -22.91 -15.24
N TYR H 243 -3.33 -23.28 -16.48
CA TYR H 243 -3.76 -22.53 -17.66
C TYR H 243 -4.56 -23.45 -18.56
N SER H 244 -5.25 -22.85 -19.54
CA SER H 244 -6.07 -23.64 -20.45
C SER H 244 -5.22 -24.59 -21.30
N GLY H 245 -3.95 -24.24 -21.54
CA GLY H 245 -3.08 -25.12 -22.29
C GLY H 245 -2.82 -26.43 -21.57
N ASP H 246 -2.82 -26.42 -20.24
CA ASP H 246 -2.64 -27.65 -19.48
C ASP H 246 -3.79 -28.62 -19.71
N MET H 247 -4.99 -28.11 -19.95
CA MET H 247 -6.13 -28.97 -20.26
C MET H 247 -5.93 -29.65 -21.61
N VAL H 248 -5.48 -28.90 -22.62
CA VAL H 248 -5.20 -29.49 -23.92
C VAL H 248 -4.10 -30.55 -23.80
N LYS H 249 -3.08 -30.27 -22.98
CA LYS H 249 -2.05 -31.27 -22.73
C LYS H 249 -2.62 -32.48 -22.01
N ALA H 250 -3.55 -32.25 -21.08
CA ALA H 250 -4.15 -33.35 -20.34
C ALA H 250 -5.04 -34.19 -21.25
N LEU H 251 -5.82 -33.56 -22.13
CA LEU H 251 -6.66 -34.30 -23.04
C LEU H 251 -5.85 -35.02 -24.12
N ALA H 252 -4.75 -34.39 -24.58
CA ALA H 252 -3.90 -35.02 -25.58
C ALA H 252 -3.11 -36.19 -25.01
N ALA H 253 -2.94 -36.25 -23.69
CA ALA H 253 -2.21 -37.35 -23.08
C ALA H 253 -3.05 -38.59 -22.87
N GLY H 254 -4.36 -38.52 -23.12
CA GLY H 254 -5.21 -39.69 -23.02
C GLY H 254 -6.50 -39.49 -22.28
N ALA H 255 -6.70 -38.32 -21.68
CA ALA H 255 -7.88 -38.07 -20.87
C ALA H 255 -9.07 -37.69 -21.75
N HIS H 256 -10.24 -38.22 -21.40
CA HIS H 256 -11.48 -37.82 -22.06
C HIS H 256 -11.96 -36.46 -21.54
N VAL H 257 -11.90 -36.26 -20.22
CA VAL H 257 -12.35 -35.03 -19.58
C VAL H 257 -11.26 -34.60 -18.60
N VAL H 258 -11.28 -33.32 -18.24
CA VAL H 258 -10.40 -32.78 -17.22
C VAL H 258 -11.25 -32.23 -16.07
N MET H 259 -10.70 -32.30 -14.86
CA MET H 259 -11.37 -31.84 -13.65
C MET H 259 -10.61 -30.65 -13.10
N LEU H 260 -11.34 -29.57 -12.80
CA LEU H 260 -10.75 -28.32 -12.36
C LEU H 260 -11.31 -27.92 -11.00
N GLY H 261 -10.45 -27.34 -10.17
CA GLY H 261 -10.88 -26.84 -8.88
C GLY H 261 -10.46 -25.39 -8.67
N SER H 262 -9.20 -25.08 -8.98
CA SER H 262 -8.69 -23.74 -8.77
C SER H 262 -9.21 -22.75 -9.80
N MET H 263 -9.23 -23.13 -11.07
CA MET H 263 -9.72 -22.24 -12.12
C MET H 263 -11.23 -22.07 -12.11
N PHE H 264 -11.93 -22.71 -11.15
CA PHE H 264 -13.36 -22.52 -10.98
C PHE H 264 -13.73 -21.96 -9.61
N ALA H 265 -12.78 -21.83 -8.68
CA ALA H 265 -13.12 -21.43 -7.32
C ALA H 265 -13.53 -19.97 -7.25
N GLY H 266 -12.82 -19.09 -7.96
CA GLY H 266 -13.16 -17.68 -7.96
C GLY H 266 -14.41 -17.32 -8.75
N VAL H 267 -15.07 -18.30 -9.35
CA VAL H 267 -16.27 -18.05 -10.14
C VAL H 267 -17.43 -17.72 -9.21
N ALA H 268 -18.31 -16.81 -9.67
CA ALA H 268 -19.41 -16.34 -8.84
C ALA H 268 -20.35 -17.46 -8.43
N GLU H 269 -20.54 -18.47 -9.29
CA GLU H 269 -21.46 -19.56 -8.97
C GLU H 269 -20.94 -20.48 -7.88
N SER H 270 -19.63 -20.47 -7.63
CA SER H 270 -19.06 -21.35 -6.61
C SER H 270 -19.58 -20.98 -5.23
N PRO H 271 -19.66 -21.95 -4.32
CA PRO H 271 -20.19 -21.66 -2.98
C PRO H 271 -19.37 -20.60 -2.26
N GLY H 272 -20.02 -19.90 -1.33
CA GLY H 272 -19.40 -18.80 -0.64
C GLY H 272 -19.55 -17.48 -1.38
N GLU H 273 -19.29 -16.40 -0.66
CA GLU H 273 -19.37 -15.06 -1.20
C GLU H 273 -17.99 -14.41 -1.23
N THR H 274 -17.83 -13.43 -2.12
CA THR H 274 -16.55 -12.75 -2.27
C THR H 274 -16.15 -12.04 -0.98
N GLU H 275 -14.87 -12.08 -0.67
CA GLU H 275 -14.31 -11.36 0.46
C GLU H 275 -13.38 -10.26 -0.03
N ILE H 276 -13.15 -9.27 0.83
CA ILE H 276 -12.32 -8.12 0.51
C ILE H 276 -11.00 -8.25 1.27
N TYR H 277 -9.90 -8.31 0.53
CA TYR H 277 -8.56 -8.38 1.13
C TYR H 277 -7.67 -7.39 0.39
N GLN H 278 -7.26 -6.33 1.10
CA GLN H 278 -6.40 -5.29 0.54
C GLN H 278 -6.99 -4.68 -0.73
N GLY H 279 -8.29 -4.41 -0.69
CA GLY H 279 -8.99 -3.76 -1.78
C GLY H 279 -9.56 -4.69 -2.83
N ARG H 280 -8.93 -5.83 -3.07
CA ARG H 280 -9.34 -6.73 -4.13
C ARG H 280 -10.30 -7.80 -3.62
N GLN H 281 -11.19 -8.24 -4.50
CA GLN H 281 -12.16 -9.27 -4.15
C GLN H 281 -11.55 -10.66 -4.29
N PHE H 282 -11.82 -11.52 -3.32
CA PHE H 282 -11.29 -12.88 -3.31
C PHE H 282 -12.38 -13.85 -2.89
N LYS H 283 -12.11 -15.13 -3.12
CA LYS H 283 -13.00 -16.21 -2.72
C LYS H 283 -12.17 -17.32 -2.10
N VAL H 284 -12.70 -17.93 -1.04
CA VAL H 284 -11.95 -18.96 -0.32
C VAL H 284 -11.83 -20.20 -1.19
N TYR H 285 -10.63 -20.75 -1.28
CA TYR H 285 -10.38 -22.01 -1.98
C TYR H 285 -9.44 -22.85 -1.12
N ARG H 286 -9.94 -23.98 -0.63
CA ARG H 286 -9.17 -24.86 0.23
C ARG H 286 -9.37 -26.30 -0.22
N GLY H 287 -8.37 -27.12 0.06
CA GLY H 287 -8.49 -28.54 -0.22
C GLY H 287 -9.35 -29.24 0.82
N MET H 288 -10.02 -30.31 0.37
CA MET H 288 -10.87 -31.08 1.27
C MET H 288 -10.07 -31.86 2.31
N GLY H 289 -8.75 -31.90 2.18
CA GLY H 289 -7.88 -32.45 3.19
C GLY H 289 -7.21 -31.42 4.08
N SER H 290 -7.59 -30.15 3.97
CA SER H 290 -7.06 -29.12 4.83
C SER H 290 -7.74 -29.16 6.20
N VAL H 291 -7.15 -28.44 7.16
CA VAL H 291 -7.65 -28.48 8.53
C VAL H 291 -9.06 -27.92 8.60
N GLY H 292 -9.29 -26.76 8.00
CA GLY H 292 -10.61 -26.14 8.07
C GLY H 292 -11.69 -26.97 7.41
N ALA H 293 -11.36 -27.62 6.29
CA ALA H 293 -12.35 -28.42 5.58
C ALA H 293 -12.68 -29.71 6.31
N MET H 294 -11.80 -30.20 7.19
CA MET H 294 -12.04 -31.43 7.91
C MET H 294 -12.77 -31.23 9.23
N GLU H 295 -12.91 -29.98 9.70
CA GLU H 295 -13.58 -29.74 10.97
C GLU H 295 -15.05 -30.12 10.90
N LYS H 296 -15.75 -29.67 9.87
CA LYS H 296 -17.16 -29.98 9.71
C LYS H 296 -17.42 -30.61 8.34
N LEU H 310 -4.85 -34.95 13.70
CA LEU H 310 -5.25 -34.31 12.47
C LEU H 310 -4.04 -33.90 11.65
N VAL H 311 -3.63 -34.77 10.73
CA VAL H 311 -2.49 -34.48 9.85
C VAL H 311 -3.02 -34.19 8.46
N PRO H 312 -3.10 -32.92 8.06
CA PRO H 312 -3.74 -32.58 6.79
C PRO H 312 -2.85 -32.90 5.60
N GLU H 313 -3.51 -33.01 4.43
CA GLU H 313 -2.82 -33.13 3.15
C GLU H 313 -3.23 -32.02 2.19
N GLY H 314 -3.76 -30.92 2.70
CA GLY H 314 -4.12 -29.78 1.88
C GLY H 314 -3.96 -28.50 2.68
N ILE H 315 -4.06 -27.37 1.98
CA ILE H 315 -3.90 -26.06 2.59
C ILE H 315 -5.14 -25.22 2.29
N GLU H 316 -5.32 -24.18 3.10
CA GLU H 316 -6.40 -23.23 2.93
C GLU H 316 -5.86 -21.98 2.25
N GLY H 317 -6.62 -21.45 1.29
CA GLY H 317 -6.17 -20.28 0.57
C GLY H 317 -7.34 -19.54 -0.06
N ARG H 318 -6.99 -18.54 -0.86
CA ARG H 318 -7.98 -17.72 -1.55
C ARG H 318 -7.52 -17.47 -2.98
N VAL H 319 -8.51 -17.27 -3.85
CA VAL H 319 -8.25 -17.01 -5.27
C VAL H 319 -9.01 -15.74 -5.66
N PRO H 320 -8.54 -14.99 -6.65
CA PRO H 320 -9.27 -13.78 -7.06
C PRO H 320 -10.65 -14.11 -7.62
N TYR H 321 -11.57 -13.16 -7.47
CA TYR H 321 -12.92 -13.31 -8.00
C TYR H 321 -12.91 -13.10 -9.50
N LYS H 322 -13.39 -14.09 -10.25
CA LYS H 322 -13.33 -14.08 -11.70
C LYS H 322 -14.66 -13.77 -12.37
N GLY H 323 -15.73 -13.59 -11.60
CA GLY H 323 -17.03 -13.28 -12.16
C GLY H 323 -17.83 -14.52 -12.47
N PRO H 324 -18.69 -14.43 -13.48
CA PRO H 324 -19.53 -15.59 -13.84
C PRO H 324 -18.72 -16.72 -14.43
N LEU H 325 -19.32 -17.92 -14.42
CA LEU H 325 -18.64 -19.10 -14.93
C LEU H 325 -18.46 -19.04 -16.45
N ALA H 326 -19.39 -18.39 -17.16
CA ALA H 326 -19.34 -18.38 -18.61
C ALA H 326 -18.07 -17.74 -19.14
N ASP H 327 -17.55 -16.72 -18.46
CA ASP H 327 -16.34 -16.05 -18.92
C ASP H 327 -15.12 -16.96 -18.81
N THR H 328 -15.01 -17.72 -17.72
CA THR H 328 -13.87 -18.60 -17.56
C THR H 328 -13.97 -19.80 -18.51
N VAL H 329 -15.17 -20.35 -18.68
CA VAL H 329 -15.35 -21.49 -19.57
C VAL H 329 -15.04 -21.10 -21.01
N HIS H 330 -15.49 -19.92 -21.42
CA HIS H 330 -15.26 -19.49 -22.80
C HIS H 330 -13.77 -19.36 -23.10
N GLN H 331 -12.99 -18.88 -22.13
CA GLN H 331 -11.54 -18.82 -22.32
C GLN H 331 -10.93 -20.21 -22.32
N LEU H 332 -11.46 -21.10 -21.47
CA LEU H 332 -10.96 -22.48 -21.42
C LEU H 332 -11.28 -23.21 -22.71
N VAL H 333 -12.56 -23.28 -23.08
CA VAL H 333 -12.96 -23.97 -24.30
C VAL H 333 -12.33 -23.32 -25.52
N GLY H 334 -12.25 -21.99 -25.52
CA GLY H 334 -11.61 -21.30 -26.63
C GLY H 334 -10.14 -21.64 -26.75
N GLY H 335 -9.44 -21.78 -25.62
CA GLY H 335 -8.06 -22.22 -25.66
C GLY H 335 -7.91 -23.64 -26.13
N LEU H 336 -8.86 -24.51 -25.79
CA LEU H 336 -8.85 -25.87 -26.32
C LEU H 336 -9.10 -25.90 -27.82
N ARG H 337 -10.04 -25.08 -28.29
CA ARG H 337 -10.30 -25.00 -29.73
C ARG H 337 -9.07 -24.54 -30.49
N ALA H 338 -8.29 -23.63 -29.90
CA ALA H 338 -7.05 -23.21 -30.53
C ALA H 338 -6.03 -24.34 -30.55
N GLY H 339 -5.88 -25.06 -29.45
CA GLY H 339 -4.93 -26.16 -29.40
C GLY H 339 -5.29 -27.28 -30.36
N MET H 340 -6.58 -27.62 -30.44
CA MET H 340 -7.01 -28.64 -31.40
C MET H 340 -6.81 -28.17 -32.84
N GLY H 341 -6.93 -26.87 -33.08
CA GLY H 341 -6.64 -26.35 -34.41
C GLY H 341 -5.17 -26.45 -34.76
N TYR H 342 -4.29 -26.12 -33.80
CA TYR H 342 -2.85 -26.24 -34.03
C TYR H 342 -2.45 -27.68 -34.31
N CYS H 343 -3.03 -28.62 -33.58
CA CYS H 343 -2.69 -30.03 -33.72
C CYS H 343 -3.46 -30.73 -34.84
N GLY H 344 -4.33 -30.01 -35.55
CA GLY H 344 -5.13 -30.64 -36.59
C GLY H 344 -6.13 -31.63 -36.07
N ALA H 345 -6.59 -31.47 -34.83
CA ALA H 345 -7.56 -32.38 -34.23
C ALA H 345 -8.97 -31.91 -34.56
N GLN H 346 -9.71 -32.74 -35.29
CA GLN H 346 -11.11 -32.42 -35.57
C GLN H 346 -11.96 -32.61 -34.34
N ASP H 347 -11.76 -33.72 -33.63
CA ASP H 347 -12.48 -34.03 -32.40
C ASP H 347 -11.47 -34.48 -31.34
N LEU H 348 -11.96 -34.62 -30.11
CA LEU H 348 -11.08 -35.00 -29.01
C LEU H 348 -10.57 -36.43 -29.13
N GLU H 349 -11.20 -37.26 -29.97
CA GLU H 349 -10.65 -38.59 -30.21
C GLU H 349 -9.39 -38.52 -31.06
N PHE H 350 -9.40 -37.68 -32.10
CA PHE H 350 -8.20 -37.53 -32.93
C PHE H 350 -7.06 -36.89 -32.13
N LEU H 351 -7.37 -35.96 -31.23
CA LEU H 351 -6.34 -35.40 -30.38
C LEU H 351 -5.80 -36.43 -29.40
N ARG H 352 -6.64 -37.34 -28.94
CA ARG H 352 -6.21 -38.32 -27.94
C ARG H 352 -5.25 -39.34 -28.53
N GLU H 353 -5.42 -39.70 -29.80
CA GLU H 353 -4.65 -40.77 -30.41
C GLU H 353 -3.51 -40.28 -31.29
N ASN H 354 -3.51 -39.00 -31.69
CA ASN H 354 -2.54 -38.51 -32.66
C ASN H 354 -1.63 -37.39 -32.16
N ALA H 355 -2.02 -36.66 -31.11
CA ALA H 355 -1.21 -35.53 -30.67
C ALA H 355 0.14 -36.01 -30.16
N GLN H 356 1.20 -35.32 -30.59
CA GLN H 356 2.57 -35.65 -30.20
C GLN H 356 3.14 -34.52 -29.36
N PHE H 357 3.81 -34.87 -28.28
CA PHE H 357 4.45 -33.92 -27.39
C PHE H 357 5.93 -33.78 -27.72
N ILE H 358 6.51 -32.66 -27.28
CA ILE H 358 7.95 -32.45 -27.33
C ILE H 358 8.38 -31.90 -25.97
N ARG H 359 9.33 -32.57 -25.34
CA ARG H 359 9.72 -32.21 -23.98
C ARG H 359 10.76 -31.09 -24.00
N MET H 360 10.68 -30.22 -23.00
CA MET H 360 11.54 -29.05 -22.93
C MET H 360 12.10 -28.90 -21.52
N SER H 361 13.15 -28.10 -21.41
CA SER H 361 13.78 -27.82 -20.13
C SER H 361 13.09 -26.64 -19.45
N GLY H 362 13.62 -26.21 -18.31
CA GLY H 362 13.11 -25.03 -17.67
C GLY H 362 13.27 -23.78 -18.50
N ALA H 363 14.33 -23.71 -19.30
CA ALA H 363 14.52 -22.58 -20.20
C ALA H 363 13.48 -22.56 -21.31
N GLY H 364 12.95 -23.73 -21.69
CA GLY H 364 11.87 -23.76 -22.65
C GLY H 364 10.55 -23.28 -22.09
N LEU H 365 10.34 -23.47 -20.79
CA LEU H 365 9.14 -22.95 -20.15
C LEU H 365 9.19 -21.43 -20.05
N LEU H 366 10.37 -20.87 -19.78
CA LEU H 366 10.52 -19.42 -19.73
C LEU H 366 10.25 -18.79 -21.09
N GLU H 367 10.68 -19.46 -22.17
CA GLU H 367 10.38 -18.97 -23.50
C GLU H 367 8.90 -19.10 -23.83
N SER H 368 8.25 -20.16 -23.32
CA SER H 368 6.84 -20.37 -23.60
C SER H 368 5.98 -19.26 -23.02
N HIS H 369 6.27 -18.83 -21.79
CA HIS H 369 5.57 -17.70 -21.20
C HIS H 369 6.08 -16.41 -21.81
N PRO H 370 5.38 -15.30 -21.58
CA PRO H 370 5.95 -13.99 -21.92
C PRO H 370 7.23 -13.75 -21.13
N HIS H 371 8.11 -12.92 -21.69
CA HIS H 371 9.42 -12.74 -21.09
C HIS H 371 10.02 -11.42 -21.54
N HIS H 372 10.75 -10.76 -20.64
CA HIS H 372 11.49 -9.54 -20.93
C HIS H 372 10.59 -8.42 -21.46
N VAL H 373 9.36 -8.37 -20.94
CA VAL H 373 8.41 -7.31 -21.30
C VAL H 373 7.59 -6.97 -20.06
N GLN H 374 7.56 -5.68 -19.71
CA GLN H 374 6.70 -5.20 -18.63
C GLN H 374 5.25 -5.31 -19.08
N ILE H 375 4.48 -6.14 -18.39
CA ILE H 375 3.10 -6.40 -18.82
C ILE H 375 2.23 -5.22 -18.43
N THR H 376 1.46 -4.70 -19.40
CA THR H 376 0.66 -3.51 -19.15
C THR H 376 -0.68 -3.88 -18.54
N LYS H 377 -1.42 -4.78 -19.18
CA LYS H 377 -2.76 -5.14 -18.77
C LYS H 377 -2.87 -6.65 -18.61
N GLU H 378 -3.81 -7.06 -17.77
CA GLU H 378 -4.07 -8.47 -17.55
C GLU H 378 -4.86 -9.06 -18.71
N ALA H 379 -4.44 -10.23 -19.17
CA ALA H 379 -5.18 -10.89 -20.22
C ALA H 379 -6.28 -11.78 -19.63
N PRO H 380 -7.41 -11.93 -20.33
CA PRO H 380 -8.49 -12.78 -19.80
C PRO H 380 -8.13 -14.25 -19.72
N ASN H 381 -6.99 -14.66 -20.28
CA ASN H 381 -6.56 -16.05 -20.25
C ASN H 381 -5.16 -16.23 -19.67
N TYR H 382 -4.51 -15.15 -19.24
CA TYR H 382 -3.15 -15.23 -18.70
C TYR H 382 -3.05 -14.26 -17.53
N SER H 383 -2.97 -14.79 -16.31
CA SER H 383 -2.86 -13.97 -15.11
C SER H 383 -1.55 -14.23 -14.38
#